data_8S3A
#
_entry.id   8S3A
#
_cell.length_a   84.794
_cell.length_b   157.031
_cell.length_c   94.882
_cell.angle_alpha   90.000
_cell.angle_beta   99.591
_cell.angle_gamma   90.000
#
_symmetry.space_group_name_H-M   'P 1 21 1'
#
loop_
_entity.id
_entity.type
_entity.pdbx_description
1 polymer 'Glutamate dehydrogenase'
2 non-polymer (4S)-2-METHYL-2,4-PENTANEDIOL
3 non-polymer 1,2-ETHANEDIOL
4 non-polymer DI(HYDROXYETHYL)ETHER
5 non-polymer NICOTINAMIDE-ADENINE-DINUCLEOTIDE
6 non-polymer 'SODIUM ION'
7 non-polymer 'PYRIDINE-2,6-DICARBOXYLIC ACID'
8 non-polymer 'TRIETHYLENE GLYCOL'
9 non-polymer 'TETRAETHYLENE GLYCOL'
10 water water
#
_entity_poly.entity_id   1
_entity_poly.type   'polypeptide(L)'
_entity_poly.pdbx_seq_one_letter_code
;SNAMNALVATNRNFQRASRILGLDSKLEKSLLIPYREIKVECTIPKDDGSLVSYVGFRIQHDNARGPMKGGIRYHPEVDP
DEVNALAQLMTWKTAVVDIPYGGAKGGIGCNPKDLSISELERLTRVFTQKIHDLIGIHRDVPAPDMGTNSQTMAWILDEY
SKFHGHSPAVVTGKPIDLGGSLGREAATGLGVVFATEALFAEYGKSISDMTFAIQGFGNVGTWAAKAIFERGGKVVAVSD
INGAISNPNGIDIAALLKHKAGNGSLKDFSGGDAMNPNDLLVHDCDVLIPCALGGVLNKENANDVKAKFIIEAANHPTDP
DADEILSKKGVIILPDVYANAGGVTVSYFEWVQNIQGFMWDEEKVNQELKRYMTKAFNDIKANCKTHNCDLRMGAFTLGL
NRVARATLLRGWEA
;
_entity_poly.pdbx_strand_id   A,B,C,D,E,F
#
loop_
_chem_comp.id
_chem_comp.type
_chem_comp.name
_chem_comp.formula
EDO non-polymer 1,2-ETHANEDIOL 'C2 H6 O2'
MPD non-polymer (4S)-2-METHYL-2,4-PENTANEDIOL 'C6 H14 O2'
NA non-polymer 'SODIUM ION' 'Na 1'
NAD non-polymer NICOTINAMIDE-ADENINE-DINUCLEOTIDE 'C21 H27 N7 O14 P2'
PDC non-polymer 'PYRIDINE-2,6-DICARBOXYLIC ACID' 'C7 H5 N O4'
PEG non-polymer DI(HYDROXYETHYL)ETHER 'C4 H10 O3'
PG4 non-polymer 'TETRAETHYLENE GLYCOL' 'C8 H18 O5'
PGE non-polymer 'TRIETHYLENE GLYCOL' 'C6 H14 O4'
#
# COMPACT_ATOMS: atom_id res chain seq x y z
N ASN A 5 -34.57 -19.48 -23.09
CA ASN A 5 -33.91 -18.88 -21.95
C ASN A 5 -32.70 -18.06 -22.36
N ALA A 6 -32.03 -17.48 -21.36
CA ALA A 6 -30.74 -16.82 -21.53
C ALA A 6 -29.56 -17.72 -21.17
N LEU A 7 -29.77 -18.76 -20.37
CA LEU A 7 -28.70 -19.72 -20.06
C LEU A 7 -28.51 -20.73 -21.20
N VAL A 8 -29.62 -21.22 -21.76
CA VAL A 8 -29.50 -22.27 -22.76
C VAL A 8 -28.98 -21.68 -24.07
N ALA A 9 -29.35 -20.43 -24.37
CA ALA A 9 -28.88 -19.75 -25.58
C ALA A 9 -27.37 -19.57 -25.55
N THR A 10 -26.86 -19.03 -24.45
CA THR A 10 -25.42 -18.87 -24.32
C THR A 10 -24.69 -20.20 -24.44
N ASN A 11 -25.17 -21.22 -23.71
CA ASN A 11 -24.52 -22.53 -23.79
C ASN A 11 -24.49 -23.04 -25.22
N ARG A 12 -25.62 -22.91 -25.92
CA ARG A 12 -25.71 -23.48 -27.27
C ARG A 12 -24.76 -22.76 -28.23
N ASN A 13 -24.63 -21.44 -28.09
CA ASN A 13 -23.75 -20.68 -28.95
C ASN A 13 -22.28 -20.90 -28.59
N PHE A 14 -21.96 -20.93 -27.31
CA PHE A 14 -20.60 -21.27 -26.92
C PHE A 14 -20.22 -22.63 -27.49
N GLN A 15 -21.12 -23.61 -27.36
CA GLN A 15 -20.79 -24.97 -27.80
C GLN A 15 -20.53 -25.02 -29.30
N ARG A 16 -21.45 -24.48 -30.09
CA ARG A 16 -21.28 -24.46 -31.53
C ARG A 16 -20.00 -23.73 -31.94
N ALA A 17 -19.74 -22.59 -31.28
CA ALA A 17 -18.57 -21.80 -31.63
C ALA A 17 -17.29 -22.53 -31.23
N SER A 18 -17.28 -23.19 -30.08
CA SER A 18 -16.09 -23.91 -29.67
C SER A 18 -15.74 -25.03 -30.65
N ARG A 19 -16.74 -25.68 -31.23
CA ARG A 19 -16.46 -26.74 -32.17
C ARG A 19 -16.03 -26.21 -33.54
N ILE A 20 -16.57 -25.06 -33.97
CA ILE A 20 -16.05 -24.46 -35.19
C ILE A 20 -14.57 -24.14 -35.00
N LEU A 21 -14.22 -23.59 -33.84
CA LEU A 21 -12.84 -23.21 -33.59
C LEU A 21 -11.93 -24.41 -33.33
N GLY A 22 -12.48 -25.53 -32.89
CA GLY A 22 -11.64 -26.66 -32.50
C GLY A 22 -10.90 -26.41 -31.20
N LEU A 23 -11.53 -25.75 -30.25
CA LEU A 23 -10.85 -25.45 -29.00
C LEU A 23 -10.48 -26.74 -28.30
N ASP A 24 -9.23 -26.82 -27.87
CA ASP A 24 -8.76 -27.92 -27.02
C ASP A 24 -9.63 -28.05 -25.78
N SER A 25 -9.95 -29.29 -25.38
CA SER A 25 -10.93 -29.48 -24.31
C SER A 25 -10.41 -29.02 -22.96
N LYS A 26 -9.09 -29.08 -22.74
CA LYS A 26 -8.55 -28.59 -21.48
C LYS A 26 -8.65 -27.08 -21.42
N LEU A 27 -8.35 -26.41 -22.54
CA LEU A 27 -8.54 -24.98 -22.64
C LEU A 27 -10.01 -24.60 -22.40
N GLU A 28 -10.92 -25.31 -23.04
CA GLU A 28 -12.33 -25.06 -22.83
C GLU A 28 -12.69 -25.22 -21.34
N LYS A 29 -12.22 -26.31 -20.70
CA LYS A 29 -12.51 -26.50 -19.28
C LYS A 29 -12.15 -25.26 -18.48
N SER A 30 -10.92 -24.76 -18.66
CA SER A 30 -10.52 -23.55 -17.95
C SER A 30 -11.46 -22.40 -18.26
N LEU A 31 -11.80 -22.21 -19.54
CA LEU A 31 -12.56 -21.03 -19.92
C LEU A 31 -13.94 -20.98 -19.28
N LEU A 32 -14.54 -22.14 -18.99
CA LEU A 32 -15.86 -22.13 -18.38
C LEU A 32 -15.82 -22.13 -16.86
N ILE A 33 -14.66 -22.29 -16.26
CA ILE A 33 -14.54 -22.10 -14.82
C ILE A 33 -14.34 -20.61 -14.56
N PRO A 34 -15.16 -19.97 -13.73
CA PRO A 34 -14.92 -18.56 -13.41
C PRO A 34 -13.63 -18.36 -12.64
N TYR A 35 -13.01 -17.22 -12.92
CA TYR A 35 -11.85 -16.76 -12.16
C TYR A 35 -12.12 -16.81 -10.67
N ARG A 36 -13.27 -16.26 -10.24
CA ARG A 36 -13.56 -16.14 -8.82
C ARG A 36 -15.05 -15.93 -8.61
N GLU A 37 -15.58 -16.60 -7.60
CA GLU A 37 -16.93 -16.38 -7.11
C GLU A 37 -16.88 -15.95 -5.65
N ILE A 38 -17.67 -14.93 -5.34
CA ILE A 38 -17.70 -14.25 -4.04
C ILE A 38 -19.14 -14.28 -3.54
N LYS A 39 -19.33 -14.62 -2.26
CA LYS A 39 -20.59 -14.42 -1.54
C LYS A 39 -20.24 -13.75 -0.22
N VAL A 40 -20.93 -12.67 0.11
CA VAL A 40 -20.64 -11.93 1.33
C VAL A 40 -21.93 -11.68 2.12
N GLU A 41 -21.81 -11.76 3.44
CA GLU A 41 -22.89 -11.32 4.31
C GLU A 41 -23.09 -9.81 4.25
N CYS A 42 -24.31 -9.38 4.02
CA CYS A 42 -24.66 -7.97 4.04
C CYS A 42 -25.77 -7.73 5.06
N THR A 43 -25.41 -7.23 6.24
CA THR A 43 -26.36 -7.03 7.33
C THR A 43 -26.43 -5.55 7.64
N ILE A 44 -27.64 -5.01 7.75
CA ILE A 44 -27.84 -3.61 8.06
C ILE A 44 -28.92 -3.46 9.11
N PRO A 45 -28.93 -2.34 9.82
CA PRO A 45 -30.11 -1.93 10.57
C PRO A 45 -31.16 -1.32 9.65
N LYS A 46 -32.40 -1.79 9.79
CA LYS A 46 -33.54 -1.15 9.16
C LYS A 46 -33.76 0.23 9.79
N ASP A 47 -34.63 1.02 9.16
CA ASP A 47 -34.95 2.34 9.70
C ASP A 47 -35.44 2.26 11.13
N ASP A 48 -36.12 1.17 11.53
CA ASP A 48 -36.59 1.02 12.89
C ASP A 48 -35.54 0.45 13.84
N GLY A 49 -34.29 0.20 13.39
CA GLY A 49 -33.27 -0.34 14.26
C GLY A 49 -33.07 -1.84 14.16
N SER A 50 -34.05 -2.59 13.68
CA SER A 50 -33.95 -4.05 13.67
C SER A 50 -33.06 -4.51 12.49
N LEU A 51 -32.42 -5.66 12.68
CA LEU A 51 -31.46 -6.13 11.68
C LEU A 51 -32.16 -6.85 10.53
N VAL A 52 -31.53 -6.76 9.37
CA VAL A 52 -31.86 -7.66 8.27
C VAL A 52 -30.55 -8.08 7.61
N SER A 53 -30.48 -9.35 7.21
CA SER A 53 -29.25 -9.93 6.66
C SER A 53 -29.54 -10.47 5.28
N TYR A 54 -28.71 -10.10 4.32
CA TYR A 54 -28.81 -10.58 2.97
C TYR A 54 -27.46 -11.14 2.55
N VAL A 55 -27.45 -11.92 1.48
CA VAL A 55 -26.21 -12.41 0.86
C VAL A 55 -25.99 -11.64 -0.43
N GLY A 56 -24.87 -10.95 -0.50
CA GLY A 56 -24.41 -10.36 -1.74
C GLY A 56 -23.43 -11.28 -2.47
N PHE A 57 -23.30 -11.10 -3.78
CA PHE A 57 -22.48 -12.01 -4.55
C PHE A 57 -21.93 -11.30 -5.75
N ARG A 58 -20.83 -11.87 -6.25
CA ARG A 58 -20.20 -11.41 -7.48
C ARG A 58 -19.49 -12.60 -8.12
N ILE A 59 -19.92 -12.96 -9.33
CA ILE A 59 -19.20 -13.92 -10.16
C ILE A 59 -18.28 -13.12 -11.08
N GLN A 60 -17.00 -13.38 -10.98
CA GLN A 60 -15.98 -12.77 -11.82
C GLN A 60 -15.49 -13.84 -12.76
N HIS A 61 -15.97 -13.79 -13.99
CA HIS A 61 -15.78 -14.93 -14.87
C HIS A 61 -14.37 -14.96 -15.49
N ASP A 62 -13.97 -13.89 -16.16
CA ASP A 62 -12.70 -13.96 -16.89
C ASP A 62 -12.10 -12.57 -16.98
N ASN A 63 -10.76 -12.46 -16.89
CA ASN A 63 -10.10 -11.17 -17.07
C ASN A 63 -8.89 -11.26 -18.00
N ALA A 64 -8.89 -12.22 -18.93
CA ALA A 64 -7.77 -12.34 -19.86
C ALA A 64 -7.64 -11.08 -20.74
N ARG A 65 -8.74 -10.44 -21.08
CA ARG A 65 -8.70 -9.29 -22.02
C ARG A 65 -8.80 -7.95 -21.30
N GLY A 66 -8.96 -7.94 -19.99
CA GLY A 66 -9.06 -6.72 -19.22
C GLY A 66 -9.86 -6.91 -17.95
N PRO A 67 -10.10 -5.81 -17.23
CA PRO A 67 -10.93 -5.86 -16.02
C PRO A 67 -12.30 -6.47 -16.29
N MET A 68 -12.86 -7.08 -15.26
CA MET A 68 -14.22 -7.57 -15.41
C MET A 68 -15.20 -6.41 -15.38
N LYS A 69 -16.37 -6.69 -15.93
CA LYS A 69 -17.41 -5.70 -16.10
C LYS A 69 -18.74 -6.38 -15.97
N GLY A 70 -19.69 -5.77 -15.27
CA GLY A 70 -21.04 -6.29 -15.32
C GLY A 70 -21.94 -5.80 -14.22
N GLY A 71 -23.23 -6.06 -14.42
CA GLY A 71 -24.25 -5.47 -13.58
C GLY A 71 -24.35 -6.03 -12.18
N ILE A 72 -25.04 -5.25 -11.34
CA ILE A 72 -25.38 -5.57 -9.96
C ILE A 72 -26.92 -5.58 -9.89
N ARG A 73 -27.49 -6.75 -9.62
CA ARG A 73 -28.93 -6.98 -9.58
C ARG A 73 -29.43 -7.06 -8.14
N TYR A 74 -30.38 -6.18 -7.75
CA TYR A 74 -31.07 -6.34 -6.47
C TYR A 74 -32.40 -6.99 -6.77
N HIS A 75 -32.51 -8.29 -6.44
CA HIS A 75 -33.66 -9.08 -6.84
C HIS A 75 -33.65 -10.34 -5.99
N PRO A 76 -34.78 -10.84 -5.57
CA PRO A 76 -34.76 -11.97 -4.62
C PRO A 76 -34.46 -13.30 -5.26
N GLU A 77 -34.87 -13.52 -6.50
CA GLU A 77 -34.71 -14.82 -7.11
C GLU A 77 -33.33 -14.86 -7.73
N VAL A 78 -32.40 -15.49 -7.03
CA VAL A 78 -31.05 -15.71 -7.54
C VAL A 78 -30.95 -17.17 -7.98
N ASP A 79 -30.59 -17.37 -9.24
CA ASP A 79 -30.26 -18.67 -9.78
C ASP A 79 -28.78 -18.66 -10.11
N PRO A 80 -27.95 -19.48 -9.46
CA PRO A 80 -26.51 -19.37 -9.72
C PRO A 80 -26.17 -19.75 -11.14
N ASP A 81 -26.92 -20.68 -11.73
CA ASP A 81 -26.67 -21.08 -13.11
C ASP A 81 -26.92 -19.93 -14.09
N GLU A 82 -27.95 -19.11 -13.81
CA GLU A 82 -28.25 -17.95 -14.66
C GLU A 82 -27.21 -16.86 -14.48
N VAL A 83 -26.87 -16.53 -13.24
CA VAL A 83 -25.86 -15.53 -12.96
C VAL A 83 -24.55 -15.91 -13.65
N ASN A 84 -24.19 -17.18 -13.58
CA ASN A 84 -22.93 -17.61 -14.18
C ASN A 84 -22.96 -17.50 -15.68
N ALA A 85 -24.07 -17.92 -16.31
CA ALA A 85 -24.22 -17.78 -17.75
C ALA A 85 -24.14 -16.32 -18.20
N LEU A 86 -24.70 -15.41 -17.40
CA LEU A 86 -24.71 -14.01 -17.80
C LEU A 86 -23.33 -13.39 -17.66
N ALA A 87 -22.55 -13.84 -16.69
CA ALA A 87 -21.18 -13.36 -16.59
C ALA A 87 -20.36 -13.85 -17.77
N GLN A 88 -20.53 -15.12 -18.14
CA GLN A 88 -19.82 -15.68 -19.28
C GLN A 88 -20.20 -14.98 -20.58
N LEU A 89 -21.51 -14.77 -20.78
CA LEU A 89 -21.97 -14.05 -21.97
C LEU A 89 -21.31 -12.69 -22.09
N MET A 90 -21.16 -11.99 -20.96
CA MET A 90 -20.52 -10.68 -21.05
C MET A 90 -19.05 -10.82 -21.47
N THR A 91 -18.37 -11.88 -21.03
CA THR A 91 -17.01 -12.15 -21.51
C THR A 91 -16.97 -12.31 -23.02
N TRP A 92 -17.91 -13.07 -23.60
CA TRP A 92 -17.96 -13.22 -25.05
C TRP A 92 -18.36 -11.92 -25.74
N LYS A 93 -19.33 -11.20 -25.18
CA LYS A 93 -19.88 -10.00 -25.80
C LYS A 93 -18.83 -8.88 -25.90
N THR A 94 -18.15 -8.63 -24.80
CA THR A 94 -17.13 -7.60 -24.81
C THR A 94 -16.04 -7.95 -25.83
N ALA A 95 -15.75 -9.24 -26.01
CA ALA A 95 -14.76 -9.63 -27.00
C ALA A 95 -15.28 -9.43 -28.42
N VAL A 96 -16.58 -9.62 -28.65
CA VAL A 96 -17.14 -9.47 -29.99
C VAL A 96 -16.91 -8.06 -30.51
N VAL A 97 -17.03 -7.07 -29.63
CA VAL A 97 -16.89 -5.67 -30.05
C VAL A 97 -15.53 -5.10 -29.65
N ASP A 98 -14.58 -5.96 -29.23
CA ASP A 98 -13.20 -5.55 -28.95
C ASP A 98 -13.12 -4.49 -27.85
N ILE A 99 -13.94 -4.64 -26.83
CA ILE A 99 -13.82 -3.80 -25.66
C ILE A 99 -12.90 -4.51 -24.68
N PRO A 100 -11.98 -3.81 -23.99
CA PRO A 100 -10.94 -4.48 -23.17
C PRO A 100 -11.44 -4.80 -21.76
N TYR A 101 -12.43 -5.69 -21.73
CA TYR A 101 -13.01 -6.19 -20.49
C TYR A 101 -13.23 -7.69 -20.60
N GLY A 102 -13.35 -8.33 -19.44
CA GLY A 102 -13.98 -9.62 -19.30
C GLY A 102 -15.35 -9.46 -18.62
N GLY A 103 -16.00 -10.59 -18.35
CA GLY A 103 -17.35 -10.56 -17.82
C GLY A 103 -17.48 -10.85 -16.33
N ALA A 104 -18.49 -10.25 -15.72
CA ALA A 104 -18.86 -10.50 -14.33
C ALA A 104 -20.34 -10.19 -14.16
N LYS A 105 -20.91 -10.62 -13.03
CA LYS A 105 -22.31 -10.40 -12.71
C LYS A 105 -22.46 -10.57 -11.21
N GLY A 106 -23.13 -9.63 -10.57
CA GLY A 106 -23.34 -9.74 -9.15
C GLY A 106 -24.70 -9.25 -8.72
N GLY A 107 -24.88 -9.08 -7.42
CA GLY A 107 -26.17 -8.65 -6.91
C GLY A 107 -26.29 -8.92 -5.42
N ILE A 108 -27.48 -8.60 -4.91
CA ILE A 108 -27.90 -8.91 -3.54
C ILE A 108 -29.26 -9.57 -3.63
N GLY A 109 -29.42 -10.69 -2.91
CA GLY A 109 -30.67 -11.42 -2.89
C GLY A 109 -31.62 -10.68 -1.97
N CYS A 110 -32.28 -9.65 -2.48
CA CYS A 110 -33.24 -8.89 -1.69
C CYS A 110 -34.36 -8.41 -2.61
N ASN A 111 -35.39 -7.86 -2.00
CA ASN A 111 -36.47 -7.22 -2.73
C ASN A 111 -36.45 -5.73 -2.44
N PRO A 112 -35.99 -4.91 -3.39
CA PRO A 112 -35.87 -3.47 -3.13
C PRO A 112 -37.18 -2.79 -2.79
N LYS A 113 -38.32 -3.36 -3.20
CA LYS A 113 -39.60 -2.82 -2.79
C LYS A 113 -39.79 -2.88 -1.27
N ASP A 114 -39.14 -3.83 -0.60
CA ASP A 114 -39.30 -3.95 0.84
C ASP A 114 -38.48 -2.92 1.61
N LEU A 115 -37.64 -2.13 0.93
CA LEU A 115 -36.61 -1.34 1.58
C LEU A 115 -36.83 0.13 1.30
N SER A 116 -36.69 0.96 2.33
CA SER A 116 -36.73 2.41 2.17
C SER A 116 -35.46 2.89 1.43
N ILE A 117 -35.50 4.12 0.93
CA ILE A 117 -34.33 4.62 0.21
C ILE A 117 -33.12 4.71 1.12
N SER A 118 -33.33 5.01 2.40
CA SER A 118 -32.18 5.02 3.32
C SER A 118 -31.68 3.60 3.60
N GLU A 119 -32.59 2.62 3.70
CA GLU A 119 -32.16 1.24 3.85
C GLU A 119 -31.38 0.77 2.63
N LEU A 120 -31.84 1.14 1.44
CA LEU A 120 -31.12 0.76 0.22
C LEU A 120 -29.74 1.37 0.22
N GLU A 121 -29.60 2.61 0.65
CA GLU A 121 -28.28 3.23 0.71
C GLU A 121 -27.37 2.48 1.69
N ARG A 122 -27.84 2.21 2.89
CA ARG A 122 -26.98 1.50 3.84
C ARG A 122 -26.61 0.15 3.29
N LEU A 123 -27.54 -0.53 2.64
CA LEU A 123 -27.23 -1.86 2.11
C LEU A 123 -26.17 -1.76 1.04
N THR A 124 -26.34 -0.79 0.11
CA THR A 124 -25.35 -0.59 -0.93
C THR A 124 -23.99 -0.31 -0.33
N ARG A 125 -23.94 0.54 0.67
CA ARG A 125 -22.66 0.89 1.28
C ARG A 125 -22.01 -0.30 1.98
N VAL A 126 -22.81 -1.12 2.66
CA VAL A 126 -22.24 -2.29 3.35
C VAL A 126 -21.74 -3.28 2.32
N PHE A 127 -22.49 -3.48 1.23
CA PHE A 127 -22.04 -4.38 0.17
C PHE A 127 -20.70 -3.91 -0.37
N THR A 128 -20.57 -2.60 -0.63
CA THR A 128 -19.29 -2.03 -1.08
C THR A 128 -18.18 -2.26 -0.07
N GLN A 129 -18.45 -2.07 1.22
CA GLN A 129 -17.45 -2.38 2.22
C GLN A 129 -17.01 -3.84 2.16
N LYS A 130 -17.95 -4.75 1.83
CA LYS A 130 -17.60 -6.17 1.84
C LYS A 130 -16.88 -6.64 0.58
N ILE A 131 -16.92 -5.86 -0.52
CA ILE A 131 -16.32 -6.32 -1.76
C ILE A 131 -15.29 -5.35 -2.33
N HIS A 132 -15.01 -4.22 -1.67
CA HIS A 132 -14.18 -3.18 -2.28
C HIS A 132 -12.79 -3.71 -2.65
N ASP A 133 -12.24 -4.61 -1.85
CA ASP A 133 -10.90 -5.13 -2.15
C ASP A 133 -10.90 -6.14 -3.30
N LEU A 134 -12.08 -6.55 -3.77
CA LEU A 134 -12.24 -7.49 -4.87
C LEU A 134 -12.64 -6.84 -6.19
N ILE A 135 -12.97 -5.55 -6.19
CA ILE A 135 -13.31 -4.81 -7.41
C ILE A 135 -12.32 -3.66 -7.57
N GLY A 136 -12.53 -2.81 -8.56
CA GLY A 136 -11.55 -1.77 -8.77
C GLY A 136 -11.52 -1.34 -10.23
N ILE A 137 -10.95 -0.16 -10.44
CA ILE A 137 -10.95 0.44 -11.79
C ILE A 137 -10.29 -0.42 -12.82
N HIS A 138 -9.27 -1.21 -12.42
CA HIS A 138 -8.54 -2.09 -13.31
C HIS A 138 -8.75 -3.56 -12.93
N ARG A 139 -9.79 -3.85 -12.15
CA ARG A 139 -10.04 -5.19 -11.64
C ARG A 139 -11.43 -5.68 -11.99
N ASP A 140 -12.47 -4.92 -11.64
CA ASP A 140 -13.86 -5.32 -11.85
C ASP A 140 -14.74 -4.08 -11.68
N VAL A 141 -15.51 -3.74 -12.71
CA VAL A 141 -16.21 -2.46 -12.80
C VAL A 141 -17.71 -2.73 -12.85
N PRO A 142 -18.44 -2.53 -11.75
CA PRO A 142 -19.87 -2.82 -11.74
C PRO A 142 -20.68 -1.76 -12.47
N ALA A 143 -21.95 -2.09 -12.66
CA ALA A 143 -22.90 -1.28 -13.42
C ALA A 143 -24.29 -1.56 -12.87
N PRO A 144 -25.25 -0.68 -13.16
CA PRO A 144 -26.63 -0.96 -12.79
C PRO A 144 -27.18 -2.17 -13.50
N ASP A 145 -28.24 -2.72 -12.94
CA ASP A 145 -28.93 -3.88 -13.48
C ASP A 145 -30.36 -3.81 -12.91
N MET A 146 -31.07 -4.92 -12.97
CA MET A 146 -32.41 -4.96 -12.41
C MET A 146 -32.39 -4.64 -10.91
N GLY A 147 -33.28 -3.74 -10.49
CA GLY A 147 -33.34 -3.29 -9.10
C GLY A 147 -32.29 -2.28 -8.67
N THR A 148 -31.36 -1.87 -9.55
CA THR A 148 -30.43 -0.80 -9.22
C THR A 148 -30.41 0.26 -10.33
N ASN A 149 -29.77 1.39 -10.03
CA ASN A 149 -29.82 2.53 -10.96
C ASN A 149 -28.65 3.46 -10.67
N SER A 150 -28.64 4.64 -11.33
CA SER A 150 -27.48 5.52 -11.20
C SER A 150 -27.29 5.97 -9.77
N GLN A 151 -28.38 6.08 -9.00
CA GLN A 151 -28.24 6.46 -7.60
C GLN A 151 -27.52 5.36 -6.83
N THR A 152 -27.80 4.11 -7.15
CA THR A 152 -27.06 3.02 -6.51
C THR A 152 -25.57 3.13 -6.81
N MET A 153 -25.25 3.46 -8.06
CA MET A 153 -23.84 3.57 -8.45
C MET A 153 -23.16 4.71 -7.71
N ALA A 154 -23.88 5.82 -7.50
CA ALA A 154 -23.31 6.93 -6.74
C ALA A 154 -22.93 6.49 -5.33
N TRP A 155 -23.74 5.65 -4.70
CA TRP A 155 -23.44 5.19 -3.34
C TRP A 155 -22.25 4.25 -3.33
N ILE A 156 -22.14 3.37 -4.32
CA ILE A 156 -20.96 2.52 -4.43
C ILE A 156 -19.72 3.37 -4.63
N LEU A 157 -19.81 4.33 -5.55
CA LEU A 157 -18.68 5.22 -5.78
C LEU A 157 -18.26 5.92 -4.49
N ASP A 158 -19.24 6.47 -3.78
CA ASP A 158 -18.93 7.27 -2.61
C ASP A 158 -18.27 6.43 -1.51
N GLU A 159 -18.79 5.23 -1.29
CA GLU A 159 -18.23 4.39 -0.24
C GLU A 159 -16.89 3.81 -0.65
N TYR A 160 -16.80 3.26 -1.87
CA TYR A 160 -15.52 2.79 -2.41
C TYR A 160 -14.43 3.84 -2.28
N SER A 161 -14.77 5.08 -2.59
CA SER A 161 -13.75 6.11 -2.61
C SER A 161 -13.22 6.42 -1.22
N LYS A 162 -13.95 6.02 -0.18
CA LYS A 162 -13.42 6.14 1.18
C LYS A 162 -12.23 5.22 1.40
N PHE A 163 -12.20 4.08 0.70
CA PHE A 163 -11.07 3.16 0.83
C PHE A 163 -9.96 3.42 -0.17
N HIS A 164 -10.23 4.11 -1.30
CA HIS A 164 -9.27 4.17 -2.39
C HIS A 164 -9.11 5.54 -3.03
N GLY A 165 -9.65 6.60 -2.47
CA GLY A 165 -9.62 7.91 -3.08
C GLY A 165 -10.67 8.00 -4.15
N HIS A 166 -10.91 9.22 -4.64
CA HIS A 166 -11.88 9.42 -5.72
C HIS A 166 -11.60 8.45 -6.85
N SER A 167 -12.60 7.63 -7.21
CA SER A 167 -12.41 6.55 -8.19
C SER A 167 -13.61 6.47 -9.11
N PRO A 168 -13.84 7.51 -9.91
CA PRO A 168 -15.05 7.55 -10.75
C PRO A 168 -15.19 6.35 -11.67
N ALA A 169 -14.08 5.79 -12.13
CA ALA A 169 -14.12 4.69 -13.07
C ALA A 169 -14.45 3.36 -12.42
N VAL A 170 -14.71 3.33 -11.12
CA VAL A 170 -14.95 2.02 -10.48
C VAL A 170 -16.33 1.47 -10.81
N VAL A 171 -17.27 2.31 -11.21
CA VAL A 171 -18.58 1.86 -11.67
C VAL A 171 -18.97 2.68 -12.89
N THR A 172 -19.79 2.10 -13.75
CA THR A 172 -20.41 2.86 -14.81
C THR A 172 -21.89 3.06 -14.48
N GLY A 173 -22.63 3.68 -15.39
CA GLY A 173 -24.01 4.03 -15.11
C GLY A 173 -24.20 5.12 -14.09
N LYS A 174 -23.19 5.95 -13.86
CA LYS A 174 -23.25 6.97 -12.83
C LYS A 174 -24.14 8.14 -13.26
N PRO A 175 -24.60 8.93 -12.29
CA PRO A 175 -25.18 10.24 -12.63
C PRO A 175 -24.19 11.11 -13.38
N ILE A 176 -24.72 11.94 -14.27
CA ILE A 176 -23.89 12.86 -15.06
C ILE A 176 -23.00 13.69 -14.16
N ASP A 177 -23.57 14.23 -13.09
CA ASP A 177 -22.83 15.07 -12.15
C ASP A 177 -21.66 14.36 -11.47
N LEU A 178 -21.62 13.01 -11.47
CA LEU A 178 -20.51 12.29 -10.84
C LEU A 178 -19.65 11.52 -11.84
N GLY A 179 -19.72 11.89 -13.12
CA GLY A 179 -18.87 11.31 -14.12
C GLY A 179 -19.56 10.39 -15.09
N GLY A 180 -20.89 10.37 -15.11
CA GLY A 180 -21.59 9.59 -16.11
C GLY A 180 -21.40 10.21 -17.50
N SER A 181 -21.41 9.36 -18.51
CA SER A 181 -21.21 9.77 -19.88
C SER A 181 -22.51 10.30 -20.47
N LEU A 182 -22.37 11.22 -21.40
CA LEU A 182 -23.48 11.55 -22.26
C LEU A 182 -23.73 10.40 -23.22
N GLY A 183 -24.92 10.41 -23.83
CA GLY A 183 -25.26 9.54 -24.93
C GLY A 183 -25.75 8.16 -24.56
N ARG A 184 -26.05 7.92 -23.27
CA ARG A 184 -26.35 6.55 -22.86
C ARG A 184 -27.78 6.16 -23.19
N GLU A 185 -28.72 7.10 -23.14
CA GLU A 185 -30.10 6.76 -23.43
C GLU A 185 -30.26 6.30 -24.89
N ALA A 186 -29.60 6.96 -25.83
CA ALA A 186 -29.74 6.58 -27.23
C ALA A 186 -28.82 5.44 -27.64
N ALA A 187 -27.91 5.01 -26.77
CA ALA A 187 -26.74 4.24 -27.20
C ALA A 187 -27.13 2.93 -27.88
N THR A 188 -28.06 2.19 -27.28
CA THR A 188 -28.36 0.87 -27.81
C THR A 188 -29.15 0.99 -29.11
N GLY A 189 -30.18 1.82 -29.15
CA GLY A 189 -30.95 1.96 -30.37
C GLY A 189 -30.16 2.58 -31.50
N LEU A 190 -29.33 3.59 -31.18
CA LEU A 190 -28.44 4.17 -32.19
C LEU A 190 -27.41 3.15 -32.66
N GLY A 191 -26.86 2.37 -31.72
CA GLY A 191 -25.92 1.32 -32.08
C GLY A 191 -26.54 0.28 -33.00
N VAL A 192 -27.82 0.01 -32.81
CA VAL A 192 -28.51 -0.92 -33.69
C VAL A 192 -28.52 -0.38 -35.11
N VAL A 193 -28.69 0.92 -35.25
CA VAL A 193 -28.78 1.54 -36.56
C VAL A 193 -27.39 1.65 -37.19
N PHE A 194 -26.36 1.95 -36.39
CA PHE A 194 -25.01 1.91 -36.93
C PHE A 194 -24.66 0.50 -37.43
N ALA A 195 -25.03 -0.51 -36.64
CA ALA A 195 -24.79 -1.89 -37.06
C ALA A 195 -25.55 -2.22 -38.34
N THR A 196 -26.79 -1.74 -38.45
CA THR A 196 -27.58 -1.97 -39.65
C THR A 196 -26.93 -1.31 -40.86
N GLU A 197 -26.43 -0.06 -40.70
CA GLU A 197 -25.76 0.63 -41.80
C GLU A 197 -24.53 -0.13 -42.27
N ALA A 198 -23.74 -0.67 -41.33
CA ALA A 198 -22.56 -1.42 -41.71
C ALA A 198 -22.94 -2.67 -42.50
N LEU A 199 -23.98 -3.38 -42.06
CA LEU A 199 -24.47 -4.51 -42.82
C LEU A 199 -24.85 -4.12 -44.24
N PHE A 200 -25.71 -3.10 -44.39
CA PHE A 200 -26.21 -2.80 -45.71
C PHE A 200 -25.12 -2.23 -46.61
N ALA A 201 -24.07 -1.64 -46.05
CA ALA A 201 -22.94 -1.18 -46.85
C ALA A 201 -22.30 -2.34 -47.62
N GLU A 202 -22.38 -3.55 -47.07
CA GLU A 202 -21.85 -4.70 -47.78
C GLU A 202 -22.66 -5.06 -49.01
N TYR A 203 -23.84 -4.48 -49.18
CA TYR A 203 -24.63 -4.67 -50.38
C TYR A 203 -24.63 -3.44 -51.25
N GLY A 204 -23.86 -2.42 -50.91
CA GLY A 204 -23.93 -1.19 -51.67
C GLY A 204 -25.21 -0.42 -51.43
N LYS A 205 -25.78 -0.51 -50.23
CA LYS A 205 -27.08 0.05 -49.91
C LYS A 205 -27.00 0.94 -48.67
N SER A 206 -27.87 1.93 -48.62
CA SER A 206 -28.06 2.73 -47.42
C SER A 206 -29.48 2.54 -46.90
N ILE A 207 -29.69 3.02 -45.68
CA ILE A 207 -30.99 2.84 -45.02
C ILE A 207 -32.10 3.54 -45.78
N SER A 208 -31.78 4.65 -46.48
CA SER A 208 -32.83 5.44 -47.12
C SER A 208 -33.66 4.60 -48.07
N ASP A 209 -34.98 4.82 -48.00
CA ASP A 209 -36.01 4.19 -48.82
C ASP A 209 -36.27 2.73 -48.48
N MET A 210 -35.39 2.08 -47.69
CA MET A 210 -35.70 0.74 -47.24
C MET A 210 -36.80 0.81 -46.19
N THR A 211 -37.51 -0.29 -46.02
CA THR A 211 -38.67 -0.30 -45.13
C THR A 211 -38.42 -1.21 -43.94
N PHE A 212 -38.93 -0.78 -42.79
CA PHE A 212 -38.62 -1.38 -41.50
C PHE A 212 -39.89 -1.66 -40.71
N ALA A 213 -39.95 -2.82 -40.09
CA ALA A 213 -40.96 -3.09 -39.07
C ALA A 213 -40.24 -3.32 -37.76
N ILE A 214 -40.80 -2.74 -36.71
CA ILE A 214 -40.17 -2.67 -35.42
C ILE A 214 -41.14 -3.21 -34.38
N GLN A 215 -40.75 -4.30 -33.71
CA GLN A 215 -41.53 -4.85 -32.60
C GLN A 215 -40.97 -4.34 -31.28
N GLY A 216 -41.80 -3.61 -30.54
CA GLY A 216 -41.34 -2.96 -29.33
C GLY A 216 -40.99 -1.51 -29.56
N PHE A 217 -41.33 -0.66 -28.61
CA PHE A 217 -41.16 0.78 -28.77
C PHE A 217 -40.79 1.42 -27.44
N GLY A 218 -39.75 0.87 -26.82
CA GLY A 218 -39.21 1.37 -25.55
C GLY A 218 -37.87 2.02 -25.79
N ASN A 219 -36.92 1.84 -24.87
CA ASN A 219 -35.66 2.54 -24.98
C ASN A 219 -34.97 2.22 -26.30
N VAL A 220 -35.00 0.96 -26.70
CA VAL A 220 -34.30 0.58 -27.91
C VAL A 220 -35.11 0.97 -29.13
N GLY A 221 -36.37 0.58 -29.14
CA GLY A 221 -37.17 0.80 -30.34
C GLY A 221 -37.36 2.27 -30.67
N THR A 222 -37.59 3.12 -29.67
CA THR A 222 -37.82 4.52 -30.02
C THR A 222 -36.58 5.14 -30.64
N TRP A 223 -35.42 4.92 -30.03
CA TRP A 223 -34.19 5.52 -30.55
C TRP A 223 -33.79 4.88 -31.87
N ALA A 224 -33.98 3.57 -32.03
CA ALA A 224 -33.72 2.98 -33.33
C ALA A 224 -34.61 3.62 -34.41
N ALA A 225 -35.92 3.77 -34.12
CA ALA A 225 -36.84 4.26 -35.12
C ALA A 225 -36.48 5.69 -35.51
N LYS A 226 -36.07 6.48 -34.52
CA LYS A 226 -35.71 7.87 -34.76
C LYS A 226 -34.46 7.95 -35.62
N ALA A 227 -33.46 7.15 -35.30
CA ALA A 227 -32.20 7.16 -36.06
C ALA A 227 -32.43 6.68 -37.48
N ILE A 228 -33.34 5.72 -37.66
CA ILE A 228 -33.70 5.26 -39.01
C ILE A 228 -34.41 6.37 -39.77
N PHE A 229 -35.41 6.97 -39.13
CA PHE A 229 -36.19 8.02 -39.77
C PHE A 229 -35.31 9.16 -40.25
N GLU A 230 -34.34 9.57 -39.42
CA GLU A 230 -33.47 10.68 -39.75
C GLU A 230 -32.55 10.33 -40.91
N ARG A 231 -32.33 9.05 -41.15
CA ARG A 231 -31.52 8.58 -42.26
C ARG A 231 -32.33 8.25 -43.51
N GLY A 232 -33.59 8.71 -43.59
CA GLY A 232 -34.40 8.46 -44.75
C GLY A 232 -35.09 7.11 -44.82
N GLY A 233 -34.93 6.26 -43.80
CA GLY A 233 -35.62 4.98 -43.82
C GLY A 233 -37.11 5.16 -43.62
N LYS A 234 -37.88 4.21 -44.16
CA LYS A 234 -39.33 4.19 -44.04
C LYS A 234 -39.73 3.16 -42.97
N VAL A 235 -40.13 3.65 -41.80
CA VAL A 235 -40.63 2.80 -40.73
C VAL A 235 -42.12 2.58 -41.01
N VAL A 236 -42.45 1.38 -41.50
CA VAL A 236 -43.81 1.11 -41.97
C VAL A 236 -44.68 0.38 -40.97
N ALA A 237 -44.13 -0.06 -39.83
CA ALA A 237 -44.94 -0.69 -38.80
C ALA A 237 -44.18 -0.64 -37.48
N VAL A 238 -44.92 -0.40 -36.40
CA VAL A 238 -44.42 -0.38 -35.04
C VAL A 238 -45.47 -1.01 -34.14
N SER A 239 -45.03 -1.83 -33.19
CA SER A 239 -45.93 -2.38 -32.19
C SER A 239 -45.27 -2.27 -30.82
N ASP A 240 -46.12 -2.27 -29.79
CA ASP A 240 -45.67 -2.45 -28.42
C ASP A 240 -46.69 -3.37 -27.75
N ILE A 241 -46.64 -3.45 -26.42
CA ILE A 241 -47.51 -4.38 -25.70
C ILE A 241 -48.99 -3.99 -25.77
N ASN A 242 -49.31 -2.75 -26.16
CA ASN A 242 -50.69 -2.28 -26.15
C ASN A 242 -51.34 -2.17 -27.51
N GLY A 243 -50.55 -2.09 -28.58
CA GLY A 243 -51.14 -1.94 -29.88
C GLY A 243 -50.08 -1.92 -30.94
N ALA A 244 -50.46 -1.47 -32.13
CA ALA A 244 -49.54 -1.42 -33.26
C ALA A 244 -50.09 -0.46 -34.30
N ILE A 245 -49.19 0.17 -35.04
CA ILE A 245 -49.58 1.14 -36.06
C ILE A 245 -48.78 0.88 -37.34
N SER A 246 -49.39 1.17 -38.49
CA SER A 246 -48.76 0.94 -39.78
C SER A 246 -49.09 2.05 -40.78
N ASN A 247 -48.16 2.30 -41.68
CA ASN A 247 -48.28 3.25 -42.77
C ASN A 247 -47.32 2.82 -43.89
N PRO A 248 -47.84 2.36 -45.04
CA PRO A 248 -46.94 1.92 -46.13
C PRO A 248 -46.02 3.01 -46.67
N ASN A 249 -46.36 4.29 -46.53
CA ASN A 249 -45.49 5.37 -46.97
C ASN A 249 -44.46 5.77 -45.92
N GLY A 250 -44.44 5.10 -44.77
CA GLY A 250 -43.51 5.48 -43.73
C GLY A 250 -44.19 6.34 -42.68
N ILE A 251 -44.06 5.96 -41.42
CA ILE A 251 -44.62 6.73 -40.31
C ILE A 251 -43.73 7.93 -40.06
N ASP A 252 -44.36 9.09 -39.83
CA ASP A 252 -43.63 10.25 -39.32
C ASP A 252 -43.23 9.93 -37.89
N ILE A 253 -41.99 9.48 -37.71
CA ILE A 253 -41.54 9.03 -36.40
C ILE A 253 -41.43 10.21 -35.45
N ALA A 254 -41.04 11.40 -35.94
CA ALA A 254 -41.00 12.55 -35.06
C ALA A 254 -42.36 12.79 -34.44
N ALA A 255 -43.42 12.78 -35.26
CA ALA A 255 -44.77 12.98 -34.78
C ALA A 255 -45.20 11.84 -33.88
N LEU A 256 -44.78 10.61 -34.18
CA LEU A 256 -45.21 9.49 -33.35
C LEU A 256 -44.61 9.58 -31.96
N LEU A 257 -43.35 9.99 -31.88
CA LEU A 257 -42.71 10.15 -30.58
C LEU A 257 -43.35 11.27 -29.79
N LYS A 258 -43.81 12.31 -30.48
CA LYS A 258 -44.50 13.41 -29.82
C LYS A 258 -45.81 12.94 -29.22
N HIS A 259 -46.54 12.12 -29.99
CA HIS A 259 -47.76 11.46 -29.54
C HIS A 259 -47.52 10.58 -28.33
N LYS A 260 -46.43 9.80 -28.35
CA LYS A 260 -46.16 8.87 -27.27
C LYS A 260 -45.72 9.60 -26.01
N ALA A 261 -45.07 10.74 -26.16
CA ALA A 261 -44.71 11.56 -25.01
C ALA A 261 -45.93 12.19 -24.36
N GLY A 262 -47.05 12.28 -25.08
CA GLY A 262 -48.29 12.74 -24.51
C GLY A 262 -49.13 11.58 -24.05
N ASN A 263 -48.48 10.44 -23.81
CA ASN A 263 -49.12 9.23 -23.32
C ASN A 263 -50.14 8.69 -24.31
N GLY A 264 -50.02 9.05 -25.59
CA GLY A 264 -50.90 8.52 -26.60
C GLY A 264 -50.61 7.07 -26.92
N SER A 265 -51.62 6.37 -27.42
CA SER A 265 -51.49 4.96 -27.74
C SER A 265 -51.04 4.79 -29.19
N LEU A 266 -50.13 3.84 -29.42
CA LEU A 266 -49.70 3.55 -30.78
C LEU A 266 -50.88 3.43 -31.73
N LYS A 267 -51.82 2.53 -31.41
CA LYS A 267 -52.93 2.27 -32.31
C LYS A 267 -53.79 3.50 -32.55
N ASP A 268 -53.65 4.53 -31.73
CA ASP A 268 -54.47 5.73 -31.89
C ASP A 268 -53.78 6.82 -32.69
N PHE A 269 -52.52 6.63 -33.07
CA PHE A 269 -51.80 7.68 -33.76
C PHE A 269 -52.51 8.04 -35.06
N SER A 270 -52.53 9.33 -35.36
CA SER A 270 -53.29 9.85 -36.49
C SER A 270 -52.58 9.67 -37.81
N GLY A 271 -51.27 9.50 -37.79
CA GLY A 271 -50.50 9.40 -39.01
C GLY A 271 -50.36 7.98 -39.50
N GLY A 272 -51.30 7.11 -39.14
CA GLY A 272 -51.23 5.74 -39.58
C GLY A 272 -52.54 5.03 -39.37
N ASP A 273 -52.52 3.74 -39.65
CA ASP A 273 -53.68 2.87 -39.48
C ASP A 273 -53.37 1.85 -38.39
N ALA A 274 -54.35 1.61 -37.54
CA ALA A 274 -54.22 0.59 -36.51
C ALA A 274 -53.98 -0.75 -37.18
N MET A 275 -53.13 -1.58 -36.56
CA MET A 275 -52.96 -2.94 -37.04
C MET A 275 -52.90 -3.86 -35.83
N ASN A 276 -53.20 -5.11 -36.07
CA ASN A 276 -53.11 -6.12 -35.03
C ASN A 276 -51.63 -6.41 -34.73
N PRO A 277 -51.20 -6.31 -33.48
CA PRO A 277 -49.77 -6.51 -33.19
C PRO A 277 -49.25 -7.89 -33.59
N ASN A 278 -50.11 -8.91 -33.61
CA ASN A 278 -49.67 -10.25 -33.95
C ASN A 278 -49.19 -10.37 -35.38
N ASP A 279 -49.53 -9.40 -36.23
CA ASP A 279 -49.14 -9.45 -37.63
C ASP A 279 -47.85 -8.66 -37.90
N LEU A 280 -47.16 -8.19 -36.86
CA LEU A 280 -45.97 -7.38 -37.09
C LEU A 280 -44.81 -8.23 -37.63
N LEU A 281 -44.47 -9.33 -36.95
CA LEU A 281 -43.28 -10.08 -37.34
C LEU A 281 -43.39 -10.59 -38.78
N VAL A 282 -44.60 -10.80 -39.27
CA VAL A 282 -44.83 -11.29 -40.63
C VAL A 282 -45.26 -10.15 -41.57
N HIS A 283 -45.04 -8.90 -41.16
CA HIS A 283 -45.37 -7.76 -42.02
C HIS A 283 -44.47 -7.73 -43.25
N ASP A 284 -44.96 -7.09 -44.30
CA ASP A 284 -44.19 -6.96 -45.52
C ASP A 284 -43.25 -5.76 -45.39
N CYS A 285 -41.95 -6.03 -45.42
CA CYS A 285 -40.94 -5.02 -45.16
C CYS A 285 -39.60 -5.58 -45.63
N ASP A 286 -38.63 -4.68 -45.77
CA ASP A 286 -37.27 -5.13 -46.03
C ASP A 286 -36.60 -5.64 -44.76
N VAL A 287 -36.84 -4.96 -43.64
CA VAL A 287 -36.09 -5.16 -42.42
C VAL A 287 -37.04 -5.33 -41.24
N LEU A 288 -36.83 -6.37 -40.46
CA LEU A 288 -37.55 -6.61 -39.21
C LEU A 288 -36.58 -6.40 -38.06
N ILE A 289 -36.98 -5.62 -37.08
CA ILE A 289 -36.17 -5.36 -35.89
C ILE A 289 -36.97 -5.74 -34.65
N PRO A 290 -36.77 -6.95 -34.12
CA PRO A 290 -37.35 -7.30 -32.81
C PRO A 290 -36.65 -6.56 -31.69
N CYS A 291 -37.41 -5.72 -30.97
CA CYS A 291 -36.91 -4.85 -29.91
C CYS A 291 -37.72 -5.03 -28.63
N ALA A 292 -38.34 -6.20 -28.45
CA ALA A 292 -39.20 -6.40 -27.29
C ALA A 292 -38.83 -7.66 -26.51
N LEU A 293 -39.52 -8.76 -26.73
CA LEU A 293 -39.26 -10.01 -26.03
C LEU A 293 -38.33 -10.91 -26.83
N GLY A 294 -37.75 -11.93 -26.13
CA GLY A 294 -37.07 -13.02 -26.77
C GLY A 294 -38.02 -14.12 -27.22
N GLY A 295 -37.49 -15.04 -28.03
CA GLY A 295 -38.27 -16.18 -28.47
C GLY A 295 -39.47 -15.87 -29.31
N VAL A 296 -39.56 -14.67 -29.88
CA VAL A 296 -40.75 -14.29 -30.66
C VAL A 296 -40.78 -14.97 -32.03
N LEU A 297 -39.65 -15.43 -32.53
CA LEU A 297 -39.58 -16.11 -33.81
C LEU A 297 -39.25 -17.58 -33.56
N ASN A 298 -40.18 -18.47 -33.93
CA ASN A 298 -40.11 -19.90 -33.64
C ASN A 298 -40.52 -20.69 -34.88
N LYS A 299 -40.58 -22.02 -34.73
CA LYS A 299 -40.87 -22.87 -35.87
C LYS A 299 -42.25 -22.60 -36.45
N GLU A 300 -43.20 -22.11 -35.65
CA GLU A 300 -44.57 -22.00 -36.16
C GLU A 300 -44.92 -20.62 -36.71
N ASN A 301 -43.98 -19.67 -36.71
CA ASN A 301 -44.16 -18.46 -37.51
C ASN A 301 -43.00 -18.16 -38.43
N ALA A 302 -41.85 -18.82 -38.27
CA ALA A 302 -40.66 -18.46 -39.05
C ALA A 302 -40.89 -18.54 -40.55
N ASN A 303 -41.80 -19.41 -41.01
CA ASN A 303 -42.00 -19.55 -42.44
C ASN A 303 -42.77 -18.38 -43.03
N ASP A 304 -43.50 -17.65 -42.20
CA ASP A 304 -44.33 -16.54 -42.66
C ASP A 304 -43.62 -15.19 -42.53
N VAL A 305 -42.38 -15.16 -42.07
CA VAL A 305 -41.62 -13.92 -42.12
C VAL A 305 -41.40 -13.52 -43.56
N LYS A 306 -41.57 -12.24 -43.86
CA LYS A 306 -41.41 -11.70 -45.20
C LYS A 306 -40.22 -10.77 -45.35
N ALA A 307 -39.60 -10.36 -44.25
CA ALA A 307 -38.40 -9.53 -44.35
C ALA A 307 -37.22 -10.32 -44.91
N LYS A 308 -36.33 -9.61 -45.60
CA LYS A 308 -35.07 -10.15 -46.07
C LYS A 308 -33.94 -10.05 -45.04
N PHE A 309 -34.05 -9.11 -44.09
CA PHE A 309 -33.05 -8.91 -43.04
C PHE A 309 -33.74 -8.86 -41.69
N ILE A 310 -33.09 -9.46 -40.68
CA ILE A 310 -33.55 -9.37 -39.29
C ILE A 310 -32.41 -8.84 -38.45
N ILE A 311 -32.65 -7.72 -37.77
CA ILE A 311 -31.69 -7.09 -36.89
C ILE A 311 -32.14 -7.42 -35.48
N GLU A 312 -31.42 -8.31 -34.81
CA GLU A 312 -31.82 -8.74 -33.47
C GLU A 312 -31.36 -7.72 -32.43
N ALA A 313 -32.30 -6.96 -31.89
CA ALA A 313 -32.01 -6.03 -30.79
C ALA A 313 -32.43 -6.59 -29.43
N ALA A 314 -33.56 -7.26 -29.37
CA ALA A 314 -33.92 -7.99 -28.15
C ALA A 314 -32.96 -9.17 -27.94
N ASN A 315 -32.90 -9.67 -26.70
CA ASN A 315 -32.14 -10.88 -26.42
C ASN A 315 -32.85 -12.11 -27.01
N HIS A 316 -32.12 -12.92 -27.77
CA HIS A 316 -32.56 -14.17 -28.36
C HIS A 316 -34.01 -14.12 -28.87
N PRO A 317 -34.35 -13.19 -29.77
CA PRO A 317 -35.69 -13.20 -30.37
C PRO A 317 -35.93 -14.37 -31.29
N THR A 318 -34.88 -15.03 -31.77
CA THR A 318 -34.98 -16.11 -32.75
C THR A 318 -34.48 -17.41 -32.14
N ASP A 319 -35.36 -18.40 -32.03
CA ASP A 319 -34.94 -19.71 -31.54
C ASP A 319 -34.15 -20.46 -32.62
N PRO A 320 -33.49 -21.56 -32.26
CA PRO A 320 -32.70 -22.30 -33.26
C PRO A 320 -33.53 -22.89 -34.39
N ASP A 321 -34.77 -23.29 -34.15
CA ASP A 321 -35.64 -23.74 -35.24
C ASP A 321 -35.82 -22.63 -36.27
N ALA A 322 -36.19 -21.44 -35.80
CA ALA A 322 -36.41 -20.33 -36.70
C ALA A 322 -35.12 -19.96 -37.43
N ASP A 323 -34.00 -19.94 -36.72
CA ASP A 323 -32.68 -19.76 -37.33
C ASP A 323 -32.57 -20.63 -38.59
N GLU A 324 -32.69 -21.94 -38.39
CA GLU A 324 -32.70 -22.93 -39.46
C GLU A 324 -33.64 -22.52 -40.60
N ILE A 325 -34.91 -22.31 -40.25
CA ILE A 325 -35.91 -22.06 -41.27
C ILE A 325 -35.57 -20.81 -42.06
N LEU A 326 -35.17 -19.75 -41.37
CA LEU A 326 -34.95 -18.46 -42.04
C LEU A 326 -33.69 -18.48 -42.89
N SER A 327 -32.65 -19.17 -42.43
CA SER A 327 -31.48 -19.37 -43.29
C SER A 327 -31.89 -19.99 -44.62
N LYS A 328 -32.65 -21.09 -44.58
CA LYS A 328 -33.08 -21.74 -45.81
C LYS A 328 -34.01 -20.86 -46.64
N LYS A 329 -34.65 -19.87 -46.03
CA LYS A 329 -35.43 -18.91 -46.82
C LYS A 329 -34.57 -17.77 -47.37
N GLY A 330 -33.26 -17.78 -47.13
CA GLY A 330 -32.39 -16.70 -47.58
C GLY A 330 -32.37 -15.48 -46.70
N VAL A 331 -32.80 -15.59 -45.46
CA VAL A 331 -32.90 -14.43 -44.58
C VAL A 331 -31.58 -14.25 -43.85
N ILE A 332 -31.13 -12.99 -43.78
CA ILE A 332 -29.87 -12.61 -43.15
C ILE A 332 -30.20 -12.04 -41.77
N ILE A 333 -29.56 -12.59 -40.74
CA ILE A 333 -29.87 -12.27 -39.35
C ILE A 333 -28.64 -11.66 -38.70
N LEU A 334 -28.73 -10.41 -38.29
CA LEU A 334 -27.66 -9.77 -37.56
C LEU A 334 -27.83 -10.09 -36.09
N PRO A 335 -26.89 -10.77 -35.45
CA PRO A 335 -27.16 -11.38 -34.13
C PRO A 335 -27.12 -10.40 -32.97
N ASP A 336 -27.97 -10.69 -31.99
CA ASP A 336 -28.11 -9.82 -30.83
C ASP A 336 -26.78 -9.51 -30.13
N VAL A 337 -25.93 -10.53 -29.94
CA VAL A 337 -24.71 -10.29 -29.15
C VAL A 337 -23.93 -9.11 -29.70
N TYR A 338 -23.96 -8.91 -31.02
CA TYR A 338 -23.35 -7.74 -31.63
C TYR A 338 -24.32 -6.56 -31.71
N ALA A 339 -25.54 -6.78 -32.19
CA ALA A 339 -26.34 -5.67 -32.70
C ALA A 339 -26.80 -4.72 -31.59
N ASN A 340 -27.04 -5.23 -30.38
CA ASN A 340 -27.48 -4.38 -29.29
C ASN A 340 -26.34 -3.92 -28.40
N ALA A 341 -25.10 -4.06 -28.84
CA ALA A 341 -23.95 -3.83 -27.98
C ALA A 341 -23.63 -2.35 -27.74
N GLY A 342 -24.43 -1.43 -28.29
CA GLY A 342 -24.09 -0.02 -28.12
C GLY A 342 -24.10 0.42 -26.67
N GLY A 343 -25.02 -0.13 -25.87
CA GLY A 343 -25.07 0.22 -24.45
C GLY A 343 -23.82 -0.20 -23.69
N VAL A 344 -23.40 -1.45 -23.86
CA VAL A 344 -22.16 -1.88 -23.22
C VAL A 344 -20.97 -1.09 -23.78
N THR A 345 -21.01 -0.75 -25.07
CA THR A 345 -19.90 0.00 -25.65
C THR A 345 -19.80 1.41 -25.05
N VAL A 346 -20.93 2.07 -24.85
CA VAL A 346 -20.88 3.40 -24.25
C VAL A 346 -20.50 3.32 -22.77
N SER A 347 -20.84 2.23 -22.09
CA SER A 347 -20.37 2.11 -20.69
C SER A 347 -18.84 1.95 -20.67
N TYR A 348 -18.24 1.25 -21.64
CA TYR A 348 -16.78 1.32 -21.80
C TYR A 348 -16.31 2.76 -21.96
N PHE A 349 -16.94 3.51 -22.85
CA PHE A 349 -16.54 4.89 -23.06
C PHE A 349 -16.62 5.72 -21.77
N GLU A 350 -17.64 5.45 -20.93
CA GLU A 350 -17.73 6.16 -19.67
C GLU A 350 -16.47 5.92 -18.83
N TRP A 351 -16.11 4.65 -18.69
CA TRP A 351 -14.88 4.26 -18.01
C TRP A 351 -13.67 4.95 -18.64
N VAL A 352 -13.57 4.98 -19.98
CA VAL A 352 -12.45 5.67 -20.63
C VAL A 352 -12.41 7.13 -20.20
N GLN A 353 -13.56 7.81 -20.30
CA GLN A 353 -13.60 9.22 -19.98
C GLN A 353 -13.19 9.46 -18.53
N ASN A 354 -13.59 8.58 -17.62
CA ASN A 354 -13.21 8.74 -16.24
C ASN A 354 -11.70 8.56 -16.05
N ILE A 355 -11.12 7.50 -16.65
CA ILE A 355 -9.68 7.22 -16.59
C ILE A 355 -8.88 8.38 -17.15
N GLN A 356 -9.36 8.96 -18.24
CA GLN A 356 -8.72 10.11 -18.87
C GLN A 356 -8.96 11.44 -18.18
N GLY A 357 -9.84 11.46 -17.17
CA GLY A 357 -10.13 12.66 -16.40
C GLY A 357 -10.87 13.76 -17.12
N PHE A 358 -11.53 13.46 -18.22
CA PHE A 358 -12.07 14.52 -19.09
C PHE A 358 -13.22 13.93 -19.88
N MET A 359 -14.42 14.44 -19.64
CA MET A 359 -15.61 13.89 -20.27
C MET A 359 -15.72 14.38 -21.72
N TRP A 360 -16.27 13.52 -22.56
CA TRP A 360 -16.46 13.79 -23.98
C TRP A 360 -17.79 14.50 -24.23
N ASP A 361 -17.88 15.25 -25.34
CA ASP A 361 -19.22 15.71 -25.68
C ASP A 361 -19.96 14.60 -26.42
N GLU A 362 -21.25 14.81 -26.66
CA GLU A 362 -22.07 13.71 -27.19
C GLU A 362 -21.70 13.39 -28.63
N GLU A 363 -21.33 14.39 -29.42
CA GLU A 363 -20.88 14.11 -30.79
C GLU A 363 -19.69 13.16 -30.78
N LYS A 364 -18.78 13.30 -29.81
CA LYS A 364 -17.62 12.43 -29.75
C LYS A 364 -18.02 11.01 -29.35
N VAL A 365 -18.87 10.88 -28.32
CA VAL A 365 -19.36 9.54 -27.92
C VAL A 365 -19.96 8.83 -29.12
N ASN A 366 -20.75 9.55 -29.94
CA ASN A 366 -21.45 8.89 -31.04
C ASN A 366 -20.53 8.58 -32.19
N GLN A 367 -19.51 9.42 -32.40
CA GLN A 367 -18.47 9.12 -33.38
C GLN A 367 -17.69 7.86 -33.00
N GLU A 368 -17.31 7.74 -31.73
CA GLU A 368 -16.61 6.52 -31.29
C GLU A 368 -17.51 5.30 -31.28
N LEU A 369 -18.80 5.49 -30.97
CA LEU A 369 -19.73 4.37 -31.04
C LEU A 369 -19.86 3.85 -32.46
N LYS A 370 -20.03 4.75 -33.43
CA LYS A 370 -20.06 4.33 -34.83
C LYS A 370 -18.76 3.64 -35.22
N ARG A 371 -17.62 4.15 -34.76
CA ARG A 371 -16.36 3.49 -35.10
C ARG A 371 -16.30 2.08 -34.52
N TYR A 372 -16.65 1.93 -33.25
CA TYR A 372 -16.60 0.59 -32.63
C TYR A 372 -17.58 -0.36 -33.30
N MET A 373 -18.82 0.08 -33.55
CA MET A 373 -19.80 -0.81 -34.17
C MET A 373 -19.39 -1.18 -35.59
N THR A 374 -18.83 -0.21 -36.35
CA THR A 374 -18.42 -0.55 -37.70
C THR A 374 -17.25 -1.53 -37.72
N LYS A 375 -16.21 -1.26 -36.94
CA LYS A 375 -15.05 -2.15 -36.90
C LYS A 375 -15.47 -3.56 -36.46
N ALA A 376 -16.39 -3.65 -35.52
CA ALA A 376 -16.85 -4.96 -35.07
C ALA A 376 -17.57 -5.71 -36.19
N PHE A 377 -18.43 -5.02 -36.94
CA PHE A 377 -19.05 -5.69 -38.07
C PHE A 377 -18.00 -6.17 -39.07
N ASN A 378 -17.02 -5.32 -39.40
CA ASN A 378 -16.01 -5.72 -40.35
C ASN A 378 -15.26 -6.95 -39.88
N ASP A 379 -14.96 -7.03 -38.58
CA ASP A 379 -14.26 -8.19 -38.04
C ASP A 379 -15.15 -9.45 -38.06
N ILE A 380 -16.45 -9.28 -37.78
CA ILE A 380 -17.39 -10.41 -37.85
C ILE A 380 -17.46 -10.95 -39.26
N LYS A 381 -17.69 -10.06 -40.23
CA LYS A 381 -17.81 -10.45 -41.61
C LYS A 381 -16.60 -11.23 -42.09
N ALA A 382 -15.41 -10.75 -41.73
CA ALA A 382 -14.19 -11.43 -42.13
C ALA A 382 -14.13 -12.80 -41.49
N ASN A 383 -14.62 -12.92 -40.27
CA ASN A 383 -14.61 -14.19 -39.57
C ASN A 383 -15.57 -15.17 -40.25
N CYS A 384 -16.71 -14.68 -40.75
CA CYS A 384 -17.62 -15.55 -41.49
C CYS A 384 -16.94 -16.18 -42.71
N LYS A 385 -16.04 -15.45 -43.38
CA LYS A 385 -15.37 -16.02 -44.55
C LYS A 385 -14.35 -17.05 -44.12
N THR A 386 -13.61 -16.75 -43.06
CA THR A 386 -12.61 -17.67 -42.54
C THR A 386 -13.21 -19.03 -42.17
N HIS A 387 -14.38 -19.03 -41.51
CA HIS A 387 -14.99 -20.26 -40.99
C HIS A 387 -16.22 -20.71 -41.76
N ASN A 388 -16.54 -20.07 -42.88
CA ASN A 388 -17.68 -20.41 -43.72
C ASN A 388 -18.97 -20.58 -42.92
N CYS A 389 -19.33 -19.56 -42.13
CA CYS A 389 -20.46 -19.65 -41.22
C CYS A 389 -21.34 -18.40 -41.33
N ASP A 390 -22.49 -18.43 -40.65
CA ASP A 390 -23.40 -17.29 -40.69
C ASP A 390 -22.93 -16.19 -39.73
N LEU A 391 -23.62 -15.04 -39.74
CA LEU A 391 -23.21 -13.92 -38.90
C LEU A 391 -23.21 -14.28 -37.42
N ARG A 392 -24.19 -15.05 -36.98
CA ARG A 392 -24.23 -15.39 -35.56
C ARG A 392 -22.99 -16.17 -35.15
N MET A 393 -22.64 -17.19 -35.92
CA MET A 393 -21.41 -17.90 -35.56
C MET A 393 -20.16 -17.08 -35.85
N GLY A 394 -20.22 -16.19 -36.85
CA GLY A 394 -19.08 -15.32 -37.05
C GLY A 394 -18.78 -14.45 -35.83
N ALA A 395 -19.84 -13.98 -35.16
CA ALA A 395 -19.66 -13.16 -33.97
C ALA A 395 -19.22 -13.99 -32.77
N PHE A 396 -19.88 -15.10 -32.51
CA PHE A 396 -19.46 -15.90 -31.35
C PHE A 396 -18.06 -16.46 -31.51
N THR A 397 -17.70 -16.92 -32.73
CA THR A 397 -16.36 -17.45 -32.91
C THR A 397 -15.32 -16.35 -32.79
N LEU A 398 -15.68 -15.13 -33.20
CA LEU A 398 -14.78 -14.00 -33.05
C LEU A 398 -14.51 -13.70 -31.57
N GLY A 399 -15.56 -13.60 -30.76
CA GLY A 399 -15.37 -13.29 -29.38
C GLY A 399 -14.67 -14.39 -28.59
N LEU A 400 -15.10 -15.63 -28.80
CA LEU A 400 -14.48 -16.76 -28.12
C LEU A 400 -13.01 -16.90 -28.49
N ASN A 401 -12.66 -16.71 -29.76
CA ASN A 401 -11.27 -16.84 -30.16
C ASN A 401 -10.40 -15.71 -29.56
N ARG A 402 -10.91 -14.49 -29.51
CA ARG A 402 -10.15 -13.43 -28.86
C ARG A 402 -9.83 -13.75 -27.39
N VAL A 403 -10.81 -14.30 -26.66
CA VAL A 403 -10.57 -14.68 -25.27
C VAL A 403 -9.54 -15.80 -25.19
N ALA A 404 -9.68 -16.81 -26.05
CA ALA A 404 -8.75 -17.91 -26.05
C ALA A 404 -7.34 -17.45 -26.38
N ARG A 405 -7.19 -16.61 -27.42
CA ARG A 405 -5.86 -16.10 -27.80
C ARG A 405 -5.22 -15.36 -26.65
N ALA A 406 -5.98 -14.47 -26.00
CA ALA A 406 -5.45 -13.72 -24.89
C ALA A 406 -5.05 -14.65 -23.75
N THR A 407 -5.88 -15.65 -23.48
CA THR A 407 -5.53 -16.63 -22.44
C THR A 407 -4.24 -17.37 -22.77
N LEU A 408 -4.07 -17.79 -24.02
CA LEU A 408 -2.90 -18.57 -24.40
C LEU A 408 -1.64 -17.71 -24.42
N LEU A 409 -1.75 -16.45 -24.84
CA LEU A 409 -0.59 -15.58 -24.81
C LEU A 409 -0.14 -15.33 -23.39
N ARG A 410 -1.09 -15.13 -22.47
CA ARG A 410 -0.75 -14.92 -21.08
C ARG A 410 -0.01 -16.12 -20.51
N GLY A 411 -0.42 -17.32 -20.91
CA GLY A 411 0.26 -18.52 -20.50
C GLY A 411 -0.22 -19.07 -19.16
N TRP A 412 0.44 -20.15 -18.76
CA TRP A 412 0.00 -21.03 -17.66
C TRP A 412 1.03 -21.30 -16.57
N GLU A 413 2.30 -20.96 -16.76
CA GLU A 413 3.28 -21.19 -15.70
C GLU A 413 3.03 -20.19 -14.57
N ALA A 414 3.43 -20.56 -13.36
CA ALA A 414 2.97 -19.75 -12.23
C ALA A 414 3.80 -18.48 -12.04
N ALA B 6 -5.98 22.80 33.70
CA ALA B 6 -4.65 22.27 33.42
C ALA B 6 -3.83 23.25 32.57
N LEU B 7 -4.55 24.15 31.89
CA LEU B 7 -4.04 25.29 31.15
C LEU B 7 -2.74 25.89 31.69
N VAL B 8 -2.78 26.50 32.88
CA VAL B 8 -1.65 27.28 33.36
C VAL B 8 -0.65 26.45 34.15
N ALA B 9 -1.05 25.28 34.64
CA ALA B 9 -0.13 24.43 35.39
C ALA B 9 1.00 23.93 34.50
N THR B 10 0.65 23.34 33.36
CA THR B 10 1.67 22.77 32.48
C THR B 10 2.57 23.87 31.93
N ASN B 11 2.01 25.03 31.57
CA ASN B 11 2.82 26.12 31.05
C ASN B 11 3.89 26.56 32.05
N ARG B 12 3.48 26.84 33.29
CA ARG B 12 4.43 27.25 34.32
C ARG B 12 5.47 26.17 34.58
N ASN B 13 5.02 24.91 34.70
CA ASN B 13 5.96 23.82 34.96
C ASN B 13 6.90 23.61 33.79
N PHE B 14 6.40 23.77 32.55
CA PHE B 14 7.30 23.65 31.42
C PHE B 14 8.37 24.73 31.46
N GLN B 15 7.97 25.99 31.66
CA GLN B 15 8.94 27.07 31.68
C GLN B 15 9.95 26.90 32.80
N ARG B 16 9.50 26.48 33.98
CA ARG B 16 10.43 26.32 35.09
C ARG B 16 11.46 25.24 34.80
N ALA B 17 11.03 24.12 34.20
CA ALA B 17 11.96 23.04 33.91
C ALA B 17 12.87 23.40 32.73
N SER B 18 12.32 24.11 31.75
CA SER B 18 13.14 24.59 30.63
C SER B 18 14.31 25.44 31.13
N ARG B 19 14.06 26.28 32.13
CA ARG B 19 15.12 27.07 32.75
C ARG B 19 16.16 26.19 33.43
N ILE B 20 15.71 25.25 34.26
CA ILE B 20 16.65 24.40 34.99
C ILE B 20 17.59 23.71 34.00
N LEU B 21 17.03 23.15 32.94
CA LEU B 21 17.83 22.42 31.96
C LEU B 21 18.61 23.32 31.03
N GLY B 22 18.30 24.60 31.01
CA GLY B 22 18.97 25.47 30.03
C GLY B 22 18.67 25.10 28.60
N LEU B 23 17.43 24.70 28.31
CA LEU B 23 17.08 24.34 26.95
C LEU B 23 17.34 25.48 25.98
N ASP B 24 17.91 25.14 24.84
CA ASP B 24 18.10 26.11 23.78
C ASP B 24 16.75 26.70 23.36
N SER B 25 16.73 27.99 23.08
CA SER B 25 15.46 28.66 22.81
C SER B 25 14.83 28.19 21.50
N LYS B 26 15.63 27.90 20.47
CA LYS B 26 15.07 27.38 19.23
C LYS B 26 14.50 25.99 19.44
N LEU B 27 15.15 25.20 20.30
CA LEU B 27 14.66 23.88 20.61
C LEU B 27 13.34 23.97 21.38
N GLU B 28 13.28 24.86 22.38
CA GLU B 28 12.04 25.07 23.11
C GLU B 28 10.90 25.43 22.16
N LYS B 29 11.14 26.38 21.24
CA LYS B 29 10.08 26.80 20.33
C LYS B 29 9.57 25.59 19.56
N SER B 30 10.47 24.77 19.04
CA SER B 30 10.02 23.57 18.34
C SER B 30 9.20 22.64 19.23
N LEU B 31 9.66 22.41 20.46
CA LEU B 31 9.00 21.44 21.31
C LEU B 31 7.58 21.86 21.66
N LEU B 32 7.28 23.15 21.59
CA LEU B 32 5.96 23.66 21.89
C LEU B 32 5.02 23.64 20.70
N ILE B 33 5.51 23.61 19.48
CA ILE B 33 4.62 23.48 18.33
C ILE B 33 4.19 22.03 18.19
N PRO B 34 2.89 21.74 18.08
CA PRO B 34 2.48 20.34 17.87
C PRO B 34 2.85 19.85 16.48
N TYR B 35 3.23 18.57 16.43
CA TYR B 35 3.49 17.88 15.18
C TYR B 35 2.37 18.12 14.17
N ARG B 36 1.13 17.93 14.59
CA ARG B 36 0.01 18.06 13.67
C ARG B 36 -1.29 18.28 14.45
N GLU B 37 -2.09 19.22 13.96
CA GLU B 37 -3.44 19.46 14.45
C GLU B 37 -4.46 19.18 13.35
N ILE B 38 -5.55 18.50 13.73
CA ILE B 38 -6.53 18.00 12.79
C ILE B 38 -7.92 18.42 13.25
N LYS B 39 -8.74 18.95 12.33
CA LYS B 39 -10.16 19.12 12.55
C LYS B 39 -10.92 18.53 11.37
N VAL B 40 -11.95 17.74 11.63
CA VAL B 40 -12.72 17.08 10.57
C VAL B 40 -14.23 17.28 10.77
N GLU B 41 -14.96 17.47 9.67
CA GLU B 41 -16.42 17.40 9.72
C GLU B 41 -16.90 16.00 10.05
N CYS B 42 -17.80 15.88 11.02
CA CYS B 42 -18.46 14.61 11.37
C CYS B 42 -19.96 14.80 11.31
N THR B 43 -20.56 14.34 10.22
CA THR B 43 -21.99 14.53 9.98
C THR B 43 -22.64 13.16 9.87
N ILE B 44 -23.77 13.00 10.57
CA ILE B 44 -24.47 11.72 10.63
C ILE B 44 -25.96 11.98 10.48
N PRO B 45 -26.70 10.98 10.02
CA PRO B 45 -28.16 11.03 10.21
C PRO B 45 -28.52 10.61 11.61
N LYS B 46 -29.42 11.37 12.20
CA LYS B 46 -30.05 11.00 13.45
C LYS B 46 -31.01 9.84 13.22
N ASP B 47 -31.52 9.27 14.32
CA ASP B 47 -32.40 8.12 14.19
C ASP B 47 -33.65 8.50 13.41
N ASP B 48 -34.07 9.77 13.51
CA ASP B 48 -35.21 10.25 12.78
C ASP B 48 -34.85 10.68 11.35
N GLY B 49 -33.62 10.47 10.91
CA GLY B 49 -33.22 10.72 9.54
C GLY B 49 -32.67 12.12 9.26
N SER B 50 -32.90 13.09 10.14
CA SER B 50 -32.37 14.43 9.92
C SER B 50 -30.86 14.47 10.23
N LEU B 51 -30.19 15.45 9.64
CA LEU B 51 -28.74 15.56 9.77
C LEU B 51 -28.31 16.31 11.03
N VAL B 52 -27.15 15.94 11.55
CA VAL B 52 -26.44 16.78 12.51
C VAL B 52 -24.96 16.75 12.15
N SER B 53 -24.29 17.88 12.33
CA SER B 53 -22.90 18.07 11.92
C SER B 53 -22.10 18.56 13.11
N TYR B 54 -21.06 17.82 13.46
CA TYR B 54 -20.12 18.21 14.50
C TYR B 54 -18.71 18.36 13.93
N VAL B 55 -17.83 18.97 14.73
CA VAL B 55 -16.41 19.06 14.39
C VAL B 55 -15.62 18.14 15.33
N GLY B 56 -14.94 17.16 14.76
CA GLY B 56 -14.03 16.32 15.51
C GLY B 56 -12.61 16.83 15.35
N PHE B 57 -11.74 16.47 16.29
CA PHE B 57 -10.41 17.06 16.29
C PHE B 57 -9.43 16.09 16.92
N ARG B 58 -8.16 16.25 16.55
CA ARG B 58 -7.07 15.47 17.15
C ARG B 58 -5.82 16.34 17.11
N ILE B 59 -5.29 16.71 18.29
CA ILE B 59 -4.00 17.38 18.39
C ILE B 59 -2.94 16.32 18.70
N GLN B 60 -1.97 16.19 17.80
CA GLN B 60 -0.88 15.23 17.89
C GLN B 60 0.37 16.02 18.21
N HIS B 61 0.79 15.96 19.47
CA HIS B 61 1.75 16.99 19.88
C HIS B 61 3.20 16.61 19.56
N ASP B 62 3.60 15.36 19.81
CA ASP B 62 5.00 14.99 19.67
C ASP B 62 5.10 13.49 19.59
N ASN B 63 6.04 12.99 18.75
CA ASN B 63 6.26 11.55 18.60
C ASN B 63 7.75 11.24 18.59
N ALA B 64 8.56 12.07 19.23
CA ALA B 64 9.99 11.79 19.29
C ALA B 64 10.27 10.47 19.99
N ARG B 65 9.47 10.12 20.99
CA ARG B 65 9.77 8.95 21.80
C ARG B 65 8.91 7.76 21.43
N GLY B 66 8.01 7.90 20.44
CA GLY B 66 7.12 6.84 20.04
C GLY B 66 5.80 7.38 19.51
N PRO B 67 4.84 6.49 19.23
CA PRO B 67 3.53 6.93 18.74
C PRO B 67 2.87 7.88 19.73
N MET B 68 1.97 8.71 19.22
CA MET B 68 1.18 9.53 20.11
C MET B 68 0.13 8.68 20.86
N LYS B 69 -0.30 9.21 22.00
CA LYS B 69 -1.26 8.54 22.88
C LYS B 69 -2.13 9.57 23.53
N GLY B 70 -3.44 9.31 23.63
CA GLY B 70 -4.26 10.19 24.45
C GLY B 70 -5.74 10.10 24.16
N GLY B 71 -6.50 10.70 25.06
CA GLY B 71 -7.93 10.49 25.13
C GLY B 71 -8.72 11.22 24.04
N ILE B 72 -9.96 10.76 23.91
CA ILE B 72 -10.96 11.34 23.01
C ILE B 72 -12.13 11.79 23.88
N ARG B 73 -12.39 13.10 23.92
CA ARG B 73 -13.48 13.67 24.71
C ARG B 73 -14.68 13.94 23.82
N TYR B 74 -15.85 13.43 24.21
CA TYR B 74 -17.10 13.90 23.62
C TYR B 74 -17.67 14.89 24.62
N HIS B 75 -17.53 16.18 24.32
CA HIS B 75 -17.93 17.21 25.26
C HIS B 75 -18.14 18.46 24.45
N PRO B 76 -19.12 19.31 24.80
CA PRO B 76 -19.38 20.51 23.98
C PRO B 76 -18.32 21.58 24.12
N GLU B 77 -17.68 21.68 25.27
CA GLU B 77 -16.76 22.77 25.51
C GLU B 77 -15.41 22.36 24.95
N VAL B 78 -15.00 23.01 23.87
CA VAL B 78 -13.69 22.80 23.26
C VAL B 78 -12.98 24.14 23.27
N ASP B 79 -11.94 24.24 24.08
CA ASP B 79 -11.06 25.37 24.00
C ASP B 79 -9.75 24.89 23.39
N PRO B 80 -9.34 25.41 22.22
CA PRO B 80 -8.14 24.85 21.57
C PRO B 80 -6.88 24.99 22.40
N ASP B 81 -6.81 26.00 23.27
CA ASP B 81 -5.62 26.16 24.12
C ASP B 81 -5.53 25.07 25.17
N GLU B 82 -6.66 24.70 25.79
CA GLU B 82 -6.63 23.66 26.82
C GLU B 82 -6.35 22.31 26.20
N VAL B 83 -6.90 22.05 25.01
CA VAL B 83 -6.62 20.78 24.35
C VAL B 83 -5.15 20.68 24.02
N ASN B 84 -4.55 21.75 23.49
CA ASN B 84 -3.12 21.70 23.15
C ASN B 84 -2.27 21.50 24.39
N ALA B 85 -2.63 22.16 25.48
CA ALA B 85 -1.91 22.01 26.74
C ALA B 85 -1.97 20.57 27.24
N LEU B 86 -3.14 19.93 27.13
CA LEU B 86 -3.26 18.56 27.65
C LEU B 86 -2.51 17.57 26.77
N ALA B 87 -2.49 17.81 25.45
CA ALA B 87 -1.65 17.00 24.58
C ALA B 87 -0.19 17.16 24.94
N GLN B 88 0.22 18.39 25.22
CA GLN B 88 1.60 18.64 25.61
C GLN B 88 1.92 17.93 26.91
N LEU B 89 1.04 18.04 27.88
CA LEU B 89 1.32 17.44 29.18
C LEU B 89 1.43 15.93 29.05
N MET B 90 0.68 15.31 28.15
CA MET B 90 0.82 13.87 27.97
C MET B 90 2.20 13.54 27.41
N THR B 91 2.76 14.41 26.59
CA THR B 91 4.12 14.20 26.11
C THR B 91 5.11 14.19 27.27
N TRP B 92 4.97 15.14 28.20
CA TRP B 92 5.85 15.16 29.36
C TRP B 92 5.62 13.94 30.27
N LYS B 93 4.35 13.59 30.49
CA LYS B 93 4.00 12.56 31.46
C LYS B 93 4.45 11.17 31.00
N THR B 94 4.25 10.85 29.72
CA THR B 94 4.75 9.58 29.20
C THR B 94 6.25 9.50 29.37
N ALA B 95 6.94 10.63 29.27
CA ALA B 95 8.39 10.63 29.38
C ALA B 95 8.85 10.48 30.83
N VAL B 96 8.07 11.00 31.78
CA VAL B 96 8.42 10.84 33.19
C VAL B 96 8.47 9.36 33.59
N VAL B 97 7.53 8.53 33.12
CA VAL B 97 7.48 7.11 33.50
C VAL B 97 8.15 6.22 32.45
N ASP B 98 8.76 6.81 31.44
CA ASP B 98 9.53 6.12 30.41
C ASP B 98 8.68 5.12 29.62
N ILE B 99 7.49 5.54 29.21
CA ILE B 99 6.73 4.70 28.28
C ILE B 99 6.94 5.29 26.89
N PRO B 100 6.98 4.45 25.86
CA PRO B 100 7.48 4.90 24.57
C PRO B 100 6.34 5.47 23.75
N TYR B 101 5.88 6.64 24.20
CA TYR B 101 4.81 7.39 23.54
C TYR B 101 5.13 8.85 23.61
N GLY B 102 4.55 9.62 22.67
CA GLY B 102 4.28 11.02 22.88
C GLY B 102 2.80 11.28 23.19
N GLY B 103 2.44 12.56 23.19
CA GLY B 103 1.13 13.01 23.66
C GLY B 103 0.23 13.49 22.55
N ALA B 104 -1.07 13.27 22.76
CA ALA B 104 -2.11 13.70 21.83
C ALA B 104 -3.39 13.88 22.64
N LYS B 105 -4.32 14.62 22.06
CA LYS B 105 -5.66 14.74 22.66
C LYS B 105 -6.63 15.08 21.55
N GLY B 106 -7.79 14.44 21.59
CA GLY B 106 -8.81 14.63 20.58
C GLY B 106 -10.21 14.66 21.17
N GLY B 107 -11.20 14.74 20.28
CA GLY B 107 -12.58 14.78 20.72
C GLY B 107 -13.53 15.13 19.60
N ILE B 108 -14.80 15.22 19.99
CA ILE B 108 -15.87 15.75 19.14
C ILE B 108 -16.64 16.74 20.00
N GLY B 109 -16.86 17.93 19.45
CA GLY B 109 -17.57 18.96 20.15
C GLY B 109 -19.04 18.67 20.02
N CYS B 110 -19.54 17.85 20.94
CA CYS B 110 -20.93 17.44 20.99
C CYS B 110 -21.28 17.19 22.44
N ASN B 111 -22.57 17.11 22.72
CA ASN B 111 -23.03 16.69 24.03
C ASN B 111 -23.63 15.29 23.90
N PRO B 112 -22.99 14.27 24.45
CA PRO B 112 -23.47 12.90 24.22
C PRO B 112 -24.84 12.62 24.83
N LYS B 113 -25.26 13.39 25.83
CA LYS B 113 -26.64 13.26 26.34
C LYS B 113 -27.70 13.55 25.29
N ASP B 114 -27.39 14.29 24.24
CA ASP B 114 -28.37 14.62 23.21
C ASP B 114 -28.52 13.51 22.18
N LEU B 115 -27.74 12.44 22.28
CA LEU B 115 -27.63 11.44 21.23
C LEU B 115 -28.00 10.07 21.77
N SER B 116 -28.77 9.32 20.98
CA SER B 116 -29.08 7.94 21.27
C SER B 116 -27.82 7.06 21.12
N ILE B 117 -27.92 5.83 21.62
CA ILE B 117 -26.75 4.96 21.53
C ILE B 117 -26.44 4.61 20.09
N SER B 118 -27.46 4.55 19.22
CA SER B 118 -27.15 4.28 17.81
C SER B 118 -26.54 5.50 17.14
N GLU B 119 -26.96 6.70 17.52
CA GLU B 119 -26.35 7.92 16.96
C GLU B 119 -24.91 8.03 17.42
N LEU B 120 -24.63 7.68 18.69
CA LEU B 120 -23.26 7.76 19.18
C LEU B 120 -22.35 6.80 18.44
N GLU B 121 -22.87 5.62 18.11
CA GLU B 121 -22.09 4.67 17.31
C GLU B 121 -21.84 5.22 15.92
N ARG B 122 -22.88 5.71 15.25
CA ARG B 122 -22.67 6.26 13.92
C ARG B 122 -21.64 7.38 13.95
N LEU B 123 -21.77 8.26 14.94
CA LEU B 123 -20.84 9.37 15.07
C LEU B 123 -19.41 8.88 15.28
N THR B 124 -19.23 7.89 16.17
CA THR B 124 -17.89 7.34 16.41
C THR B 124 -17.32 6.73 15.16
N ARG B 125 -18.13 5.99 14.42
CA ARG B 125 -17.63 5.36 13.20
C ARG B 125 -17.31 6.40 12.11
N VAL B 126 -18.13 7.43 11.97
CA VAL B 126 -17.83 8.51 11.00
C VAL B 126 -16.51 9.19 11.37
N PHE B 127 -16.36 9.57 12.63
CA PHE B 127 -15.13 10.17 13.10
C PHE B 127 -13.93 9.28 12.78
N THR B 128 -14.04 7.97 13.03
CA THR B 128 -12.96 7.05 12.68
C THR B 128 -12.70 7.08 11.17
N GLN B 129 -13.76 7.08 10.35
CA GLN B 129 -13.56 7.18 8.91
C GLN B 129 -12.81 8.44 8.53
N LYS B 130 -13.02 9.53 9.27
CA LYS B 130 -12.36 10.79 8.95
C LYS B 130 -10.93 10.87 9.49
N ILE B 131 -10.52 10.04 10.46
CA ILE B 131 -9.15 10.12 10.99
C ILE B 131 -8.34 8.83 10.87
N HIS B 132 -8.85 7.78 10.24
CA HIS B 132 -8.16 6.50 10.26
C HIS B 132 -6.74 6.61 9.69
N ASP B 133 -6.54 7.46 8.68
CA ASP B 133 -5.24 7.55 8.04
C ASP B 133 -4.24 8.34 8.88
N LEU B 134 -4.70 9.01 9.93
CA LEU B 134 -3.83 9.79 10.79
C LEU B 134 -3.54 9.12 12.12
N ILE B 135 -4.13 7.96 12.38
CA ILE B 135 -3.84 7.23 13.63
C ILE B 135 -3.31 5.86 13.26
N GLY B 136 -3.04 5.03 14.26
CA GLY B 136 -2.50 3.73 13.97
C GLY B 136 -1.68 3.19 15.13
N ILE B 137 -1.52 1.88 15.10
CA ILE B 137 -0.85 1.19 16.18
C ILE B 137 0.53 1.78 16.47
N HIS B 138 1.24 2.21 15.42
CA HIS B 138 2.55 2.82 15.57
C HIS B 138 2.56 4.30 15.20
N ARG B 139 1.41 4.94 15.27
CA ARG B 139 1.29 6.34 14.89
C ARG B 139 0.64 7.15 15.99
N ASP B 140 -0.57 6.77 16.40
CA ASP B 140 -1.35 7.51 17.40
C ASP B 140 -2.45 6.59 17.90
N VAL B 141 -2.53 6.43 19.22
CA VAL B 141 -3.31 5.39 19.88
C VAL B 141 -4.30 6.09 20.82
N PRO B 142 -5.55 6.27 20.39
CA PRO B 142 -6.53 6.91 21.27
C PRO B 142 -6.99 6.02 22.41
N ALA B 143 -7.73 6.68 23.31
CA ALA B 143 -8.16 6.12 24.58
C ALA B 143 -9.43 6.81 25.00
N PRO B 144 -10.17 6.27 25.97
CA PRO B 144 -11.37 6.94 26.46
C PRO B 144 -11.00 8.18 27.28
N ASP B 145 -12.00 9.02 27.49
CA ASP B 145 -11.84 10.30 28.17
C ASP B 145 -13.25 10.75 28.51
N MET B 146 -13.43 12.00 28.90
CA MET B 146 -14.77 12.42 29.29
C MET B 146 -15.74 12.21 28.12
N GLY B 147 -16.89 11.61 28.42
CA GLY B 147 -17.91 11.39 27.41
C GLY B 147 -17.74 10.18 26.53
N THR B 148 -16.65 9.41 26.70
CA THR B 148 -16.41 8.18 25.92
C THR B 148 -16.06 7.07 26.91
N ASN B 149 -16.08 5.85 26.42
CA ASN B 149 -15.88 4.71 27.32
C ASN B 149 -15.41 3.52 26.48
N SER B 150 -15.28 2.34 27.12
CA SER B 150 -14.77 1.17 26.41
C SER B 150 -15.65 0.80 25.22
N GLN B 151 -16.95 1.08 25.28
CA GLN B 151 -17.79 0.78 24.13
C GLN B 151 -17.47 1.71 22.97
N THR B 152 -17.19 2.99 23.25
CA THR B 152 -16.72 3.87 22.18
C THR B 152 -15.47 3.30 21.52
N MET B 153 -14.53 2.81 22.33
CA MET B 153 -13.28 2.28 21.80
C MET B 153 -13.56 1.08 20.91
N ALA B 154 -14.55 0.28 21.29
CA ALA B 154 -14.88 -0.89 20.50
C ALA B 154 -15.37 -0.48 19.12
N TRP B 155 -16.18 0.58 19.04
CA TRP B 155 -16.62 1.08 17.73
C TRP B 155 -15.46 1.61 16.89
N ILE B 156 -14.53 2.34 17.51
CA ILE B 156 -13.36 2.82 16.77
C ILE B 156 -12.57 1.64 16.22
N LEU B 157 -12.26 0.68 17.09
CA LEU B 157 -11.53 -0.51 16.64
C LEU B 157 -12.22 -1.16 15.46
N ASP B 158 -13.53 -1.34 15.58
CA ASP B 158 -14.26 -2.08 14.55
C ASP B 158 -14.23 -1.35 13.23
N GLU B 159 -14.43 -0.05 13.25
CA GLU B 159 -14.43 0.69 12.00
C GLU B 159 -13.01 0.84 11.45
N TYR B 160 -12.05 1.16 12.32
CA TYR B 160 -10.65 1.25 11.87
C TYR B 160 -10.22 -0.03 11.18
N SER B 161 -10.67 -1.18 11.70
CA SER B 161 -10.22 -2.45 11.16
C SER B 161 -10.76 -2.74 9.78
N LYS B 162 -11.85 -2.09 9.37
CA LYS B 162 -12.27 -2.15 7.97
C LYS B 162 -11.22 -1.55 7.04
N PHE B 163 -10.50 -0.53 7.50
CA PHE B 163 -9.51 0.10 6.64
C PHE B 163 -8.13 -0.52 6.74
N HIS B 164 -7.83 -1.28 7.82
CA HIS B 164 -6.46 -1.72 8.08
C HIS B 164 -6.35 -3.15 8.59
N GLY B 165 -7.44 -3.92 8.61
CA GLY B 165 -7.43 -5.25 9.19
C GLY B 165 -7.48 -5.19 10.70
N HIS B 166 -7.63 -6.35 11.33
N HIS B 166 -7.69 -6.36 11.33
CA HIS B 166 -7.80 -6.40 12.78
CA HIS B 166 -7.78 -6.44 12.78
C HIS B 166 -6.59 -5.76 13.44
C HIS B 166 -6.58 -5.70 13.38
N SER B 167 -6.84 -4.67 14.18
CA SER B 167 -5.79 -3.83 14.76
C SER B 167 -6.12 -3.52 16.23
N PRO B 168 -6.15 -4.54 17.10
CA PRO B 168 -6.54 -4.29 18.49
C PRO B 168 -5.69 -3.23 19.18
N ALA B 169 -4.42 -3.10 18.85
CA ALA B 169 -3.61 -2.10 19.55
C ALA B 169 -3.85 -0.66 19.09
N VAL B 170 -4.77 -0.41 18.17
CA VAL B 170 -4.99 0.98 17.72
C VAL B 170 -5.68 1.86 18.77
N VAL B 171 -6.38 1.26 19.75
CA VAL B 171 -6.98 2.02 20.86
C VAL B 171 -6.73 1.27 22.15
N THR B 172 -6.66 2.00 23.26
CA THR B 172 -6.65 1.37 24.58
C THR B 172 -7.98 1.66 25.30
N GLY B 173 -8.12 1.05 26.48
CA GLY B 173 -9.37 1.09 27.20
C GLY B 173 -10.46 0.27 26.59
N LYS B 174 -10.11 -0.81 25.87
CA LYS B 174 -11.06 -1.66 25.19
C LYS B 174 -11.79 -2.56 26.19
N PRO B 175 -12.94 -3.09 25.80
CA PRO B 175 -13.56 -4.15 26.63
C PRO B 175 -12.64 -5.37 26.71
N ILE B 176 -12.68 -6.05 27.86
CA ILE B 176 -11.86 -7.24 28.05
C ILE B 176 -11.98 -8.19 26.85
N ASP B 177 -13.23 -8.44 26.42
CA ASP B 177 -13.50 -9.38 25.33
C ASP B 177 -12.82 -8.99 24.02
N LEU B 178 -12.53 -7.70 23.81
CA LEU B 178 -11.88 -7.28 22.57
C LEU B 178 -10.41 -6.90 22.79
N GLY B 179 -9.81 -7.31 23.90
CA GLY B 179 -8.39 -7.17 24.08
C GLY B 179 -7.99 -6.15 25.10
N GLY B 180 -8.93 -5.68 25.92
CA GLY B 180 -8.56 -4.86 27.06
C GLY B 180 -7.74 -5.64 28.07
N SER B 181 -6.92 -4.91 28.82
CA SER B 181 -6.04 -5.51 29.82
C SER B 181 -6.77 -5.66 31.15
N LEU B 182 -6.40 -6.71 31.88
CA LEU B 182 -6.69 -6.77 33.29
C LEU B 182 -5.97 -5.65 34.05
N GLY B 183 -6.50 -5.35 35.23
CA GLY B 183 -5.81 -4.44 36.14
C GLY B 183 -6.06 -2.97 35.85
N ARG B 184 -6.98 -2.64 34.95
CA ARG B 184 -7.16 -1.23 34.56
C ARG B 184 -7.89 -0.41 35.60
N GLU B 185 -9.00 -0.92 36.11
CA GLU B 185 -9.81 -0.17 37.06
C GLU B 185 -9.02 0.23 38.31
N ALA B 186 -8.10 -0.63 38.76
CA ALA B 186 -7.32 -0.35 39.95
C ALA B 186 -5.96 0.30 39.67
N ALA B 187 -5.62 0.50 38.40
CA ALA B 187 -4.24 0.84 38.03
C ALA B 187 -3.80 2.17 38.61
N THR B 188 -4.65 3.19 38.51
CA THR B 188 -4.26 4.50 39.00
C THR B 188 -4.11 4.51 40.51
N GLY B 189 -5.11 4.02 41.25
CA GLY B 189 -5.00 4.01 42.69
C GLY B 189 -3.89 3.11 43.19
N LEU B 190 -3.70 1.94 42.57
CA LEU B 190 -2.61 1.09 43.00
C LEU B 190 -1.26 1.73 42.70
N GLY B 191 -1.13 2.38 41.53
CA GLY B 191 0.14 3.04 41.20
C GLY B 191 0.47 4.17 42.15
N VAL B 192 -0.55 4.94 42.56
CA VAL B 192 -0.37 5.94 43.62
C VAL B 192 0.34 5.33 44.81
N VAL B 193 -0.07 4.12 45.20
CA VAL B 193 0.50 3.53 46.41
C VAL B 193 1.88 2.91 46.15
N PHE B 194 2.10 2.32 44.97
CA PHE B 194 3.47 1.94 44.63
C PHE B 194 4.39 3.17 44.71
N ALA B 195 3.94 4.30 44.14
CA ALA B 195 4.75 5.52 44.20
C ALA B 195 5.02 5.92 45.64
N THR B 196 3.98 5.84 46.49
CA THR B 196 4.12 6.27 47.87
C THR B 196 5.06 5.35 48.64
N GLU B 197 4.98 4.03 48.42
CA GLU B 197 5.95 3.11 49.01
C GLU B 197 7.38 3.50 48.67
N ALA B 198 7.64 3.85 47.40
CA ALA B 198 9.00 4.14 46.97
C ALA B 198 9.55 5.40 47.62
N LEU B 199 8.69 6.41 47.78
CA LEU B 199 9.11 7.64 48.45
C LEU B 199 9.36 7.40 49.92
N PHE B 200 8.47 6.66 50.58
CA PHE B 200 8.66 6.37 51.99
C PHE B 200 9.89 5.50 52.23
N ALA B 201 10.30 4.70 51.25
CA ALA B 201 11.54 3.94 51.39
C ALA B 201 12.72 4.86 51.67
N GLU B 202 12.79 5.99 50.98
CA GLU B 202 13.87 6.95 51.18
C GLU B 202 13.98 7.38 52.63
N TYR B 203 12.85 7.45 53.33
CA TYR B 203 12.79 7.83 54.73
C TYR B 203 12.73 6.60 55.64
N GLY B 204 12.90 5.41 55.08
CA GLY B 204 12.81 4.19 55.87
C GLY B 204 11.52 4.07 56.64
N LYS B 205 10.39 4.40 55.98
CA LYS B 205 9.08 4.27 56.58
C LYS B 205 8.21 3.41 55.67
N SER B 206 7.31 2.65 56.27
CA SER B 206 6.37 1.82 55.52
C SER B 206 4.97 2.46 55.53
N ILE B 207 4.14 2.04 54.58
CA ILE B 207 2.74 2.43 54.61
C ILE B 207 2.15 2.14 55.98
N SER B 208 2.54 1.01 56.58
CA SER B 208 1.99 0.56 57.86
C SER B 208 2.20 1.57 58.99
N ASP B 209 3.11 2.52 58.82
CA ASP B 209 3.48 3.43 59.91
C ASP B 209 2.63 4.70 59.96
N MET B 210 1.99 5.10 58.86
CA MET B 210 1.39 6.42 58.75
C MET B 210 -0.13 6.36 58.81
N THR B 211 -0.72 7.53 59.05
CA THR B 211 -2.15 7.75 58.89
C THR B 211 -2.39 8.54 57.60
N PHE B 212 -3.56 8.31 57.01
CA PHE B 212 -3.90 8.89 55.71
C PHE B 212 -5.28 9.53 55.73
N ALA B 213 -5.39 10.70 55.11
CA ALA B 213 -6.68 11.30 54.76
C ALA B 213 -6.79 11.31 53.25
N ILE B 214 -7.98 11.01 52.74
CA ILE B 214 -8.20 10.89 51.30
C ILE B 214 -9.43 11.71 50.93
N GLN B 215 -9.29 12.56 49.91
CA GLN B 215 -10.40 13.35 49.40
C GLN B 215 -10.81 12.80 48.04
N GLY B 216 -12.08 12.43 47.91
CA GLY B 216 -12.52 11.72 46.73
C GLY B 216 -12.59 10.25 47.04
N PHE B 217 -13.66 9.59 46.63
CA PHE B 217 -13.79 8.15 46.83
C PHE B 217 -14.34 7.53 45.54
N GLY B 218 -13.74 7.90 44.44
CA GLY B 218 -14.03 7.37 43.14
C GLY B 218 -13.01 6.34 42.72
N ASN B 219 -12.81 6.23 41.40
CA ASN B 219 -11.92 5.21 40.86
C ASN B 219 -10.56 5.25 41.52
N VAL B 220 -10.01 6.45 41.72
CA VAL B 220 -8.69 6.53 42.32
C VAL B 220 -8.77 6.31 43.81
N GLY B 221 -9.69 7.01 44.48
CA GLY B 221 -9.70 7.02 45.93
C GLY B 221 -10.00 5.66 46.52
N THR B 222 -10.95 4.93 45.92
CA THR B 222 -11.30 3.63 46.50
C THR B 222 -10.10 2.71 46.44
N TRP B 223 -9.53 2.55 45.25
CA TRP B 223 -8.40 1.64 45.07
C TRP B 223 -7.20 2.08 45.86
N ALA B 224 -6.92 3.38 45.90
CA ALA B 224 -5.84 3.90 46.73
C ALA B 224 -6.07 3.53 48.19
N ALA B 225 -7.20 3.93 48.76
CA ALA B 225 -7.48 3.58 50.15
C ALA B 225 -7.37 2.08 50.35
N LYS B 226 -7.92 1.30 49.43
CA LYS B 226 -7.91 -0.16 49.59
C LYS B 226 -6.49 -0.70 49.65
N ALA B 227 -5.63 -0.25 48.71
CA ALA B 227 -4.24 -0.68 48.71
C ALA B 227 -3.51 -0.20 49.95
N ILE B 228 -3.91 0.95 50.49
CA ILE B 228 -3.32 1.44 51.74
C ILE B 228 -3.78 0.58 52.90
N PHE B 229 -5.07 0.26 52.93
CA PHE B 229 -5.65 -0.51 54.01
C PHE B 229 -5.04 -1.92 54.07
N GLU B 230 -4.75 -2.51 52.91
CA GLU B 230 -4.16 -3.85 52.86
C GLU B 230 -2.68 -3.87 53.20
N ARG B 231 -1.98 -2.74 53.10
CA ARG B 231 -0.58 -2.66 53.50
C ARG B 231 -0.41 -2.18 54.94
N GLY B 232 -1.47 -2.25 55.74
CA GLY B 232 -1.41 -1.82 57.12
C GLY B 232 -1.69 -0.34 57.36
N GLY B 233 -1.95 0.43 56.31
CA GLY B 233 -2.17 1.85 56.48
C GLY B 233 -3.44 2.15 57.25
N LYS B 234 -3.47 3.32 57.88
CA LYS B 234 -4.59 3.76 58.70
C LYS B 234 -5.22 4.97 58.02
N VAL B 235 -6.34 4.74 57.32
CA VAL B 235 -7.10 5.82 56.70
C VAL B 235 -8.04 6.38 57.74
N VAL B 236 -7.82 7.65 58.12
CA VAL B 236 -8.57 8.26 59.22
C VAL B 236 -9.59 9.28 58.73
N ALA B 237 -9.61 9.61 57.45
CA ALA B 237 -10.67 10.45 56.93
C ALA B 237 -10.84 10.19 55.44
N VAL B 238 -12.09 10.18 54.99
CA VAL B 238 -12.45 9.97 53.60
C VAL B 238 -13.66 10.85 53.29
N SER B 239 -13.56 11.67 52.24
CA SER B 239 -14.67 12.49 51.80
C SER B 239 -14.91 12.27 50.31
N ASP B 240 -16.10 12.64 49.88
CA ASP B 240 -16.33 12.88 48.45
C ASP B 240 -17.31 14.04 48.33
N ILE B 241 -18.08 14.08 47.24
CA ILE B 241 -18.83 15.29 46.92
C ILE B 241 -19.98 15.53 47.91
N ASN B 242 -20.48 14.50 48.58
CA ASN B 242 -21.68 14.61 49.41
C ASN B 242 -21.38 14.70 50.90
N GLY B 243 -20.49 13.86 51.39
CA GLY B 243 -20.23 13.81 52.82
C GLY B 243 -18.80 13.39 53.08
N ALA B 244 -18.49 13.12 54.35
CA ALA B 244 -17.15 12.73 54.73
C ALA B 244 -17.21 12.00 56.05
N ILE B 245 -16.35 11.00 56.20
CA ILE B 245 -16.37 10.11 57.35
C ILE B 245 -14.97 10.09 57.94
N SER B 246 -14.88 9.87 59.24
CA SER B 246 -13.62 9.95 59.96
C SER B 246 -13.57 8.89 61.04
N ASN B 247 -12.35 8.47 61.38
CA ASN B 247 -12.16 7.60 62.54
C ASN B 247 -10.67 7.54 62.88
N PRO B 248 -10.27 7.98 64.08
CA PRO B 248 -8.83 7.97 64.40
C PRO B 248 -8.23 6.58 64.38
N ASN B 249 -9.07 5.55 64.51
CA ASN B 249 -8.62 4.17 64.58
C ASN B 249 -8.42 3.52 63.22
N GLY B 250 -8.69 4.23 62.13
CA GLY B 250 -8.57 3.65 60.82
C GLY B 250 -9.88 3.05 60.34
N ILE B 251 -10.52 3.75 59.41
CA ILE B 251 -11.74 3.24 58.77
C ILE B 251 -11.43 1.88 58.16
N ASP B 252 -12.19 0.87 58.58
CA ASP B 252 -12.18 -0.41 57.89
C ASP B 252 -12.62 -0.20 56.45
N ILE B 253 -11.65 0.01 55.55
CA ILE B 253 -11.96 0.33 54.16
C ILE B 253 -12.69 -0.82 53.50
N ALA B 254 -12.42 -2.05 53.93
CA ALA B 254 -13.09 -3.20 53.35
C ALA B 254 -14.60 -3.11 53.53
N ALA B 255 -15.03 -2.75 54.73
CA ALA B 255 -16.47 -2.63 55.00
C ALA B 255 -17.05 -1.35 54.42
N LEU B 256 -16.24 -0.31 54.24
CA LEU B 256 -16.74 0.92 53.62
C LEU B 256 -16.95 0.72 52.12
N LEU B 257 -16.18 -0.18 51.51
CA LEU B 257 -16.32 -0.40 50.07
C LEU B 257 -17.59 -1.17 49.74
N LYS B 258 -18.00 -2.11 50.61
CA LYS B 258 -19.25 -2.81 50.38
C LYS B 258 -20.45 -2.08 50.96
N HIS B 259 -20.24 -1.10 51.83
CA HIS B 259 -21.30 -0.15 52.14
C HIS B 259 -21.52 0.79 50.95
N LYS B 260 -20.44 1.21 50.29
CA LYS B 260 -20.58 2.05 49.11
C LYS B 260 -21.32 1.30 48.00
N ALA B 261 -21.06 0.00 47.87
CA ALA B 261 -21.61 -0.78 46.78
C ALA B 261 -23.03 -1.28 47.03
N GLY B 262 -23.54 -1.13 48.25
CA GLY B 262 -24.96 -1.29 48.49
C GLY B 262 -25.63 0.05 48.31
N ASN B 263 -25.03 0.87 47.43
CA ASN B 263 -25.35 2.29 47.31
C ASN B 263 -25.61 2.89 48.68
N GLY B 264 -24.53 3.12 49.42
CA GLY B 264 -24.57 3.90 50.63
C GLY B 264 -23.56 5.02 50.57
N SER B 265 -23.82 6.08 51.33
CA SER B 265 -22.97 7.26 51.34
C SER B 265 -22.04 7.24 52.55
N LEU B 266 -21.00 8.07 52.47
CA LEU B 266 -19.95 8.08 53.48
C LEU B 266 -20.49 8.48 54.85
N LYS B 267 -21.26 9.57 54.92
CA LYS B 267 -21.77 10.04 56.20
C LYS B 267 -22.53 8.95 56.94
N ASP B 268 -23.13 8.01 56.20
CA ASP B 268 -23.95 6.97 56.80
C ASP B 268 -23.10 5.89 57.47
N PHE B 269 -21.90 5.65 56.96
CA PHE B 269 -21.13 4.47 57.36
C PHE B 269 -21.11 4.31 58.87
N SER B 270 -21.13 3.06 59.32
CA SER B 270 -21.28 2.72 60.73
C SER B 270 -19.95 2.73 61.46
N GLY B 271 -18.93 2.09 60.91
CA GLY B 271 -17.62 2.11 61.52
C GLY B 271 -16.92 3.43 61.28
N GLY B 272 -17.64 4.52 61.48
CA GLY B 272 -17.12 5.83 61.20
C GLY B 272 -17.94 6.95 61.80
N ASP B 273 -17.27 8.07 62.06
CA ASP B 273 -17.91 9.26 62.59
C ASP B 273 -18.15 10.22 61.42
N ALA B 274 -19.39 10.67 61.26
CA ALA B 274 -19.70 11.61 60.20
C ALA B 274 -18.90 12.90 60.39
N MET B 275 -18.58 13.55 59.26
CA MET B 275 -17.59 14.62 59.26
C MET B 275 -17.94 15.63 58.17
N ASN B 276 -17.61 16.89 58.44
CA ASN B 276 -17.71 17.92 57.41
C ASN B 276 -16.57 17.76 56.41
N PRO B 277 -16.85 17.56 55.11
CA PRO B 277 -15.75 17.35 54.15
C PRO B 277 -14.74 18.49 54.11
N ASN B 278 -15.12 19.71 54.55
CA ASN B 278 -14.16 20.79 54.65
C ASN B 278 -13.08 20.50 55.69
N ASP B 279 -13.34 19.61 56.65
CA ASP B 279 -12.34 19.26 57.65
C ASP B 279 -11.20 18.41 57.09
N LEU B 280 -11.25 18.02 55.82
CA LEU B 280 -10.41 16.90 55.40
C LEU B 280 -8.99 17.36 55.08
N LEU B 281 -8.84 18.32 54.16
CA LEU B 281 -7.51 18.78 53.81
C LEU B 281 -6.77 19.31 55.02
N VAL B 282 -7.50 19.86 55.99
CA VAL B 282 -6.92 20.35 57.24
C VAL B 282 -7.23 19.37 58.36
N HIS B 283 -7.40 18.10 58.03
CA HIS B 283 -7.54 17.09 59.07
C HIS B 283 -6.16 16.62 59.52
N ASP B 284 -6.10 16.05 60.71
CA ASP B 284 -4.84 15.66 61.31
C ASP B 284 -4.43 14.29 60.79
N CYS B 285 -3.33 14.24 60.05
CA CYS B 285 -2.85 13.01 59.43
C CYS B 285 -1.36 13.17 59.17
N ASP B 286 -0.72 12.05 58.81
CA ASP B 286 0.64 12.10 58.30
C ASP B 286 0.69 12.39 56.81
N VAL B 287 -0.24 11.82 56.06
CA VAL B 287 -0.20 11.81 54.61
C VAL B 287 -1.57 12.24 54.09
N LEU B 288 -1.57 13.19 53.16
CA LEU B 288 -2.77 13.72 52.53
C LEU B 288 -2.80 13.27 51.08
N ILE B 289 -3.97 12.90 50.58
CA ILE B 289 -4.07 12.43 49.20
C ILE B 289 -5.31 13.01 48.51
N PRO B 290 -5.21 14.17 47.87
CA PRO B 290 -6.34 14.66 47.07
C PRO B 290 -6.59 13.74 45.88
N CYS B 291 -7.79 13.18 45.79
CA CYS B 291 -8.18 12.26 44.73
C CYS B 291 -9.45 12.70 44.03
N ALA B 292 -9.76 14.00 44.06
CA ALA B 292 -11.07 14.43 43.61
C ALA B 292 -10.95 15.51 42.55
N LEU B 293 -10.41 16.65 42.95
CA LEU B 293 -10.43 17.87 42.16
C LEU B 293 -9.13 18.63 42.43
N GLY B 294 -8.76 19.47 41.46
CA GLY B 294 -7.60 20.32 41.59
C GLY B 294 -7.90 21.59 42.38
N GLY B 295 -6.88 22.44 42.49
CA GLY B 295 -7.05 23.74 43.13
C GLY B 295 -7.49 23.70 44.58
N VAL B 296 -7.37 22.54 45.24
CA VAL B 296 -7.90 22.40 46.60
C VAL B 296 -6.95 22.89 47.67
N LEU B 297 -5.68 23.11 47.36
CA LEU B 297 -4.69 23.59 48.32
C LEU B 297 -4.14 24.93 47.83
N ASN B 298 -4.43 26.00 48.56
CA ASN B 298 -4.10 27.36 48.14
C ASN B 298 -3.53 28.10 49.36
N LYS B 299 -3.49 29.44 49.30
CA LYS B 299 -2.94 30.20 50.42
C LYS B 299 -3.86 30.18 51.64
N GLU B 300 -5.17 30.05 51.43
CA GLU B 300 -6.10 30.10 52.55
C GLU B 300 -5.87 28.95 53.51
N ASN B 301 -5.56 27.76 52.99
CA ASN B 301 -5.50 26.57 53.83
C ASN B 301 -4.13 25.91 53.88
N ALA B 302 -3.13 26.40 53.14
CA ALA B 302 -1.84 25.74 53.11
C ALA B 302 -1.16 25.72 54.47
N ASN B 303 -1.47 26.68 55.36
CA ASN B 303 -0.90 26.69 56.69
C ASN B 303 -1.63 25.78 57.66
N ASP B 304 -2.89 25.45 57.39
CA ASP B 304 -3.65 24.52 58.22
C ASP B 304 -3.39 23.06 57.87
N VAL B 305 -2.64 22.80 56.80
CA VAL B 305 -2.33 21.44 56.41
C VAL B 305 -1.52 20.78 57.52
N LYS B 306 -2.05 19.69 58.05
CA LYS B 306 -1.34 18.97 59.12
C LYS B 306 -0.31 18.02 58.56
N ALA B 307 -0.53 17.52 57.34
CA ALA B 307 0.23 16.40 56.83
C ALA B 307 1.68 16.76 56.55
N LYS B 308 2.56 15.76 56.71
CA LYS B 308 3.96 15.88 56.32
C LYS B 308 4.18 15.48 54.86
N PHE B 309 3.39 14.56 54.32
CA PHE B 309 3.49 14.17 52.91
C PHE B 309 2.16 14.42 52.23
N ILE B 310 2.22 14.89 50.99
CA ILE B 310 1.04 15.03 50.15
C ILE B 310 1.29 14.26 48.87
N ILE B 311 0.42 13.32 48.56
CA ILE B 311 0.50 12.55 47.33
C ILE B 311 -0.57 13.11 46.41
N GLU B 312 -0.16 13.84 45.38
CA GLU B 312 -1.10 14.44 44.45
C GLU B 312 -1.61 13.36 43.50
N ALA B 313 -2.86 12.96 43.68
CA ALA B 313 -3.49 12.02 42.76
C ALA B 313 -4.40 12.71 41.77
N ALA B 314 -5.23 13.64 42.23
CA ALA B 314 -5.96 14.51 41.32
C ALA B 314 -4.96 15.39 40.57
N ASN B 315 -5.41 15.97 39.46
CA ASN B 315 -4.55 16.83 38.66
C ASN B 315 -4.54 18.25 39.21
N HIS B 316 -3.34 18.77 39.44
CA HIS B 316 -3.12 20.16 39.82
C HIS B 316 -3.80 20.48 41.16
N PRO B 317 -3.65 19.62 42.18
CA PRO B 317 -4.33 19.91 43.45
C PRO B 317 -3.76 21.13 44.16
N THR B 318 -2.47 21.35 44.05
CA THR B 318 -1.80 22.45 44.73
C THR B 318 -1.53 23.58 43.76
N ASP B 319 -1.52 24.80 44.28
CA ASP B 319 -1.17 25.97 43.51
C ASP B 319 0.24 26.42 43.86
N PRO B 320 0.87 27.23 43.01
CA PRO B 320 2.24 27.68 43.32
C PRO B 320 2.40 28.27 44.71
N ASP B 321 1.41 29.05 45.16
CA ASP B 321 1.54 29.75 46.44
C ASP B 321 1.70 28.77 47.59
N ALA B 322 0.84 27.74 47.63
CA ALA B 322 1.00 26.72 48.67
C ALA B 322 2.30 25.95 48.49
N ASP B 323 2.73 25.72 47.23
CA ASP B 323 3.98 25.00 47.00
C ASP B 323 5.10 25.56 47.87
N GLU B 324 5.23 26.89 47.92
CA GLU B 324 6.30 27.47 48.71
C GLU B 324 5.94 27.51 50.20
N ILE B 325 4.66 27.76 50.53
CA ILE B 325 4.25 27.68 51.94
C ILE B 325 4.60 26.31 52.50
N LEU B 326 4.03 25.26 51.90
CA LEU B 326 4.29 23.89 52.37
C LEU B 326 5.75 23.52 52.20
N SER B 327 6.45 24.09 51.21
CA SER B 327 7.88 23.87 51.09
C SER B 327 8.62 24.36 52.34
N LYS B 328 8.37 25.61 52.72
CA LYS B 328 8.99 26.15 53.93
C LYS B 328 8.57 25.36 55.16
N LYS B 329 7.32 24.89 55.20
CA LYS B 329 6.85 24.08 56.32
C LYS B 329 7.51 22.71 56.37
N GLY B 330 8.23 22.32 55.32
CA GLY B 330 8.93 21.05 55.27
C GLY B 330 8.17 19.91 54.62
N VAL B 331 7.02 20.18 54.02
CA VAL B 331 6.14 19.13 53.51
C VAL B 331 6.67 18.66 52.16
N ILE B 332 6.78 17.33 51.99
CA ILE B 332 7.21 16.72 50.74
C ILE B 332 5.97 16.44 49.89
N ILE B 333 5.97 16.94 48.66
CA ILE B 333 4.83 16.79 47.75
C ILE B 333 5.28 15.91 46.58
N LEU B 334 4.64 14.75 46.46
CA LEU B 334 4.84 13.88 45.31
C LEU B 334 3.96 14.35 44.17
N PRO B 335 4.52 14.75 43.03
CA PRO B 335 3.77 15.55 42.06
C PRO B 335 2.79 14.72 41.23
N ASP B 336 1.69 15.38 40.86
CA ASP B 336 0.63 14.70 40.11
C ASP B 336 1.15 14.01 38.85
N VAL B 337 2.03 14.66 38.09
CA VAL B 337 2.40 14.10 36.79
C VAL B 337 3.00 12.71 36.94
N TYR B 338 3.62 12.41 38.09
CA TYR B 338 4.13 11.07 38.33
C TYR B 338 3.14 10.18 39.08
N ALA B 339 2.53 10.70 40.16
CA ALA B 339 1.92 9.80 41.12
C ALA B 339 0.65 9.14 40.59
N ASN B 340 -0.09 9.78 39.69
CA ASN B 340 -1.28 9.16 39.13
C ASN B 340 -1.02 8.49 37.78
N ALA B 341 0.25 8.23 37.47
CA ALA B 341 0.64 7.72 36.16
C ALA B 341 0.36 6.23 35.97
N GLY B 342 -0.18 5.56 36.99
CA GLY B 342 -0.46 4.14 36.83
C GLY B 342 -1.48 3.86 35.75
N GLY B 343 -2.47 4.74 35.58
CA GLY B 343 -3.44 4.55 34.52
C GLY B 343 -2.80 4.51 33.15
N VAL B 344 -2.06 5.56 32.80
CA VAL B 344 -1.45 5.59 31.47
C VAL B 344 -0.42 4.47 31.32
N THR B 345 0.20 4.04 32.41
CA THR B 345 1.19 2.97 32.31
C THR B 345 0.52 1.65 31.96
N VAL B 346 -0.62 1.34 32.60
CA VAL B 346 -1.32 0.10 32.24
C VAL B 346 -1.91 0.20 30.83
N SER B 347 -2.32 1.39 30.37
CA SER B 347 -2.75 1.51 28.98
C SER B 347 -1.61 1.14 28.02
N TYR B 348 -0.38 1.52 28.36
CA TYR B 348 0.77 1.05 27.60
C TYR B 348 0.85 -0.46 27.62
N PHE B 349 0.69 -1.06 28.81
CA PHE B 349 0.74 -2.52 28.87
C PHE B 349 -0.37 -3.17 28.05
N GLU B 350 -1.54 -2.54 27.97
CA GLU B 350 -2.58 -3.07 27.10
C GLU B 350 -2.11 -3.10 25.65
N TRP B 351 -1.57 -1.98 25.17
CA TRP B 351 -1.00 -1.92 23.83
C TRP B 351 0.06 -3.00 23.62
N VAL B 352 1.00 -3.14 24.55
CA VAL B 352 2.01 -4.20 24.48
C VAL B 352 1.38 -5.57 24.33
N GLN B 353 0.39 -5.88 25.16
CA GLN B 353 -0.22 -7.21 25.14
C GLN B 353 -0.87 -7.45 23.78
N ASN B 354 -1.44 -6.39 23.21
CA ASN B 354 -2.11 -6.53 21.91
C ASN B 354 -1.07 -6.76 20.83
N ILE B 355 -0.01 -5.95 20.83
CA ILE B 355 1.10 -6.13 19.88
C ILE B 355 1.66 -7.54 19.95
N GLN B 356 1.82 -8.07 21.17
CA GLN B 356 2.38 -9.40 21.39
C GLN B 356 1.38 -10.52 21.10
N GLY B 357 0.12 -10.19 20.86
CA GLY B 357 -0.92 -11.16 20.57
C GLY B 357 -1.32 -12.07 21.71
N PHE B 358 -0.99 -11.73 22.94
CA PHE B 358 -1.15 -12.64 24.08
C PHE B 358 -1.34 -11.82 25.34
N MET B 359 -2.49 -11.99 25.99
CA MET B 359 -2.82 -11.17 27.15
C MET B 359 -2.11 -11.69 28.40
N TRP B 360 -1.73 -10.78 29.28
CA TRP B 360 -1.09 -11.11 30.56
C TRP B 360 -2.12 -11.40 31.64
N ASP B 361 -1.73 -12.19 32.66
CA ASP B 361 -2.62 -12.24 33.80
C ASP B 361 -2.40 -11.01 34.68
N GLU B 362 -3.32 -10.83 35.64
CA GLU B 362 -3.29 -9.63 36.47
C GLU B 362 -2.05 -9.56 37.36
N GLU B 363 -1.56 -10.70 37.87
CA GLU B 363 -0.32 -10.70 38.65
C GLU B 363 0.82 -10.07 37.83
N LYS B 364 0.91 -10.39 36.54
CA LYS B 364 1.97 -9.84 35.70
C LYS B 364 1.77 -8.34 35.41
N VAL B 365 0.53 -7.91 35.16
CA VAL B 365 0.28 -6.48 34.98
C VAL B 365 0.81 -5.70 36.18
N ASN B 366 0.49 -6.15 37.40
CA ASN B 366 0.87 -5.36 38.58
C ASN B 366 2.36 -5.46 38.91
N GLN B 367 2.98 -6.59 38.60
CA GLN B 367 4.44 -6.68 38.71
C GLN B 367 5.11 -5.64 37.82
N GLU B 368 4.68 -5.56 36.56
CA GLU B 368 5.23 -4.58 35.64
C GLU B 368 4.87 -3.16 36.06
N LEU B 369 3.64 -2.94 36.52
CA LEU B 369 3.26 -1.63 37.01
C LEU B 369 4.17 -1.19 38.15
N LYS B 370 4.42 -2.09 39.10
CA LYS B 370 5.32 -1.76 40.19
C LYS B 370 6.72 -1.45 39.68
N ARG B 371 7.23 -2.26 38.75
CA ARG B 371 8.56 -2.00 38.21
C ARG B 371 8.64 -0.63 37.56
N TYR B 372 7.62 -0.25 36.79
CA TYR B 372 7.67 1.04 36.12
C TYR B 372 7.57 2.19 37.10
N MET B 373 6.61 2.12 38.05
CA MET B 373 6.49 3.20 39.02
C MET B 373 7.75 3.32 39.89
N THR B 374 8.35 2.19 40.26
CA THR B 374 9.53 2.27 41.13
C THR B 374 10.74 2.82 40.38
N LYS B 375 10.95 2.37 39.15
CA LYS B 375 12.03 2.93 38.34
C LYS B 375 11.85 4.44 38.12
N ALA B 376 10.64 4.89 37.82
CA ALA B 376 10.42 6.32 37.65
C ALA B 376 10.83 7.10 38.90
N PHE B 377 10.39 6.64 40.07
CA PHE B 377 10.72 7.40 41.26
C PHE B 377 12.23 7.53 41.42
N ASN B 378 12.94 6.43 41.18
CA ASN B 378 14.39 6.47 41.34
C ASN B 378 15.05 7.41 40.32
N ASP B 379 14.50 7.52 39.13
CA ASP B 379 15.04 8.48 38.15
C ASP B 379 14.67 9.92 38.50
N ILE B 380 13.48 10.11 39.08
CA ILE B 380 13.10 11.44 39.59
C ILE B 380 14.06 11.84 40.69
N LYS B 381 14.35 10.93 41.63
CA LYS B 381 15.21 11.28 42.75
C LYS B 381 16.63 11.59 42.29
N ALA B 382 17.14 10.86 41.30
CA ALA B 382 18.49 11.16 40.82
C ALA B 382 18.52 12.54 40.16
N ASN B 383 17.50 12.88 39.38
CA ASN B 383 17.41 14.21 38.80
C ASN B 383 17.35 15.28 39.88
N CYS B 384 16.56 15.04 40.92
CA CYS B 384 16.47 16.01 42.02
C CYS B 384 17.85 16.28 42.61
N LYS B 385 18.66 15.24 42.76
CA LYS B 385 20.02 15.44 43.26
C LYS B 385 20.84 16.23 42.24
N THR B 386 20.70 15.90 40.96
CA THR B 386 21.47 16.61 39.93
C THR B 386 21.19 18.11 39.95
N HIS B 387 19.96 18.50 39.68
CA HIS B 387 19.62 19.91 39.60
C HIS B 387 19.23 20.49 40.94
N ASN B 388 19.24 19.69 42.00
CA ASN B 388 19.03 20.21 43.35
C ASN B 388 17.66 20.91 43.44
N CYS B 389 16.60 20.15 43.17
CA CYS B 389 15.26 20.71 43.08
C CYS B 389 14.26 19.82 43.82
N ASP B 390 13.06 20.36 44.04
CA ASP B 390 11.97 19.61 44.65
C ASP B 390 11.46 18.51 43.72
N LEU B 391 10.59 17.66 44.27
CA LEU B 391 10.14 16.51 43.50
C LEU B 391 9.45 16.94 42.20
N ARG B 392 8.63 17.98 42.26
CA ARG B 392 7.89 18.40 41.08
C ARG B 392 8.85 18.71 39.94
N MET B 393 9.86 19.53 40.20
CA MET B 393 10.81 19.86 39.14
C MET B 393 11.69 18.68 38.79
N GLY B 394 12.02 17.80 39.74
CA GLY B 394 12.73 16.59 39.37
C GLY B 394 11.99 15.79 38.31
N ALA B 395 10.66 15.74 38.41
CA ALA B 395 9.87 14.96 37.45
C ALA B 395 9.77 15.66 36.11
N PHE B 396 9.42 16.96 36.11
CA PHE B 396 9.26 17.68 34.86
C PHE B 396 10.56 17.79 34.10
N THR B 397 11.68 18.03 34.79
CA THR B 397 12.95 18.08 34.07
C THR B 397 13.30 16.72 33.49
N LEU B 398 12.97 15.64 34.21
CA LEU B 398 13.23 14.32 33.68
C LEU B 398 12.42 14.07 32.41
N GLY B 399 11.15 14.44 32.42
CA GLY B 399 10.33 14.21 31.23
C GLY B 399 10.73 15.13 30.08
N LEU B 400 10.89 16.41 30.37
CA LEU B 400 11.27 17.35 29.31
C LEU B 400 12.64 16.98 28.73
N ASN B 401 13.60 16.63 29.58
CA ASN B 401 14.93 16.31 29.07
C ASN B 401 14.91 15.04 28.21
N ARG B 402 14.09 14.04 28.57
CA ARG B 402 13.98 12.84 27.75
C ARG B 402 13.43 13.17 26.36
N VAL B 403 12.45 14.06 26.30
CA VAL B 403 11.89 14.44 25.00
C VAL B 403 12.91 15.21 24.20
N ALA B 404 13.60 16.16 24.85
CA ALA B 404 14.64 16.92 24.17
C ALA B 404 15.75 16.01 23.65
N ARG B 405 16.22 15.05 24.48
CA ARG B 405 17.32 14.19 24.07
C ARG B 405 16.93 13.36 22.85
N ALA B 406 15.74 12.78 22.89
CA ALA B 406 15.24 12.01 21.75
C ALA B 406 15.12 12.88 20.51
N THR B 407 14.67 14.11 20.68
CA THR B 407 14.49 14.98 19.53
C THR B 407 15.83 15.34 18.91
N LEU B 408 16.83 15.59 19.77
CA LEU B 408 18.15 15.98 19.31
C LEU B 408 18.86 14.81 18.66
N LEU B 409 18.63 13.59 19.16
CA LEU B 409 19.23 12.40 18.56
C LEU B 409 18.67 12.14 17.17
N ARG B 410 17.36 12.32 17.00
CA ARG B 410 16.73 12.08 15.72
C ARG B 410 17.17 13.10 14.70
N GLY B 411 17.45 14.33 15.10
CA GLY B 411 18.06 15.29 14.22
C GLY B 411 17.03 16.10 13.46
N TRP B 412 17.57 16.98 12.62
CA TRP B 412 16.79 18.05 12.00
C TRP B 412 16.91 18.14 10.49
N GLU B 413 17.80 17.39 9.85
CA GLU B 413 17.85 17.42 8.40
C GLU B 413 16.70 16.57 7.86
N ALA B 414 16.25 16.89 6.65
CA ALA B 414 15.02 16.27 6.14
C ALA B 414 15.28 14.91 5.47
N ASN C 5 32.16 -0.18 -28.07
CA ASN C 5 31.96 0.99 -28.90
C ASN C 5 30.64 1.75 -28.59
N ALA C 6 29.61 1.08 -28.07
CA ALA C 6 28.49 1.85 -27.52
C ALA C 6 29.00 2.81 -26.47
N LEU C 7 29.89 2.32 -25.60
CA LEU C 7 30.50 3.19 -24.61
C LEU C 7 31.37 4.25 -25.29
N VAL C 8 32.14 3.84 -26.30
CA VAL C 8 33.05 4.78 -26.98
C VAL C 8 32.25 5.93 -27.58
N ALA C 9 31.28 5.60 -28.43
CA ALA C 9 30.54 6.65 -29.14
C ALA C 9 29.69 7.46 -28.16
N THR C 10 29.07 6.82 -27.18
CA THR C 10 28.25 7.58 -26.26
C THR C 10 29.08 8.51 -25.41
N ASN C 11 30.28 8.08 -25.02
CA ASN C 11 31.12 8.93 -24.21
C ASN C 11 31.68 10.10 -25.03
N ARG C 12 32.08 9.84 -26.27
CA ARG C 12 32.50 10.92 -27.17
C ARG C 12 31.42 11.98 -27.32
N ASN C 13 30.18 11.55 -27.57
CA ASN C 13 29.10 12.51 -27.79
C ASN C 13 28.74 13.24 -26.51
N PHE C 14 28.71 12.53 -25.38
CA PHE C 14 28.43 13.17 -24.11
C PHE C 14 29.48 14.24 -23.79
N GLN C 15 30.76 13.89 -23.96
CA GLN C 15 31.83 14.81 -23.55
C GLN C 15 31.87 16.03 -24.46
N ARG C 16 31.68 15.84 -25.77
CA ARG C 16 31.60 16.99 -26.67
C ARG C 16 30.44 17.92 -26.30
N ALA C 17 29.26 17.34 -26.07
CA ALA C 17 28.08 18.14 -25.77
C ALA C 17 28.22 18.83 -24.42
N SER C 18 28.84 18.17 -23.45
CA SER C 18 29.05 18.76 -22.13
C SER C 18 29.95 19.99 -22.21
N ARG C 19 31.00 19.91 -23.02
CA ARG C 19 31.86 21.08 -23.21
C ARG C 19 31.13 22.22 -23.88
N ILE C 20 30.33 21.93 -24.90
CA ILE C 20 29.56 22.99 -25.58
C ILE C 20 28.61 23.65 -24.60
N LEU C 21 27.93 22.84 -23.78
CA LEU C 21 27.03 23.42 -22.81
C LEU C 21 27.77 24.04 -21.64
N GLY C 22 29.05 23.74 -21.48
CA GLY C 22 29.75 24.13 -20.26
C GLY C 22 29.13 23.56 -19.00
N LEU C 23 28.75 22.29 -19.03
CA LEU C 23 28.13 21.65 -17.86
C LEU C 23 29.07 21.68 -16.66
N ASP C 24 28.51 22.02 -15.50
CA ASP C 24 29.28 22.02 -14.26
C ASP C 24 29.83 20.64 -13.98
N SER C 25 31.09 20.57 -13.52
CA SER C 25 31.75 19.28 -13.42
C SER C 25 31.02 18.34 -12.45
N LYS C 26 30.50 18.87 -11.33
CA LYS C 26 29.86 18.01 -10.33
C LYS C 26 28.48 17.56 -10.77
N LEU C 27 27.73 18.44 -11.42
CA LEU C 27 26.52 18.00 -12.09
C LEU C 27 26.81 16.90 -13.08
N GLU C 28 27.87 17.04 -13.88
CA GLU C 28 28.22 16.01 -14.86
C GLU C 28 28.52 14.69 -14.17
N LYS C 29 29.22 14.73 -13.03
CA LYS C 29 29.53 13.51 -12.31
C LYS C 29 28.26 12.79 -11.87
N SER C 30 27.30 13.55 -11.33
CA SER C 30 26.00 12.97 -10.96
C SER C 30 25.29 12.36 -12.15
N LEU C 31 25.25 13.06 -13.30
CA LEU C 31 24.52 12.57 -14.45
C LEU C 31 25.09 11.27 -15.01
N LEU C 32 26.39 11.03 -14.79
CA LEU C 32 27.00 9.79 -15.25
C LEU C 32 26.79 8.63 -14.29
N ILE C 33 26.38 8.88 -13.05
CA ILE C 33 26.15 7.81 -12.08
C ILE C 33 24.71 7.31 -12.23
N PRO C 34 24.49 6.01 -12.45
CA PRO C 34 23.11 5.51 -12.54
C PRO C 34 22.32 5.72 -11.26
N TYR C 35 21.06 6.08 -11.43
CA TYR C 35 20.12 6.05 -10.30
C TYR C 35 20.21 4.76 -9.49
N ARG C 36 20.09 3.61 -10.15
CA ARG C 36 20.10 2.34 -9.42
C ARG C 36 20.59 1.21 -10.32
N GLU C 37 21.39 0.31 -9.75
CA GLU C 37 21.82 -0.91 -10.42
C GLU C 37 21.39 -2.09 -9.57
N ILE C 38 20.76 -3.09 -10.20
CA ILE C 38 20.16 -4.22 -9.52
C ILE C 38 20.66 -5.51 -10.17
N LYS C 39 21.04 -6.48 -9.34
CA LYS C 39 21.32 -7.84 -9.76
C LYS C 39 20.53 -8.78 -8.86
N VAL C 40 19.83 -9.75 -9.46
CA VAL C 40 19.00 -10.69 -8.69
C VAL C 40 19.23 -12.12 -9.14
N GLU C 41 19.18 -13.05 -8.18
CA GLU C 41 19.25 -14.46 -8.53
C GLU C 41 17.97 -14.87 -9.23
N CYS C 42 18.09 -15.58 -10.36
CA CYS C 42 16.95 -16.15 -11.07
C CYS C 42 17.19 -17.64 -11.25
N THR C 43 16.59 -18.45 -10.37
CA THR C 43 16.73 -19.91 -10.38
C THR C 43 15.37 -20.53 -10.69
N ILE C 44 15.35 -21.48 -11.61
CA ILE C 44 14.12 -22.16 -11.98
C ILE C 44 14.39 -23.65 -12.09
N PRO C 45 13.34 -24.45 -12.05
CA PRO C 45 13.45 -25.84 -12.45
C PRO C 45 13.36 -25.97 -13.97
N LYS C 46 14.25 -26.78 -14.53
CA LYS C 46 14.11 -27.15 -15.93
C LYS C 46 12.88 -28.04 -16.10
N ASP C 47 12.53 -28.34 -17.36
CA ASP C 47 11.39 -29.24 -17.59
C ASP C 47 11.58 -30.60 -16.92
N ASP C 48 12.82 -31.10 -16.83
CA ASP C 48 13.07 -32.36 -16.13
C ASP C 48 13.27 -32.21 -14.62
N GLY C 49 13.08 -31.01 -14.07
CA GLY C 49 13.17 -30.80 -12.65
C GLY C 49 14.52 -30.31 -12.13
N SER C 50 15.62 -30.48 -12.86
CA SER C 50 16.90 -30.04 -12.33
C SER C 50 16.96 -28.52 -12.34
N LEU C 51 17.77 -27.95 -11.43
CA LEU C 51 17.85 -26.49 -11.28
C LEU C 51 18.85 -25.87 -12.26
N VAL C 52 18.47 -24.69 -12.77
CA VAL C 52 19.39 -23.78 -13.44
C VAL C 52 19.31 -22.44 -12.73
N SER C 53 20.48 -21.80 -12.58
CA SER C 53 20.61 -20.50 -11.91
C SER C 53 21.31 -19.49 -12.80
N TYR C 54 20.65 -18.35 -12.99
CA TYR C 54 21.12 -17.21 -13.76
C TYR C 54 21.10 -15.96 -12.90
N VAL C 55 21.73 -14.90 -13.39
CA VAL C 55 21.66 -13.59 -12.75
C VAL C 55 20.92 -12.63 -13.66
N GLY C 56 19.82 -12.10 -13.17
CA GLY C 56 19.11 -11.04 -13.86
C GLY C 56 19.61 -9.69 -13.40
N PHE C 57 19.41 -8.66 -14.23
CA PHE C 57 19.96 -7.38 -13.86
C PHE C 57 19.19 -6.28 -14.56
N ARG C 58 19.25 -5.11 -13.96
CA ARG C 58 18.61 -3.93 -14.53
C ARG C 58 19.41 -2.74 -14.08
N ILE C 59 19.89 -1.94 -15.04
CA ILE C 59 20.56 -0.69 -14.79
C ILE C 59 19.55 0.41 -15.09
N GLN C 60 19.21 1.19 -14.08
CA GLN C 60 18.24 2.27 -14.18
C GLN C 60 19.05 3.56 -14.10
N HIS C 61 19.26 4.19 -15.25
CA HIS C 61 20.25 5.25 -15.30
C HIS C 61 19.71 6.56 -14.74
N ASP C 62 18.54 7.00 -15.20
CA ASP C 62 18.07 8.34 -14.87
C ASP C 62 16.56 8.43 -15.02
N ASN C 63 15.92 9.18 -14.10
CA ASN C 63 14.49 9.35 -14.17
C ASN C 63 14.08 10.80 -13.92
N ALA C 64 14.97 11.76 -14.16
CA ALA C 64 14.59 13.16 -13.95
C ALA C 64 13.43 13.56 -14.82
N ARG C 65 13.33 13.04 -16.04
CA ARG C 65 12.28 13.47 -16.95
C ARG C 65 11.05 12.54 -16.94
N GLY C 66 11.12 11.39 -16.28
CA GLY C 66 9.99 10.49 -16.22
C GLY C 66 10.47 9.09 -15.95
N PRO C 67 9.60 8.11 -16.09
CA PRO C 67 10.00 6.72 -15.80
C PRO C 67 11.13 6.27 -16.69
N MET C 68 11.91 5.32 -16.20
CA MET C 68 12.91 4.73 -17.06
C MET C 68 12.24 3.82 -18.08
N LYS C 69 12.98 3.56 -19.15
CA LYS C 69 12.53 2.79 -20.30
C LYS C 69 13.73 2.07 -20.89
N GLY C 70 13.53 0.83 -21.33
CA GLY C 70 14.61 0.14 -22.03
C GLY C 70 14.41 -1.36 -22.10
N GLY C 71 15.24 -1.96 -22.98
CA GLY C 71 15.09 -3.35 -23.31
C GLY C 71 15.59 -4.31 -22.24
N ILE C 72 15.08 -5.53 -22.38
CA ILE C 72 15.52 -6.71 -21.62
C ILE C 72 16.22 -7.65 -22.60
N ARG C 73 17.50 -7.90 -22.41
CA ARG C 73 18.29 -8.75 -23.29
C ARG C 73 18.51 -10.11 -22.63
N TYR C 74 18.07 -11.19 -23.29
CA TYR C 74 18.42 -12.55 -22.87
C TYR C 74 19.59 -12.95 -23.75
N HIS C 75 20.80 -12.84 -23.22
CA HIS C 75 21.98 -13.14 -24.00
C HIS C 75 23.10 -13.55 -23.04
N PRO C 76 23.98 -14.48 -23.47
CA PRO C 76 25.00 -15.01 -22.54
C PRO C 76 26.15 -14.08 -22.23
N GLU C 77 26.47 -13.16 -23.14
CA GLU C 77 27.60 -12.26 -22.93
C GLU C 77 27.06 -10.97 -22.36
N VAL C 78 27.48 -10.63 -21.14
CA VAL C 78 27.05 -9.42 -20.46
C VAL C 78 28.30 -8.57 -20.21
N ASP C 79 28.38 -7.43 -20.87
CA ASP C 79 29.45 -6.51 -20.56
C ASP C 79 28.85 -5.37 -19.75
N PRO C 80 29.24 -5.18 -18.50
CA PRO C 80 28.57 -4.15 -17.70
C PRO C 80 28.82 -2.76 -18.21
N ASP C 81 29.98 -2.50 -18.82
CA ASP C 81 30.23 -1.19 -19.41
C ASP C 81 29.25 -0.91 -20.54
N GLU C 82 28.94 -1.93 -21.35
CA GLU C 82 27.99 -1.76 -22.46
C GLU C 82 26.57 -1.55 -21.94
N VAL C 83 26.14 -2.40 -20.99
CA VAL C 83 24.80 -2.23 -20.41
C VAL C 83 24.64 -0.82 -19.85
N ASN C 84 25.66 -0.36 -19.12
CA ASN C 84 25.62 0.97 -18.53
C ASN C 84 25.57 2.07 -19.58
N ALA C 85 26.33 1.91 -20.66
CA ALA C 85 26.36 2.95 -21.68
C ALA C 85 25.05 3.01 -22.44
N LEU C 86 24.42 1.86 -22.69
CA LEU C 86 23.18 1.90 -23.46
C LEU C 86 22.03 2.45 -22.62
N ALA C 87 22.04 2.23 -21.30
CA ALA C 87 21.03 2.86 -20.46
C ALA C 87 21.19 4.37 -20.46
N GLN C 88 22.44 4.81 -20.33
CA GLN C 88 22.74 6.25 -20.42
C GLN C 88 22.30 6.81 -21.75
N LEU C 89 22.57 6.10 -22.84
CA LEU C 89 22.24 6.65 -24.16
C LEU C 89 20.74 6.78 -24.35
N MET C 90 19.99 5.86 -23.75
CA MET C 90 18.53 5.93 -23.83
C MET C 90 18.02 7.16 -23.07
N THR C 91 18.67 7.54 -21.97
CA THR C 91 18.36 8.80 -21.31
C THR C 91 18.53 9.99 -22.25
N TRP C 92 19.65 10.05 -22.98
CA TRP C 92 19.85 11.17 -23.91
C TRP C 92 18.87 11.10 -25.07
N LYS C 93 18.64 9.91 -25.61
CA LYS C 93 17.79 9.74 -26.79
C LYS C 93 16.34 10.11 -26.49
N THR C 94 15.80 9.65 -25.35
CA THR C 94 14.43 10.01 -25.00
C THR C 94 14.30 11.52 -24.89
N ALA C 95 15.33 12.19 -24.36
CA ALA C 95 15.33 13.64 -24.25
C ALA C 95 15.39 14.32 -25.61
N VAL C 96 16.16 13.77 -26.57
CA VAL C 96 16.25 14.39 -27.88
C VAL C 96 14.89 14.52 -28.52
N VAL C 97 14.06 13.48 -28.44
CA VAL C 97 12.74 13.52 -29.08
C VAL C 97 11.65 13.97 -28.11
N ASP C 98 12.04 14.40 -26.91
CA ASP C 98 11.13 14.95 -25.92
C ASP C 98 10.02 13.97 -25.52
N ILE C 99 10.37 12.70 -25.31
CA ILE C 99 9.38 11.79 -24.71
C ILE C 99 9.68 11.68 -23.24
N PRO C 100 8.65 11.49 -22.38
CA PRO C 100 8.79 11.73 -20.95
C PRO C 100 9.31 10.49 -20.20
N TYR C 101 10.59 10.17 -20.45
CA TYR C 101 11.27 9.03 -19.85
C TYR C 101 12.74 9.35 -19.62
N GLY C 102 13.37 8.51 -18.77
CA GLY C 102 14.80 8.29 -18.80
C GLY C 102 15.16 6.89 -19.27
N GLY C 103 16.44 6.55 -19.15
CA GLY C 103 16.96 5.33 -19.72
C GLY C 103 17.23 4.23 -18.71
N ALA C 104 17.06 3.00 -19.20
CA ALA C 104 17.38 1.80 -18.41
C ALA C 104 17.75 0.71 -19.41
N LYS C 105 18.45 -0.30 -18.92
CA LYS C 105 18.79 -1.48 -19.71
C LYS C 105 18.92 -2.66 -18.78
N GLY C 106 18.33 -3.81 -19.16
CA GLY C 106 18.40 -5.02 -18.34
C GLY C 106 18.55 -6.31 -19.11
N GLY C 107 18.49 -7.44 -18.41
CA GLY C 107 18.54 -8.70 -19.10
C GLY C 107 18.83 -9.83 -18.12
N ILE C 108 18.97 -10.99 -18.69
CA ILE C 108 19.40 -12.17 -17.96
C ILE C 108 20.56 -12.79 -18.70
N GLY C 109 21.64 -13.08 -17.98
CA GLY C 109 22.75 -13.77 -18.54
C GLY C 109 22.44 -15.25 -18.73
N CYS C 110 21.86 -15.55 -19.90
CA CYS C 110 21.50 -16.90 -20.28
C CYS C 110 21.58 -16.99 -21.79
N ASN C 111 21.49 -18.23 -22.29
CA ASN C 111 21.35 -18.47 -23.73
C ASN C 111 19.99 -19.10 -24.01
N PRO C 112 19.03 -18.35 -24.56
CA PRO C 112 17.69 -18.93 -24.74
C PRO C 112 17.63 -20.08 -25.71
N LYS C 113 18.67 -20.29 -26.52
CA LYS C 113 18.70 -21.45 -27.39
C LYS C 113 18.72 -22.75 -26.59
N ASP C 114 19.23 -22.69 -25.35
CA ASP C 114 19.35 -23.86 -24.52
C ASP C 114 18.15 -24.07 -23.62
N LEU C 115 17.12 -23.23 -23.77
CA LEU C 115 15.94 -23.28 -22.93
C LEU C 115 14.71 -23.56 -23.77
N SER C 116 13.86 -24.43 -23.25
CA SER C 116 12.56 -24.69 -23.85
C SER C 116 11.64 -23.50 -23.61
N ILE C 117 10.54 -23.48 -24.37
CA ILE C 117 9.64 -22.35 -24.26
C ILE C 117 9.02 -22.29 -22.87
N SER C 118 8.81 -23.45 -22.24
CA SER C 118 8.26 -23.43 -20.88
C SER C 118 9.29 -22.95 -19.88
N GLU C 119 10.57 -23.33 -20.07
CA GLU C 119 11.63 -22.81 -19.23
C GLU C 119 11.80 -21.31 -19.41
N LEU C 120 11.70 -20.81 -20.65
CA LEU C 120 11.81 -19.37 -20.88
C LEU C 120 10.68 -18.63 -20.18
N GLU C 121 9.48 -19.18 -20.21
CA GLU C 121 8.38 -18.57 -19.47
C GLU C 121 8.64 -18.54 -17.96
N ARG C 122 9.04 -19.68 -17.39
CA ARG C 122 9.27 -19.67 -15.95
C ARG C 122 10.37 -18.68 -15.61
N LEU C 123 11.40 -18.60 -16.44
CA LEU C 123 12.52 -17.73 -16.16
C LEU C 123 12.05 -16.29 -16.19
N THR C 124 11.26 -15.95 -17.21
CA THR C 124 10.71 -14.60 -17.31
C THR C 124 9.84 -14.28 -16.11
N ARG C 125 9.02 -15.23 -15.68
CA ARG C 125 8.14 -14.92 -14.55
C ARG C 125 8.92 -14.74 -13.26
N VAL C 126 9.91 -15.60 -13.00
CA VAL C 126 10.73 -15.47 -11.81
C VAL C 126 11.48 -14.13 -11.83
N PHE C 127 12.08 -13.78 -12.98
CA PHE C 127 12.75 -12.48 -13.07
C PHE C 127 11.78 -11.37 -12.71
N THR C 128 10.57 -11.44 -13.25
CA THR C 128 9.55 -10.45 -12.93
C THR C 128 9.25 -10.45 -11.42
N GLN C 129 9.17 -11.62 -10.79
CA GLN C 129 8.96 -11.67 -9.33
C GLN C 129 10.08 -10.97 -8.58
N LYS C 130 11.33 -11.11 -9.06
CA LYS C 130 12.45 -10.51 -8.33
C LYS C 130 12.57 -9.00 -8.54
N ILE C 131 11.97 -8.43 -9.59
CA ILE C 131 12.13 -6.99 -9.84
C ILE C 131 10.80 -6.24 -9.88
N HIS C 132 9.69 -6.89 -9.50
CA HIS C 132 8.38 -6.23 -9.64
C HIS C 132 8.32 -4.93 -8.85
N ASP C 133 8.97 -4.87 -7.69
CA ASP C 133 8.95 -3.65 -6.88
C ASP C 133 9.85 -2.55 -7.44
N LEU C 134 10.70 -2.83 -8.43
CA LEU C 134 11.63 -1.86 -8.97
C LEU C 134 11.18 -1.33 -10.32
N ILE C 135 10.16 -1.91 -10.93
CA ILE C 135 9.65 -1.45 -12.20
C ILE C 135 8.20 -1.01 -11.99
N GLY C 136 7.52 -0.58 -13.04
CA GLY C 136 6.15 -0.08 -12.87
C GLY C 136 5.80 0.95 -13.93
N ILE C 137 4.52 1.15 -14.12
CA ILE C 137 4.04 2.03 -15.22
C ILE C 137 4.68 3.40 -15.14
N HIS C 138 4.90 3.88 -13.92
CA HIS C 138 5.46 5.21 -13.68
C HIS C 138 6.85 5.15 -13.10
N ARG C 139 7.52 4.00 -13.21
CA ARG C 139 8.81 3.80 -12.57
C ARG C 139 9.87 3.37 -13.57
N ASP C 140 9.59 2.33 -14.35
CA ASP C 140 10.50 1.69 -15.28
C ASP C 140 9.70 0.71 -16.14
N VAL C 141 9.71 0.93 -17.44
CA VAL C 141 8.90 0.26 -18.45
C VAL C 141 9.82 -0.57 -19.34
N PRO C 142 9.91 -1.89 -19.17
CA PRO C 142 10.77 -2.69 -20.03
C PRO C 142 10.18 -2.87 -21.43
N ALA C 143 11.06 -3.32 -22.32
CA ALA C 143 10.72 -3.55 -23.73
C ALA C 143 11.53 -4.73 -24.21
N PRO C 144 11.20 -5.29 -25.37
CA PRO C 144 12.03 -6.36 -25.95
C PRO C 144 13.40 -5.85 -26.35
N ASP C 145 14.30 -6.78 -26.57
CA ASP C 145 15.68 -6.52 -26.98
C ASP C 145 16.23 -7.83 -27.55
N MET C 146 17.55 -7.92 -27.72
CA MET C 146 18.12 -9.18 -28.18
C MET C 146 17.70 -10.32 -27.24
N GLY C 147 17.15 -11.39 -27.82
CA GLY C 147 16.75 -12.58 -27.14
C GLY C 147 15.38 -12.53 -26.50
N THR C 148 14.63 -11.44 -26.64
CA THR C 148 13.29 -11.36 -26.11
C THR C 148 12.35 -10.79 -27.16
N ASN C 149 11.04 -10.99 -26.96
CA ASN C 149 10.06 -10.64 -27.99
C ASN C 149 8.72 -10.30 -27.33
N SER C 150 7.66 -10.19 -28.14
CA SER C 150 6.38 -9.76 -27.59
C SER C 150 5.80 -10.80 -26.65
N GLN C 151 6.12 -12.07 -26.89
CA GLN C 151 5.69 -13.10 -25.95
C GLN C 151 6.39 -12.93 -24.61
N THR C 152 7.68 -12.58 -24.62
CA THR C 152 8.34 -12.29 -23.35
C THR C 152 7.60 -11.19 -22.59
N MET C 153 7.24 -10.11 -23.29
CA MET C 153 6.56 -9.00 -22.62
C MET C 153 5.18 -9.43 -22.10
N ALA C 154 4.47 -10.29 -22.83
CA ALA C 154 3.17 -10.74 -22.33
C ALA C 154 3.33 -11.48 -21.01
N TRP C 155 4.41 -12.26 -20.88
CA TRP C 155 4.65 -12.96 -19.62
C TRP C 155 5.03 -11.99 -18.50
N ILE C 156 5.81 -10.94 -18.80
CA ILE C 156 6.09 -9.95 -17.78
C ILE C 156 4.80 -9.28 -17.32
N LEU C 157 3.98 -8.85 -18.27
CA LEU C 157 2.72 -8.22 -17.97
C LEU C 157 1.90 -9.12 -17.05
N ASP C 158 1.79 -10.39 -17.43
CA ASP C 158 0.91 -11.27 -16.69
C ASP C 158 1.41 -11.49 -15.26
N GLU C 159 2.71 -11.67 -15.09
CA GLU C 159 3.23 -11.91 -13.74
C GLU C 159 3.21 -10.63 -12.91
N TYR C 160 3.58 -9.52 -13.54
CA TYR C 160 3.60 -8.24 -12.84
C TYR C 160 2.20 -7.92 -12.33
N SER C 161 1.18 -8.23 -13.14
CA SER C 161 -0.16 -7.84 -12.78
C SER C 161 -0.68 -8.64 -11.58
N LYS C 162 -0.05 -9.75 -11.25
CA LYS C 162 -0.44 -10.42 -10.01
C LYS C 162 -0.07 -9.59 -8.79
N PHE C 163 1.04 -8.86 -8.84
CA PHE C 163 1.56 -8.11 -7.70
C PHE C 163 0.95 -6.74 -7.56
N HIS C 164 0.53 -6.14 -8.68
CA HIS C 164 0.12 -4.74 -8.68
C HIS C 164 -1.18 -4.50 -9.41
N GLY C 165 -1.93 -5.55 -9.76
CA GLY C 165 -3.12 -5.38 -10.57
C GLY C 165 -2.79 -5.24 -12.05
N HIS C 166 -3.84 -5.43 -12.87
CA HIS C 166 -3.76 -5.30 -14.31
C HIS C 166 -3.09 -3.99 -14.71
N SER C 167 -1.94 -4.10 -15.40
CA SER C 167 -1.07 -2.95 -15.66
C SER C 167 -0.48 -3.03 -17.08
N PRO C 168 -1.31 -2.94 -18.11
CA PRO C 168 -0.80 -3.00 -19.51
C PRO C 168 0.39 -2.11 -19.80
N ALA C 169 0.44 -0.94 -19.23
CA ALA C 169 1.49 -0.01 -19.57
C ALA C 169 2.83 -0.33 -18.91
N VAL C 170 2.95 -1.46 -18.21
CA VAL C 170 4.21 -1.74 -17.53
C VAL C 170 5.30 -2.14 -18.51
N VAL C 171 4.96 -2.68 -19.68
CA VAL C 171 5.92 -3.08 -20.70
C VAL C 171 5.44 -2.55 -22.05
N THR C 172 6.36 -2.28 -22.94
CA THR C 172 6.00 -1.96 -24.32
C THR C 172 6.39 -3.13 -25.21
N GLY C 173 6.01 -3.06 -26.47
CA GLY C 173 6.23 -4.16 -27.39
C GLY C 173 5.36 -5.37 -27.16
N LYS C 174 4.16 -5.20 -26.58
CA LYS C 174 3.24 -6.28 -26.34
C LYS C 174 2.56 -6.77 -27.59
N PRO C 175 2.00 -7.98 -27.56
CA PRO C 175 1.10 -8.41 -28.65
C PRO C 175 -0.09 -7.45 -28.76
N ILE C 176 -0.57 -7.25 -30.00
CA ILE C 176 -1.77 -6.44 -30.20
C ILE C 176 -2.89 -6.88 -29.25
N ASP C 177 -3.05 -8.19 -29.07
CA ASP C 177 -4.16 -8.70 -28.25
C ASP C 177 -4.10 -8.23 -26.81
N LEU C 178 -2.95 -7.77 -26.34
CA LEU C 178 -2.79 -7.39 -24.95
C LEU C 178 -2.38 -5.94 -24.83
N GLY C 179 -2.78 -5.11 -25.79
CA GLY C 179 -2.56 -3.68 -25.73
C GLY C 179 -1.37 -3.16 -26.51
N GLY C 180 -0.77 -3.97 -27.37
CA GLY C 180 0.26 -3.44 -28.25
C GLY C 180 -0.34 -2.42 -29.22
N SER C 181 0.49 -1.47 -29.63
CA SER C 181 0.05 -0.41 -30.54
C SER C 181 0.14 -0.87 -31.99
N LEU C 182 -0.75 -0.32 -32.81
CA LEU C 182 -0.52 -0.37 -34.27
C LEU C 182 0.66 0.51 -34.67
N GLY C 183 1.16 0.26 -35.88
CA GLY C 183 2.21 1.04 -36.51
C GLY C 183 3.62 0.77 -36.03
N ARG C 184 3.86 -0.31 -35.29
CA ARG C 184 5.18 -0.51 -34.71
C ARG C 184 6.19 -1.06 -35.70
N GLU C 185 5.74 -1.86 -36.67
CA GLU C 185 6.65 -2.42 -37.67
C GLU C 185 7.36 -1.31 -38.45
N ALA C 186 6.58 -0.37 -38.96
CA ALA C 186 7.04 0.72 -39.81
C ALA C 186 7.67 1.87 -39.04
N ALA C 187 7.57 1.88 -37.72
CA ALA C 187 7.81 3.12 -36.99
C ALA C 187 9.20 3.67 -37.27
N THR C 188 10.22 2.80 -37.28
CA THR C 188 11.57 3.33 -37.37
C THR C 188 11.86 3.85 -38.77
N GLY C 189 11.53 3.06 -39.79
CA GLY C 189 11.82 3.48 -41.16
C GLY C 189 10.97 4.66 -41.59
N LEU C 190 9.69 4.64 -41.22
CA LEU C 190 8.84 5.79 -41.49
C LEU C 190 9.36 7.02 -40.77
N GLY C 191 9.80 6.84 -39.52
CA GLY C 191 10.36 7.97 -38.79
C GLY C 191 11.59 8.54 -39.47
N VAL C 192 12.46 7.67 -39.99
CA VAL C 192 13.60 8.14 -40.76
C VAL C 192 13.15 9.06 -41.88
N VAL C 193 12.07 8.69 -42.56
CA VAL C 193 11.59 9.52 -43.68
C VAL C 193 11.02 10.83 -43.17
N PHE C 194 10.23 10.79 -42.08
CA PHE C 194 9.72 12.01 -41.50
C PHE C 194 10.87 12.95 -41.17
N ALA C 195 11.92 12.42 -40.54
CA ALA C 195 13.06 13.25 -40.18
C ALA C 195 13.71 13.83 -41.42
N THR C 196 13.96 12.99 -42.43
CA THR C 196 14.53 13.44 -43.70
C THR C 196 13.69 14.54 -44.34
N GLU C 197 12.36 14.44 -44.23
CA GLU C 197 11.48 15.45 -44.80
C GLU C 197 11.68 16.80 -44.12
N ALA C 198 11.72 16.79 -42.80
CA ALA C 198 11.95 18.03 -42.07
C ALA C 198 13.31 18.62 -42.41
N LEU C 199 14.33 17.78 -42.54
CA LEU C 199 15.64 18.28 -42.97
C LEU C 199 15.59 18.91 -44.35
N PHE C 200 14.96 18.24 -45.33
CA PHE C 200 15.01 18.80 -46.68
C PHE C 200 14.21 20.10 -46.81
N ALA C 201 13.23 20.33 -45.92
CA ALA C 201 12.46 21.56 -45.99
C ALA C 201 13.33 22.78 -45.69
N GLU C 202 14.35 22.61 -44.85
CA GLU C 202 15.33 23.66 -44.61
C GLU C 202 16.01 24.13 -45.89
N TYR C 203 15.94 23.33 -46.95
CA TYR C 203 16.47 23.69 -48.25
C TYR C 203 15.35 23.96 -49.24
N GLY C 204 14.13 24.10 -48.76
CA GLY C 204 13.00 24.19 -49.69
C GLY C 204 12.98 23.08 -50.70
N LYS C 205 13.31 21.86 -50.27
CA LYS C 205 13.27 20.68 -51.12
C LYS C 205 12.38 19.62 -50.47
N SER C 206 12.00 18.62 -51.26
CA SER C 206 11.24 17.49 -50.75
C SER C 206 11.86 16.17 -51.22
N ILE C 207 11.33 15.07 -50.69
CA ILE C 207 11.82 13.72 -51.01
C ILE C 207 11.88 13.52 -52.51
N SER C 208 10.87 14.03 -53.23
CA SER C 208 10.71 13.78 -54.66
C SER C 208 11.82 14.38 -55.52
N ASP C 209 12.61 15.32 -54.99
CA ASP C 209 13.68 15.92 -55.79
C ASP C 209 15.00 15.17 -55.69
N MET C 210 15.02 14.01 -55.02
CA MET C 210 16.25 13.39 -54.53
C MET C 210 16.41 11.95 -55.01
N THR C 211 17.67 11.55 -55.18
CA THR C 211 18.01 10.15 -55.35
C THR C 211 18.61 9.61 -54.04
N PHE C 212 18.40 8.31 -53.80
CA PHE C 212 18.73 7.67 -52.52
C PHE C 212 19.43 6.34 -52.73
N ALA C 213 20.45 6.06 -51.90
CA ALA C 213 21.10 4.77 -51.84
C ALA C 213 20.94 4.25 -50.42
N ILE C 214 20.48 3.02 -50.28
CA ILE C 214 20.09 2.46 -48.98
C ILE C 214 20.92 1.22 -48.72
N GLN C 215 21.67 1.20 -47.60
CA GLN C 215 22.49 0.05 -47.22
C GLN C 215 21.75 -0.71 -46.15
N GLY C 216 21.32 -1.91 -46.49
CA GLY C 216 20.51 -2.72 -45.60
C GLY C 216 19.06 -2.69 -46.03
N PHE C 217 18.39 -3.82 -45.89
CA PHE C 217 17.03 -3.97 -46.36
C PHE C 217 16.24 -4.89 -45.44
N GLY C 218 16.27 -4.58 -44.15
CA GLY C 218 15.51 -5.33 -43.17
C GLY C 218 14.38 -4.49 -42.64
N ASN C 219 14.16 -4.53 -41.32
CA ASN C 219 13.04 -3.77 -40.78
C ASN C 219 13.15 -2.29 -41.12
N VAL C 220 14.35 -1.72 -41.03
CA VAL C 220 14.43 -0.28 -41.21
C VAL C 220 14.45 0.07 -42.67
N GLY C 221 15.28 -0.65 -43.44
CA GLY C 221 15.50 -0.31 -44.83
C GLY C 221 14.28 -0.54 -45.70
N THR C 222 13.55 -1.64 -45.46
CA THR C 222 12.37 -1.87 -46.28
C THR C 222 11.35 -0.75 -46.10
N TRP C 223 11.02 -0.42 -44.85
CA TRP C 223 9.99 0.59 -44.63
C TRP C 223 10.45 1.98 -45.04
N ALA C 224 11.73 2.30 -44.80
CA ALA C 224 12.26 3.57 -45.31
C ALA C 224 12.18 3.63 -46.81
N ALA C 225 12.63 2.57 -47.49
CA ALA C 225 12.57 2.56 -48.95
C ALA C 225 11.13 2.71 -49.43
N LYS C 226 10.19 2.00 -48.79
CA LYS C 226 8.79 2.11 -49.17
C LYS C 226 8.27 3.53 -48.99
N ALA C 227 8.53 4.12 -47.83
CA ALA C 227 8.02 5.46 -47.55
C ALA C 227 8.66 6.51 -48.46
N ILE C 228 9.95 6.32 -48.81
CA ILE C 228 10.59 7.18 -49.81
C ILE C 228 9.91 6.99 -51.15
N PHE C 229 9.68 5.75 -51.54
CA PHE C 229 9.15 5.47 -52.87
C PHE C 229 7.79 6.12 -53.05
N GLU C 230 6.94 6.03 -52.03
CA GLU C 230 5.58 6.55 -52.09
C GLU C 230 5.55 8.08 -52.10
N ARG C 231 6.64 8.74 -51.71
CA ARG C 231 6.72 10.19 -51.67
C ARG C 231 7.46 10.78 -52.87
N GLY C 232 7.68 9.99 -53.92
CA GLY C 232 8.33 10.46 -55.13
C GLY C 232 9.83 10.26 -55.17
N GLY C 233 10.44 9.77 -54.10
CA GLY C 233 11.88 9.60 -54.10
C GLY C 233 12.32 8.49 -55.05
N LYS C 234 13.48 8.69 -55.66
CA LYS C 234 14.11 7.69 -56.54
C LYS C 234 15.16 6.96 -55.73
N VAL C 235 14.92 5.67 -55.46
CA VAL C 235 15.88 4.81 -54.78
C VAL C 235 16.74 4.15 -55.85
N VAL C 236 17.94 4.68 -56.06
CA VAL C 236 18.80 4.22 -57.14
C VAL C 236 19.66 3.01 -56.76
N ALA C 237 19.81 2.70 -55.48
CA ALA C 237 20.60 1.54 -55.12
C ALA C 237 20.20 1.02 -53.74
N VAL C 238 20.20 -0.32 -53.61
CA VAL C 238 19.87 -0.97 -52.35
C VAL C 238 20.80 -2.16 -52.18
N SER C 239 21.32 -2.34 -50.97
CA SER C 239 22.17 -3.47 -50.66
C SER C 239 21.65 -4.17 -49.42
N ASP C 240 22.02 -5.43 -49.29
CA ASP C 240 21.85 -6.14 -48.04
C ASP C 240 23.06 -7.06 -47.88
N ILE C 241 22.91 -8.09 -47.06
CA ILE C 241 24.10 -8.85 -46.71
C ILE C 241 24.61 -9.63 -47.91
N ASN C 242 23.72 -10.06 -48.82
CA ASN C 242 24.07 -11.02 -49.86
C ASN C 242 24.21 -10.43 -51.26
N GLY C 243 23.96 -9.15 -51.46
CA GLY C 243 24.06 -8.59 -52.80
C GLY C 243 23.53 -7.17 -52.83
N ALA C 244 23.48 -6.63 -54.04
CA ALA C 244 23.02 -5.26 -54.20
C ALA C 244 22.42 -5.09 -55.59
N ILE C 245 21.61 -4.05 -55.72
CA ILE C 245 20.80 -3.84 -56.91
C ILE C 245 20.79 -2.34 -57.22
N SER C 246 20.84 -1.99 -58.49
CA SER C 246 21.00 -0.60 -58.89
C SER C 246 20.07 -0.27 -60.04
N ASN C 247 19.55 0.96 -60.04
CA ASN C 247 18.84 1.47 -61.19
C ASN C 247 18.87 2.99 -61.20
N PRO C 248 19.53 3.64 -62.17
CA PRO C 248 19.57 5.11 -62.13
C PRO C 248 18.20 5.75 -62.32
N ASN C 249 17.23 5.03 -62.85
CA ASN C 249 15.88 5.56 -63.00
C ASN C 249 14.97 5.27 -61.82
N GLY C 250 15.53 4.81 -60.70
CA GLY C 250 14.72 4.45 -59.56
C GLY C 250 14.23 3.03 -59.68
N ILE C 251 14.32 2.29 -58.60
CA ILE C 251 13.86 0.92 -58.50
C ILE C 251 12.39 0.94 -58.11
N ASP C 252 11.59 0.06 -58.72
CA ASP C 252 10.21 -0.15 -58.28
C ASP C 252 10.25 -0.87 -56.94
N ILE C 253 10.04 -0.11 -55.87
CA ILE C 253 10.24 -0.64 -54.52
C ILE C 253 9.09 -1.57 -54.14
N ALA C 254 7.90 -1.36 -54.69
CA ALA C 254 6.82 -2.31 -54.43
C ALA C 254 7.14 -3.66 -55.05
N ALA C 255 7.67 -3.64 -56.29
CA ALA C 255 8.07 -4.88 -56.95
C ALA C 255 9.26 -5.52 -56.24
N LEU C 256 10.22 -4.71 -55.81
CA LEU C 256 11.35 -5.25 -55.04
C LEU C 256 10.85 -5.90 -53.76
N LEU C 257 9.98 -5.21 -53.01
CA LEU C 257 9.45 -5.78 -51.76
C LEU C 257 8.75 -7.11 -52.02
N LYS C 258 7.94 -7.20 -53.07
CA LYS C 258 7.21 -8.43 -53.31
C LYS C 258 8.14 -9.54 -53.81
N HIS C 259 9.22 -9.16 -54.53
CA HIS C 259 10.27 -10.11 -54.86
C HIS C 259 10.97 -10.63 -53.61
N LYS C 260 11.08 -9.81 -52.56
CA LYS C 260 11.69 -10.25 -51.32
C LYS C 260 10.80 -11.27 -50.60
N ALA C 261 9.55 -10.89 -50.33
CA ALA C 261 8.65 -11.77 -49.60
C ALA C 261 8.43 -13.09 -50.33
N GLY C 262 8.67 -13.12 -51.63
CA GLY C 262 8.70 -14.36 -52.38
C GLY C 262 10.03 -15.07 -52.34
N ASN C 263 10.95 -14.64 -51.47
CA ASN C 263 12.26 -15.29 -51.28
C ASN C 263 13.14 -15.13 -52.52
N GLY C 264 13.31 -13.89 -52.96
CA GLY C 264 14.19 -13.56 -54.06
C GLY C 264 15.29 -12.61 -53.66
N SER C 265 16.54 -12.99 -53.89
CA SER C 265 17.65 -12.15 -53.47
C SER C 265 17.71 -10.87 -54.31
N LEU C 266 18.34 -9.83 -53.74
CA LEU C 266 18.42 -8.55 -54.42
C LEU C 266 19.05 -8.68 -55.80
N LYS C 267 20.18 -9.38 -55.89
CA LYS C 267 20.98 -9.34 -57.12
C LYS C 267 20.22 -9.86 -58.32
N ASP C 268 19.36 -10.88 -58.14
CA ASP C 268 18.65 -11.46 -59.27
C ASP C 268 17.22 -10.94 -59.38
N PHE C 269 17.00 -9.67 -59.03
CA PHE C 269 15.73 -9.00 -59.25
C PHE C 269 15.72 -8.29 -60.60
N SER C 270 14.62 -8.45 -61.33
CA SER C 270 14.61 -8.09 -62.75
C SER C 270 14.65 -6.58 -62.96
N GLY C 271 14.06 -5.81 -62.06
CA GLY C 271 13.91 -4.38 -62.27
C GLY C 271 15.16 -3.56 -62.01
N GLY C 272 16.31 -4.22 -61.94
CA GLY C 272 17.55 -3.53 -61.70
C GLY C 272 18.75 -4.32 -62.16
N ASP C 273 19.90 -3.67 -62.10
CA ASP C 273 21.18 -4.29 -62.37
C ASP C 273 21.82 -4.73 -61.07
N ALA C 274 22.41 -5.92 -61.08
CA ALA C 274 23.18 -6.36 -59.92
C ALA C 274 24.44 -5.51 -59.81
N MET C 275 24.79 -5.12 -58.57
CA MET C 275 26.01 -4.36 -58.32
C MET C 275 26.71 -4.94 -57.10
N ASN C 276 27.97 -4.52 -56.93
CA ASN C 276 28.79 -4.90 -55.78
C ASN C 276 28.35 -4.16 -54.52
N PRO C 277 27.84 -4.86 -53.49
CA PRO C 277 27.41 -4.14 -52.28
C PRO C 277 28.51 -3.32 -51.63
N ASN C 278 29.78 -3.65 -51.91
CA ASN C 278 30.90 -2.85 -51.46
C ASN C 278 30.98 -1.49 -52.13
N ASP C 279 30.23 -1.25 -53.20
CA ASP C 279 30.20 0.04 -53.87
C ASP C 279 29.00 0.89 -53.48
N LEU C 280 28.10 0.39 -52.63
CA LEU C 280 26.88 1.13 -52.38
C LEU C 280 27.15 2.46 -51.68
N LEU C 281 28.04 2.46 -50.69
CA LEU C 281 28.26 3.67 -49.90
C LEU C 281 28.89 4.80 -50.72
N VAL C 282 29.69 4.48 -51.74
CA VAL C 282 30.29 5.49 -52.61
C VAL C 282 29.49 5.66 -53.90
N HIS C 283 28.25 5.18 -53.92
CA HIS C 283 27.38 5.28 -55.09
C HIS C 283 26.96 6.72 -55.34
N ASP C 284 26.82 7.07 -56.61
CA ASP C 284 26.29 8.38 -56.99
C ASP C 284 24.84 8.52 -56.51
N CYS C 285 24.58 9.52 -55.68
CA CYS C 285 23.25 9.74 -55.14
C CYS C 285 23.28 11.05 -54.37
N ASP C 286 22.10 11.63 -54.13
CA ASP C 286 22.04 12.80 -53.27
C ASP C 286 22.07 12.41 -51.79
N VAL C 287 21.44 11.29 -51.46
CA VAL C 287 21.14 10.92 -50.09
C VAL C 287 21.59 9.48 -49.87
N LEU C 288 22.37 9.25 -48.83
CA LEU C 288 22.82 7.92 -48.47
C LEU C 288 22.23 7.59 -47.12
N ILE C 289 21.61 6.41 -47.03
CA ILE C 289 20.97 5.97 -45.80
C ILE C 289 21.54 4.64 -45.31
N PRO C 290 22.53 4.67 -44.40
CA PRO C 290 23.00 3.40 -43.82
C PRO C 290 21.95 2.83 -42.88
N CYS C 291 21.42 1.66 -43.24
CA CYS C 291 20.38 0.96 -42.48
C CYS C 291 20.78 -0.45 -42.09
N ALA C 292 22.09 -0.77 -42.08
CA ALA C 292 22.57 -2.11 -41.74
C ALA C 292 23.44 -2.10 -40.48
N LEU C 293 24.74 -1.94 -40.63
CA LEU C 293 25.71 -2.03 -39.55
C LEU C 293 26.25 -0.65 -39.19
N GLY C 294 26.82 -0.54 -37.98
CA GLY C 294 27.61 0.63 -37.61
C GLY C 294 29.07 0.51 -38.12
N GLY C 295 29.80 1.64 -38.08
CA GLY C 295 31.20 1.62 -38.44
C GLY C 295 31.50 1.46 -39.93
N VAL C 296 30.55 1.77 -40.80
CA VAL C 296 30.74 1.49 -42.23
C VAL C 296 31.45 2.63 -42.96
N LEU C 297 31.36 3.86 -42.45
CA LEU C 297 32.03 5.01 -43.05
C LEU C 297 33.24 5.35 -42.18
N ASN C 298 34.40 5.46 -42.81
CA ASN C 298 35.64 5.69 -42.07
C ASN C 298 36.62 6.42 -42.99
N LYS C 299 37.86 6.54 -42.52
CA LYS C 299 38.88 7.25 -43.27
C LYS C 299 39.11 6.67 -44.64
N GLU C 300 38.72 5.41 -44.84
CA GLU C 300 39.09 4.70 -46.05
C GLU C 300 38.13 4.96 -47.19
N ASN C 301 36.87 5.26 -46.91
CA ASN C 301 35.92 5.53 -47.97
C ASN C 301 35.24 6.89 -47.86
N ALA C 302 35.45 7.63 -46.77
CA ALA C 302 34.74 8.88 -46.58
C ALA C 302 34.99 9.84 -47.73
N ASN C 303 36.22 9.89 -48.25
CA ASN C 303 36.52 10.84 -49.31
C ASN C 303 35.84 10.50 -50.62
N ASP C 304 35.35 9.26 -50.77
CA ASP C 304 34.72 8.82 -52.00
C ASP C 304 33.21 8.85 -51.95
N VAL C 305 32.63 9.21 -50.80
CA VAL C 305 31.18 9.36 -50.69
C VAL C 305 30.74 10.52 -51.57
N LYS C 306 29.67 10.30 -52.32
CA LYS C 306 29.17 11.28 -53.27
C LYS C 306 27.92 12.00 -52.79
N ALA C 307 27.14 11.41 -51.90
CA ALA C 307 25.93 12.06 -51.39
C ALA C 307 26.26 13.39 -50.70
N LYS C 308 25.31 14.29 -50.71
CA LYS C 308 25.44 15.48 -49.89
C LYS C 308 24.76 15.35 -48.55
N PHE C 309 23.87 14.36 -48.41
CA PHE C 309 23.17 14.07 -47.16
C PHE C 309 23.40 12.63 -46.75
N ILE C 310 23.66 12.41 -45.47
CA ILE C 310 23.74 11.07 -44.90
C ILE C 310 22.70 11.02 -43.78
N ILE C 311 21.75 10.10 -43.90
CA ILE C 311 20.69 9.90 -42.90
C ILE C 311 21.08 8.67 -42.07
N GLU C 312 21.53 8.89 -40.84
CA GLU C 312 22.07 7.79 -40.04
C GLU C 312 20.92 7.01 -39.41
N ALA C 313 20.49 5.94 -40.08
CA ALA C 313 19.47 5.08 -39.49
C ALA C 313 20.05 3.98 -38.62
N ALA C 314 21.09 3.29 -39.07
CA ALA C 314 21.82 2.37 -38.23
C ALA C 314 22.48 3.11 -37.08
N ASN C 315 22.92 2.32 -36.10
CA ASN C 315 23.62 2.82 -34.91
C ASN C 315 25.10 3.06 -35.23
N HIS C 316 25.54 4.34 -35.20
CA HIS C 316 26.95 4.75 -35.26
C HIS C 316 27.56 4.26 -36.58
N PRO C 317 26.93 4.59 -37.71
CA PRO C 317 27.53 4.20 -39.00
C PRO C 317 28.75 5.01 -39.36
N THR C 318 28.92 6.20 -38.78
CA THR C 318 30.00 7.11 -39.16
C THR C 318 31.03 7.21 -38.04
N ASP C 319 32.25 6.79 -38.33
CA ASP C 319 33.37 6.99 -37.44
C ASP C 319 33.70 8.48 -37.34
N PRO C 320 34.32 8.91 -36.23
CA PRO C 320 34.75 10.30 -36.14
C PRO C 320 35.68 10.72 -37.26
N ASP C 321 36.59 9.82 -37.68
CA ASP C 321 37.44 10.12 -38.83
C ASP C 321 36.59 10.60 -40.01
N ALA C 322 35.53 9.85 -40.30
CA ALA C 322 34.69 10.15 -41.46
C ALA C 322 33.80 11.35 -41.21
N ASP C 323 33.24 11.47 -40.00
CA ASP C 323 32.47 12.67 -39.61
C ASP C 323 33.21 13.94 -40.02
N GLU C 324 34.46 14.08 -39.55
CA GLU C 324 35.25 15.28 -39.86
C GLU C 324 35.57 15.39 -41.35
N ILE C 325 35.94 14.31 -42.00
CA ILE C 325 36.17 14.40 -43.43
C ILE C 325 34.91 14.88 -44.12
N LEU C 326 33.78 14.29 -43.76
CA LEU C 326 32.55 14.54 -44.49
C LEU C 326 32.04 15.96 -44.28
N SER C 327 32.15 16.48 -43.07
CA SER C 327 31.72 17.85 -42.82
C SER C 327 32.52 18.83 -43.67
N LYS C 328 33.84 18.64 -43.73
CA LYS C 328 34.66 19.56 -44.53
C LYS C 328 34.19 19.59 -45.98
N LYS C 329 33.86 18.42 -46.56
CA LYS C 329 33.33 18.38 -47.90
C LYS C 329 31.93 18.99 -48.00
N GLY C 330 31.35 19.43 -46.88
CA GLY C 330 30.02 20.02 -46.88
C GLY C 330 28.89 19.02 -46.79
N VAL C 331 29.18 17.80 -46.38
CA VAL C 331 28.15 16.79 -46.27
C VAL C 331 27.37 17.02 -44.98
N ILE C 332 26.06 16.90 -45.07
CA ILE C 332 25.17 17.15 -43.94
C ILE C 332 24.74 15.79 -43.41
N ILE C 333 24.98 15.54 -42.12
CA ILE C 333 24.77 14.23 -41.53
C ILE C 333 23.73 14.34 -40.43
N LEU C 334 22.57 13.71 -40.66
CA LEU C 334 21.49 13.67 -39.70
C LEU C 334 21.76 12.53 -38.74
N PRO C 335 21.93 12.80 -37.46
CA PRO C 335 22.53 11.81 -36.56
C PRO C 335 21.57 10.70 -36.11
N ASP C 336 22.16 9.52 -35.87
CA ASP C 336 21.39 8.33 -35.49
C ASP C 336 20.52 8.57 -34.27
N VAL C 337 21.04 9.25 -33.26
CA VAL C 337 20.29 9.36 -32.00
C VAL C 337 18.91 9.96 -32.27
N TYR C 338 18.83 10.85 -33.25
CA TYR C 338 17.55 11.41 -33.66
C TYR C 338 16.87 10.56 -34.72
N ALA C 339 17.61 10.27 -35.79
CA ALA C 339 16.98 9.86 -37.03
C ALA C 339 16.27 8.51 -36.91
N ASN C 340 16.77 7.57 -36.10
CA ASN C 340 16.14 6.26 -35.91
C ASN C 340 15.23 6.18 -34.69
N ALA C 341 14.85 7.30 -34.11
CA ALA C 341 14.04 7.30 -32.88
C ALA C 341 12.54 7.04 -33.10
N GLY C 342 12.13 6.68 -34.32
CA GLY C 342 10.72 6.41 -34.55
C GLY C 342 10.21 5.26 -33.70
N GLY C 343 10.95 4.15 -33.67
CA GLY C 343 10.58 3.00 -32.83
C GLY C 343 10.34 3.35 -31.37
N VAL C 344 11.27 4.06 -30.76
CA VAL C 344 11.10 4.36 -29.35
C VAL C 344 9.95 5.36 -29.15
N THR C 345 9.77 6.29 -30.09
CA THR C 345 8.63 7.22 -29.99
C THR C 345 7.30 6.46 -30.04
N VAL C 346 7.16 5.49 -30.94
CA VAL C 346 5.88 4.78 -30.98
C VAL C 346 5.72 3.89 -29.73
N SER C 347 6.82 3.43 -29.14
CA SER C 347 6.64 2.67 -27.89
C SER C 347 6.10 3.56 -26.77
N TYR C 348 6.49 4.84 -26.75
CA TYR C 348 5.85 5.83 -25.89
C TYR C 348 4.34 5.92 -26.17
N PHE C 349 3.97 6.01 -27.44
CA PHE C 349 2.56 6.04 -27.78
C PHE C 349 1.83 4.80 -27.27
N GLU C 350 2.47 3.62 -27.33
CA GLU C 350 1.85 2.42 -26.76
C GLU C 350 1.51 2.64 -25.29
N TRP C 351 2.49 3.08 -24.51
CA TRP C 351 2.29 3.36 -23.10
C TRP C 351 1.15 4.37 -22.89
N VAL C 352 1.15 5.47 -23.64
CA VAL C 352 0.06 6.44 -23.56
C VAL C 352 -1.28 5.78 -23.79
N GLN C 353 -1.39 5.01 -24.87
CA GLN C 353 -2.68 4.40 -25.20
C GLN C 353 -3.13 3.47 -24.08
N ASN C 354 -2.18 2.75 -23.48
CA ASN C 354 -2.55 1.86 -22.37
C ASN C 354 -3.04 2.68 -21.17
N ILE C 355 -2.31 3.74 -20.84
CA ILE C 355 -2.66 4.61 -19.72
C ILE C 355 -4.05 5.21 -19.93
N GLN C 356 -4.33 5.55 -21.18
CA GLN C 356 -5.58 6.20 -21.58
C GLN C 356 -6.74 5.21 -21.62
N GLY C 357 -6.44 3.93 -21.53
CA GLY C 357 -7.46 2.89 -21.60
C GLY C 357 -8.14 2.73 -22.93
N PHE C 358 -7.53 3.20 -24.03
CA PHE C 358 -8.26 3.45 -25.27
C PHE C 358 -7.26 3.56 -26.43
N MET C 359 -7.26 2.58 -27.32
CA MET C 359 -6.19 2.50 -28.30
C MET C 359 -6.45 3.49 -29.44
N TRP C 360 -5.39 3.85 -30.14
CA TRP C 360 -5.46 4.73 -31.31
C TRP C 360 -5.55 3.91 -32.59
N ASP C 361 -6.12 4.51 -33.64
CA ASP C 361 -5.96 3.85 -34.94
C ASP C 361 -4.60 4.20 -35.57
N GLU C 362 -4.22 3.47 -36.62
CA GLU C 362 -2.86 3.62 -37.16
C GLU C 362 -2.63 5.02 -37.72
N GLU C 363 -3.67 5.63 -38.27
CA GLU C 363 -3.52 6.98 -38.81
C GLU C 363 -3.13 7.96 -37.71
N LYS C 364 -3.71 7.80 -36.52
CA LYS C 364 -3.35 8.69 -35.43
C LYS C 364 -1.93 8.42 -34.94
N VAL C 365 -1.56 7.13 -34.79
CA VAL C 365 -0.19 6.81 -34.44
C VAL C 365 0.79 7.53 -35.38
N ASN C 366 0.53 7.51 -36.68
CA ASN C 366 1.51 8.05 -37.63
C ASN C 366 1.45 9.59 -37.71
N GLN C 367 0.31 10.17 -37.43
CA GLN C 367 0.23 11.62 -37.35
C GLN C 367 1.00 12.12 -36.14
N GLU C 368 0.90 11.42 -35.02
CA GLU C 368 1.66 11.81 -33.82
C GLU C 368 3.15 11.53 -34.00
N LEU C 369 3.50 10.45 -34.69
CA LEU C 369 4.92 10.20 -34.97
C LEU C 369 5.51 11.34 -35.81
N LYS C 370 4.77 11.78 -36.84
CA LYS C 370 5.25 12.88 -37.69
C LYS C 370 5.40 14.14 -36.87
N ARG C 371 4.42 14.41 -36.01
CA ARG C 371 4.50 15.60 -35.18
C ARG C 371 5.68 15.57 -34.26
N TYR C 372 5.95 14.41 -33.62
CA TYR C 372 7.06 14.30 -32.71
C TYR C 372 8.40 14.42 -33.44
N MET C 373 8.56 13.72 -34.56
CA MET C 373 9.83 13.80 -35.29
C MET C 373 10.10 15.20 -35.84
N THR C 374 9.06 15.87 -36.37
CA THR C 374 9.21 17.22 -36.90
C THR C 374 9.57 18.23 -35.82
N LYS C 375 8.90 18.15 -34.68
CA LYS C 375 9.23 19.05 -33.59
C LYS C 375 10.66 18.83 -33.12
N ALA C 376 11.08 17.56 -33.01
CA ALA C 376 12.45 17.29 -32.58
C ALA C 376 13.44 17.89 -33.57
N PHE C 377 13.16 17.78 -34.87
CA PHE C 377 14.09 18.39 -35.83
C PHE C 377 14.19 19.90 -35.64
N ASN C 378 13.04 20.56 -35.54
CA ASN C 378 13.05 22.00 -35.31
C ASN C 378 13.84 22.38 -34.06
N ASP C 379 13.70 21.59 -32.97
CA ASP C 379 14.43 21.88 -31.75
C ASP C 379 15.92 21.68 -31.94
N ILE C 380 16.31 20.61 -32.63
CA ILE C 380 17.71 20.37 -32.95
C ILE C 380 18.26 21.53 -33.78
N LYS C 381 17.51 21.93 -34.79
CA LYS C 381 17.97 23.04 -35.64
C LYS C 381 18.18 24.31 -34.83
N ALA C 382 17.26 24.61 -33.92
CA ALA C 382 17.41 25.84 -33.14
C ALA C 382 18.64 25.75 -32.23
N ASN C 383 18.98 24.54 -31.77
CA ASN C 383 20.17 24.37 -30.96
C ASN C 383 21.45 24.55 -31.76
N CYS C 384 21.48 24.05 -33.01
CA CYS C 384 22.62 24.30 -33.88
C CYS C 384 22.86 25.80 -34.06
N LYS C 385 21.79 26.57 -34.19
CA LYS C 385 21.94 28.02 -34.33
C LYS C 385 22.53 28.60 -33.05
N THR C 386 21.93 28.26 -31.90
CA THR C 386 22.43 28.69 -30.60
C THR C 386 23.92 28.40 -30.45
N HIS C 387 24.34 27.16 -30.70
CA HIS C 387 25.69 26.73 -30.39
C HIS C 387 26.60 26.69 -31.61
N ASN C 388 26.15 27.17 -32.77
CA ASN C 388 26.88 27.10 -34.02
C ASN C 388 27.60 25.77 -34.18
N CYS C 389 26.82 24.69 -34.19
CA CYS C 389 27.39 23.34 -34.20
C CYS C 389 26.65 22.49 -35.24
N ASP C 390 27.17 21.29 -35.50
CA ASP C 390 26.56 20.41 -36.47
C ASP C 390 25.33 19.70 -35.87
N LEU C 391 24.60 19.01 -36.74
CA LEU C 391 23.37 18.37 -36.33
C LEU C 391 23.61 17.37 -35.20
N ARG C 392 24.66 16.56 -35.29
CA ARG C 392 24.93 15.61 -34.21
C ARG C 392 25.05 16.32 -32.87
N MET C 393 25.80 17.42 -32.83
CA MET C 393 25.92 18.13 -31.56
C MET C 393 24.65 18.91 -31.22
N GLY C 394 23.90 19.37 -32.21
CA GLY C 394 22.63 19.99 -31.90
C GLY C 394 21.72 19.04 -31.15
N ALA C 395 21.73 17.78 -31.58
CA ALA C 395 20.91 16.76 -30.93
C ALA C 395 21.43 16.43 -29.52
N PHE C 396 22.72 16.12 -29.39
CA PHE C 396 23.19 15.70 -28.08
C PHE C 396 23.14 16.85 -27.08
N THR C 397 23.46 18.07 -27.50
CA THR C 397 23.32 19.18 -26.58
C THR C 397 21.88 19.39 -26.19
N LEU C 398 20.94 19.13 -27.10
CA LEU C 398 19.53 19.28 -26.77
C LEU C 398 19.13 18.26 -25.71
N GLY C 399 19.50 17.00 -25.93
CA GLY C 399 19.09 15.96 -24.99
C GLY C 399 19.78 16.09 -23.64
N LEU C 400 21.07 16.33 -23.66
CA LEU C 400 21.80 16.52 -22.41
C LEU C 400 21.26 17.73 -21.65
N ASN C 401 20.99 18.84 -22.34
CA ASN C 401 20.51 20.03 -21.64
C ASN C 401 19.16 19.80 -21.02
N ARG C 402 18.26 19.08 -21.71
CA ARG C 402 16.95 18.83 -21.11
C ARG C 402 17.08 18.01 -19.83
N VAL C 403 17.93 16.97 -19.85
CA VAL C 403 18.13 16.16 -18.64
C VAL C 403 18.75 17.00 -17.55
N ALA C 404 19.72 17.85 -17.90
CA ALA C 404 20.31 18.70 -16.87
C ALA C 404 19.29 19.68 -16.29
N ARG C 405 18.45 20.31 -17.14
CA ARG C 405 17.45 21.26 -16.66
C ARG C 405 16.47 20.59 -15.73
N ALA C 406 15.95 19.43 -16.13
CA ALA C 406 15.03 18.68 -15.28
C ALA C 406 15.67 18.34 -13.94
N THR C 407 16.93 17.92 -13.98
CA THR C 407 17.66 17.57 -12.77
C THR C 407 17.86 18.77 -11.86
N LEU C 408 18.29 19.91 -12.43
CA LEU C 408 18.47 21.14 -11.65
C LEU C 408 17.15 21.64 -11.08
N LEU C 409 16.06 21.51 -11.82
CA LEU C 409 14.77 21.99 -11.30
C LEU C 409 14.27 21.10 -10.16
N ARG C 410 14.56 19.80 -10.21
CA ARG C 410 14.14 18.94 -9.10
C ARG C 410 14.94 19.25 -7.84
N GLY C 411 16.19 19.53 -8.00
CA GLY C 411 17.00 19.94 -6.88
C GLY C 411 17.50 18.74 -6.12
N TRP C 412 18.19 19.05 -5.02
CA TRP C 412 19.01 18.08 -4.33
C TRP C 412 18.85 18.07 -2.83
N GLU C 413 18.04 18.97 -2.26
CA GLU C 413 17.86 18.92 -0.82
C GLU C 413 17.05 17.67 -0.47
N ALA C 414 17.19 17.20 0.76
CA ALA C 414 16.60 15.92 1.13
C ALA C 414 15.08 16.01 1.39
N THR D 10 37.52 -15.36 1.90
CA THR D 10 37.92 -16.65 1.35
C THR D 10 36.79 -17.69 1.50
N ASN D 11 36.66 -18.52 0.47
CA ASN D 11 35.64 -19.55 0.37
C ASN D 11 36.09 -20.89 0.94
N ARG D 12 37.26 -20.94 1.57
CA ARG D 12 37.81 -22.19 2.09
C ARG D 12 36.83 -22.88 3.04
N ASN D 13 36.33 -22.15 4.04
CA ASN D 13 35.48 -22.79 5.04
C ASN D 13 34.19 -23.29 4.43
N PHE D 14 33.58 -22.50 3.54
CA PHE D 14 32.38 -22.97 2.86
C PHE D 14 32.68 -24.22 2.05
N GLN D 15 33.80 -24.23 1.34
CA GLN D 15 34.13 -25.36 0.48
C GLN D 15 34.37 -26.62 1.29
N ARG D 16 35.10 -26.52 2.39
CA ARG D 16 35.32 -27.68 3.27
C ARG D 16 33.99 -28.25 3.76
N ALA D 17 33.14 -27.38 4.32
CA ALA D 17 31.86 -27.81 4.87
C ALA D 17 30.93 -28.32 3.80
N SER D 18 30.95 -27.71 2.61
CA SER D 18 30.14 -28.21 1.51
C SER D 18 30.42 -29.70 1.21
N ARG D 19 31.67 -30.11 1.25
CA ARG D 19 31.98 -31.49 0.90
C ARG D 19 31.71 -32.45 2.05
N ILE D 20 31.83 -32.01 3.30
CA ILE D 20 31.40 -32.87 4.41
C ILE D 20 29.93 -33.19 4.28
N LEU D 21 29.12 -32.17 3.95
CA LEU D 21 27.68 -32.35 3.85
C LEU D 21 27.26 -33.08 2.59
N GLY D 22 28.14 -33.14 1.59
CA GLY D 22 27.76 -33.69 0.31
C GLY D 22 26.70 -32.86 -0.38
N LEU D 23 26.83 -31.53 -0.32
CA LEU D 23 25.84 -30.66 -0.94
C LEU D 23 25.79 -30.85 -2.45
N ASP D 24 24.57 -30.95 -2.96
CA ASP D 24 24.31 -31.01 -4.39
C ASP D 24 24.94 -29.81 -5.10
N SER D 25 25.55 -30.07 -6.26
CA SER D 25 26.24 -29.04 -6.99
C SER D 25 25.32 -27.88 -7.36
N LYS D 26 24.09 -28.17 -7.82
CA LYS D 26 23.17 -27.12 -8.25
C LYS D 26 22.70 -26.29 -7.07
N LEU D 27 22.39 -26.94 -5.95
CA LEU D 27 22.06 -26.20 -4.74
C LEU D 27 23.20 -25.30 -4.32
N GLU D 28 24.42 -25.83 -4.36
CA GLU D 28 25.59 -25.06 -3.94
C GLU D 28 25.74 -23.81 -4.79
N LYS D 29 25.53 -23.95 -6.09
CA LYS D 29 25.63 -22.80 -6.99
C LYS D 29 24.63 -21.72 -6.60
N SER D 30 23.39 -22.11 -6.31
CA SER D 30 22.37 -21.14 -5.92
C SER D 30 22.75 -20.47 -4.61
N LEU D 31 23.22 -21.25 -3.62
CA LEU D 31 23.54 -20.68 -2.31
C LEU D 31 24.63 -19.63 -2.41
N LEU D 32 25.50 -19.70 -3.42
CA LEU D 32 26.57 -18.72 -3.58
C LEU D 32 26.14 -17.45 -4.33
N ILE D 33 25.05 -17.50 -5.08
CA ILE D 33 24.56 -16.29 -5.78
C ILE D 33 23.75 -15.46 -4.79
N PRO D 34 24.04 -14.17 -4.64
CA PRO D 34 23.26 -13.36 -3.70
C PRO D 34 21.84 -13.20 -4.20
N TYR D 35 20.92 -13.16 -3.24
CA TYR D 35 19.54 -12.86 -3.54
C TYR D 35 19.41 -11.56 -4.35
N ARG D 36 20.03 -10.49 -3.86
CA ARG D 36 19.96 -9.20 -4.53
C ARG D 36 21.18 -8.33 -4.20
N GLU D 37 21.73 -7.67 -5.23
CA GLU D 37 22.78 -6.70 -5.08
C GLU D 37 22.24 -5.36 -5.60
N ILE D 38 22.50 -4.29 -4.86
CA ILE D 38 21.93 -2.97 -5.15
C ILE D 38 23.03 -1.93 -5.02
N LYS D 39 23.07 -1.01 -5.98
CA LYS D 39 23.90 0.17 -5.92
C LYS D 39 23.02 1.37 -6.23
N VAL D 40 23.15 2.45 -5.45
CA VAL D 40 22.31 3.63 -5.65
C VAL D 40 23.16 4.88 -5.60
N GLU D 41 22.76 5.89 -6.40
CA GLU D 41 23.42 7.19 -6.29
C GLU D 41 22.98 7.89 -5.02
N CYS D 42 23.92 8.44 -4.27
CA CYS D 42 23.64 9.26 -3.08
C CYS D 42 24.31 10.59 -3.29
N THR D 43 23.57 11.56 -3.85
CA THR D 43 24.08 12.91 -4.05
C THR D 43 23.46 13.83 -3.02
N ILE D 44 24.31 14.62 -2.37
CA ILE D 44 23.81 15.57 -1.37
C ILE D 44 24.43 16.93 -1.64
N PRO D 45 23.81 18.00 -1.17
CA PRO D 45 24.51 19.27 -1.11
C PRO D 45 25.40 19.30 0.11
N LYS D 46 26.62 19.78 -0.10
CA LYS D 46 27.52 20.01 1.02
C LYS D 46 27.09 21.27 1.76
N ASP D 47 27.77 21.52 2.88
CA ASP D 47 27.40 22.66 3.71
C ASP D 47 27.47 23.96 2.93
N ASP D 48 28.27 24.00 1.88
CA ASP D 48 28.46 25.18 1.04
C ASP D 48 27.62 25.13 -0.22
N GLY D 49 26.68 24.18 -0.29
CA GLY D 49 25.79 24.03 -1.42
C GLY D 49 26.36 23.33 -2.64
N SER D 50 27.68 23.17 -2.75
CA SER D 50 28.20 22.39 -3.87
C SER D 50 27.81 20.91 -3.72
N LEU D 51 27.72 20.20 -4.84
CA LEU D 51 27.27 18.82 -4.79
C LEU D 51 28.42 17.87 -4.50
N VAL D 52 28.08 16.73 -3.93
CA VAL D 52 28.99 15.60 -3.86
C VAL D 52 28.16 14.36 -4.10
N SER D 53 28.68 13.47 -4.93
CA SER D 53 27.99 12.24 -5.29
C SER D 53 28.80 11.05 -4.83
N TYR D 54 28.12 10.14 -4.19
CA TYR D 54 28.68 8.89 -3.72
C TYR D 54 27.79 7.76 -4.19
N VAL D 55 28.30 6.55 -4.11
CA VAL D 55 27.53 5.35 -4.47
C VAL D 55 27.30 4.53 -3.21
N GLY D 56 26.03 4.36 -2.86
CA GLY D 56 25.67 3.46 -1.78
C GLY D 56 25.34 2.08 -2.31
N PHE D 57 25.41 1.07 -1.45
CA PHE D 57 25.22 -0.28 -1.96
C PHE D 57 24.72 -1.16 -0.83
N ARG D 58 24.06 -2.23 -1.23
CA ARG D 58 23.65 -3.28 -0.28
C ARG D 58 23.67 -4.61 -1.01
N ILE D 59 24.41 -5.56 -0.45
CA ILE D 59 24.42 -6.93 -0.92
C ILE D 59 23.56 -7.71 0.06
N GLN D 60 22.49 -8.26 -0.44
CA GLN D 60 21.54 -9.08 0.31
C GLN D 60 21.76 -10.53 -0.12
N HIS D 61 22.48 -11.30 0.71
CA HIS D 61 22.92 -12.60 0.22
C HIS D 61 21.80 -13.65 0.28
N ASP D 62 21.17 -13.83 1.43
CA ASP D 62 20.23 -14.92 1.57
C ASP D 62 19.19 -14.57 2.61
N ASN D 63 17.94 -14.98 2.36
CA ASN D 63 16.87 -14.77 3.33
C ASN D 63 16.04 -16.04 3.54
N ALA D 64 16.62 -17.20 3.30
CA ALA D 64 15.89 -18.44 3.49
C ALA D 64 15.39 -18.59 4.92
N ARG D 65 16.17 -18.14 5.90
CA ARG D 65 15.87 -18.35 7.30
C ARG D 65 15.25 -17.14 7.98
N GLY D 66 15.17 -16.01 7.30
CA GLY D 66 14.58 -14.84 7.87
C GLY D 66 15.04 -13.57 7.18
N PRO D 67 14.67 -12.43 7.73
CA PRO D 67 15.16 -11.16 7.19
C PRO D 67 16.69 -11.14 7.15
N MET D 68 17.23 -10.37 6.23
CA MET D 68 18.67 -10.24 6.21
C MET D 68 19.11 -9.28 7.29
N LYS D 69 20.41 -9.32 7.59
CA LYS D 69 20.98 -8.59 8.69
C LYS D 69 22.42 -8.22 8.34
N GLY D 70 22.86 -7.02 8.69
CA GLY D 70 24.30 -6.77 8.55
C GLY D 70 24.65 -5.29 8.47
N GLY D 71 25.95 -5.03 8.64
CA GLY D 71 26.43 -3.69 8.92
C GLY D 71 26.41 -2.80 7.67
N ILE D 72 26.44 -1.50 7.92
CA ILE D 72 26.62 -0.45 6.91
C ILE D 72 27.96 0.20 7.15
N ARG D 73 28.85 0.13 6.16
CA ARG D 73 30.23 0.61 6.25
C ARG D 73 30.35 1.95 5.49
N TYR D 74 30.77 3.01 6.18
CA TYR D 74 31.12 4.27 5.51
C TYR D 74 32.64 4.28 5.46
N HIS D 75 33.19 3.99 4.29
CA HIS D 75 34.62 3.76 4.14
C HIS D 75 34.93 3.87 2.66
N PRO D 76 36.05 4.45 2.27
CA PRO D 76 36.29 4.68 0.84
C PRO D 76 36.68 3.41 0.10
N GLU D 77 37.54 2.59 0.69
CA GLU D 77 37.94 1.37 0.01
C GLU D 77 36.74 0.44 -0.02
N VAL D 78 36.18 0.22 -1.21
CA VAL D 78 35.12 -0.74 -1.40
C VAL D 78 35.60 -1.80 -2.38
N ASP D 79 35.69 -3.04 -1.92
CA ASP D 79 36.03 -4.18 -2.76
C ASP D 79 34.81 -5.07 -2.83
N PRO D 80 34.18 -5.23 -4.00
CA PRO D 80 32.92 -5.98 -4.05
C PRO D 80 33.06 -7.40 -3.59
N ASP D 81 34.23 -8.01 -3.79
CA ASP D 81 34.38 -9.40 -3.38
C ASP D 81 34.47 -9.51 -1.85
N GLU D 82 35.06 -8.52 -1.18
CA GLU D 82 35.08 -8.56 0.28
C GLU D 82 33.69 -8.34 0.87
N VAL D 83 32.94 -7.36 0.34
CA VAL D 83 31.57 -7.13 0.79
C VAL D 83 30.71 -8.37 0.58
N ASN D 84 30.86 -9.02 -0.58
CA ASN D 84 30.07 -10.23 -0.81
C ASN D 84 30.46 -11.34 0.15
N ALA D 85 31.77 -11.54 0.38
CA ALA D 85 32.17 -12.57 1.31
C ALA D 85 31.59 -12.31 2.69
N LEU D 86 31.56 -11.03 3.12
CA LEU D 86 31.12 -10.71 4.47
C LEU D 86 29.62 -10.91 4.62
N ALA D 87 28.84 -10.61 3.58
CA ALA D 87 27.41 -10.86 3.63
C ALA D 87 27.11 -12.34 3.70
N GLN D 88 27.89 -13.12 2.97
CA GLN D 88 27.73 -14.56 2.97
C GLN D 88 28.10 -15.14 4.33
N LEU D 89 29.18 -14.67 4.93
CA LEU D 89 29.58 -15.17 6.25
C LEU D 89 28.50 -14.90 7.30
N MET D 90 27.80 -13.75 7.20
CA MET D 90 26.72 -13.45 8.13
C MET D 90 25.57 -14.45 7.98
N THR D 91 25.28 -14.87 6.74
CA THR D 91 24.29 -15.92 6.54
C THR D 91 24.66 -17.21 7.29
N TRP D 92 25.92 -17.62 7.18
CA TRP D 92 26.32 -18.83 7.90
C TRP D 92 26.32 -18.58 9.41
N LYS D 93 26.77 -17.41 9.86
CA LYS D 93 26.95 -17.14 11.29
C LYS D 93 25.61 -17.05 12.02
N THR D 94 24.63 -16.39 11.41
CA THR D 94 23.28 -16.36 12.00
C THR D 94 22.73 -17.77 12.12
N ALA D 95 23.02 -18.62 11.14
CA ALA D 95 22.56 -19.99 11.20
C ALA D 95 23.27 -20.78 12.29
N VAL D 96 24.54 -20.45 12.56
CA VAL D 96 25.28 -21.20 13.58
C VAL D 96 24.61 -21.06 14.95
N VAL D 97 24.23 -19.83 15.33
CA VAL D 97 23.60 -19.61 16.64
C VAL D 97 22.08 -19.66 16.55
N ASP D 98 21.54 -20.02 15.38
CA ASP D 98 20.11 -20.25 15.21
C ASP D 98 19.27 -18.99 15.49
N ILE D 99 19.71 -17.85 14.98
CA ILE D 99 18.87 -16.65 15.07
C ILE D 99 18.21 -16.50 13.69
N PRO D 100 16.95 -16.05 13.61
CA PRO D 100 16.19 -16.15 12.35
C PRO D 100 16.48 -15.00 11.39
N TYR D 101 17.68 -15.01 10.82
CA TYR D 101 18.09 -14.01 9.85
C TYR D 101 18.93 -14.68 8.79
N GLY D 102 19.06 -13.99 7.65
CA GLY D 102 20.14 -14.21 6.71
C GLY D 102 21.12 -13.05 6.72
N GLY D 103 22.04 -13.08 5.76
CA GLY D 103 23.19 -12.18 5.74
C GLY D 103 23.07 -11.07 4.71
N ALA D 104 23.56 -9.89 5.06
CA ALA D 104 23.71 -8.78 4.13
C ALA D 104 24.86 -7.89 4.59
N LYS D 105 25.27 -6.99 3.70
CA LYS D 105 26.33 -6.04 4.01
C LYS D 105 26.17 -4.88 3.04
N GLY D 106 26.30 -3.66 3.55
CA GLY D 106 26.22 -2.51 2.67
C GLY D 106 27.13 -1.38 3.09
N GLY D 107 26.96 -0.22 2.49
CA GLY D 107 27.88 0.86 2.80
C GLY D 107 27.70 2.00 1.83
N ILE D 108 28.51 3.02 2.06
CA ILE D 108 28.69 4.11 1.12
C ILE D 108 30.19 4.30 0.96
N GLY D 109 30.64 4.30 -0.29
CA GLY D 109 32.04 4.58 -0.60
C GLY D 109 32.33 6.04 -0.37
N CYS D 110 32.71 6.37 0.86
CA CYS D 110 33.03 7.74 1.26
C CYS D 110 34.01 7.68 2.42
N ASN D 111 34.68 8.79 2.66
CA ASN D 111 35.54 8.93 3.83
C ASN D 111 34.85 9.87 4.80
N PRO D 112 34.28 9.38 5.90
CA PRO D 112 33.49 10.27 6.75
C PRO D 112 34.28 11.40 7.36
N LYS D 113 35.61 11.29 7.44
CA LYS D 113 36.41 12.40 7.93
C LYS D 113 36.40 13.58 6.97
N ASP D 114 35.97 13.37 5.73
CA ASP D 114 35.85 14.46 4.78
C ASP D 114 34.57 15.26 4.96
N LEU D 115 33.66 14.81 5.82
CA LEU D 115 32.29 15.31 5.86
C LEU D 115 31.95 15.87 7.24
N SER D 116 31.25 17.00 7.24
CA SER D 116 30.71 17.50 8.49
C SER D 116 29.63 16.56 9.02
N ILE D 117 29.24 16.79 10.28
CA ILE D 117 28.18 15.99 10.85
C ILE D 117 26.84 16.30 10.18
N SER D 118 26.61 17.55 9.75
CA SER D 118 25.36 17.83 9.05
C SER D 118 25.37 17.16 7.68
N GLU D 119 26.54 17.14 7.03
CA GLU D 119 26.70 16.43 5.76
C GLU D 119 26.52 14.93 5.94
N LEU D 120 27.07 14.36 7.01
CA LEU D 120 26.92 12.93 7.21
C LEU D 120 25.46 12.57 7.50
N GLU D 121 24.76 13.43 8.22
CA GLU D 121 23.33 13.17 8.44
C GLU D 121 22.55 13.23 7.13
N ARG D 122 22.79 14.26 6.31
CA ARG D 122 22.07 14.33 5.04
C ARG D 122 22.40 13.12 4.18
N LEU D 123 23.66 12.68 4.18
CA LEU D 123 24.03 11.53 3.35
C LEU D 123 23.34 10.27 3.83
N THR D 124 23.31 10.06 5.16
CA THR D 124 22.59 8.92 5.73
C THR D 124 21.12 8.94 5.38
N ARG D 125 20.49 10.13 5.39
CA ARG D 125 19.06 10.21 5.12
C ARG D 125 18.77 9.97 3.64
N VAL D 126 19.59 10.52 2.74
CA VAL D 126 19.44 10.26 1.31
C VAL D 126 19.68 8.78 1.01
N PHE D 127 20.68 8.18 1.64
CA PHE D 127 20.87 6.74 1.45
C PHE D 127 19.62 5.99 1.89
N THR D 128 19.05 6.37 3.04
CA THR D 128 17.86 5.67 3.48
C THR D 128 16.72 5.87 2.49
N GLN D 129 16.58 7.08 1.97
CA GLN D 129 15.57 7.35 0.96
C GLN D 129 15.73 6.45 -0.25
N LYS D 130 16.97 6.19 -0.65
CA LYS D 130 17.19 5.39 -1.85
C LYS D 130 17.02 3.89 -1.61
N ILE D 131 17.06 3.40 -0.36
CA ILE D 131 16.94 1.96 -0.14
C ILE D 131 15.76 1.59 0.74
N HIS D 132 14.88 2.54 1.05
CA HIS D 132 13.90 2.24 2.10
C HIS D 132 12.97 1.10 1.69
N ASP D 133 12.68 0.98 0.40
CA ASP D 133 11.85 -0.07 -0.16
C ASP D 133 12.56 -1.42 -0.21
N LEU D 134 13.86 -1.46 0.05
CA LEU D 134 14.62 -2.68 -0.01
C LEU D 134 14.96 -3.22 1.35
N ILE D 135 14.81 -2.41 2.40
CA ILE D 135 15.06 -2.86 3.76
C ILE D 135 13.74 -2.90 4.51
N GLY D 136 13.79 -3.25 5.77
CA GLY D 136 12.57 -3.32 6.56
C GLY D 136 12.68 -4.33 7.71
N ILE D 137 11.79 -4.18 8.67
CA ILE D 137 11.80 -5.01 9.88
C ILE D 137 11.83 -6.51 9.55
N HIS D 138 11.08 -6.91 8.53
CA HIS D 138 11.01 -8.31 8.12
C HIS D 138 11.63 -8.55 6.75
N ARG D 139 12.49 -7.62 6.28
CA ARG D 139 13.15 -7.77 4.99
C ARG D 139 14.68 -7.74 5.11
N ASP D 140 15.23 -6.70 5.76
CA ASP D 140 16.68 -6.49 5.91
C ASP D 140 16.89 -5.40 6.97
N VAL D 141 17.68 -5.72 7.99
CA VAL D 141 17.85 -4.92 9.20
C VAL D 141 19.31 -4.49 9.28
N PRO D 142 19.62 -3.24 8.98
CA PRO D 142 21.02 -2.81 9.04
C PRO D 142 21.50 -2.59 10.48
N ALA D 143 22.81 -2.41 10.59
CA ALA D 143 23.51 -2.26 11.86
C ALA D 143 24.73 -1.39 11.64
N PRO D 144 25.34 -0.88 12.72
CA PRO D 144 26.60 -0.14 12.59
C PRO D 144 27.72 -1.01 12.06
N ASP D 145 28.73 -0.35 11.52
CA ASP D 145 29.93 -1.01 11.02
C ASP D 145 31.03 0.03 11.01
N MET D 146 32.13 -0.27 10.33
CA MET D 146 33.21 0.69 10.23
C MET D 146 32.68 1.99 9.64
N GLY D 147 32.94 3.08 10.34
CA GLY D 147 32.55 4.40 9.92
C GLY D 147 31.15 4.83 10.30
N THR D 148 30.33 3.95 10.90
CA THR D 148 28.99 4.31 11.35
C THR D 148 28.84 3.96 12.82
N ASN D 149 27.80 4.48 13.46
CA ASN D 149 27.59 4.20 14.88
C ASN D 149 26.12 4.36 15.21
N SER D 150 25.82 4.41 16.49
CA SER D 150 24.43 4.45 16.93
C SER D 150 23.72 5.72 16.48
N GLN D 151 24.44 6.84 16.36
CA GLN D 151 23.85 8.03 15.79
C GLN D 151 23.50 7.84 14.32
N THR D 152 24.37 7.17 13.56
CA THR D 152 23.98 6.82 12.18
C THR D 152 22.67 6.05 12.18
N MET D 153 22.52 5.08 13.11
CA MET D 153 21.31 4.28 13.10
C MET D 153 20.10 5.11 13.49
N ALA D 154 20.26 6.08 14.39
CA ALA D 154 19.13 6.92 14.73
C ALA D 154 18.64 7.69 13.51
N TRP D 155 19.57 8.18 12.68
CA TRP D 155 19.16 8.92 11.49
C TRP D 155 18.43 8.02 10.50
N ILE D 156 18.93 6.79 10.29
CA ILE D 156 18.22 5.85 9.43
C ILE D 156 16.82 5.58 9.97
N LEU D 157 16.72 5.31 11.27
CA LEU D 157 15.40 5.06 11.85
C LEU D 157 14.46 6.24 11.61
N ASP D 158 14.95 7.46 11.85
CA ASP D 158 14.07 8.61 11.73
C ASP D 158 13.59 8.78 10.28
N GLU D 159 14.49 8.58 9.31
CA GLU D 159 14.12 8.81 7.91
C GLU D 159 13.25 7.67 7.39
N TYR D 160 13.61 6.43 7.74
CA TYR D 160 12.83 5.28 7.32
C TYR D 160 11.40 5.36 7.84
N SER D 161 11.24 5.84 9.06
CA SER D 161 9.92 5.92 9.67
C SER D 161 9.00 6.90 8.98
N LYS D 162 9.56 7.83 8.19
CA LYS D 162 8.70 8.71 7.41
C LYS D 162 8.00 7.94 6.30
N PHE D 163 8.65 6.92 5.75
CA PHE D 163 8.10 6.16 4.64
C PHE D 163 7.21 5.02 5.06
N HIS D 164 7.42 4.49 6.26
CA HIS D 164 6.80 3.24 6.67
C HIS D 164 6.21 3.31 8.07
N GLY D 165 6.20 4.48 8.68
CA GLY D 165 5.73 4.59 10.05
C GLY D 165 6.82 4.21 11.04
N HIS D 166 6.59 4.58 12.28
CA HIS D 166 7.54 4.38 13.37
C HIS D 166 7.94 2.91 13.47
N SER D 167 9.23 2.62 13.26
CA SER D 167 9.71 1.27 12.95
C SER D 167 11.04 1.01 13.65
N PRO D 168 11.05 1.00 14.99
CA PRO D 168 12.33 0.86 15.70
C PRO D 168 13.09 -0.39 15.30
N ALA D 169 12.40 -1.48 14.95
CA ALA D 169 13.14 -2.71 14.67
C ALA D 169 13.85 -2.69 13.33
N VAL D 170 13.76 -1.60 12.56
CA VAL D 170 14.36 -1.63 11.23
C VAL D 170 15.90 -1.62 11.29
N VAL D 171 16.50 -1.09 12.36
CA VAL D 171 17.95 -1.09 12.54
C VAL D 171 18.26 -1.57 13.96
N THR D 172 19.44 -2.13 14.13
CA THR D 172 19.97 -2.47 15.45
C THR D 172 21.14 -1.54 15.75
N GLY D 173 21.67 -1.66 16.95
CA GLY D 173 22.72 -0.79 17.43
C GLY D 173 22.24 0.62 17.72
N LYS D 174 20.95 0.80 17.98
CA LYS D 174 20.39 2.12 18.25
C LYS D 174 20.85 2.65 19.60
N PRO D 175 20.76 3.97 19.80
CA PRO D 175 20.85 4.52 21.16
C PRO D 175 19.77 3.91 22.06
N ILE D 176 20.08 3.81 23.36
CA ILE D 176 19.11 3.29 24.33
C ILE D 176 17.81 4.10 24.31
N ASP D 177 17.93 5.43 24.20
CA ASP D 177 16.75 6.30 24.18
C ASP D 177 15.81 6.00 23.03
N LEU D 178 16.30 5.37 21.96
CA LEU D 178 15.47 5.07 20.80
C LEU D 178 15.26 3.59 20.60
N GLY D 179 15.42 2.78 21.63
CA GLY D 179 15.10 1.37 21.56
C GLY D 179 16.29 0.44 21.55
N GLY D 180 17.49 0.93 21.86
CA GLY D 180 18.61 0.04 21.95
C GLY D 180 18.49 -0.84 23.18
N SER D 181 19.02 -2.04 23.06
CA SER D 181 18.95 -3.04 24.11
C SER D 181 20.01 -2.80 25.18
N LEU D 182 19.68 -3.19 26.40
CA LEU D 182 20.70 -3.31 27.43
C LEU D 182 21.58 -4.51 27.12
N GLY D 183 22.75 -4.54 27.74
CA GLY D 183 23.62 -5.66 27.62
C GLY D 183 24.51 -5.69 26.40
N ARG D 184 24.55 -4.62 25.61
CA ARG D 184 25.27 -4.62 24.33
C ARG D 184 26.77 -4.49 24.50
N GLU D 185 27.22 -3.57 25.36
CA GLU D 185 28.64 -3.45 25.68
C GLU D 185 29.27 -4.81 25.93
N ALA D 186 28.70 -5.55 26.88
CA ALA D 186 29.31 -6.76 27.40
C ALA D 186 29.05 -7.98 26.54
N ALA D 187 28.15 -7.88 25.55
CA ALA D 187 27.58 -9.07 24.94
C ALA D 187 28.65 -9.97 24.33
N THR D 188 29.54 -9.40 23.55
CA THR D 188 30.50 -10.24 22.85
C THR D 188 31.46 -10.92 23.82
N GLY D 189 32.14 -10.14 24.67
CA GLY D 189 33.03 -10.73 25.67
C GLY D 189 32.34 -11.66 26.66
N LEU D 190 31.11 -11.33 27.06
CA LEU D 190 30.42 -12.24 27.98
C LEU D 190 29.98 -13.49 27.23
N GLY D 191 29.52 -13.33 25.99
CA GLY D 191 29.24 -14.49 25.14
C GLY D 191 30.45 -15.38 24.95
N VAL D 192 31.64 -14.79 24.82
CA VAL D 192 32.85 -15.62 24.75
C VAL D 192 32.98 -16.50 25.98
N VAL D 193 32.64 -15.96 27.15
CA VAL D 193 32.82 -16.75 28.37
C VAL D 193 31.72 -17.78 28.52
N PHE D 194 30.48 -17.44 28.09
CA PHE D 194 29.43 -18.45 28.06
C PHE D 194 29.84 -19.61 27.15
N ALA D 195 30.41 -19.31 25.98
CA ALA D 195 30.76 -20.38 25.05
C ALA D 195 31.83 -21.28 25.64
N THR D 196 32.77 -20.71 26.37
CA THR D 196 33.83 -21.56 26.87
C THR D 196 33.37 -22.34 28.10
N GLU D 197 32.51 -21.76 28.95
CA GLU D 197 31.90 -22.55 30.01
C GLU D 197 31.29 -23.82 29.44
N ALA D 198 30.64 -23.70 28.28
CA ALA D 198 29.99 -24.86 27.68
C ALA D 198 31.02 -25.85 27.17
N LEU D 199 32.06 -25.33 26.52
CA LEU D 199 33.15 -26.16 26.03
C LEU D 199 33.76 -26.97 27.16
N PHE D 200 34.15 -26.31 28.24
CA PHE D 200 34.84 -27.00 29.32
C PHE D 200 33.96 -28.03 29.99
N ALA D 201 32.65 -27.80 30.06
CA ALA D 201 31.73 -28.79 30.62
C ALA D 201 31.98 -30.17 30.03
N GLU D 202 32.29 -30.24 28.73
CA GLU D 202 32.44 -31.54 28.09
C GLU D 202 33.63 -32.30 28.65
N TYR D 203 34.60 -31.62 29.25
CA TYR D 203 35.79 -32.25 29.81
C TYR D 203 35.79 -32.24 31.34
N GLY D 204 34.65 -31.91 31.96
CA GLY D 204 34.56 -31.90 33.41
C GLY D 204 35.41 -30.84 34.06
N LYS D 205 35.51 -29.66 33.47
CA LYS D 205 36.29 -28.60 34.07
C LYS D 205 35.45 -27.32 34.07
N SER D 206 35.92 -26.34 34.83
CA SER D 206 35.23 -25.07 34.94
C SER D 206 36.21 -23.95 34.68
N ILE D 207 35.68 -22.74 34.55
CA ILE D 207 36.52 -21.56 34.39
C ILE D 207 37.51 -21.45 35.54
N SER D 208 37.05 -21.69 36.78
CA SER D 208 37.90 -21.60 37.96
C SER D 208 39.09 -22.54 37.90
N ASP D 209 38.99 -23.61 37.12
CA ASP D 209 40.04 -24.60 37.08
C ASP D 209 41.19 -24.20 36.17
N MET D 210 41.19 -22.98 35.62
CA MET D 210 42.10 -22.70 34.52
C MET D 210 42.74 -21.31 34.60
N THR D 211 43.86 -21.21 33.90
CA THR D 211 44.64 -20.00 33.71
C THR D 211 44.41 -19.49 32.29
N PHE D 212 44.40 -18.17 32.13
CA PHE D 212 44.01 -17.52 30.88
C PHE D 212 45.00 -16.44 30.47
N ALA D 213 45.39 -16.45 29.20
CA ALA D 213 46.13 -15.34 28.61
C ALA D 213 45.24 -14.72 27.55
N ILE D 214 45.13 -13.40 27.56
CA ILE D 214 44.18 -12.67 26.74
C ILE D 214 44.93 -11.64 25.91
N GLN D 215 44.89 -11.82 24.58
CA GLN D 215 45.47 -10.87 23.63
C GLN D 215 44.42 -9.81 23.26
N GLY D 216 44.62 -8.60 23.73
CA GLY D 216 43.66 -7.53 23.49
C GLY D 216 42.86 -7.20 24.74
N PHE D 217 42.57 -5.92 24.93
CA PHE D 217 41.89 -5.45 26.14
C PHE D 217 41.00 -4.26 25.77
N GLY D 218 40.14 -4.44 24.76
CA GLY D 218 39.17 -3.45 24.35
C GLY D 218 37.75 -3.85 24.73
N ASN D 219 36.76 -3.58 23.88
CA ASN D 219 35.40 -3.96 24.24
C ASN D 219 35.30 -5.47 24.51
N VAL D 220 36.03 -6.28 23.76
CA VAL D 220 35.91 -7.72 23.99
C VAL D 220 36.78 -8.15 25.16
N GLY D 221 38.05 -7.74 25.16
CA GLY D 221 38.97 -8.22 26.18
C GLY D 221 38.57 -7.79 27.58
N THR D 222 38.11 -6.55 27.74
CA THR D 222 37.76 -6.11 29.09
C THR D 222 36.64 -6.97 29.66
N TRP D 223 35.55 -7.13 28.89
CA TRP D 223 34.39 -7.86 29.39
C TRP D 223 34.68 -9.35 29.55
N ALA D 224 35.43 -9.93 28.61
CA ALA D 224 35.81 -11.33 28.74
C ALA D 224 36.66 -11.54 30.00
N ALA D 225 37.69 -10.73 30.20
CA ALA D 225 38.52 -10.87 31.39
C ALA D 225 37.69 -10.66 32.66
N LYS D 226 36.82 -9.66 32.64
CA LYS D 226 35.98 -9.39 33.81
C LYS D 226 35.14 -10.61 34.16
N ALA D 227 34.47 -11.19 33.16
CA ALA D 227 33.57 -12.30 33.41
C ALA D 227 34.33 -13.56 33.78
N ILE D 228 35.56 -13.71 33.27
CA ILE D 228 36.42 -14.79 33.72
C ILE D 228 36.80 -14.59 35.18
N PHE D 229 37.22 -13.38 35.51
CA PHE D 229 37.66 -13.09 36.88
C PHE D 229 36.55 -13.40 37.89
N GLU D 230 35.32 -13.04 37.55
CA GLU D 230 34.20 -13.26 38.47
C GLU D 230 33.85 -14.73 38.60
N ARG D 231 34.17 -15.55 37.62
CA ARG D 231 33.91 -16.98 37.69
C ARG D 231 35.08 -17.79 38.23
N GLY D 232 36.07 -17.12 38.84
CA GLY D 232 37.17 -17.81 39.46
C GLY D 232 38.36 -18.11 38.56
N GLY D 233 38.27 -17.81 37.26
CA GLY D 233 39.41 -18.04 36.40
C GLY D 233 40.58 -17.16 36.78
N LYS D 234 41.79 -17.65 36.55
CA LYS D 234 43.00 -16.86 36.78
C LYS D 234 43.44 -16.25 35.45
N VAL D 235 43.41 -14.93 35.37
CA VAL D 235 43.91 -14.20 34.21
C VAL D 235 45.34 -13.80 34.52
N VAL D 236 46.29 -14.49 33.90
CA VAL D 236 47.71 -14.30 34.22
C VAL D 236 48.45 -13.41 33.23
N ALA D 237 47.81 -12.99 32.13
CA ALA D 237 48.50 -12.21 31.12
C ALA D 237 47.46 -11.52 30.26
N VAL D 238 47.62 -10.21 30.08
CA VAL D 238 46.74 -9.38 29.24
C VAL D 238 47.62 -8.49 28.38
N SER D 239 47.41 -8.53 27.04
CA SER D 239 48.06 -7.69 26.04
C SER D 239 47.20 -6.48 25.66
N ASP D 240 47.86 -5.48 25.12
CA ASP D 240 47.18 -4.42 24.38
C ASP D 240 48.26 -3.72 23.58
N ILE D 241 47.97 -2.50 23.08
CA ILE D 241 48.89 -1.87 22.13
C ILE D 241 50.06 -1.24 22.85
N ASN D 242 49.79 -0.44 23.88
CA ASN D 242 50.84 0.30 24.55
C ASN D 242 51.73 -0.61 25.38
N GLY D 243 51.15 -1.35 26.31
CA GLY D 243 51.92 -2.23 27.17
C GLY D 243 51.23 -3.55 27.47
N ALA D 244 51.78 -4.28 28.44
CA ALA D 244 51.28 -5.59 28.80
C ALA D 244 51.72 -5.89 30.24
N ILE D 245 50.98 -6.78 30.89
CA ILE D 245 51.19 -7.08 32.30
C ILE D 245 51.00 -8.58 32.54
N SER D 246 51.71 -9.09 33.55
CA SER D 246 51.81 -10.52 33.82
C SER D 246 51.88 -10.75 35.31
N ASN D 247 51.12 -11.77 35.79
CA ASN D 247 51.12 -12.18 37.20
C ASN D 247 50.67 -13.63 37.28
N PRO D 248 51.58 -14.58 37.57
CA PRO D 248 51.26 -15.99 37.36
C PRO D 248 50.30 -16.61 38.38
N ASN D 249 49.86 -15.87 39.40
CA ASN D 249 48.78 -16.34 40.26
C ASN D 249 47.51 -15.53 40.08
N GLY D 250 47.43 -14.73 39.03
CA GLY D 250 46.19 -14.05 38.69
C GLY D 250 46.21 -12.55 38.90
N ILE D 251 45.82 -11.82 37.86
CA ILE D 251 45.67 -10.38 37.94
C ILE D 251 44.32 -10.03 38.57
N ASP D 252 44.32 -8.97 39.37
CA ASP D 252 43.08 -8.41 39.90
C ASP D 252 42.46 -7.58 38.79
N ILE D 253 41.48 -8.16 38.08
CA ILE D 253 40.93 -7.48 36.91
C ILE D 253 40.13 -6.26 37.34
N ALA D 254 39.38 -6.39 38.44
CA ALA D 254 38.65 -5.23 38.95
C ALA D 254 39.57 -4.04 39.11
N ALA D 255 40.75 -4.27 39.69
CA ALA D 255 41.74 -3.21 39.83
C ALA D 255 42.43 -2.89 38.51
N LEU D 256 42.68 -3.89 37.66
CA LEU D 256 43.28 -3.60 36.36
C LEU D 256 42.37 -2.72 35.52
N LEU D 257 41.05 -2.94 35.61
CA LEU D 257 40.11 -2.07 34.91
C LEU D 257 40.10 -0.68 35.51
N LYS D 258 39.80 -0.59 36.81
CA LYS D 258 39.97 0.64 37.57
C LYS D 258 41.18 1.43 37.08
N HIS D 259 42.33 0.76 36.93
CA HIS D 259 43.53 1.47 36.50
C HIS D 259 43.45 1.91 35.04
N LYS D 260 42.61 1.25 34.23
CA LYS D 260 42.43 1.73 32.87
C LYS D 260 41.52 2.94 32.83
N ALA D 261 40.48 2.94 33.66
CA ALA D 261 39.60 4.10 33.75
C ALA D 261 40.37 5.36 34.06
N GLY D 262 41.52 5.23 34.72
CA GLY D 262 42.38 6.37 35.00
C GLY D 262 43.47 6.52 33.95
N ASN D 263 43.08 6.52 32.67
CA ASN D 263 44.00 6.68 31.54
C ASN D 263 45.30 5.93 31.80
N GLY D 264 45.23 4.87 32.60
CA GLY D 264 46.42 4.18 33.05
C GLY D 264 46.84 3.13 32.05
N SER D 265 48.12 3.12 31.73
CA SER D 265 48.68 2.09 30.86
C SER D 265 48.79 0.76 31.60
N LEU D 266 49.01 -0.31 30.83
CA LEU D 266 49.08 -1.63 31.42
C LEU D 266 50.40 -1.87 32.13
N LYS D 267 51.52 -1.48 31.49
CA LYS D 267 52.82 -1.63 32.13
C LYS D 267 52.85 -0.94 33.49
N ASP D 268 52.26 0.24 33.59
CA ASP D 268 52.18 0.99 34.84
C ASP D 268 51.31 0.31 35.89
N PHE D 269 50.70 -0.85 35.59
CA PHE D 269 49.87 -1.55 36.56
C PHE D 269 50.78 -2.31 37.53
N SER D 270 50.78 -1.88 38.79
CA SER D 270 51.70 -2.46 39.76
C SER D 270 51.28 -3.84 40.26
N GLY D 271 50.04 -4.25 39.99
CA GLY D 271 49.56 -5.55 40.40
C GLY D 271 50.09 -6.69 39.56
N GLY D 272 51.10 -6.41 38.75
CA GLY D 272 51.80 -7.44 38.01
C GLY D 272 53.08 -6.83 37.53
N ASP D 273 53.85 -7.63 36.80
CA ASP D 273 55.10 -7.17 36.23
C ASP D 273 54.91 -6.95 34.74
N ALA D 274 55.30 -5.76 34.28
CA ALA D 274 55.28 -5.47 32.85
C ALA D 274 55.97 -6.59 32.08
N MET D 275 55.38 -6.97 30.94
CA MET D 275 55.97 -7.98 30.06
C MET D 275 55.88 -7.49 28.61
N ASN D 276 56.64 -8.16 27.76
CA ASN D 276 56.69 -7.77 26.36
C ASN D 276 55.45 -8.31 25.65
N PRO D 277 54.60 -7.43 25.09
CA PRO D 277 53.35 -7.91 24.45
C PRO D 277 53.58 -8.97 23.39
N ASN D 278 54.75 -9.00 22.76
CA ASN D 278 55.07 -10.06 21.82
C ASN D 278 55.17 -11.41 22.52
N ASP D 279 55.19 -11.44 23.85
CA ASP D 279 55.29 -12.65 24.63
C ASP D 279 53.98 -12.98 25.35
N LEU D 280 52.85 -12.85 24.63
CA LEU D 280 51.55 -13.27 25.18
C LEU D 280 51.05 -14.54 24.52
N LEU D 281 50.90 -14.54 23.19
CA LEU D 281 50.53 -15.78 22.50
C LEU D 281 51.42 -16.93 22.92
N VAL D 282 52.61 -16.64 23.43
CA VAL D 282 53.62 -17.62 23.81
C VAL D 282 53.87 -17.52 25.30
N HIS D 283 52.84 -17.13 26.05
CA HIS D 283 52.89 -17.15 27.50
C HIS D 283 52.33 -18.48 28.02
N ASP D 284 52.72 -18.83 29.24
CA ASP D 284 52.33 -20.12 29.79
C ASP D 284 50.95 -20.02 30.42
N CYS D 285 50.04 -20.89 29.98
CA CYS D 285 48.65 -20.82 30.40
C CYS D 285 47.90 -22.02 29.83
N ASP D 286 46.71 -22.25 30.37
CA ASP D 286 45.82 -23.26 29.83
C ASP D 286 45.05 -22.73 28.62
N VAL D 287 44.57 -21.49 28.68
CA VAL D 287 43.63 -20.99 27.69
C VAL D 287 44.17 -19.69 27.12
N LEU D 288 44.15 -19.60 25.80
CA LEU D 288 44.55 -18.41 25.07
C LEU D 288 43.34 -17.88 24.33
N ILE D 289 43.05 -16.60 24.51
CA ILE D 289 41.91 -15.96 23.88
C ILE D 289 42.41 -14.76 23.10
N PRO D 290 42.59 -14.90 21.79
CA PRO D 290 42.91 -13.73 20.95
C PRO D 290 41.69 -12.83 20.80
N CYS D 291 41.82 -11.57 21.24
CA CYS D 291 40.70 -10.63 21.28
C CYS D 291 41.00 -9.31 20.58
N ALA D 292 42.07 -9.21 19.80
CA ALA D 292 42.44 -7.94 19.20
C ALA D 292 42.50 -8.06 17.69
N LEU D 293 43.46 -8.80 17.13
CA LEU D 293 43.67 -8.82 15.70
C LEU D 293 43.52 -10.23 15.15
N GLY D 294 43.30 -10.30 13.84
CA GLY D 294 43.32 -11.56 13.13
C GLY D 294 44.68 -11.84 12.59
N GLY D 295 44.86 -13.06 12.10
CA GLY D 295 46.16 -13.45 11.61
C GLY D 295 47.27 -13.22 12.62
N VAL D 296 47.06 -13.68 13.86
CA VAL D 296 48.11 -13.62 14.86
C VAL D 296 48.79 -14.96 15.08
N LEU D 297 48.16 -16.05 14.68
CA LEU D 297 48.69 -17.40 14.86
C LEU D 297 48.99 -17.96 13.47
N ASN D 298 50.24 -17.79 13.06
CA ASN D 298 50.76 -18.21 11.77
C ASN D 298 51.53 -19.52 11.92
N LYS D 299 52.18 -19.94 10.83
CA LYS D 299 52.83 -21.25 10.81
C LYS D 299 54.00 -21.32 11.78
N GLU D 300 54.92 -20.36 11.72
CA GLU D 300 56.12 -20.44 12.52
C GLU D 300 55.82 -20.27 14.01
N ASN D 301 55.04 -19.24 14.35
CA ASN D 301 54.79 -18.89 15.75
C ASN D 301 53.74 -19.79 16.39
N ALA D 302 53.11 -20.68 15.62
CA ALA D 302 52.13 -21.60 16.18
C ALA D 302 52.77 -22.63 17.11
N ASN D 303 54.00 -23.03 16.80
CA ASN D 303 54.67 -24.04 17.62
C ASN D 303 54.93 -23.56 19.03
N ASP D 304 55.12 -22.26 19.20
CA ASP D 304 55.41 -21.65 20.50
C ASP D 304 54.14 -21.32 21.29
N VAL D 305 53.24 -22.29 21.47
CA VAL D 305 51.94 -22.00 22.08
C VAL D 305 51.75 -22.95 23.25
N LYS D 306 51.77 -22.39 24.45
CA LYS D 306 51.67 -23.17 25.68
C LYS D 306 50.24 -23.57 26.00
N ALA D 307 49.25 -22.88 25.44
CA ALA D 307 47.86 -23.18 25.75
C ALA D 307 47.39 -24.42 25.00
N LYS D 308 46.45 -25.14 25.63
CA LYS D 308 45.74 -26.25 25.02
C LYS D 308 44.34 -25.88 24.52
N PHE D 309 43.86 -24.69 24.87
CA PHE D 309 42.60 -24.18 24.37
C PHE D 309 42.84 -22.80 23.80
N ILE D 310 42.37 -22.57 22.58
CA ILE D 310 42.31 -21.25 21.98
C ILE D 310 40.85 -20.95 21.73
N ILE D 311 40.36 -19.87 22.32
CA ILE D 311 39.01 -19.40 22.10
C ILE D 311 39.10 -18.24 21.13
N GLU D 312 38.62 -18.46 19.90
CA GLU D 312 38.73 -17.47 18.82
C GLU D 312 37.73 -16.37 19.07
N ALA D 313 38.17 -15.27 19.68
CA ALA D 313 37.27 -14.13 19.82
C ALA D 313 37.43 -13.17 18.65
N ALA D 314 38.65 -12.70 18.39
CA ALA D 314 38.90 -11.90 17.20
C ALA D 314 38.46 -12.68 15.96
N ASN D 315 38.40 -11.99 14.82
CA ASN D 315 38.03 -12.65 13.58
C ASN D 315 39.25 -13.24 12.88
N HIS D 316 39.15 -14.52 12.55
CA HIS D 316 40.23 -15.28 11.89
C HIS D 316 41.57 -14.99 12.55
N PRO D 317 41.68 -15.15 13.88
CA PRO D 317 43.00 -15.01 14.51
C PRO D 317 43.94 -16.10 14.08
N THR D 318 43.40 -17.20 13.58
CA THR D 318 44.16 -18.42 13.36
C THR D 318 44.24 -18.68 11.86
N ASP D 319 45.40 -18.38 11.29
CA ASP D 319 45.82 -18.77 9.95
C ASP D 319 45.45 -20.23 9.72
N PRO D 320 45.21 -20.64 8.47
CA PRO D 320 44.91 -22.07 8.23
C PRO D 320 46.10 -22.99 8.45
N ASP D 321 47.33 -22.48 8.40
CA ASP D 321 48.48 -23.31 8.75
C ASP D 321 48.33 -23.89 10.15
N ALA D 322 48.01 -23.04 11.12
CA ALA D 322 47.88 -23.50 12.50
C ALA D 322 46.79 -24.55 12.65
N ASP D 323 45.75 -24.52 11.79
CA ASP D 323 44.66 -25.47 11.96
C ASP D 323 45.16 -26.90 11.82
N GLU D 324 45.97 -27.17 10.79
CA GLU D 324 46.60 -28.48 10.68
C GLU D 324 47.42 -28.78 11.92
N ILE D 325 48.45 -27.97 12.19
CA ILE D 325 49.34 -28.18 13.32
C ILE D 325 48.49 -28.48 14.53
N LEU D 326 47.77 -27.47 15.00
CA LEU D 326 46.93 -27.63 16.17
C LEU D 326 45.92 -28.74 15.93
N SER D 327 45.87 -29.67 16.88
CA SER D 327 45.37 -31.03 16.69
C SER D 327 46.58 -31.94 16.92
N LYS D 328 47.65 -31.71 16.15
CA LYS D 328 48.93 -32.34 16.47
C LYS D 328 49.45 -31.84 17.82
N LYS D 329 49.71 -30.53 17.93
CA LYS D 329 50.08 -29.97 19.23
C LYS D 329 49.06 -30.32 20.32
N GLY D 330 47.84 -30.70 19.93
CA GLY D 330 46.80 -31.11 20.87
C GLY D 330 45.78 -30.05 21.19
N VAL D 331 45.71 -28.99 20.43
CA VAL D 331 44.96 -27.80 20.82
C VAL D 331 43.52 -27.88 20.29
N ILE D 332 42.58 -27.54 21.16
CA ILE D 332 41.17 -27.43 20.80
C ILE D 332 40.88 -25.97 20.50
N ILE D 333 40.29 -25.71 19.33
CA ILE D 333 40.07 -24.35 18.85
C ILE D 333 38.57 -24.11 18.78
N LEU D 334 38.06 -23.30 19.68
CA LEU D 334 36.68 -22.85 19.57
C LEU D 334 36.63 -21.74 18.53
N PRO D 335 35.93 -21.93 17.41
CA PRO D 335 36.10 -21.05 16.27
C PRO D 335 35.34 -19.75 16.37
N ASP D 336 35.89 -18.72 15.71
CA ASP D 336 35.37 -17.38 15.83
C ASP D 336 33.91 -17.30 15.42
N VAL D 337 33.52 -18.01 14.36
CA VAL D 337 32.17 -17.87 13.82
C VAL D 337 31.12 -18.11 14.89
N TYR D 338 31.43 -18.98 15.85
CA TYR D 338 30.54 -19.21 16.99
C TYR D 338 30.94 -18.35 18.19
N ALA D 339 32.24 -18.36 18.54
CA ALA D 339 32.66 -17.89 19.85
C ALA D 339 32.37 -16.41 20.08
N ASN D 340 32.44 -15.58 19.04
CA ASN D 340 32.22 -14.14 19.21
C ASN D 340 30.81 -13.70 18.82
N ALA D 341 29.88 -14.65 18.65
CA ALA D 341 28.56 -14.36 18.14
C ALA D 341 27.64 -13.77 19.19
N GLY D 342 28.12 -13.53 20.42
CA GLY D 342 27.29 -12.88 21.42
C GLY D 342 26.76 -11.53 20.96
N GLY D 343 27.58 -10.77 20.23
CA GLY D 343 27.17 -9.44 19.78
C GLY D 343 26.01 -9.51 18.81
N VAL D 344 26.14 -10.33 17.77
CA VAL D 344 25.03 -10.46 16.84
C VAL D 344 23.82 -11.06 17.51
N THR D 345 24.03 -11.94 18.51
CA THR D 345 22.89 -12.52 19.19
C THR D 345 22.12 -11.44 19.96
N VAL D 346 22.82 -10.52 20.62
CA VAL D 346 22.10 -9.52 21.37
C VAL D 346 21.46 -8.52 20.42
N SER D 347 21.98 -8.37 19.20
CA SER D 347 21.30 -7.53 18.24
C SER D 347 19.99 -8.16 17.80
N TYR D 348 19.92 -9.49 17.76
CA TYR D 348 18.63 -10.13 17.53
C TYR D 348 17.66 -9.80 18.66
N PHE D 349 18.12 -9.92 19.90
CA PHE D 349 17.30 -9.59 21.05
C PHE D 349 16.79 -8.13 20.99
N GLU D 350 17.61 -7.20 20.53
CA GLU D 350 17.15 -5.83 20.35
C GLU D 350 15.96 -5.77 19.42
N TRP D 351 16.11 -6.43 18.27
CA TRP D 351 15.04 -6.53 17.30
C TRP D 351 13.78 -7.14 17.92
N VAL D 352 13.93 -8.26 18.66
CA VAL D 352 12.79 -8.89 19.32
C VAL D 352 12.10 -7.91 20.27
N GLN D 353 12.90 -7.24 21.09
CA GLN D 353 12.35 -6.30 22.07
C GLN D 353 11.57 -5.19 21.39
N ASN D 354 12.08 -4.73 20.26
CA ASN D 354 11.43 -3.67 19.51
C ASN D 354 10.10 -4.15 18.96
N ILE D 355 10.10 -5.29 18.24
N ILE D 355 10.07 -5.30 18.28
CA ILE D 355 8.88 -5.89 17.72
CA ILE D 355 8.79 -5.72 17.70
C ILE D 355 7.85 -6.02 18.85
C ILE D 355 7.81 -6.19 18.78
N GLN D 356 8.29 -6.52 19.99
CA GLN D 356 7.43 -6.79 21.13
C GLN D 356 6.96 -5.54 21.85
N GLY D 357 7.45 -4.36 21.46
CA GLY D 357 7.05 -3.09 22.01
C GLY D 357 7.42 -2.87 23.45
N PHE D 358 8.36 -3.65 24.00
CA PHE D 358 8.55 -3.74 25.45
C PHE D 358 9.96 -4.23 25.69
N MET D 359 10.78 -3.42 26.33
CA MET D 359 12.18 -3.74 26.50
C MET D 359 12.38 -4.71 27.67
N TRP D 360 13.47 -5.47 27.58
CA TRP D 360 13.92 -6.40 28.62
C TRP D 360 14.85 -5.71 29.62
N ASP D 361 14.94 -6.29 30.82
CA ASP D 361 15.98 -5.84 31.73
C ASP D 361 17.26 -6.63 31.43
N GLU D 362 18.38 -6.15 31.97
CA GLU D 362 19.64 -6.72 31.53
C GLU D 362 19.77 -8.17 32.01
N GLU D 363 19.16 -8.53 33.13
CA GLU D 363 19.17 -9.93 33.55
C GLU D 363 18.56 -10.83 32.49
N LYS D 364 17.43 -10.42 31.91
CA LYS D 364 16.80 -11.26 30.88
C LYS D 364 17.66 -11.35 29.63
N VAL D 365 18.26 -10.23 29.21
CA VAL D 365 19.15 -10.25 28.03
C VAL D 365 20.25 -11.29 28.22
N ASN D 366 20.87 -11.31 29.39
CA ASN D 366 22.01 -12.21 29.59
C ASN D 366 21.56 -13.65 29.85
N GLN D 367 20.38 -13.85 30.43
CA GLN D 367 19.80 -15.20 30.47
C GLN D 367 19.62 -15.76 29.08
N GLU D 368 19.04 -14.96 28.18
CA GLU D 368 18.75 -15.48 26.85
C GLU D 368 20.04 -15.62 26.07
N LEU D 369 21.00 -14.73 26.29
CA LEU D 369 22.31 -14.87 25.67
C LEU D 369 22.95 -16.18 26.09
N LYS D 370 22.93 -16.49 27.40
CA LYS D 370 23.50 -17.76 27.85
C LYS D 370 22.77 -18.94 27.23
N ARG D 371 21.42 -18.90 27.20
CA ARG D 371 20.68 -19.99 26.57
C ARG D 371 21.07 -20.18 25.11
N TYR D 372 21.13 -19.08 24.33
CA TYR D 372 21.44 -19.21 22.91
C TYR D 372 22.87 -19.73 22.70
N MET D 373 23.85 -19.19 23.44
CA MET D 373 25.20 -19.69 23.24
C MET D 373 25.31 -21.14 23.67
N THR D 374 24.66 -21.52 24.76
CA THR D 374 24.78 -22.90 25.22
C THR D 374 24.18 -23.88 24.22
N LYS D 375 22.96 -23.60 23.75
CA LYS D 375 22.37 -24.49 22.77
C LYS D 375 23.22 -24.55 21.50
N ALA D 376 23.73 -23.42 21.02
CA ALA D 376 24.54 -23.49 19.81
C ALA D 376 25.76 -24.41 20.02
N PHE D 377 26.44 -24.32 21.16
CA PHE D 377 27.57 -25.23 21.37
C PHE D 377 27.14 -26.68 21.36
N ASN D 378 26.00 -26.98 22.00
CA ASN D 378 25.50 -28.36 22.00
C ASN D 378 25.18 -28.84 20.61
N ASP D 379 24.52 -27.99 19.81
CA ASP D 379 24.24 -28.34 18.41
C ASP D 379 25.53 -28.55 17.62
N ILE D 380 26.57 -27.77 17.93
CA ILE D 380 27.83 -27.91 17.22
C ILE D 380 28.50 -29.21 17.58
N LYS D 381 28.57 -29.52 18.89
CA LYS D 381 29.24 -30.75 19.30
C LYS D 381 28.59 -31.95 18.66
N ALA D 382 27.26 -31.98 18.62
CA ALA D 382 26.58 -33.11 17.98
C ALA D 382 27.03 -33.25 16.54
N ASN D 383 27.04 -32.15 15.79
CA ASN D 383 27.47 -32.22 14.40
C ASN D 383 28.86 -32.77 14.28
N CYS D 384 29.78 -32.33 15.14
CA CYS D 384 31.14 -32.86 15.10
C CYS D 384 31.15 -34.38 15.18
N LYS D 385 30.26 -34.95 16.00
CA LYS D 385 30.22 -36.41 16.11
C LYS D 385 29.65 -37.03 14.85
N THR D 386 28.57 -36.46 14.32
CA THR D 386 28.01 -36.95 13.07
C THR D 386 29.06 -37.00 11.97
N HIS D 387 29.74 -35.88 11.72
CA HIS D 387 30.70 -35.81 10.63
C HIS D 387 32.12 -36.11 11.05
N ASN D 388 32.40 -36.12 12.35
CA ASN D 388 33.71 -36.51 12.85
C ASN D 388 34.76 -35.47 12.47
N CYS D 389 34.47 -34.21 12.78
CA CYS D 389 35.30 -33.08 12.40
C CYS D 389 35.62 -32.23 13.62
N ASP D 390 36.53 -31.26 13.45
CA ASP D 390 36.88 -30.33 14.52
C ASP D 390 35.75 -29.31 14.73
N LEU D 391 35.93 -28.42 15.72
CA LEU D 391 34.86 -27.50 16.08
C LEU D 391 34.58 -26.49 14.96
N ARG D 392 35.59 -26.11 14.19
CA ARG D 392 35.36 -25.14 13.13
C ARG D 392 34.41 -25.70 12.06
N MET D 393 34.61 -26.96 11.67
CA MET D 393 33.75 -27.56 10.65
C MET D 393 32.41 -28.00 11.22
N GLY D 394 32.36 -28.40 12.49
CA GLY D 394 31.07 -28.64 13.11
C GLY D 394 30.16 -27.42 13.02
N ALA D 395 30.74 -26.24 13.29
CA ALA D 395 29.95 -25.02 13.19
C ALA D 395 29.58 -24.74 11.74
N PHE D 396 30.55 -24.76 10.83
CA PHE D 396 30.24 -24.40 9.46
C PHE D 396 29.30 -25.40 8.80
N THR D 397 29.46 -26.69 9.10
CA THR D 397 28.48 -27.64 8.58
C THR D 397 27.11 -27.37 9.16
N LEU D 398 27.04 -26.99 10.44
CA LEU D 398 25.73 -26.72 11.04
C LEU D 398 25.06 -25.52 10.39
N GLY D 399 25.78 -24.40 10.25
CA GLY D 399 25.18 -23.23 9.63
C GLY D 399 24.78 -23.46 8.19
N LEU D 400 25.67 -24.06 7.40
CA LEU D 400 25.36 -24.35 6.00
C LEU D 400 24.17 -25.27 5.89
N ASN D 401 24.12 -26.31 6.71
CA ASN D 401 23.03 -27.28 6.58
C ASN D 401 21.68 -26.65 6.91
N ARG D 402 21.61 -25.79 7.94
CA ARG D 402 20.34 -25.13 8.22
C ARG D 402 19.90 -24.23 7.06
N VAL D 403 20.83 -23.51 6.44
CA VAL D 403 20.43 -22.67 5.31
C VAL D 403 20.02 -23.55 4.15
N ALA D 404 20.78 -24.61 3.87
CA ALA D 404 20.39 -25.53 2.80
C ALA D 404 19.02 -26.12 3.08
N ARG D 405 18.79 -26.61 4.31
CA ARG D 405 17.49 -27.19 4.63
C ARG D 405 16.36 -26.18 4.46
N ALA D 406 16.56 -24.95 4.96
CA ALA D 406 15.52 -23.93 4.82
C ALA D 406 15.23 -23.66 3.35
N THR D 407 16.29 -23.60 2.53
CA THR D 407 16.15 -23.36 1.09
C THR D 407 15.41 -24.50 0.42
N LEU D 408 15.77 -25.75 0.74
CA LEU D 408 15.10 -26.90 0.11
C LEU D 408 13.62 -26.98 0.50
N LEU D 409 13.30 -26.67 1.75
CA LEU D 409 11.89 -26.69 2.17
C LEU D 409 11.08 -25.62 1.47
N ARG D 410 11.66 -24.44 1.23
CA ARG D 410 10.90 -23.40 0.54
C ARG D 410 10.61 -23.79 -0.89
N GLY D 411 11.57 -24.44 -1.55
CA GLY D 411 11.30 -24.96 -2.87
C GLY D 411 11.60 -23.97 -3.96
N TRP D 412 11.34 -24.43 -5.19
CA TRP D 412 11.87 -23.77 -6.36
C TRP D 412 10.81 -23.45 -7.41
N GLU D 413 9.60 -23.97 -7.29
CA GLU D 413 8.59 -23.66 -8.30
C GLU D 413 8.16 -22.19 -8.17
N ALA D 414 7.61 -21.64 -9.23
CA ALA D 414 7.36 -20.19 -9.19
C ALA D 414 6.02 -19.84 -8.54
N ALA E 3 -24.57 -41.18 3.85
CA ALA E 3 -24.31 -40.21 4.95
C ALA E 3 -25.16 -38.94 4.80
N MET E 4 -25.17 -38.15 5.87
CA MET E 4 -25.89 -36.89 5.94
C MET E 4 -25.04 -35.77 5.38
N ASN E 5 -25.68 -34.82 4.70
CA ASN E 5 -24.98 -33.62 4.26
C ASN E 5 -24.30 -32.95 5.44
N ALA E 6 -23.00 -32.63 5.28
CA ALA E 6 -22.23 -32.08 6.39
C ALA E 6 -22.75 -30.72 6.83
N LEU E 7 -23.28 -29.92 5.91
CA LEU E 7 -23.76 -28.63 6.36
C LEU E 7 -25.13 -28.74 7.02
N VAL E 8 -26.01 -29.59 6.50
CA VAL E 8 -27.28 -29.87 7.15
C VAL E 8 -27.03 -30.36 8.57
N ALA E 9 -26.06 -31.26 8.75
CA ALA E 9 -25.77 -31.81 10.07
C ALA E 9 -25.29 -30.72 11.01
N THR E 10 -24.33 -29.91 10.55
CA THR E 10 -23.74 -28.91 11.43
C THR E 10 -24.73 -27.80 11.73
N ASN E 11 -25.54 -27.41 10.73
CA ASN E 11 -26.57 -26.41 10.99
C ASN E 11 -27.61 -26.92 11.97
N ARG E 12 -27.89 -28.22 11.99
CA ARG E 12 -28.82 -28.76 12.99
C ARG E 12 -28.24 -28.60 14.39
N ASN E 13 -26.94 -28.86 14.55
CA ASN E 13 -26.31 -28.64 15.85
C ASN E 13 -26.32 -27.16 16.22
N PHE E 14 -26.09 -26.28 15.24
CA PHE E 14 -26.16 -24.86 15.50
C PHE E 14 -27.55 -24.44 15.95
N GLN E 15 -28.58 -24.92 15.27
CA GLN E 15 -29.96 -24.56 15.63
C GLN E 15 -30.26 -25.00 17.06
N ARG E 16 -29.84 -26.20 17.43
CA ARG E 16 -30.17 -26.72 18.74
C ARG E 16 -29.50 -25.91 19.84
N ALA E 17 -28.25 -25.50 19.60
CA ALA E 17 -27.52 -24.69 20.56
C ALA E 17 -28.10 -23.28 20.65
N SER E 18 -28.53 -22.72 19.51
CA SER E 18 -29.17 -21.41 19.55
C SER E 18 -30.43 -21.45 20.39
N ARG E 19 -31.19 -22.53 20.30
CA ARG E 19 -32.42 -22.59 21.10
C ARG E 19 -32.11 -22.75 22.58
N ILE E 20 -31.07 -23.52 22.92
CA ILE E 20 -30.69 -23.62 24.33
C ILE E 20 -30.37 -22.23 24.88
N LEU E 21 -29.63 -21.44 24.11
CA LEU E 21 -29.28 -20.08 24.49
C LEU E 21 -30.44 -19.09 24.37
N GLY E 22 -31.51 -19.44 23.67
CA GLY E 22 -32.56 -18.46 23.41
C GLY E 22 -32.09 -17.28 22.55
N LEU E 23 -31.19 -17.53 21.60
CA LEU E 23 -30.68 -16.47 20.75
C LEU E 23 -31.80 -15.78 19.97
N ASP E 24 -31.68 -14.46 19.86
CA ASP E 24 -32.57 -13.68 19.01
C ASP E 24 -32.51 -14.20 17.57
N SER E 25 -33.68 -14.28 16.92
CA SER E 25 -33.74 -14.86 15.57
C SER E 25 -32.88 -14.08 14.57
N LYS E 26 -32.84 -12.76 14.66
CA LYS E 26 -32.08 -12.00 13.68
C LYS E 26 -30.58 -12.11 13.93
N LEU E 27 -30.19 -12.20 15.20
CA LEU E 27 -28.79 -12.44 15.50
C LEU E 27 -28.36 -13.83 15.01
N GLU E 28 -29.20 -14.83 15.23
CA GLU E 28 -28.92 -16.18 14.75
C GLU E 28 -28.72 -16.23 13.24
N LYS E 29 -29.64 -15.61 12.50
CA LYS E 29 -29.51 -15.58 11.04
C LYS E 29 -28.20 -14.95 10.60
N SER E 30 -27.77 -13.87 11.26
CA SER E 30 -26.50 -13.26 10.89
C SER E 30 -25.33 -14.18 11.19
N LEU E 31 -25.32 -14.79 12.38
CA LEU E 31 -24.19 -15.63 12.76
C LEU E 31 -24.08 -16.83 11.86
N LEU E 32 -25.19 -17.29 11.32
CA LEU E 32 -25.13 -18.43 10.41
C LEU E 32 -24.38 -18.07 9.13
N ILE E 33 -24.73 -16.94 8.52
CA ILE E 33 -24.25 -16.58 7.18
C ILE E 33 -22.75 -16.33 7.22
N PRO E 34 -21.94 -16.94 6.36
CA PRO E 34 -20.49 -16.67 6.44
C PRO E 34 -20.15 -15.26 5.98
N TYR E 35 -19.15 -14.71 6.65
CA TYR E 35 -18.58 -13.42 6.30
C TYR E 35 -18.25 -13.35 4.82
N ARG E 36 -17.52 -14.33 4.30
N ARG E 36 -17.51 -14.34 4.33
CA ARG E 36 -17.15 -14.29 2.88
CA ARG E 36 -17.10 -14.36 2.93
C ARG E 36 -16.77 -15.69 2.38
C ARG E 36 -16.88 -15.80 2.49
N GLU E 37 -17.44 -16.15 1.33
CA GLU E 37 -17.16 -17.41 0.66
C GLU E 37 -16.46 -17.11 -0.67
N ILE E 38 -15.36 -17.80 -0.94
CA ILE E 38 -14.57 -17.56 -2.16
C ILE E 38 -14.29 -18.89 -2.84
N LYS E 39 -14.61 -18.99 -4.12
CA LYS E 39 -14.21 -20.10 -4.98
C LYS E 39 -13.32 -19.57 -6.10
N VAL E 40 -12.19 -20.22 -6.34
CA VAL E 40 -11.23 -19.73 -7.32
C VAL E 40 -10.79 -20.86 -8.24
N GLU E 41 -10.52 -20.51 -9.49
CA GLU E 41 -9.90 -21.46 -10.42
C GLU E 41 -8.42 -21.62 -10.07
N CYS E 42 -7.97 -22.88 -10.03
CA CYS E 42 -6.58 -23.25 -9.82
C CYS E 42 -6.16 -24.17 -10.96
N THR E 43 -5.44 -23.64 -11.93
CA THR E 43 -5.02 -24.40 -13.10
C THR E 43 -3.50 -24.44 -13.12
N ILE E 44 -2.95 -25.63 -13.26
CA ILE E 44 -1.50 -25.81 -13.30
C ILE E 44 -1.13 -26.71 -14.48
N PRO E 45 0.09 -26.59 -14.97
CA PRO E 45 0.65 -27.62 -15.82
C PRO E 45 1.10 -28.80 -14.99
N LYS E 46 0.81 -29.99 -15.49
CA LYS E 46 1.43 -31.19 -14.92
C LYS E 46 2.91 -31.28 -15.34
N ASP E 47 3.59 -32.27 -14.73
CA ASP E 47 4.99 -32.52 -15.06
C ASP E 47 5.21 -32.76 -16.54
N ASP E 48 4.25 -33.40 -17.22
CA ASP E 48 4.37 -33.59 -18.67
C ASP E 48 3.88 -32.38 -19.46
N GLY E 49 3.45 -31.31 -18.80
CA GLY E 49 3.08 -30.08 -19.49
C GLY E 49 1.59 -29.90 -19.75
N SER E 50 0.78 -30.96 -19.63
CA SER E 50 -0.65 -30.83 -19.89
C SER E 50 -1.33 -30.14 -18.72
N LEU E 51 -2.47 -29.50 -19.03
CA LEU E 51 -3.22 -28.71 -18.04
C LEU E 51 -4.20 -29.53 -17.24
N VAL E 52 -4.31 -29.20 -15.96
CA VAL E 52 -5.40 -29.69 -15.15
C VAL E 52 -5.96 -28.51 -14.36
N SER E 53 -7.28 -28.46 -14.22
CA SER E 53 -7.95 -27.37 -13.53
C SER E 53 -8.72 -27.90 -12.33
N TYR E 54 -8.52 -27.27 -11.17
CA TYR E 54 -9.26 -27.52 -9.95
C TYR E 54 -9.94 -26.24 -9.52
N VAL E 55 -10.89 -26.36 -8.60
CA VAL E 55 -11.51 -25.21 -7.96
C VAL E 55 -11.06 -25.23 -6.52
N GLY E 56 -10.55 -24.12 -6.03
CA GLY E 56 -10.15 -23.98 -4.66
C GLY E 56 -11.17 -23.17 -3.88
N PHE E 57 -11.22 -23.41 -2.57
CA PHE E 57 -12.18 -22.75 -1.69
C PHE E 57 -11.47 -22.15 -0.50
N ARG E 58 -11.90 -20.94 -0.12
CA ARG E 58 -11.63 -20.43 1.21
C ARG E 58 -12.92 -19.79 1.72
N ILE E 59 -13.51 -20.41 2.74
CA ILE E 59 -14.73 -19.90 3.39
C ILE E 59 -14.31 -19.24 4.68
N GLN E 60 -14.64 -17.95 4.80
CA GLN E 60 -14.33 -17.16 5.99
C GLN E 60 -15.64 -17.00 6.75
N HIS E 61 -15.81 -17.77 7.83
CA HIS E 61 -17.13 -17.84 8.42
C HIS E 61 -17.45 -16.65 9.32
N ASP E 62 -16.54 -16.29 10.22
CA ASP E 62 -16.84 -15.27 11.22
C ASP E 62 -15.54 -14.71 11.79
N ASN E 63 -15.49 -13.39 12.03
CA ASN E 63 -14.26 -12.80 12.53
C ASN E 63 -14.49 -11.84 13.69
N ALA E 64 -15.62 -11.97 14.41
CA ALA E 64 -15.87 -11.09 15.54
C ALA E 64 -14.79 -11.22 16.64
N ARG E 65 -14.21 -12.40 16.84
CA ARG E 65 -13.27 -12.61 17.95
C ARG E 65 -11.80 -12.47 17.56
N GLY E 66 -11.51 -12.29 16.28
CA GLY E 66 -10.14 -12.06 15.86
C GLY E 66 -9.92 -12.50 14.43
N PRO E 67 -8.66 -12.51 13.97
CA PRO E 67 -8.36 -13.09 12.66
C PRO E 67 -8.97 -14.48 12.53
N MET E 68 -9.40 -14.81 11.32
CA MET E 68 -9.99 -16.11 11.11
C MET E 68 -8.93 -17.21 11.02
N LYS E 69 -9.35 -18.45 11.25
CA LYS E 69 -8.43 -19.53 11.50
C LYS E 69 -9.04 -20.85 11.07
N GLY E 70 -8.25 -21.64 10.33
CA GLY E 70 -8.57 -23.02 10.01
C GLY E 70 -7.70 -23.53 8.89
N GLY E 71 -7.75 -24.84 8.68
CA GLY E 71 -6.83 -25.51 7.81
C GLY E 71 -7.25 -25.52 6.34
N ILE E 72 -6.38 -26.13 5.53
CA ILE E 72 -6.62 -26.36 4.11
C ILE E 72 -6.63 -27.87 3.87
N ARG E 73 -7.71 -28.36 3.30
CA ARG E 73 -7.87 -29.77 3.01
C ARG E 73 -7.66 -30.04 1.52
N TYR E 74 -6.80 -31.02 1.19
CA TYR E 74 -6.70 -31.57 -0.16
C TYR E 74 -7.33 -32.96 -0.10
N HIS E 75 -8.54 -33.10 -0.63
CA HIS E 75 -9.27 -34.37 -0.54
C HIS E 75 -10.31 -34.38 -1.63
N PRO E 76 -10.64 -35.53 -2.20
CA PRO E 76 -11.59 -35.54 -3.34
C PRO E 76 -13.00 -35.11 -2.96
N GLU E 77 -13.39 -35.22 -1.69
CA GLU E 77 -14.74 -34.87 -1.26
C GLU E 77 -14.85 -33.42 -0.83
N VAL E 78 -13.79 -32.63 -0.96
CA VAL E 78 -13.91 -31.21 -0.65
C VAL E 78 -14.94 -30.60 -1.58
N ASP E 79 -15.94 -29.92 -1.01
CA ASP E 79 -16.96 -29.21 -1.78
C ASP E 79 -17.49 -28.08 -0.92
N PRO E 80 -18.32 -27.20 -1.47
CA PRO E 80 -18.69 -26.04 -0.67
C PRO E 80 -19.39 -26.39 0.64
N ASP E 81 -20.24 -27.43 0.68
CA ASP E 81 -20.93 -27.78 1.93
C ASP E 81 -19.94 -28.23 2.99
N GLU E 82 -18.99 -29.06 2.61
CA GLU E 82 -17.99 -29.53 3.58
C GLU E 82 -17.16 -28.37 4.09
N VAL E 83 -16.73 -27.47 3.21
CA VAL E 83 -15.87 -26.39 3.68
C VAL E 83 -16.67 -25.39 4.53
N ASN E 84 -17.93 -25.15 4.18
CA ASN E 84 -18.76 -24.28 5.01
C ASN E 84 -18.96 -24.88 6.39
N ALA E 85 -19.24 -26.19 6.45
CA ALA E 85 -19.44 -26.83 7.76
C ALA E 85 -18.20 -26.68 8.61
N LEU E 86 -17.02 -26.96 8.03
CA LEU E 86 -15.79 -26.93 8.79
C LEU E 86 -15.49 -25.52 9.27
N ALA E 87 -15.71 -24.52 8.41
CA ALA E 87 -15.43 -23.14 8.78
C ALA E 87 -16.30 -22.71 9.96
N GLN E 88 -17.56 -23.10 9.96
CA GLN E 88 -18.41 -22.74 11.08
C GLN E 88 -17.93 -23.42 12.37
N LEU E 89 -17.56 -24.70 12.27
CA LEU E 89 -17.06 -25.38 13.45
C LEU E 89 -15.82 -24.71 14.01
N MET E 90 -14.93 -24.20 13.13
CA MET E 90 -13.78 -23.43 13.59
C MET E 90 -14.20 -22.22 14.41
N THR E 91 -15.23 -21.48 13.95
CA THR E 91 -15.67 -20.33 14.73
C THR E 91 -16.06 -20.74 16.17
N TRP E 92 -16.84 -21.82 16.32
CA TRP E 92 -17.26 -22.26 17.65
C TRP E 92 -16.08 -22.79 18.45
N LYS E 93 -15.18 -23.52 17.78
CA LYS E 93 -14.10 -24.21 18.50
C LYS E 93 -13.08 -23.21 19.04
N THR E 94 -12.74 -22.20 18.25
CA THR E 94 -11.82 -21.18 18.75
C THR E 94 -12.42 -20.46 19.95
N ALA E 95 -13.73 -20.30 20.00
CA ALA E 95 -14.35 -19.66 21.15
C ALA E 95 -14.41 -20.59 22.35
N VAL E 96 -14.57 -21.89 22.10
CA VAL E 96 -14.57 -22.85 23.21
C VAL E 96 -13.28 -22.75 24.01
N VAL E 97 -12.12 -22.82 23.34
CA VAL E 97 -10.84 -22.72 24.03
C VAL E 97 -10.42 -21.28 24.28
N ASP E 98 -11.18 -20.32 23.78
CA ASP E 98 -10.99 -18.91 24.08
C ASP E 98 -9.64 -18.42 23.57
N ILE E 99 -9.36 -18.73 22.31
CA ILE E 99 -8.20 -18.16 21.64
C ILE E 99 -8.76 -17.06 20.74
N PRO E 100 -8.00 -16.00 20.50
CA PRO E 100 -8.53 -14.79 19.81
C PRO E 100 -8.54 -14.93 18.28
N TYR E 101 -9.33 -15.90 17.82
CA TYR E 101 -9.53 -16.16 16.42
C TYR E 101 -11.02 -16.32 16.14
N GLY E 102 -11.39 -16.07 14.87
CA GLY E 102 -12.63 -16.56 14.30
C GLY E 102 -12.39 -17.81 13.46
N GLY E 103 -13.39 -18.19 12.67
CA GLY E 103 -13.36 -19.46 11.92
C GLY E 103 -13.31 -19.29 10.40
N ALA E 104 -12.44 -20.09 9.75
CA ALA E 104 -12.38 -20.20 8.29
C ALA E 104 -11.94 -21.62 7.95
N LYS E 105 -12.13 -22.01 6.70
CA LYS E 105 -11.59 -23.27 6.20
C LYS E 105 -11.46 -23.19 4.69
N GLY E 106 -10.49 -23.91 4.14
CA GLY E 106 -10.33 -23.97 2.70
C GLY E 106 -9.96 -25.35 2.23
N GLY E 107 -9.88 -25.48 0.91
CA GLY E 107 -9.44 -26.74 0.36
C GLY E 107 -9.51 -26.76 -1.15
N ILE E 108 -9.11 -27.91 -1.66
CA ILE E 108 -9.15 -28.20 -3.08
C ILE E 108 -9.63 -29.63 -3.23
N GLY E 109 -10.62 -29.82 -4.09
CA GLY E 109 -11.05 -31.14 -4.48
C GLY E 109 -10.06 -31.78 -5.44
N CYS E 110 -9.15 -32.57 -4.88
CA CYS E 110 -8.12 -33.27 -5.61
C CYS E 110 -7.74 -34.48 -4.76
N ASN E 111 -7.03 -35.41 -5.40
CA ASN E 111 -6.44 -36.54 -4.68
C ASN E 111 -4.94 -36.35 -4.69
N PRO E 112 -4.32 -35.97 -3.58
CA PRO E 112 -2.86 -35.81 -3.60
C PRO E 112 -2.12 -37.05 -4.04
N LYS E 113 -2.69 -38.25 -3.85
CA LYS E 113 -2.02 -39.46 -4.32
C LYS E 113 -1.75 -39.43 -5.82
N ASP E 114 -2.59 -38.74 -6.57
CA ASP E 114 -2.52 -38.74 -8.02
C ASP E 114 -1.57 -37.67 -8.56
N LEU E 115 -0.97 -36.86 -7.69
CA LEU E 115 -0.13 -35.74 -8.09
C LEU E 115 1.30 -35.93 -7.56
N SER E 116 2.27 -35.64 -8.42
CA SER E 116 3.66 -35.66 -8.00
C SER E 116 3.91 -34.55 -6.98
N ILE E 117 5.07 -34.63 -6.32
CA ILE E 117 5.42 -33.59 -5.35
C ILE E 117 5.62 -32.24 -6.04
N SER E 118 6.15 -32.20 -7.27
CA SER E 118 6.26 -30.88 -7.89
C SER E 118 4.90 -30.35 -8.34
N GLU E 119 4.00 -31.24 -8.76
CA GLU E 119 2.64 -30.80 -9.08
C GLU E 119 1.91 -30.27 -7.84
N LEU E 120 2.09 -30.93 -6.70
CA LEU E 120 1.46 -30.43 -5.47
C LEU E 120 2.02 -29.08 -5.07
N GLU E 121 3.32 -28.84 -5.32
CA GLU E 121 3.88 -27.53 -5.01
C GLU E 121 3.32 -26.46 -5.96
N ARG E 122 3.22 -26.76 -7.25
CA ARG E 122 2.66 -25.78 -8.17
C ARG E 122 1.20 -25.48 -7.81
N LEU E 123 0.42 -26.52 -7.52
CA LEU E 123 -0.98 -26.31 -7.17
C LEU E 123 -1.11 -25.46 -5.91
N THR E 124 -0.31 -25.77 -4.90
CA THR E 124 -0.32 -24.99 -3.67
C THR E 124 0.09 -23.55 -3.93
N ARG E 125 1.11 -23.35 -4.75
CA ARG E 125 1.52 -21.98 -5.05
C ARG E 125 0.45 -21.22 -5.80
N VAL E 126 -0.21 -21.88 -6.76
CA VAL E 126 -1.24 -21.16 -7.52
C VAL E 126 -2.43 -20.84 -6.63
N PHE E 127 -2.86 -21.78 -5.80
CA PHE E 127 -3.93 -21.50 -4.85
C PHE E 127 -3.58 -20.30 -3.96
N THR E 128 -2.32 -20.21 -3.53
CA THR E 128 -1.90 -19.08 -2.73
C THR E 128 -1.96 -17.78 -3.54
N GLN E 129 -1.55 -17.84 -4.81
CA GLN E 129 -1.68 -16.66 -5.69
C GLN E 129 -3.13 -16.20 -5.79
N LYS E 130 -4.07 -17.14 -5.76
CA LYS E 130 -5.48 -16.80 -5.92
C LYS E 130 -6.14 -16.34 -4.63
N ILE E 131 -5.56 -16.60 -3.45
CA ILE E 131 -6.17 -16.16 -2.19
C ILE E 131 -5.28 -15.26 -1.37
N HIS E 132 -4.09 -14.90 -1.85
CA HIS E 132 -3.20 -14.08 -1.02
C HIS E 132 -3.84 -12.78 -0.55
N ASP E 133 -4.73 -12.18 -1.37
CA ASP E 133 -5.41 -10.94 -1.00
C ASP E 133 -6.50 -11.14 0.05
N LEU E 134 -6.85 -12.40 0.38
CA LEU E 134 -7.89 -12.72 1.34
C LEU E 134 -7.35 -13.15 2.69
N ILE E 135 -6.08 -13.51 2.76
CA ILE E 135 -5.49 -14.02 3.99
C ILE E 135 -4.47 -13.01 4.48
N GLY E 136 -3.94 -13.26 5.66
CA GLY E 136 -3.01 -12.32 6.26
C GLY E 136 -2.87 -12.58 7.74
N ILE E 137 -1.71 -12.22 8.29
CA ILE E 137 -1.40 -12.39 9.71
C ILE E 137 -2.57 -11.96 10.61
N HIS E 138 -3.19 -10.82 10.29
CA HIS E 138 -4.27 -10.29 11.12
C HIS E 138 -5.63 -10.41 10.44
N ARG E 139 -5.75 -11.36 9.53
CA ARG E 139 -6.94 -11.45 8.70
C ARG E 139 -7.51 -12.85 8.65
N ASP E 140 -6.68 -13.79 8.23
CA ASP E 140 -7.08 -15.19 8.08
C ASP E 140 -5.81 -16.00 7.93
N VAL E 141 -5.62 -17.00 8.79
CA VAL E 141 -4.37 -17.70 8.98
C VAL E 141 -4.60 -19.18 8.74
N PRO E 142 -4.18 -19.71 7.56
CA PRO E 142 -4.43 -21.13 7.27
C PRO E 142 -3.47 -22.04 8.01
N ALA E 143 -3.56 -23.32 7.72
CA ALA E 143 -2.83 -24.39 8.40
C ALA E 143 -3.12 -25.69 7.66
N PRO E 144 -2.48 -26.80 8.01
CA PRO E 144 -2.72 -28.03 7.26
C PRO E 144 -3.89 -28.80 7.85
N ASP E 145 -4.68 -29.38 6.96
CA ASP E 145 -5.72 -30.35 7.31
C ASP E 145 -5.45 -31.65 6.56
N MET E 146 -6.49 -32.44 6.27
CA MET E 146 -6.27 -33.70 5.56
C MET E 146 -5.62 -33.45 4.21
N GLY E 147 -4.69 -34.33 3.85
CA GLY E 147 -3.98 -34.23 2.61
C GLY E 147 -2.93 -33.14 2.50
N THR E 148 -2.70 -32.35 3.55
CA THR E 148 -1.63 -31.36 3.56
C THR E 148 -0.80 -31.53 4.84
N ASN E 149 0.38 -30.92 4.84
CA ASN E 149 1.32 -31.10 5.94
C ASN E 149 2.21 -29.86 6.04
N SER E 150 3.25 -29.94 6.86
CA SER E 150 4.09 -28.75 7.07
C SER E 150 4.81 -28.34 5.78
N GLN E 151 5.10 -29.28 4.89
CA GLN E 151 5.72 -28.91 3.61
C GLN E 151 4.80 -28.04 2.76
N THR E 152 3.51 -28.38 2.73
CA THR E 152 2.51 -27.56 2.06
C THR E 152 2.50 -26.13 2.61
N MET E 153 2.59 -26.01 3.93
CA MET E 153 2.59 -24.69 4.55
C MET E 153 3.85 -23.91 4.20
N ALA E 154 5.00 -24.59 4.08
CA ALA E 154 6.20 -23.88 3.65
C ALA E 154 6.00 -23.25 2.28
N TRP E 155 5.31 -23.95 1.37
CA TRP E 155 5.08 -23.39 0.05
C TRP E 155 4.13 -22.20 0.10
N ILE E 156 3.09 -22.27 0.95
CA ILE E 156 2.19 -21.12 1.11
C ILE E 156 2.96 -19.94 1.67
N LEU E 157 3.71 -20.17 2.75
CA LEU E 157 4.54 -19.09 3.30
C LEU E 157 5.39 -18.45 2.21
N ASP E 158 6.12 -19.27 1.46
CA ASP E 158 7.06 -18.78 0.46
C ASP E 158 6.35 -17.94 -0.60
N GLU E 159 5.25 -18.44 -1.16
CA GLU E 159 4.56 -17.72 -2.21
C GLU E 159 3.89 -16.46 -1.68
N TYR E 160 3.22 -16.57 -0.54
CA TYR E 160 2.57 -15.41 0.06
C TYR E 160 3.57 -14.29 0.30
N SER E 161 4.77 -14.63 0.77
CA SER E 161 5.75 -13.61 1.11
C SER E 161 6.28 -12.87 -0.11
N LYS E 162 6.13 -13.44 -1.31
CA LYS E 162 6.44 -12.67 -2.52
C LYS E 162 5.53 -11.48 -2.66
N PHE E 163 4.26 -11.62 -2.29
CA PHE E 163 3.29 -10.54 -2.45
C PHE E 163 3.28 -9.57 -1.30
N HIS E 164 3.60 -10.02 -0.07
CA HIS E 164 3.46 -9.14 1.08
C HIS E 164 4.70 -9.08 1.95
N GLY E 165 5.81 -9.63 1.49
CA GLY E 165 7.01 -9.65 2.29
C GLY E 165 6.95 -10.81 3.28
N HIS E 166 8.09 -11.08 3.86
CA HIS E 166 8.23 -12.23 4.75
C HIS E 166 7.21 -12.17 5.89
N SER E 167 6.40 -13.21 6.02
CA SER E 167 5.21 -13.18 6.89
C SER E 167 5.02 -14.54 7.56
N PRO E 168 5.93 -14.91 8.44
CA PRO E 168 5.84 -16.23 9.09
C PRO E 168 4.48 -16.52 9.69
N ALA E 169 3.83 -15.55 10.28
CA ALA E 169 2.58 -15.85 10.98
C ALA E 169 1.36 -15.91 10.06
N VAL E 170 1.55 -15.83 8.73
CA VAL E 170 0.41 -15.93 7.84
C VAL E 170 -0.15 -17.35 7.80
N VAL E 171 0.64 -18.33 8.19
CA VAL E 171 0.21 -19.72 8.15
C VAL E 171 0.83 -20.43 9.34
N THR E 172 0.12 -21.41 9.88
CA THR E 172 0.66 -22.19 10.99
C THR E 172 0.79 -23.66 10.56
N GLY E 173 1.35 -24.49 11.42
CA GLY E 173 1.78 -25.81 10.98
C GLY E 173 3.03 -25.79 10.13
N LYS E 174 3.84 -24.74 10.24
CA LYS E 174 5.06 -24.63 9.43
C LYS E 174 6.15 -25.60 9.90
N PRO E 175 7.13 -25.91 9.05
CA PRO E 175 8.32 -26.62 9.51
C PRO E 175 9.07 -25.82 10.55
N ILE E 176 9.70 -26.54 11.49
CA ILE E 176 10.48 -25.86 12.53
C ILE E 176 11.54 -24.94 11.89
N ASP E 177 12.16 -25.39 10.79
CA ASP E 177 13.17 -24.57 10.14
C ASP E 177 12.63 -23.23 9.62
N LEU E 178 11.32 -23.09 9.42
CA LEU E 178 10.72 -21.89 8.84
C LEU E 178 9.77 -21.21 9.80
N GLY E 179 10.04 -21.33 11.09
CA GLY E 179 9.26 -20.65 12.10
C GLY E 179 8.10 -21.45 12.66
N GLY E 180 8.01 -22.75 12.37
CA GLY E 180 7.00 -23.56 13.02
C GLY E 180 7.24 -23.67 14.51
N SER E 181 6.20 -24.09 15.24
CA SER E 181 6.32 -24.26 16.68
C SER E 181 6.70 -25.70 17.03
N LEU E 182 7.68 -25.87 17.91
CA LEU E 182 7.77 -27.14 18.63
C LEU E 182 6.39 -27.50 19.17
N GLY E 183 6.04 -28.79 19.10
CA GLY E 183 4.78 -29.25 19.64
C GLY E 183 3.61 -29.20 18.69
N ARG E 184 3.70 -28.48 17.56
CA ARG E 184 2.51 -28.32 16.74
C ARG E 184 2.15 -29.61 16.00
N GLU E 185 3.13 -30.33 15.45
CA GLU E 185 2.78 -31.56 14.74
C GLU E 185 2.03 -32.52 15.67
N ALA E 186 2.44 -32.61 16.92
CA ALA E 186 1.84 -33.53 17.88
C ALA E 186 0.61 -32.98 18.59
N ALA E 187 0.27 -31.71 18.34
CA ALA E 187 -0.67 -31.00 19.20
C ALA E 187 -2.08 -31.57 19.16
N THR E 188 -2.59 -31.94 18.00
CA THR E 188 -3.97 -32.39 18.02
C THR E 188 -4.08 -33.70 18.77
N GLY E 189 -3.15 -34.63 18.52
CA GLY E 189 -3.14 -35.90 19.27
C GLY E 189 -2.93 -35.71 20.77
N LEU E 190 -2.00 -34.85 21.14
CA LEU E 190 -1.79 -34.58 22.57
C LEU E 190 -3.00 -33.90 23.20
N GLY E 191 -3.63 -32.94 22.50
CA GLY E 191 -4.85 -32.33 23.02
C GLY E 191 -5.98 -33.32 23.20
N VAL E 192 -6.12 -34.26 22.26
CA VAL E 192 -7.12 -35.30 22.39
C VAL E 192 -6.92 -36.06 23.70
N VAL E 193 -5.65 -36.32 24.02
CA VAL E 193 -5.32 -37.05 25.25
C VAL E 193 -5.58 -36.20 26.48
N PHE E 194 -5.21 -34.91 26.45
CA PHE E 194 -5.53 -34.04 27.60
C PHE E 194 -7.03 -33.95 27.84
N ALA E 195 -7.79 -33.83 26.76
CA ALA E 195 -9.24 -33.72 26.87
C ALA E 195 -9.84 -35.02 27.38
N THR E 196 -9.32 -36.15 26.89
CA THR E 196 -9.85 -37.44 27.30
C THR E 196 -9.54 -37.71 28.78
N GLU E 197 -8.33 -37.37 29.22
CA GLU E 197 -7.99 -37.56 30.62
C GLU E 197 -8.90 -36.73 31.52
N ALA E 198 -9.24 -35.52 31.08
CA ALA E 198 -10.14 -34.68 31.88
C ALA E 198 -11.52 -35.31 31.99
N LEU E 199 -12.02 -35.85 30.88
CA LEU E 199 -13.31 -36.53 30.91
C LEU E 199 -13.24 -37.78 31.79
N PHE E 200 -12.24 -38.63 31.57
CA PHE E 200 -12.20 -39.88 32.33
C PHE E 200 -12.01 -39.63 33.84
N ALA E 201 -11.33 -38.54 34.21
CA ALA E 201 -11.16 -38.23 35.62
C ALA E 201 -12.50 -37.98 36.31
N GLU E 202 -13.50 -37.45 35.58
CA GLU E 202 -14.83 -37.28 36.18
C GLU E 202 -15.43 -38.60 36.63
N TYR E 203 -14.92 -39.71 36.14
CA TYR E 203 -15.30 -41.06 36.54
C TYR E 203 -14.27 -41.69 37.43
N GLY E 204 -13.22 -40.96 37.81
CA GLY E 204 -12.19 -41.62 38.61
C GLY E 204 -11.24 -42.47 37.78
N LYS E 205 -11.33 -42.42 36.45
CA LYS E 205 -10.61 -43.35 35.59
C LYS E 205 -9.48 -42.67 34.83
N SER E 206 -8.63 -43.51 34.23
CA SER E 206 -7.42 -43.06 33.53
C SER E 206 -7.34 -43.71 32.15
N ILE E 207 -6.49 -43.14 31.28
CA ILE E 207 -6.34 -43.72 29.94
C ILE E 207 -5.93 -45.19 30.01
N SER E 208 -5.14 -45.59 31.02
CA SER E 208 -4.70 -46.98 31.12
C SER E 208 -5.80 -47.96 31.50
N ASP E 209 -6.95 -47.48 31.94
CA ASP E 209 -8.07 -48.36 32.25
C ASP E 209 -8.81 -48.84 31.01
N MET E 210 -8.50 -48.29 29.83
CA MET E 210 -9.34 -48.40 28.63
C MET E 210 -8.64 -49.08 27.45
N THR E 211 -9.46 -49.67 26.58
CA THR E 211 -9.07 -50.09 25.24
C THR E 211 -9.63 -49.09 24.22
N PHE E 212 -8.91 -48.93 23.11
CA PHE E 212 -9.16 -47.87 22.14
C PHE E 212 -9.17 -48.42 20.73
N ALA E 213 -10.10 -47.96 19.89
CA ALA E 213 -10.05 -48.19 18.46
C ALA E 213 -9.95 -46.85 17.72
N ILE E 214 -9.08 -46.76 16.72
CA ILE E 214 -8.75 -45.49 16.06
C ILE E 214 -8.97 -45.62 14.56
N GLN E 215 -9.78 -44.72 13.99
CA GLN E 215 -10.01 -44.68 12.55
C GLN E 215 -9.22 -43.52 11.94
N GLY E 216 -8.25 -43.84 11.12
CA GLY E 216 -7.39 -42.87 10.49
C GLY E 216 -6.05 -42.93 11.19
N PHE E 217 -4.97 -42.85 10.42
CA PHE E 217 -3.63 -42.98 10.99
C PHE E 217 -2.71 -42.00 10.26
N GLY E 218 -3.10 -40.73 10.33
CA GLY E 218 -2.40 -39.61 9.71
C GLY E 218 -1.86 -38.71 10.81
N ASN E 219 -1.79 -37.39 10.57
CA ASN E 219 -1.25 -36.51 11.61
C ASN E 219 -2.02 -36.64 12.92
N VAL E 220 -3.35 -36.77 12.84
CA VAL E 220 -4.11 -36.86 14.09
C VAL E 220 -4.02 -38.26 14.67
N GLY E 221 -4.34 -39.29 13.88
CA GLY E 221 -4.37 -40.64 14.42
C GLY E 221 -3.03 -41.12 14.96
N THR E 222 -1.92 -40.84 14.24
CA THR E 222 -0.63 -41.33 14.71
C THR E 222 -0.28 -40.73 16.07
N TRP E 223 -0.39 -39.40 16.20
CA TRP E 223 0.02 -38.76 17.44
C TRP E 223 -0.97 -39.03 18.57
N ALA E 224 -2.24 -39.18 18.23
CA ALA E 224 -3.18 -39.58 19.25
C ALA E 224 -2.87 -41.00 19.73
N ALA E 225 -2.57 -41.91 18.80
CA ALA E 225 -2.26 -43.28 19.21
C ALA E 225 -1.00 -43.31 20.07
N LYS E 226 0.00 -42.53 19.67
CA LYS E 226 1.26 -42.51 20.40
C LYS E 226 1.06 -41.98 21.81
N ALA E 227 0.34 -40.89 21.96
CA ALA E 227 0.15 -40.31 23.29
C ALA E 227 -0.68 -41.24 24.19
N ILE E 228 -1.70 -41.90 23.61
CA ILE E 228 -2.49 -42.86 24.38
C ILE E 228 -1.62 -44.05 24.79
N PHE E 229 -0.88 -44.58 23.83
CA PHE E 229 0.00 -45.72 24.10
C PHE E 229 1.00 -45.38 25.21
N GLU E 230 1.58 -44.18 25.16
CA GLU E 230 2.58 -43.83 26.17
C GLU E 230 1.97 -43.63 27.56
N ARG E 231 0.65 -43.50 27.65
CA ARG E 231 -0.04 -43.36 28.92
C ARG E 231 -0.72 -44.67 29.35
N GLY E 232 -0.36 -45.80 28.71
CA GLY E 232 -0.82 -47.12 29.11
C GLY E 232 -2.15 -47.53 28.52
N GLY E 233 -2.69 -46.76 27.59
CA GLY E 233 -3.90 -47.16 26.93
C GLY E 233 -3.63 -48.33 26.01
N LYS E 234 -4.62 -49.24 25.88
CA LYS E 234 -4.51 -50.41 25.02
C LYS E 234 -5.19 -50.10 23.69
N VAL E 235 -4.39 -49.87 22.65
CA VAL E 235 -4.91 -49.57 21.31
C VAL E 235 -5.13 -50.90 20.61
N VAL E 236 -6.39 -51.30 20.47
CA VAL E 236 -6.70 -52.64 20.00
C VAL E 236 -7.07 -52.69 18.51
N ALA E 237 -7.26 -51.55 17.85
CA ALA E 237 -7.52 -51.58 16.42
C ALA E 237 -7.19 -50.22 15.85
N VAL E 238 -6.58 -50.21 14.66
CA VAL E 238 -6.25 -48.97 13.92
C VAL E 238 -6.59 -49.22 12.46
N SER E 239 -7.24 -48.25 11.81
CA SER E 239 -7.50 -48.34 10.37
C SER E 239 -6.98 -47.11 9.65
N ASP E 240 -6.79 -47.24 8.34
CA ASP E 240 -6.63 -46.09 7.46
C ASP E 240 -7.33 -46.44 6.14
N ILE E 241 -7.07 -45.63 5.09
CA ILE E 241 -7.82 -45.79 3.88
C ILE E 241 -7.51 -47.12 3.20
N ASN E 242 -6.37 -47.74 3.51
CA ASN E 242 -5.94 -48.92 2.77
C ASN E 242 -6.16 -50.24 3.51
N GLY E 243 -6.40 -50.22 4.81
CA GLY E 243 -6.50 -51.46 5.54
C GLY E 243 -6.55 -51.17 7.02
N ALA E 244 -6.47 -52.24 7.81
CA ALA E 244 -6.64 -52.07 9.24
C ALA E 244 -5.99 -53.26 9.93
N ILE E 245 -5.68 -53.06 11.21
CA ILE E 245 -4.91 -53.99 11.99
C ILE E 245 -5.53 -54.06 13.38
N SER E 246 -5.43 -55.23 13.98
CA SER E 246 -6.13 -55.47 15.23
C SER E 246 -5.26 -56.33 16.12
N ASN E 247 -5.32 -56.05 17.44
CA ASN E 247 -4.74 -56.93 18.46
C ASN E 247 -5.47 -56.69 19.78
N PRO E 248 -6.26 -57.65 20.27
CA PRO E 248 -7.01 -57.44 21.53
C PRO E 248 -6.11 -57.28 22.76
N ASN E 249 -4.85 -57.68 22.68
CA ASN E 249 -3.95 -57.45 23.79
C ASN E 249 -3.29 -56.09 23.71
N GLY E 250 -3.58 -55.31 22.68
CA GLY E 250 -2.97 -54.02 22.54
C GLY E 250 -1.87 -54.12 21.49
N ILE E 251 -1.91 -53.20 20.54
CA ILE E 251 -0.91 -53.07 19.48
C ILE E 251 0.28 -52.29 20.03
N ASP E 252 1.50 -52.79 19.84
CA ASP E 252 2.72 -52.02 20.13
C ASP E 252 2.80 -50.81 19.18
N ILE E 253 2.34 -49.65 19.64
CA ILE E 253 2.20 -48.51 18.73
C ILE E 253 3.56 -47.99 18.32
N ALA E 254 4.57 -48.08 19.19
CA ALA E 254 5.91 -47.67 18.75
C ALA E 254 6.36 -48.53 17.56
N ALA E 255 6.11 -49.84 17.61
CA ALA E 255 6.47 -50.70 16.48
C ALA E 255 5.63 -50.43 15.24
N LEU E 256 4.36 -50.07 15.44
CA LEU E 256 3.50 -49.77 14.30
C LEU E 256 3.97 -48.51 13.57
N LEU E 257 4.37 -47.48 14.31
CA LEU E 257 4.84 -46.25 13.70
C LEU E 257 6.17 -46.44 12.96
N LYS E 258 7.06 -47.26 13.51
CA LYS E 258 8.28 -47.58 12.80
C LYS E 258 7.97 -48.33 11.51
N HIS E 259 7.00 -49.25 11.56
CA HIS E 259 6.57 -49.96 10.37
C HIS E 259 6.01 -48.97 9.35
N LYS E 260 5.16 -48.04 9.80
CA LYS E 260 4.64 -47.01 8.90
C LYS E 260 5.77 -46.19 8.28
N ALA E 261 6.74 -45.78 9.10
CA ALA E 261 7.88 -44.99 8.62
C ALA E 261 8.60 -45.70 7.49
N GLY E 262 8.67 -47.03 7.55
CA GLY E 262 9.33 -47.83 6.54
C GLY E 262 8.49 -48.11 5.31
N ASN E 263 7.39 -47.38 5.15
CA ASN E 263 6.44 -47.55 4.05
C ASN E 263 5.64 -48.85 4.17
N GLY E 264 5.48 -49.38 5.37
CA GLY E 264 4.65 -50.55 5.55
C GLY E 264 3.18 -50.21 5.62
N SER E 265 2.34 -51.16 5.23
CA SER E 265 0.89 -51.04 5.34
C SER E 265 0.39 -51.67 6.63
N LEU E 266 -0.61 -51.02 7.23
CA LEU E 266 -1.25 -51.54 8.44
C LEU E 266 -1.56 -53.02 8.34
N LYS E 267 -2.18 -53.45 7.23
CA LYS E 267 -2.60 -54.84 7.13
C LYS E 267 -1.42 -55.82 7.23
N ASP E 268 -0.20 -55.39 6.90
CA ASP E 268 0.95 -56.27 6.90
C ASP E 268 1.75 -56.23 8.21
N PHE E 269 1.31 -55.49 9.21
CA PHE E 269 2.09 -55.36 10.43
C PHE E 269 2.10 -56.69 11.20
N SER E 270 3.29 -57.19 11.53
CA SER E 270 3.38 -58.53 12.12
C SER E 270 2.83 -58.60 13.54
N GLY E 271 2.70 -57.48 14.24
CA GLY E 271 2.30 -57.51 15.64
C GLY E 271 0.80 -57.40 15.86
N GLY E 272 0.03 -57.92 14.91
CA GLY E 272 -1.42 -57.88 14.96
C GLY E 272 -1.98 -58.67 13.81
N ASP E 273 -3.30 -58.67 13.71
CA ASP E 273 -3.99 -59.39 12.65
C ASP E 273 -4.68 -58.39 11.74
N ALA E 274 -4.57 -58.60 10.43
CA ALA E 274 -5.28 -57.74 9.49
C ALA E 274 -6.77 -57.85 9.75
N MET E 275 -7.47 -56.74 9.64
CA MET E 275 -8.92 -56.72 9.80
C MET E 275 -9.51 -55.83 8.72
N ASN E 276 -10.78 -56.05 8.46
CA ASN E 276 -11.52 -55.24 7.49
C ASN E 276 -11.69 -53.82 8.01
N PRO E 277 -11.18 -52.78 7.33
CA PRO E 277 -11.37 -51.42 7.85
C PRO E 277 -12.83 -51.05 8.04
N ASN E 278 -13.74 -51.63 7.24
CA ASN E 278 -15.17 -51.36 7.37
C ASN E 278 -15.75 -51.82 8.69
N ASP E 279 -14.99 -52.55 9.52
CA ASP E 279 -15.45 -53.02 10.81
C ASP E 279 -14.84 -52.26 11.98
N LEU E 280 -14.09 -51.18 11.72
CA LEU E 280 -13.40 -50.47 12.79
C LEU E 280 -14.40 -49.82 13.75
N LEU E 281 -15.38 -49.09 13.21
CA LEU E 281 -16.25 -48.27 14.07
C LEU E 281 -17.13 -49.11 14.99
N VAL E 282 -17.41 -50.35 14.65
CA VAL E 282 -18.23 -51.23 15.47
C VAL E 282 -17.35 -52.25 16.21
N HIS E 283 -16.07 -51.96 16.36
CA HIS E 283 -15.17 -52.85 17.07
C HIS E 283 -15.46 -52.85 18.56
N ASP E 284 -15.26 -54.00 19.21
CA ASP E 284 -15.47 -54.09 20.65
C ASP E 284 -14.30 -53.42 21.36
N CYS E 285 -14.54 -52.22 21.87
CA CYS E 285 -13.53 -51.44 22.58
C CYS E 285 -14.27 -50.59 23.62
N ASP E 286 -13.52 -49.98 24.55
CA ASP E 286 -14.15 -49.04 25.47
C ASP E 286 -14.34 -47.67 24.82
N VAL E 287 -13.37 -47.24 24.01
CA VAL E 287 -13.31 -45.89 23.47
C VAL E 287 -13.07 -45.97 21.97
N LEU E 288 -13.87 -45.23 21.22
CA LEU E 288 -13.72 -45.09 19.78
C LEU E 288 -13.26 -43.66 19.47
N ILE E 289 -12.17 -43.55 18.71
CA ILE E 289 -11.64 -42.24 18.33
C ILE E 289 -11.59 -42.14 16.80
N PRO E 290 -12.62 -41.57 16.17
CA PRO E 290 -12.51 -41.29 14.73
C PRO E 290 -11.49 -40.17 14.50
N CYS E 291 -10.56 -40.42 13.55
CA CYS E 291 -9.47 -39.49 13.22
C CYS E 291 -9.35 -39.29 11.72
N ALA E 292 -10.44 -39.45 10.99
CA ALA E 292 -10.40 -39.42 9.52
C ALA E 292 -11.51 -38.51 9.05
N LEU E 293 -12.49 -39.04 8.30
CA LEU E 293 -13.51 -38.20 7.66
C LEU E 293 -14.69 -37.95 8.60
N GLY E 294 -15.56 -37.05 8.19
CA GLY E 294 -16.73 -36.68 8.96
C GLY E 294 -17.98 -37.45 8.54
N GLY E 295 -19.01 -37.41 9.39
CA GLY E 295 -20.25 -38.09 9.08
C GLY E 295 -20.18 -39.62 9.11
N VAL E 296 -19.14 -40.19 9.72
CA VAL E 296 -18.95 -41.64 9.64
C VAL E 296 -19.78 -42.41 10.66
N LEU E 297 -20.26 -41.75 11.72
CA LEU E 297 -21.26 -42.33 12.59
C LEU E 297 -22.61 -41.71 12.24
N ASN E 298 -23.52 -42.55 11.78
CA ASN E 298 -24.79 -42.10 11.23
C ASN E 298 -25.86 -43.06 11.72
N LYS E 299 -27.07 -42.81 11.26
CA LYS E 299 -28.20 -43.65 11.64
C LYS E 299 -28.04 -45.08 11.16
N GLU E 300 -27.12 -45.34 10.22
CA GLU E 300 -26.96 -46.67 9.64
C GLU E 300 -26.07 -47.60 10.47
N ASN E 301 -25.17 -47.06 11.28
CA ASN E 301 -24.27 -47.89 12.05
C ASN E 301 -24.24 -47.56 13.54
N ALA E 302 -24.89 -46.47 13.97
CA ALA E 302 -24.76 -46.02 15.34
C ALA E 302 -25.22 -47.09 16.33
N ASN E 303 -26.31 -47.79 16.01
CA ASN E 303 -26.83 -48.80 16.94
C ASN E 303 -25.85 -49.96 17.16
N ASP E 304 -24.85 -50.11 16.31
CA ASP E 304 -23.91 -51.21 16.41
C ASP E 304 -22.59 -50.80 17.04
N VAL E 305 -22.43 -49.52 17.41
CA VAL E 305 -21.26 -49.10 18.13
C VAL E 305 -21.23 -49.81 19.49
N LYS E 306 -20.08 -50.32 19.86
CA LYS E 306 -19.89 -51.02 21.13
C LYS E 306 -19.11 -50.21 22.16
N ALA E 307 -18.42 -49.16 21.73
CA ALA E 307 -17.71 -48.29 22.65
C ALA E 307 -18.67 -47.58 23.60
N LYS E 308 -18.19 -47.27 24.80
CA LYS E 308 -18.97 -46.47 25.73
C LYS E 308 -18.58 -45.01 25.70
N PHE E 309 -17.40 -44.68 25.16
CA PHE E 309 -17.02 -43.31 24.90
C PHE E 309 -16.62 -43.14 23.42
N ILE E 310 -16.96 -41.98 22.87
CA ILE E 310 -16.48 -41.55 21.57
C ILE E 310 -15.77 -40.22 21.77
N ILE E 311 -14.51 -40.14 21.35
CA ILE E 311 -13.72 -38.90 21.42
C ILE E 311 -13.57 -38.41 19.99
N GLU E 312 -14.15 -37.27 19.68
CA GLU E 312 -14.18 -36.80 18.29
C GLU E 312 -12.90 -36.05 17.99
N ALA E 313 -11.92 -36.78 17.44
CA ALA E 313 -10.69 -36.17 16.97
C ALA E 313 -10.87 -35.60 15.56
N ALA E 314 -11.41 -36.39 14.65
CA ALA E 314 -11.89 -35.85 13.39
C ALA E 314 -12.89 -34.74 13.64
N ASN E 315 -13.07 -33.88 12.62
CA ASN E 315 -14.15 -32.92 12.64
C ASN E 315 -15.44 -33.60 12.20
N HIS E 316 -16.51 -33.31 12.92
CA HIS E 316 -17.87 -33.80 12.71
C HIS E 316 -17.98 -35.25 12.25
N PRO E 317 -17.39 -36.19 13.02
CA PRO E 317 -17.56 -37.60 12.69
C PRO E 317 -18.95 -38.14 13.03
N THR E 318 -19.69 -37.52 13.94
CA THR E 318 -20.97 -38.04 14.41
C THR E 318 -22.09 -37.10 13.99
N ASP E 319 -23.07 -37.61 13.28
CA ASP E 319 -24.15 -36.73 12.87
C ASP E 319 -25.26 -36.73 13.91
N PRO E 320 -26.18 -35.75 13.83
CA PRO E 320 -27.19 -35.61 14.88
C PRO E 320 -28.09 -36.80 15.07
N ASP E 321 -28.40 -37.57 14.02
CA ASP E 321 -29.18 -38.78 14.22
C ASP E 321 -28.40 -39.80 15.06
N ALA E 322 -27.10 -39.95 14.79
CA ALA E 322 -26.29 -40.87 15.57
C ALA E 322 -26.18 -40.40 17.01
N ASP E 323 -26.06 -39.08 17.25
CA ASP E 323 -25.99 -38.57 18.62
C ASP E 323 -27.17 -39.07 19.45
N GLU E 324 -28.38 -38.95 18.91
CA GLU E 324 -29.56 -39.35 19.69
C GLU E 324 -29.53 -40.84 19.98
N ILE E 325 -29.21 -41.64 18.95
CA ILE E 325 -29.14 -43.10 19.12
C ILE E 325 -28.11 -43.46 20.18
N LEU E 326 -26.93 -42.83 20.11
CA LEU E 326 -25.83 -43.18 21.00
C LEU E 326 -26.13 -42.75 22.41
N SER E 327 -26.81 -41.61 22.57
CA SER E 327 -27.22 -41.16 23.89
C SER E 327 -28.15 -42.16 24.56
N LYS E 328 -29.09 -42.72 23.81
CA LYS E 328 -29.98 -43.72 24.40
C LYS E 328 -29.23 -45.01 24.68
N LYS E 329 -28.14 -45.26 23.99
CA LYS E 329 -27.31 -46.40 24.36
C LYS E 329 -26.39 -46.11 25.55
N GLY E 330 -26.43 -44.91 26.12
CA GLY E 330 -25.55 -44.59 27.24
C GLY E 330 -24.13 -44.25 26.84
N VAL E 331 -23.91 -43.95 25.57
CA VAL E 331 -22.57 -43.60 25.08
C VAL E 331 -22.35 -42.10 25.31
N ILE E 332 -21.14 -41.75 25.74
CA ILE E 332 -20.74 -40.36 26.02
C ILE E 332 -19.79 -39.93 24.90
N ILE E 333 -20.05 -38.75 24.30
CA ILE E 333 -19.32 -38.29 23.13
C ILE E 333 -18.65 -36.98 23.48
N LEU E 334 -17.32 -36.97 23.45
CA LEU E 334 -16.60 -35.73 23.70
C LEU E 334 -16.51 -34.99 22.37
N PRO E 335 -17.12 -33.82 22.24
CA PRO E 335 -17.35 -33.25 20.90
C PRO E 335 -16.09 -32.69 20.28
N ASP E 336 -16.09 -32.73 18.92
CA ASP E 336 -14.97 -32.22 18.12
C ASP E 336 -14.55 -30.81 18.56
N VAL E 337 -15.53 -29.94 18.78
CA VAL E 337 -15.22 -28.53 19.04
C VAL E 337 -14.46 -28.31 20.33
N TYR E 338 -14.35 -29.33 21.18
CA TYR E 338 -13.41 -29.29 22.30
C TYR E 338 -12.24 -30.24 22.11
N ALA E 339 -12.53 -31.53 21.86
CA ALA E 339 -11.50 -32.57 21.96
C ALA E 339 -10.37 -32.38 20.95
N ASN E 340 -10.66 -31.86 19.75
CA ASN E 340 -9.63 -31.76 18.75
C ASN E 340 -9.05 -30.36 18.64
N ALA E 341 -9.35 -29.49 19.60
CA ALA E 341 -8.95 -28.10 19.55
C ALA E 341 -7.49 -27.88 19.93
N GLY E 342 -6.80 -28.93 20.34
CA GLY E 342 -5.38 -28.77 20.63
C GLY E 342 -4.61 -28.23 19.44
N GLY E 343 -5.00 -28.63 18.23
CA GLY E 343 -4.22 -28.23 17.07
C GLY E 343 -4.30 -26.73 16.85
N VAL E 344 -5.53 -26.19 16.80
CA VAL E 344 -5.65 -24.76 16.55
C VAL E 344 -5.13 -23.97 17.75
N THR E 345 -5.21 -24.56 18.96
CA THR E 345 -4.66 -23.91 20.14
C THR E 345 -3.14 -23.76 20.03
N VAL E 346 -2.43 -24.80 19.61
CA VAL E 346 -0.99 -24.66 19.46
C VAL E 346 -0.67 -23.82 18.22
N SER E 347 -1.51 -23.86 17.19
CA SER E 347 -1.38 -22.88 16.11
C SER E 347 -1.39 -21.46 16.63
N TYR E 348 -2.30 -21.17 17.56
CA TYR E 348 -2.32 -19.83 18.14
C TYR E 348 -0.96 -19.52 18.76
N PHE E 349 -0.40 -20.49 19.48
CA PHE E 349 0.90 -20.25 20.10
C PHE E 349 1.98 -20.04 19.06
N GLU E 350 1.92 -20.79 17.94
CA GLU E 350 2.89 -20.61 16.85
C GLU E 350 2.80 -19.18 16.30
N TRP E 351 1.59 -18.74 16.02
CA TRP E 351 1.32 -17.37 15.58
C TRP E 351 1.86 -16.35 16.58
N VAL E 352 1.55 -16.54 17.87
CA VAL E 352 2.09 -15.65 18.88
C VAL E 352 3.62 -15.60 18.83
N GLN E 353 4.26 -16.78 18.74
CA GLN E 353 5.72 -16.83 18.73
C GLN E 353 6.27 -16.10 17.50
N ASN E 354 5.61 -16.27 16.35
CA ASN E 354 6.06 -15.59 15.14
C ASN E 354 5.93 -14.07 15.28
N ILE E 355 4.80 -13.61 15.79
CA ILE E 355 4.52 -12.19 15.95
C ILE E 355 5.48 -11.57 16.94
N GLN E 356 5.91 -12.34 17.93
CA GLN E 356 6.86 -11.93 18.94
C GLN E 356 8.29 -12.09 18.46
N GLY E 357 8.48 -12.69 17.29
CA GLY E 357 9.80 -12.95 16.73
C GLY E 357 10.72 -13.81 17.56
N PHE E 358 10.17 -14.64 18.45
CA PHE E 358 10.98 -15.35 19.46
C PHE E 358 10.26 -16.64 19.85
N MET E 359 10.89 -17.78 19.59
CA MET E 359 10.21 -19.06 19.77
C MET E 359 10.31 -19.54 21.23
N TRP E 360 9.36 -20.38 21.61
CA TRP E 360 9.30 -21.03 22.91
C TRP E 360 9.85 -22.44 22.83
N ASP E 361 10.25 -22.98 23.99
CA ASP E 361 10.59 -24.40 24.01
C ASP E 361 9.32 -25.27 24.15
N GLU E 362 9.48 -26.54 23.84
CA GLU E 362 8.31 -27.41 23.71
C GLU E 362 7.61 -27.60 25.06
N GLU E 363 8.35 -27.56 26.15
CA GLU E 363 7.73 -27.63 27.48
C GLU E 363 6.71 -26.53 27.67
N LYS E 364 7.06 -25.30 27.24
CA LYS E 364 6.15 -24.18 27.43
C LYS E 364 4.92 -24.32 26.56
N VAL E 365 5.11 -24.70 25.30
CA VAL E 365 3.99 -24.92 24.39
C VAL E 365 2.99 -25.90 25.02
N ASN E 366 3.48 -27.07 25.42
CA ASN E 366 2.57 -28.09 25.96
C ASN E 366 2.02 -27.70 27.31
N GLN E 367 2.75 -26.91 28.08
CA GLN E 367 2.22 -26.41 29.34
C GLN E 367 1.04 -25.48 29.10
N GLU E 368 1.18 -24.55 28.13
CA GLU E 368 0.04 -23.68 27.79
C GLU E 368 -1.11 -24.46 27.15
N LEU E 369 -0.82 -25.48 26.34
CA LEU E 369 -1.91 -26.28 25.78
C LEU E 369 -2.76 -26.92 26.88
N LYS E 370 -2.10 -27.56 27.84
CA LYS E 370 -2.85 -28.21 28.92
C LYS E 370 -3.66 -27.17 29.70
N ARG E 371 -3.09 -25.98 29.89
CA ARG E 371 -3.77 -24.93 30.62
C ARG E 371 -5.04 -24.52 29.90
N TYR E 372 -4.96 -24.36 28.57
CA TYR E 372 -6.14 -23.94 27.81
C TYR E 372 -7.20 -25.05 27.80
N MET E 373 -6.75 -26.31 27.67
CA MET E 373 -7.68 -27.43 27.61
C MET E 373 -8.34 -27.65 28.98
N THR E 374 -7.60 -27.43 30.07
CA THR E 374 -8.18 -27.54 31.43
C THR E 374 -9.25 -26.48 31.68
N LYS E 375 -8.98 -25.23 31.30
CA LYS E 375 -9.95 -24.17 31.51
C LYS E 375 -11.21 -24.45 30.71
N ALA E 376 -11.04 -24.90 29.48
CA ALA E 376 -12.21 -25.10 28.63
C ALA E 376 -13.07 -26.25 29.13
N PHE E 377 -12.46 -27.34 29.56
CA PHE E 377 -13.26 -28.44 30.08
C PHE E 377 -14.07 -28.00 31.31
N ASN E 378 -13.45 -27.22 32.21
CA ASN E 378 -14.20 -26.75 33.37
C ASN E 378 -15.36 -25.83 32.96
N ASP E 379 -15.14 -24.97 31.95
CA ASP E 379 -16.23 -24.12 31.46
C ASP E 379 -17.33 -24.95 30.82
N ILE E 380 -16.95 -26.00 30.10
CA ILE E 380 -17.94 -26.87 29.47
C ILE E 380 -18.78 -27.55 30.53
N LYS E 381 -18.11 -28.10 31.57
CA LYS E 381 -18.82 -28.75 32.66
C LYS E 381 -19.86 -27.82 33.27
N ALA E 382 -19.45 -26.56 33.50
CA ALA E 382 -20.36 -25.60 34.13
C ALA E 382 -21.56 -25.36 33.22
N ASN E 383 -21.30 -25.30 31.91
CA ASN E 383 -22.36 -25.02 30.97
C ASN E 383 -23.33 -26.18 30.88
N CYS E 384 -22.82 -27.42 30.93
CA CYS E 384 -23.69 -28.58 30.99
C CYS E 384 -24.61 -28.55 32.19
N LYS E 385 -24.08 -28.15 33.35
CA LYS E 385 -24.91 -28.05 34.54
C LYS E 385 -25.93 -26.93 34.40
N THR E 386 -25.50 -25.76 33.92
CA THR E 386 -26.43 -24.63 33.81
C THR E 386 -27.63 -24.99 32.93
N HIS E 387 -27.39 -25.63 31.79
CA HIS E 387 -28.42 -25.88 30.79
C HIS E 387 -28.91 -27.33 30.79
N ASN E 388 -28.47 -28.15 31.74
CA ASN E 388 -28.80 -29.55 31.77
C ASN E 388 -28.76 -30.16 30.35
N CYS E 389 -27.59 -30.07 29.73
CA CYS E 389 -27.41 -30.60 28.38
C CYS E 389 -26.20 -31.53 28.28
N ASP E 390 -26.06 -32.16 27.11
CA ASP E 390 -24.97 -33.09 26.84
C ASP E 390 -23.67 -32.33 26.56
N LEU E 391 -22.56 -33.07 26.54
CA LEU E 391 -21.26 -32.42 26.32
C LEU E 391 -21.20 -31.63 25.00
N ARG E 392 -21.74 -32.18 23.92
CA ARG E 392 -21.71 -31.44 22.66
C ARG E 392 -22.34 -30.07 22.82
N MET E 393 -23.53 -30.01 23.40
CA MET E 393 -24.20 -28.73 23.55
C MET E 393 -23.54 -27.86 24.61
N GLY E 394 -22.93 -28.46 25.64
CA GLY E 394 -22.16 -27.66 26.58
C GLY E 394 -21.04 -26.89 25.92
N ALA E 395 -20.31 -27.52 24.98
CA ALA E 395 -19.25 -26.85 24.25
C ALA E 395 -19.80 -25.90 23.19
N PHE E 396 -20.77 -26.38 22.40
CA PHE E 396 -21.34 -25.56 21.33
C PHE E 396 -21.93 -24.26 21.90
N THR E 397 -22.73 -24.35 22.96
CA THR E 397 -23.34 -23.13 23.50
C THR E 397 -22.31 -22.21 24.11
N LEU E 398 -21.27 -22.78 24.73
CA LEU E 398 -20.16 -21.98 25.26
C LEU E 398 -19.54 -21.13 24.15
N GLY E 399 -19.18 -21.76 23.04
CA GLY E 399 -18.51 -21.03 21.97
C GLY E 399 -19.47 -20.09 21.24
N LEU E 400 -20.70 -20.55 20.97
CA LEU E 400 -21.68 -19.71 20.30
C LEU E 400 -21.99 -18.46 21.13
N ASN E 401 -22.11 -18.63 22.44
CA ASN E 401 -22.38 -17.49 23.30
C ASN E 401 -21.23 -16.48 23.28
N ARG E 402 -19.97 -16.96 23.26
CA ARG E 402 -18.87 -16.02 23.22
C ARG E 402 -18.83 -15.25 21.89
N VAL E 403 -19.13 -15.92 20.79
CA VAL E 403 -19.14 -15.22 19.51
C VAL E 403 -20.27 -14.21 19.48
N ALA E 404 -21.44 -14.58 20.01
CA ALA E 404 -22.56 -13.66 20.05
C ALA E 404 -22.22 -12.42 20.85
N ARG E 405 -21.60 -12.59 22.02
CA ARG E 405 -21.26 -11.42 22.84
C ARG E 405 -20.34 -10.48 22.08
N ALA E 406 -19.31 -11.03 21.45
CA ALA E 406 -18.35 -10.20 20.72
C ALA E 406 -19.04 -9.51 19.56
N THR E 407 -19.95 -10.22 18.89
CA THR E 407 -20.68 -9.64 17.76
C THR E 407 -21.52 -8.47 18.25
N LEU E 408 -22.18 -8.63 19.40
CA LEU E 408 -23.04 -7.58 19.91
C LEU E 408 -22.22 -6.36 20.38
N LEU E 409 -21.04 -6.60 20.96
CA LEU E 409 -20.17 -5.50 21.36
C LEU E 409 -19.73 -4.69 20.15
N ARG E 410 -19.40 -5.36 19.06
CA ARG E 410 -18.85 -4.65 17.91
C ARG E 410 -19.91 -3.81 17.23
N GLY E 411 -21.15 -4.24 17.27
CA GLY E 411 -22.21 -3.42 16.70
C GLY E 411 -22.41 -3.62 15.22
N TRP E 412 -23.40 -2.87 14.72
CA TRP E 412 -24.03 -3.09 13.42
C TRP E 412 -24.08 -1.85 12.53
N GLU E 413 -23.75 -0.67 13.05
CA GLU E 413 -23.79 0.49 12.16
C GLU E 413 -22.58 0.45 11.21
N ALA E 414 -22.70 1.15 10.09
CA ALA E 414 -21.67 1.04 9.03
C ALA E 414 -20.47 1.97 9.25
N ASN F 2 -6.11 46.17 9.07
CA ASN F 2 -7.30 47.07 8.90
C ASN F 2 -8.44 46.43 8.10
N ALA F 3 -8.13 45.33 7.40
CA ALA F 3 -9.14 44.61 6.64
C ALA F 3 -10.12 43.89 7.57
N MET F 4 -11.34 43.69 7.08
CA MET F 4 -12.29 42.80 7.76
C MET F 4 -11.69 41.41 7.81
N ASN F 5 -12.01 40.67 8.88
CA ASN F 5 -11.57 39.27 8.95
C ASN F 5 -11.98 38.52 7.69
N ALA F 6 -11.03 37.77 7.10
CA ALA F 6 -11.25 37.17 5.79
C ALA F 6 -12.36 36.13 5.84
N LEU F 7 -12.40 35.34 6.91
CA LEU F 7 -13.41 34.30 6.98
C LEU F 7 -14.76 34.89 7.31
N VAL F 8 -14.83 35.94 8.14
CA VAL F 8 -16.10 36.63 8.38
C VAL F 8 -16.65 37.16 7.06
N ALA F 9 -15.78 37.78 6.25
CA ALA F 9 -16.20 38.33 4.95
C ALA F 9 -16.73 37.22 4.05
N THR F 10 -15.97 36.14 3.93
CA THR F 10 -16.39 35.09 3.00
C THR F 10 -17.65 34.38 3.50
N ASN F 11 -17.73 34.07 4.79
CA ASN F 11 -18.95 33.49 5.33
C ASN F 11 -20.18 34.40 5.15
N ARG F 12 -20.03 35.73 5.23
CA ARG F 12 -21.16 36.60 4.91
C ARG F 12 -21.64 36.41 3.47
N ASN F 13 -20.71 36.25 2.51
CA ASN F 13 -21.14 36.02 1.14
C ASN F 13 -21.79 34.65 0.98
N PHE F 14 -21.24 33.63 1.66
CA PHE F 14 -21.87 32.31 1.63
C PHE F 14 -23.27 32.37 2.20
N GLN F 15 -23.44 33.07 3.32
CA GLN F 15 -24.77 33.19 3.92
C GLN F 15 -25.76 33.83 2.97
N ARG F 16 -25.36 34.92 2.30
CA ARG F 16 -26.28 35.60 1.40
C ARG F 16 -26.63 34.72 0.20
N ALA F 17 -25.65 33.99 -0.33
CA ALA F 17 -25.90 33.06 -1.43
C ALA F 17 -26.84 31.94 -1.01
N SER F 18 -26.64 31.41 0.21
N SER F 18 -26.64 31.41 0.21
CA SER F 18 -27.49 30.33 0.70
CA SER F 18 -27.48 30.35 0.72
C SER F 18 -28.94 30.78 0.84
C SER F 18 -28.93 30.79 0.83
N ARG F 19 -29.16 32.04 1.24
CA ARG F 19 -30.52 32.55 1.37
C ARG F 19 -31.17 32.75 0.00
N ILE F 20 -30.40 33.19 -0.99
CA ILE F 20 -30.94 33.31 -2.33
C ILE F 20 -31.42 31.96 -2.83
N LEU F 21 -30.65 30.92 -2.57
CA LEU F 21 -31.01 29.57 -2.99
C LEU F 21 -32.05 28.94 -2.08
N GLY F 22 -32.29 29.48 -0.89
CA GLY F 22 -33.18 28.85 0.07
C GLY F 22 -32.65 27.50 0.53
N LEU F 23 -31.36 27.40 0.78
CA LEU F 23 -30.78 26.13 1.19
C LEU F 23 -31.34 25.69 2.53
N ASP F 24 -31.65 24.39 2.64
CA ASP F 24 -31.91 23.78 3.94
C ASP F 24 -30.80 24.13 4.91
N SER F 25 -31.17 24.47 6.14
CA SER F 25 -30.17 24.96 7.10
C SER F 25 -29.18 23.87 7.55
N LYS F 26 -29.58 22.60 7.53
CA LYS F 26 -28.67 21.55 7.98
C LYS F 26 -27.68 21.22 6.88
N LEU F 27 -28.11 21.35 5.62
CA LEU F 27 -27.21 21.25 4.50
C LEU F 27 -26.22 22.41 4.50
N GLU F 28 -26.71 23.62 4.74
CA GLU F 28 -25.86 24.80 4.84
C GLU F 28 -24.75 24.61 5.88
N LYS F 29 -25.13 24.13 7.06
CA LYS F 29 -24.15 23.95 8.13
C LYS F 29 -23.07 22.95 7.71
N SER F 30 -23.47 21.85 7.06
CA SER F 30 -22.47 20.88 6.58
C SER F 30 -21.52 21.54 5.60
N LEU F 31 -22.06 22.30 4.64
CA LEU F 31 -21.25 22.87 3.57
C LEU F 31 -20.25 23.87 4.10
N LEU F 32 -20.57 24.51 5.23
CA LEU F 32 -19.66 25.50 5.78
C LEU F 32 -18.44 24.83 6.41
N ILE F 33 -18.65 23.73 7.14
CA ILE F 33 -17.54 23.11 7.88
C ILE F 33 -16.59 22.45 6.89
N PRO F 34 -15.29 22.71 7.00
CA PRO F 34 -14.33 22.04 6.11
C PRO F 34 -14.26 20.54 6.35
N TYR F 35 -14.15 19.81 5.25
CA TYR F 35 -13.88 18.38 5.31
C TYR F 35 -12.72 18.06 6.27
N ARG F 36 -11.61 18.77 6.14
N ARG F 36 -11.59 18.76 6.14
CA ARG F 36 -10.46 18.50 7.02
CA ARG F 36 -10.44 18.47 7.01
C ARG F 36 -9.54 19.70 7.04
C ARG F 36 -9.51 19.67 7.04
N GLU F 37 -9.21 20.18 8.23
CA GLU F 37 -8.22 21.24 8.44
C GLU F 37 -6.96 20.63 9.04
N ILE F 38 -5.80 20.96 8.48
CA ILE F 38 -4.52 20.45 8.96
C ILE F 38 -3.53 21.57 9.21
N LYS F 39 -2.91 21.56 10.37
CA LYS F 39 -1.81 22.45 10.74
C LYS F 39 -0.63 21.55 11.10
N VAL F 40 0.55 21.85 10.57
CA VAL F 40 1.73 21.00 10.79
C VAL F 40 2.94 21.85 11.13
N GLU F 41 3.81 21.29 11.97
CA GLU F 41 5.08 21.94 12.26
C GLU F 41 6.01 21.78 11.06
N CYS F 42 6.64 22.87 10.63
CA CYS F 42 7.66 22.87 9.56
C CYS F 42 8.90 23.56 10.10
N THR F 43 9.84 22.75 10.57
CA THR F 43 11.10 23.22 11.14
C THR F 43 12.23 22.76 10.24
N ILE F 44 13.09 23.70 9.86
CA ILE F 44 14.23 23.42 8.98
C ILE F 44 15.47 24.04 9.58
N PRO F 45 16.64 23.53 9.20
CA PRO F 45 17.88 24.29 9.46
C PRO F 45 18.04 25.35 8.37
N LYS F 46 18.49 26.50 8.79
CA LYS F 46 18.87 27.54 7.85
C LYS F 46 20.22 27.20 7.22
N ASP F 47 20.62 28.00 6.23
CA ASP F 47 21.92 27.80 5.61
C ASP F 47 23.01 27.87 6.65
N ASP F 48 22.86 28.77 7.62
CA ASP F 48 23.87 28.87 8.66
C ASP F 48 23.74 27.81 9.75
N GLY F 49 22.82 26.86 9.62
CA GLY F 49 22.74 25.75 10.55
C GLY F 49 21.71 25.91 11.66
N SER F 50 21.27 27.14 11.95
CA SER F 50 20.33 27.38 13.03
C SER F 50 18.91 26.99 12.60
N LEU F 51 18.08 26.71 13.59
CA LEU F 51 16.70 26.27 13.34
C LEU F 51 15.76 27.46 13.18
N VAL F 52 14.80 27.31 12.28
CA VAL F 52 13.61 28.14 12.26
C VAL F 52 12.41 27.21 12.21
N SER F 53 11.34 27.64 12.85
CA SER F 53 10.14 26.82 12.96
C SER F 53 8.97 27.63 12.44
N TYR F 54 8.30 27.11 11.42
CA TYR F 54 7.07 27.68 10.89
C TYR F 54 5.92 26.69 11.11
N VAL F 55 4.70 27.18 10.92
CA VAL F 55 3.51 26.34 10.92
C VAL F 55 2.94 26.37 9.50
N GLY F 56 2.72 25.19 8.94
CA GLY F 56 2.08 25.05 7.66
C GLY F 56 0.62 24.64 7.78
N PHE F 57 -0.21 25.04 6.79
CA PHE F 57 -1.64 24.74 6.75
C PHE F 57 -2.00 24.11 5.42
N ARG F 58 -2.87 23.09 5.47
CA ARG F 58 -3.66 22.68 4.32
C ARG F 58 -5.10 22.50 4.78
N ILE F 59 -6.00 23.32 4.25
CA ILE F 59 -7.42 23.24 4.56
C ILE F 59 -8.09 22.59 3.38
N GLN F 60 -8.72 21.46 3.59
CA GLN F 60 -9.47 20.78 2.56
C GLN F 60 -10.93 21.04 2.82
N HIS F 61 -11.52 21.93 2.02
CA HIS F 61 -12.84 22.44 2.38
C HIS F 61 -13.96 21.48 1.96
N ASP F 62 -13.96 21.02 0.70
CA ASP F 62 -15.07 20.18 0.23
C ASP F 62 -14.62 19.31 -0.94
N ASN F 63 -15.04 18.03 -0.96
CA ASN F 63 -14.63 17.19 -2.08
C ASN F 63 -15.82 16.44 -2.70
N ALA F 64 -17.03 17.02 -2.63
CA ALA F 64 -18.19 16.44 -3.30
C ALA F 64 -18.01 16.30 -4.82
N ARG F 65 -17.41 17.30 -5.48
CA ARG F 65 -17.35 17.29 -6.93
C ARG F 65 -16.03 16.72 -7.48
N GLY F 66 -15.07 16.36 -6.63
CA GLY F 66 -13.86 15.75 -7.14
C GLY F 66 -12.69 15.92 -6.18
N PRO F 67 -11.50 15.53 -6.60
CA PRO F 67 -10.30 15.85 -5.83
C PRO F 67 -10.27 17.33 -5.48
N MET F 68 -9.73 17.63 -4.31
CA MET F 68 -9.69 19.02 -3.93
C MET F 68 -8.55 19.75 -4.63
N LYS F 69 -8.72 21.06 -4.77
CA LYS F 69 -7.83 21.85 -5.61
C LYS F 69 -7.60 23.24 -5.02
N GLY F 70 -6.36 23.67 -5.02
CA GLY F 70 -6.04 25.06 -4.72
C GLY F 70 -4.58 25.23 -4.38
N GLY F 71 -4.17 26.49 -4.33
CA GLY F 71 -2.76 26.85 -4.26
C GLY F 71 -2.18 26.75 -2.84
N ILE F 72 -0.88 27.03 -2.79
CA ILE F 72 -0.06 27.17 -1.60
C ILE F 72 0.51 28.58 -1.58
N ARG F 73 0.26 29.30 -0.48
CA ARG F 73 0.70 30.68 -0.30
C ARG F 73 1.80 30.74 0.76
N TYR F 74 2.92 31.36 0.39
CA TYR F 74 3.99 31.76 1.30
C TYR F 74 3.93 33.27 1.47
N HIS F 75 3.39 33.71 2.61
CA HIS F 75 3.17 35.12 2.84
C HIS F 75 3.02 35.34 4.33
N PRO F 76 3.52 36.45 4.88
CA PRO F 76 3.49 36.62 6.34
C PRO F 76 2.10 36.73 6.93
N GLU F 77 1.06 37.04 6.17
CA GLU F 77 -0.28 37.15 6.74
C GLU F 77 -1.06 35.84 6.64
N VAL F 78 -0.44 34.77 6.17
CA VAL F 78 -1.10 33.47 6.13
C VAL F 78 -1.45 33.03 7.55
N ASP F 79 -2.72 32.69 7.77
CA ASP F 79 -3.19 32.18 9.06
C ASP F 79 -4.43 31.35 8.81
N PRO F 80 -4.97 30.70 9.85
CA PRO F 80 -6.12 29.79 9.60
C PRO F 80 -7.32 30.47 8.97
N ASP F 81 -7.64 31.70 9.39
CA ASP F 81 -8.78 32.39 8.81
C ASP F 81 -8.60 32.61 7.31
N GLU F 82 -7.39 33.00 6.89
CA GLU F 82 -7.17 33.30 5.48
C GLU F 82 -7.21 32.04 4.65
N VAL F 83 -6.59 30.96 5.15
CA VAL F 83 -6.60 29.73 4.37
C VAL F 83 -7.97 29.10 4.35
N ASN F 84 -8.72 29.21 5.44
CA ASN F 84 -10.10 28.71 5.41
C ASN F 84 -10.94 29.47 4.36
N ALA F 85 -10.86 30.79 4.38
CA ALA F 85 -11.62 31.57 3.40
C ALA F 85 -11.25 31.18 1.98
N LEU F 86 -9.95 31.12 1.66
CA LEU F 86 -9.55 30.78 0.30
C LEU F 86 -10.02 29.39 -0.10
N ALA F 87 -9.94 28.43 0.82
CA ALA F 87 -10.32 27.07 0.47
C ALA F 87 -11.82 27.00 0.15
N GLN F 88 -12.64 27.70 0.91
CA GLN F 88 -14.06 27.74 0.60
C GLN F 88 -14.32 28.36 -0.77
N LEU F 89 -13.63 29.47 -1.10
CA LEU F 89 -13.79 30.10 -2.42
C LEU F 89 -13.40 29.14 -3.55
N MET F 90 -12.36 28.31 -3.34
CA MET F 90 -11.98 27.31 -4.34
C MET F 90 -13.12 26.34 -4.61
N THR F 91 -13.80 25.89 -3.55
CA THR F 91 -14.94 25.00 -3.74
C THR F 91 -16.00 25.63 -4.68
N TRP F 92 -16.32 26.90 -4.46
CA TRP F 92 -17.36 27.51 -5.29
C TRP F 92 -16.84 27.79 -6.70
N LYS F 93 -15.59 28.28 -6.80
CA LYS F 93 -14.99 28.63 -8.09
C LYS F 93 -14.86 27.41 -8.99
N THR F 94 -14.38 26.29 -8.45
CA THR F 94 -14.26 25.09 -9.27
C THR F 94 -15.62 24.68 -9.82
N ALA F 95 -16.68 24.90 -9.04
CA ALA F 95 -18.01 24.59 -9.53
C ALA F 95 -18.53 25.62 -10.50
N VAL F 96 -18.15 26.90 -10.34
CA VAL F 96 -18.58 27.92 -11.31
C VAL F 96 -18.11 27.57 -12.73
N VAL F 97 -16.83 27.21 -12.88
CA VAL F 97 -16.33 26.83 -14.20
C VAL F 97 -16.62 25.37 -14.53
N ASP F 98 -17.14 24.60 -13.58
CA ASP F 98 -17.56 23.22 -13.80
C ASP F 98 -16.38 22.34 -14.24
N ILE F 99 -15.30 22.44 -13.47
CA ILE F 99 -14.21 21.47 -13.54
C ILE F 99 -14.39 20.51 -12.38
N PRO F 100 -13.95 19.26 -12.52
CA PRO F 100 -14.29 18.19 -11.57
C PRO F 100 -13.35 18.14 -10.36
N TYR F 101 -13.38 19.22 -9.60
CA TYR F 101 -12.60 19.39 -8.38
C TYR F 101 -13.46 19.96 -7.26
N GLY F 102 -13.05 19.65 -6.02
CA GLY F 102 -13.46 20.41 -4.85
C GLY F 102 -12.40 21.46 -4.50
N GLY F 103 -12.57 22.10 -3.35
CA GLY F 103 -11.73 23.22 -2.93
C GLY F 103 -10.80 22.93 -1.76
N ALA F 104 -9.58 23.46 -1.86
CA ALA F 104 -8.59 23.38 -0.79
C ALA F 104 -7.65 24.56 -0.92
N LYS F 105 -6.88 24.81 0.13
CA LYS F 105 -5.86 25.85 0.08
C LYS F 105 -4.85 25.57 1.18
N GLY F 106 -3.58 25.92 0.93
CA GLY F 106 -2.54 25.77 1.92
C GLY F 106 -1.65 26.99 2.01
N GLY F 107 -0.73 26.94 2.96
CA GLY F 107 0.23 28.03 3.06
C GLY F 107 1.09 27.94 4.27
N ILE F 108 2.11 28.80 4.26
CA ILE F 108 3.00 28.96 5.39
C ILE F 108 3.13 30.45 5.65
N GLY F 109 3.03 30.84 6.92
CA GLY F 109 3.24 32.21 7.31
C GLY F 109 4.74 32.46 7.38
N CYS F 110 5.30 32.92 6.28
CA CYS F 110 6.71 33.27 6.23
C CYS F 110 6.84 34.41 5.24
N ASN F 111 8.05 34.98 5.22
CA ASN F 111 8.42 35.97 4.21
C ASN F 111 9.48 35.40 3.29
N PRO F 112 9.13 34.99 2.07
CA PRO F 112 10.14 34.42 1.16
C PRO F 112 11.35 35.28 0.92
N LYS F 113 11.21 36.61 0.95
CA LYS F 113 12.37 37.47 0.78
C LYS F 113 13.45 37.20 1.82
N ASP F 114 13.06 36.73 3.00
CA ASP F 114 14.04 36.55 4.07
C ASP F 114 14.67 35.15 4.02
N LEU F 115 14.30 34.34 3.05
CA LEU F 115 14.80 32.98 2.91
C LEU F 115 15.61 32.84 1.63
N SER F 116 16.75 32.17 1.73
CA SER F 116 17.51 31.87 0.54
C SER F 116 16.76 30.83 -0.30
N ILE F 117 17.26 30.60 -1.53
CA ILE F 117 16.61 29.61 -2.39
C ILE F 117 16.74 28.21 -1.80
N SER F 118 17.87 27.90 -1.16
CA SER F 118 18.00 26.55 -0.62
C SER F 118 17.14 26.39 0.61
N GLU F 119 17.00 27.45 1.43
CA GLU F 119 16.06 27.42 2.55
C GLU F 119 14.62 27.24 2.08
N LEU F 120 14.21 27.94 1.03
CA LEU F 120 12.86 27.78 0.51
C LEU F 120 12.63 26.35 0.06
N GLU F 121 13.64 25.76 -0.56
CA GLU F 121 13.52 24.37 -0.98
C GLU F 121 13.34 23.44 0.22
N ARG F 122 14.17 23.59 1.25
CA ARG F 122 14.03 22.74 2.43
C ARG F 122 12.66 22.94 3.10
N LEU F 123 12.22 24.18 3.20
CA LEU F 123 10.89 24.43 3.77
C LEU F 123 9.82 23.72 2.97
N THR F 124 9.90 23.83 1.64
CA THR F 124 8.88 23.22 0.79
C THR F 124 8.88 21.70 0.94
N ARG F 125 10.06 21.10 0.98
CA ARG F 125 10.15 19.65 1.09
C ARG F 125 9.68 19.17 2.46
N VAL F 126 10.03 19.88 3.53
CA VAL F 126 9.51 19.48 4.85
C VAL F 126 7.99 19.60 4.87
N PHE F 127 7.45 20.69 4.33
CA PHE F 127 5.99 20.83 4.27
C PHE F 127 5.37 19.68 3.51
N THR F 128 6.02 19.25 2.42
CA THR F 128 5.51 18.13 1.64
C THR F 128 5.57 16.85 2.43
N GLN F 129 6.66 16.65 3.19
CA GLN F 129 6.75 15.47 4.03
C GLN F 129 5.64 15.44 5.08
N LYS F 130 5.24 16.60 5.54
CA LYS F 130 4.22 16.68 6.57
C LYS F 130 2.79 16.55 6.03
N ILE F 131 2.54 16.81 4.74
CA ILE F 131 1.19 16.71 4.18
C ILE F 131 1.07 15.64 3.10
N HIS F 132 2.12 14.87 2.80
CA HIS F 132 2.05 13.98 1.64
C HIS F 132 0.96 12.92 1.80
N ASP F 133 0.67 12.51 3.04
CA ASP F 133 -0.41 11.53 3.23
C ASP F 133 -1.80 12.14 3.04
N LEU F 134 -1.91 13.46 2.98
CA LEU F 134 -3.19 14.14 2.76
C LEU F 134 -3.47 14.50 1.31
N ILE F 135 -2.46 14.51 0.46
CA ILE F 135 -2.69 15.00 -0.88
C ILE F 135 -2.54 13.81 -1.81
N GLY F 136 -2.77 14.04 -3.08
CA GLY F 136 -2.68 12.98 -4.06
C GLY F 136 -3.42 13.35 -5.32
N ILE F 137 -3.03 12.66 -6.40
CA ILE F 137 -3.62 12.89 -7.72
C ILE F 137 -5.14 12.88 -7.67
N HIS F 138 -5.72 11.93 -6.93
CA HIS F 138 -7.17 11.85 -6.85
C HIS F 138 -7.72 12.26 -5.49
N ARG F 139 -6.97 13.06 -4.73
CA ARG F 139 -7.36 13.45 -3.37
C ARG F 139 -7.31 14.95 -3.20
N ASP F 140 -6.14 15.54 -3.44
CA ASP F 140 -5.93 16.99 -3.25
C ASP F 140 -4.67 17.40 -3.99
N VAL F 141 -4.80 18.38 -4.90
CA VAL F 141 -3.78 18.71 -5.89
C VAL F 141 -3.38 20.17 -5.71
N PRO F 142 -2.22 20.44 -5.10
CA PRO F 142 -1.82 21.84 -4.89
C PRO F 142 -1.29 22.49 -6.16
N ALA F 143 -0.82 23.70 -5.97
CA ALA F 143 -0.42 24.61 -7.03
C ALA F 143 0.23 25.84 -6.41
N PRO F 144 0.80 26.73 -7.20
CA PRO F 144 1.42 27.94 -6.64
C PRO F 144 0.46 29.12 -6.52
N ASP F 145 0.47 29.78 -5.37
CA ASP F 145 -0.27 31.01 -5.09
C ASP F 145 0.79 32.07 -4.78
N MET F 146 0.45 33.07 -3.97
CA MET F 146 1.39 34.15 -3.73
C MET F 146 2.62 33.64 -3.01
N GLY F 147 3.77 34.20 -3.38
CA GLY F 147 5.03 33.78 -2.78
C GLY F 147 5.60 32.45 -3.24
N THR F 148 4.91 31.74 -4.12
CA THR F 148 5.41 30.48 -4.66
C THR F 148 5.29 30.52 -6.18
N ASN F 149 5.95 29.58 -6.85
CA ASN F 149 5.95 29.56 -8.32
C ASN F 149 6.23 28.14 -8.79
N SER F 150 6.54 27.99 -10.09
CA SER F 150 6.66 26.66 -10.65
C SER F 150 7.86 25.92 -10.08
N GLN F 151 8.91 26.64 -9.69
CA GLN F 151 10.03 25.98 -9.02
C GLN F 151 9.61 25.42 -7.66
N THR F 152 8.77 26.13 -6.91
CA THR F 152 8.22 25.56 -5.68
C THR F 152 7.51 24.23 -5.96
N MET F 153 6.72 24.20 -7.02
CA MET F 153 5.96 22.98 -7.32
C MET F 153 6.86 21.81 -7.71
N ALA F 154 7.98 22.09 -8.42
CA ALA F 154 8.94 21.04 -8.75
C ALA F 154 9.45 20.34 -7.51
N TRP F 155 9.76 21.10 -6.45
CA TRP F 155 10.18 20.48 -5.20
C TRP F 155 9.07 19.64 -4.57
N ILE F 156 7.82 20.11 -4.59
CA ILE F 156 6.72 19.31 -4.06
C ILE F 156 6.61 18.00 -4.82
N LEU F 157 6.65 18.07 -6.16
CA LEU F 157 6.58 16.86 -6.97
C LEU F 157 7.70 15.91 -6.62
N ASP F 158 8.92 16.42 -6.59
CA ASP F 158 10.08 15.59 -6.31
C ASP F 158 9.98 14.93 -4.95
N GLU F 159 9.56 15.66 -3.92
CA GLU F 159 9.51 15.09 -2.57
C GLU F 159 8.32 14.15 -2.41
N TYR F 160 7.17 14.55 -2.92
CA TYR F 160 5.99 13.68 -2.87
C TYR F 160 6.29 12.36 -3.55
N SER F 161 7.04 12.40 -4.64
CA SER F 161 7.27 11.21 -5.43
C SER F 161 8.18 10.22 -4.71
N LYS F 162 8.94 10.67 -3.74
CA LYS F 162 9.68 9.73 -2.90
C LYS F 162 8.74 8.82 -2.11
N PHE F 163 7.60 9.36 -1.63
CA PHE F 163 6.70 8.58 -0.81
C PHE F 163 5.74 7.75 -1.62
N HIS F 164 5.35 8.21 -2.81
CA HIS F 164 4.27 7.54 -3.52
C HIS F 164 4.62 7.19 -4.96
N GLY F 165 5.87 7.34 -5.34
CA GLY F 165 6.28 7.14 -6.72
C GLY F 165 6.00 8.38 -7.57
N HIS F 166 6.58 8.35 -8.75
CA HIS F 166 6.48 9.47 -9.68
C HIS F 166 5.04 9.81 -9.96
N SER F 167 4.63 11.03 -9.59
CA SER F 167 3.24 11.44 -9.61
C SER F 167 3.09 12.85 -10.19
N PRO F 168 3.27 13.01 -11.49
CA PRO F 168 3.20 14.37 -12.05
C PRO F 168 1.93 15.14 -11.73
N ALA F 169 0.78 14.48 -11.71
CA ALA F 169 -0.50 15.14 -11.50
C ALA F 169 -0.80 15.46 -10.04
N VAL F 170 0.10 15.19 -9.09
CA VAL F 170 -0.15 15.55 -7.71
C VAL F 170 -0.11 17.06 -7.51
N VAL F 171 0.53 17.79 -8.41
CA VAL F 171 0.64 19.24 -8.25
C VAL F 171 0.60 19.88 -9.63
N THR F 172 -0.03 21.05 -9.74
CA THR F 172 -0.09 21.79 -11.00
C THR F 172 0.71 23.07 -10.90
N GLY F 173 0.78 23.81 -12.01
CA GLY F 173 1.73 24.88 -12.13
C GLY F 173 3.17 24.41 -12.17
N LYS F 174 3.44 23.18 -12.64
CA LYS F 174 4.81 22.70 -12.69
C LYS F 174 5.59 23.37 -13.82
N PRO F 175 6.92 23.31 -13.76
CA PRO F 175 7.71 23.69 -14.93
C PRO F 175 7.38 22.80 -16.13
N ILE F 176 7.52 23.38 -17.32
CA ILE F 176 7.28 22.61 -18.54
C ILE F 176 8.19 21.38 -18.59
N ASP F 177 9.44 21.53 -18.15
CA ASP F 177 10.39 20.42 -18.15
C ASP F 177 9.87 19.20 -17.36
N LEU F 178 9.03 19.44 -16.36
CA LEU F 178 8.60 18.42 -15.42
C LEU F 178 7.10 18.13 -15.55
N GLY F 179 6.54 18.26 -16.75
CA GLY F 179 5.14 17.97 -16.97
C GLY F 179 4.19 19.13 -16.78
N GLY F 180 4.70 20.34 -16.65
CA GLY F 180 3.81 21.48 -16.63
C GLY F 180 3.08 21.63 -17.96
N SER F 181 2.00 22.40 -17.93
CA SER F 181 1.22 22.66 -19.14
C SER F 181 1.66 23.97 -19.78
N LEU F 182 1.86 23.95 -21.09
CA LEU F 182 1.87 25.21 -21.84
C LEU F 182 0.65 26.05 -21.45
N GLY F 183 0.85 27.36 -21.31
CA GLY F 183 -0.26 28.23 -20.99
C GLY F 183 -0.57 28.40 -19.52
N ARG F 184 -0.04 27.54 -18.61
CA ARG F 184 -0.49 27.66 -17.22
C ARG F 184 0.03 28.92 -16.55
N GLU F 185 1.28 29.30 -16.83
CA GLU F 185 1.84 30.49 -16.21
C GLU F 185 1.00 31.74 -16.54
N ALA F 186 0.56 31.86 -17.78
CA ALA F 186 -0.19 33.02 -18.24
C ALA F 186 -1.70 32.90 -18.00
N ALA F 187 -2.16 31.76 -17.50
CA ALA F 187 -3.56 31.42 -17.57
C ALA F 187 -4.45 32.33 -16.71
N THR F 188 -4.00 32.70 -15.53
CA THR F 188 -4.91 33.50 -14.71
C THR F 188 -5.11 34.87 -15.34
N GLY F 189 -4.00 35.49 -15.78
CA GLY F 189 -4.09 36.79 -16.46
C GLY F 189 -4.91 36.73 -17.74
N LEU F 190 -4.72 35.66 -18.52
CA LEU F 190 -5.48 35.54 -19.76
C LEU F 190 -6.95 35.28 -19.47
N GLY F 191 -7.24 34.41 -18.49
CA GLY F 191 -8.63 34.21 -18.07
C GLY F 191 -9.28 35.50 -17.61
N VAL F 192 -8.55 36.32 -16.88
CA VAL F 192 -9.07 37.61 -16.47
C VAL F 192 -9.48 38.41 -17.69
N VAL F 193 -8.70 38.32 -18.75
CA VAL F 193 -9.00 39.07 -19.96
C VAL F 193 -10.21 38.49 -20.66
N PHE F 194 -10.31 37.15 -20.76
CA PHE F 194 -11.47 36.56 -21.40
C PHE F 194 -12.74 36.93 -20.63
N ALA F 195 -12.65 36.93 -19.30
CA ALA F 195 -13.81 37.25 -18.48
C ALA F 195 -14.19 38.71 -18.63
N THR F 196 -13.21 39.59 -18.68
CA THR F 196 -13.46 41.01 -18.88
C THR F 196 -14.06 41.28 -20.24
N GLU F 197 -13.52 40.63 -21.29
CA GLU F 197 -14.04 40.82 -22.63
C GLU F 197 -15.50 40.43 -22.70
N ALA F 198 -15.86 39.33 -22.06
CA ALA F 198 -17.25 38.87 -22.06
C ALA F 198 -18.15 39.86 -21.34
N LEU F 199 -17.69 40.39 -20.21
CA LEU F 199 -18.49 41.38 -19.50
C LEU F 199 -18.65 42.64 -20.34
N PHE F 200 -17.55 43.15 -20.90
CA PHE F 200 -17.61 44.42 -21.61
C PHE F 200 -18.42 44.31 -22.89
N ALA F 201 -18.47 43.15 -23.52
CA ALA F 201 -19.30 42.94 -24.70
C ALA F 201 -20.80 43.09 -24.40
N GLU F 202 -21.24 42.90 -23.14
CA GLU F 202 -22.63 43.17 -22.76
C GLU F 202 -22.97 44.65 -22.83
N TYR F 203 -21.95 45.51 -22.89
CA TYR F 203 -22.12 46.94 -23.08
C TYR F 203 -21.70 47.36 -24.49
N GLY F 204 -21.39 46.39 -25.35
CA GLY F 204 -20.90 46.67 -26.68
C GLY F 204 -19.49 47.18 -26.72
N LYS F 205 -18.74 46.99 -25.63
CA LYS F 205 -17.41 47.59 -25.49
C LYS F 205 -16.32 46.54 -25.54
N SER F 206 -15.11 47.04 -25.71
CA SER F 206 -13.89 46.24 -25.80
C SER F 206 -12.86 46.73 -24.78
N ILE F 207 -11.83 45.90 -24.60
CA ILE F 207 -10.72 46.27 -23.74
C ILE F 207 -10.10 47.60 -24.20
N SER F 208 -9.98 47.83 -25.52
CA SER F 208 -9.31 49.04 -26.00
C SER F 208 -10.10 50.30 -25.73
N ASP F 209 -11.35 50.18 -25.28
CA ASP F 209 -12.14 51.35 -24.94
C ASP F 209 -11.80 51.93 -23.58
N MET F 210 -11.05 51.20 -22.74
CA MET F 210 -10.94 51.44 -21.31
C MET F 210 -9.51 51.76 -20.87
N THR F 211 -9.41 52.45 -19.72
CA THR F 211 -8.17 52.58 -18.95
C THR F 211 -8.22 51.67 -17.71
N PHE F 212 -7.06 51.19 -17.29
CA PHE F 212 -6.96 50.17 -16.26
C PHE F 212 -5.94 50.57 -15.20
N ALA F 213 -6.23 50.23 -13.94
CA ALA F 213 -5.26 50.37 -12.88
C ALA F 213 -5.13 49.01 -12.23
N ILE F 214 -3.90 48.61 -11.92
CA ILE F 214 -3.58 47.24 -11.52
C ILE F 214 -2.79 47.28 -10.22
N GLN F 215 -3.30 46.55 -9.21
CA GLN F 215 -2.62 46.46 -7.92
C GLN F 215 -1.95 45.09 -7.80
N GLY F 216 -0.63 45.08 -7.68
CA GLY F 216 0.12 43.83 -7.72
C GLY F 216 0.67 43.54 -9.10
N PHE F 217 1.92 43.08 -9.14
CA PHE F 217 2.60 42.86 -10.41
C PHE F 217 3.47 41.59 -10.32
N GLY F 218 2.82 40.47 -9.98
CA GLY F 218 3.46 39.16 -9.94
C GLY F 218 2.86 38.26 -11.01
N ASN F 219 2.61 37.00 -10.68
CA ASN F 219 2.16 36.08 -11.71
C ASN F 219 0.84 36.51 -12.34
N VAL F 220 -0.10 37.00 -11.52
CA VAL F 220 -1.39 37.43 -12.06
C VAL F 220 -1.27 38.81 -12.69
N GLY F 221 -0.69 39.77 -11.97
CA GLY F 221 -0.68 41.13 -12.49
C GLY F 221 0.14 41.29 -13.77
N THR F 222 1.33 40.65 -13.84
CA THR F 222 2.11 40.83 -15.07
C THR F 222 1.36 40.28 -16.29
N TRP F 223 0.82 39.06 -16.18
CA TRP F 223 0.19 38.45 -17.35
C TRP F 223 -1.16 39.11 -17.65
N ALA F 224 -1.87 39.58 -16.63
CA ALA F 224 -3.08 40.35 -16.87
C ALA F 224 -2.75 41.64 -17.59
N ALA F 225 -1.75 42.37 -17.10
CA ALA F 225 -1.40 43.63 -17.77
C ALA F 225 -0.95 43.39 -19.19
N LYS F 226 -0.23 42.30 -19.41
CA LYS F 226 0.31 42.03 -20.73
C LYS F 226 -0.80 41.71 -21.70
N ALA F 227 -1.76 40.93 -21.25
CA ALA F 227 -2.87 40.54 -22.12
C ALA F 227 -3.78 41.74 -22.40
N ILE F 228 -3.95 42.61 -21.40
CA ILE F 228 -4.70 43.84 -21.60
C ILE F 228 -4.00 44.75 -22.61
N PHE F 229 -2.71 45.00 -22.37
CA PHE F 229 -1.92 45.84 -23.25
C PHE F 229 -1.99 45.35 -24.69
N GLU F 230 -1.89 44.04 -24.89
CA GLU F 230 -1.87 43.48 -26.24
C GLU F 230 -3.21 43.57 -26.95
N ARG F 231 -4.30 43.75 -26.21
CA ARG F 231 -5.63 43.98 -26.81
C ARG F 231 -5.99 45.46 -26.87
N GLY F 232 -5.04 46.34 -26.61
CA GLY F 232 -5.23 47.77 -26.80
C GLY F 232 -5.69 48.52 -25.57
N GLY F 233 -5.68 47.90 -24.40
CA GLY F 233 -6.10 48.61 -23.21
C GLY F 233 -5.03 49.55 -22.73
N LYS F 234 -5.45 50.66 -22.14
CA LYS F 234 -4.52 51.65 -21.60
C LYS F 234 -4.34 51.36 -20.13
N VAL F 235 -3.17 50.84 -19.77
CA VAL F 235 -2.81 50.61 -18.37
C VAL F 235 -2.18 51.88 -17.85
N VAL F 236 -2.93 52.63 -17.05
CA VAL F 236 -2.49 53.94 -16.58
C VAL F 236 -1.83 53.90 -15.20
N ALA F 237 -1.87 52.77 -14.49
CA ALA F 237 -1.24 52.73 -13.17
C ALA F 237 -1.00 51.28 -12.76
N VAL F 238 0.20 51.02 -12.22
CA VAL F 238 0.58 49.69 -11.74
C VAL F 238 1.32 49.85 -10.42
N SER F 239 0.99 49.00 -9.43
CA SER F 239 1.68 49.03 -8.14
C SER F 239 2.10 47.62 -7.75
N ASP F 240 3.08 47.54 -6.84
CA ASP F 240 3.41 46.30 -6.16
C ASP F 240 3.84 46.67 -4.75
N ILE F 241 4.43 45.71 -4.04
CA ILE F 241 4.75 45.96 -2.64
C ILE F 241 5.77 47.08 -2.46
N ASN F 242 6.59 47.37 -3.47
CA ASN F 242 7.67 48.34 -3.28
C ASN F 242 7.40 49.72 -3.86
N GLY F 243 6.31 49.94 -4.59
CA GLY F 243 6.15 51.22 -5.24
C GLY F 243 5.12 51.12 -6.35
N ALA F 244 5.03 52.20 -7.12
CA ALA F 244 3.99 52.25 -8.14
C ALA F 244 4.40 53.24 -9.21
N ILE F 245 3.77 53.13 -10.37
CA ILE F 245 4.10 53.91 -11.56
C ILE F 245 2.80 54.25 -12.28
N SER F 246 2.72 55.47 -12.83
CA SER F 246 1.52 55.84 -13.56
C SER F 246 1.90 56.60 -14.81
N ASN F 247 1.02 56.50 -15.80
CA ASN F 247 1.12 57.31 -17.02
C ASN F 247 -0.29 57.44 -17.60
N PRO F 248 -0.87 58.65 -17.55
CA PRO F 248 -2.24 58.84 -18.03
C PRO F 248 -2.47 58.47 -19.48
N ASN F 249 -1.41 58.47 -20.28
CA ASN F 249 -1.52 58.12 -21.68
C ASN F 249 -1.33 56.64 -21.92
N GLY F 250 -1.03 55.87 -20.87
CA GLY F 250 -0.82 54.44 -21.01
C GLY F 250 0.65 54.10 -20.86
N ILE F 251 0.93 53.15 -19.99
CA ILE F 251 2.27 52.59 -19.77
C ILE F 251 2.56 51.57 -20.86
N ASP F 252 3.74 51.65 -21.45
CA ASP F 252 4.24 50.59 -22.32
C ASP F 252 4.54 49.35 -21.48
N ILE F 253 3.57 48.45 -21.40
CA ILE F 253 3.70 47.28 -20.52
C ILE F 253 4.84 46.37 -20.98
N ALA F 254 5.04 46.25 -22.29
CA ALA F 254 6.18 45.47 -22.78
C ALA F 254 7.47 46.01 -22.22
N ALA F 255 7.66 47.32 -22.27
CA ALA F 255 8.89 47.90 -21.73
C ALA F 255 8.93 47.77 -20.21
N LEU F 256 7.77 47.87 -19.55
CA LEU F 256 7.72 47.74 -18.10
C LEU F 256 8.15 46.36 -17.67
N LEU F 257 7.72 45.34 -18.42
CA LEU F 257 8.07 43.96 -18.08
C LEU F 257 9.55 43.70 -18.30
N LYS F 258 10.13 44.23 -19.37
CA LYS F 258 11.56 44.08 -19.57
C LYS F 258 12.33 44.77 -18.45
N HIS F 259 11.82 45.93 -18.01
CA HIS F 259 12.44 46.68 -16.92
C HIS F 259 12.39 45.90 -15.61
N LYS F 260 11.28 45.20 -15.35
CA LYS F 260 11.16 44.39 -14.13
C LYS F 260 12.07 43.17 -14.21
N ALA F 261 12.09 42.51 -15.37
CA ALA F 261 12.98 41.38 -15.62
C ALA F 261 14.45 41.75 -15.41
N GLY F 262 14.81 43.01 -15.55
CA GLY F 262 16.16 43.43 -15.26
C GLY F 262 16.36 43.90 -13.82
N ASN F 263 15.44 43.57 -12.91
CA ASN F 263 15.57 43.89 -11.49
C ASN F 263 15.33 45.35 -11.20
N GLY F 264 14.60 46.05 -12.08
CA GLY F 264 14.22 47.42 -11.81
C GLY F 264 12.94 47.45 -10.99
N SER F 265 12.73 48.54 -10.27
CA SER F 265 11.55 48.72 -9.46
C SER F 265 10.56 49.59 -10.23
N LEU F 266 9.26 49.34 -10.02
CA LEU F 266 8.23 50.10 -10.75
C LEU F 266 8.43 51.60 -10.64
N LYS F 267 8.77 52.10 -9.45
CA LYS F 267 8.81 53.53 -9.25
C LYS F 267 9.88 54.21 -10.12
N ASP F 268 10.82 53.45 -10.67
CA ASP F 268 11.95 53.99 -11.42
C ASP F 268 11.85 53.75 -12.91
N PHE F 269 10.76 53.16 -13.39
CA PHE F 269 10.54 53.03 -14.83
C PHE F 269 10.50 54.40 -15.48
N SER F 270 11.26 54.56 -16.57
CA SER F 270 11.33 55.88 -17.19
C SER F 270 10.05 56.23 -17.95
N GLY F 271 9.24 55.25 -18.31
CA GLY F 271 8.05 55.50 -19.10
C GLY F 271 6.81 55.85 -18.31
N GLY F 272 7.01 56.42 -17.14
CA GLY F 272 5.90 56.79 -16.28
C GLY F 272 6.41 57.69 -15.18
N ASP F 273 5.50 58.08 -14.30
CA ASP F 273 5.85 58.88 -13.14
C ASP F 273 5.65 58.07 -11.87
N ALA F 274 6.58 58.19 -10.93
CA ALA F 274 6.46 57.50 -9.67
C ALA F 274 5.17 57.93 -8.98
N MET F 275 4.50 56.98 -8.34
CA MET F 275 3.23 57.24 -7.70
C MET F 275 3.24 56.58 -6.33
N ASN F 276 2.49 57.16 -5.39
CA ASN F 276 2.31 56.52 -4.09
C ASN F 276 1.45 55.27 -4.23
N PRO F 277 1.94 54.07 -3.88
CA PRO F 277 1.12 52.88 -4.07
C PRO F 277 -0.16 52.93 -3.28
N ASN F 278 -0.20 53.73 -2.21
CA ASN F 278 -1.39 53.87 -1.39
C ASN F 278 -2.53 54.57 -2.14
N ASP F 279 -2.27 55.11 -3.33
CA ASP F 279 -3.28 55.79 -4.12
C ASP F 279 -3.77 54.96 -5.32
N LEU F 280 -3.33 53.71 -5.45
CA LEU F 280 -3.68 52.93 -6.64
C LEU F 280 -5.18 52.66 -6.69
N LEU F 281 -5.75 52.15 -5.61
CA LEU F 281 -7.15 51.73 -5.63
C LEU F 281 -8.11 52.90 -5.84
N VAL F 282 -7.70 54.11 -5.51
CA VAL F 282 -8.54 55.29 -5.67
C VAL F 282 -8.17 56.06 -6.94
N HIS F 283 -7.42 55.44 -7.85
CA HIS F 283 -6.90 56.14 -9.01
C HIS F 283 -8.00 56.35 -10.05
N ASP F 284 -7.89 57.46 -10.77
CA ASP F 284 -8.81 57.72 -11.87
C ASP F 284 -8.55 56.71 -12.98
N CYS F 285 -9.53 55.86 -13.27
CA CYS F 285 -9.44 54.83 -14.29
C CYS F 285 -10.86 54.35 -14.54
N ASP F 286 -11.06 53.67 -15.68
CA ASP F 286 -12.35 53.04 -15.92
C ASP F 286 -12.48 51.73 -15.15
N VAL F 287 -11.39 50.97 -15.09
CA VAL F 287 -11.41 49.59 -14.60
C VAL F 287 -10.31 49.43 -13.57
N LEU F 288 -10.65 48.87 -12.42
CA LEU F 288 -9.67 48.57 -11.38
C LEU F 288 -9.52 47.06 -11.24
N ILE F 289 -8.27 46.61 -11.23
CA ILE F 289 -7.99 45.17 -11.17
C ILE F 289 -7.05 44.89 -10.00
N PRO F 290 -7.57 44.59 -8.81
CA PRO F 290 -6.69 44.11 -7.73
C PRO F 290 -6.11 42.76 -8.09
N CYS F 291 -4.78 42.62 -7.93
CA CYS F 291 -4.04 41.41 -8.25
C CYS F 291 -3.07 41.05 -7.13
N ALA F 292 -3.38 41.46 -5.91
CA ALA F 292 -2.49 41.19 -4.79
C ALA F 292 -3.30 40.61 -3.64
N LEU F 293 -3.40 41.31 -2.51
CA LEU F 293 -4.04 40.73 -1.33
C LEU F 293 -5.56 40.90 -1.35
N GLY F 294 -6.22 40.14 -0.47
CA GLY F 294 -7.64 40.26 -0.29
C GLY F 294 -7.99 41.35 0.70
N GLY F 295 -9.27 41.68 0.75
CA GLY F 295 -9.73 42.64 1.74
C GLY F 295 -9.35 44.09 1.47
N VAL F 296 -8.75 44.40 0.32
CA VAL F 296 -8.14 45.71 0.17
C VAL F 296 -9.15 46.80 -0.15
N LEU F 297 -10.31 46.43 -0.65
CA LEU F 297 -11.44 47.36 -0.79
C LEU F 297 -12.40 47.11 0.37
N ASN F 298 -12.55 48.12 1.22
CA ASN F 298 -13.24 47.95 2.50
C ASN F 298 -14.05 49.22 2.77
N LYS F 299 -14.64 49.29 3.97
CA LYS F 299 -15.57 50.39 4.21
C LYS F 299 -14.85 51.73 4.24
N GLU F 300 -13.54 51.73 4.50
CA GLU F 300 -12.82 52.98 4.66
C GLU F 300 -12.36 53.61 3.35
N ASN F 301 -12.22 52.84 2.26
CA ASN F 301 -11.84 53.44 0.99
C ASN F 301 -12.85 53.22 -0.13
N ALA F 302 -13.91 52.45 0.08
CA ALA F 302 -14.76 52.11 -1.04
C ALA F 302 -15.44 53.34 -1.63
N ASN F 303 -15.77 54.33 -0.81
CA ASN F 303 -16.46 55.52 -1.30
C ASN F 303 -15.60 56.36 -2.23
N ASP F 304 -14.29 56.14 -2.24
CA ASP F 304 -13.31 56.92 -2.99
C ASP F 304 -12.85 56.24 -4.27
N VAL F 305 -13.31 55.02 -4.52
CA VAL F 305 -12.99 54.34 -5.77
C VAL F 305 -13.59 55.16 -6.92
N LYS F 306 -12.81 55.38 -7.99
CA LYS F 306 -13.27 56.12 -9.18
C LYS F 306 -13.61 55.23 -10.37
N ALA F 307 -13.16 53.99 -10.37
CA ALA F 307 -13.46 53.05 -11.44
C ALA F 307 -14.94 52.72 -11.49
N LYS F 308 -15.41 52.36 -12.68
CA LYS F 308 -16.78 51.91 -12.82
C LYS F 308 -16.88 50.41 -12.94
N PHE F 309 -15.78 49.73 -13.23
CA PHE F 309 -15.67 48.27 -13.19
C PHE F 309 -14.53 47.85 -12.27
N ILE F 310 -14.78 46.84 -11.45
CA ILE F 310 -13.72 46.15 -10.71
C ILE F 310 -13.69 44.71 -11.19
N ILE F 311 -12.51 44.23 -11.59
CA ILE F 311 -12.32 42.86 -12.04
C ILE F 311 -11.48 42.17 -10.97
N GLU F 312 -12.06 41.18 -10.30
CA GLU F 312 -11.38 40.59 -9.13
C GLU F 312 -10.44 39.49 -9.59
N ALA F 313 -9.18 39.87 -9.83
CA ALA F 313 -8.16 38.90 -10.17
C ALA F 313 -7.57 38.27 -8.91
N ALA F 314 -7.28 39.10 -7.91
CA ALA F 314 -6.98 38.56 -6.60
C ALA F 314 -8.19 37.83 -6.03
N ASN F 315 -7.93 36.97 -5.07
CA ASN F 315 -9.02 36.39 -4.30
C ASN F 315 -9.48 37.37 -3.25
N HIS F 316 -10.80 37.45 -3.10
CA HIS F 316 -11.60 38.27 -2.19
C HIS F 316 -10.97 39.62 -1.91
N PRO F 317 -10.73 40.43 -2.95
CA PRO F 317 -10.22 41.79 -2.74
C PRO F 317 -11.26 42.77 -2.18
N THR F 318 -12.55 42.50 -2.36
CA THR F 318 -13.61 43.41 -1.94
C THR F 318 -14.42 42.76 -0.83
N ASP F 319 -14.52 43.41 0.31
CA ASP F 319 -15.33 42.84 1.39
C ASP F 319 -16.79 43.26 1.24
N PRO F 320 -17.69 42.60 1.96
CA PRO F 320 -19.12 42.82 1.69
C PRO F 320 -19.59 44.22 2.02
N ASP F 321 -18.94 44.91 2.97
CA ASP F 321 -19.27 46.30 3.20
C ASP F 321 -18.95 47.16 1.99
N ALA F 322 -17.80 46.90 1.38
CA ALA F 322 -17.42 47.63 0.19
C ALA F 322 -18.32 47.26 -0.99
N ASP F 323 -18.69 45.98 -1.14
CA ASP F 323 -19.64 45.62 -2.18
C ASP F 323 -20.87 46.54 -2.15
N GLU F 324 -21.39 46.80 -0.94
CA GLU F 324 -22.63 47.54 -0.81
C GLU F 324 -22.43 49.02 -1.17
N ILE F 325 -21.31 49.58 -0.75
CA ILE F 325 -20.98 50.96 -1.05
C ILE F 325 -20.79 51.14 -2.56
N LEU F 326 -20.12 50.17 -3.19
CA LEU F 326 -19.80 50.27 -4.61
C LEU F 326 -21.04 50.04 -5.47
N SER F 327 -21.92 49.13 -5.03
CA SER F 327 -23.19 48.98 -5.75
C SER F 327 -23.96 50.29 -5.80
N LYS F 328 -23.94 51.05 -4.71
CA LYS F 328 -24.68 52.31 -4.67
C LYS F 328 -24.04 53.38 -5.52
N LYS F 329 -22.75 53.25 -5.85
CA LYS F 329 -22.07 54.18 -6.73
C LYS F 329 -22.15 53.77 -8.19
N GLY F 330 -22.85 52.69 -8.50
CA GLY F 330 -22.94 52.24 -9.88
C GLY F 330 -21.75 51.48 -10.40
N VAL F 331 -20.91 50.93 -9.50
CA VAL F 331 -19.75 50.15 -9.90
C VAL F 331 -20.19 48.71 -10.14
N ILE F 332 -19.66 48.10 -11.18
CA ILE F 332 -19.95 46.71 -11.49
C ILE F 332 -18.70 45.90 -11.14
N ILE F 333 -18.89 44.79 -10.41
CA ILE F 333 -17.79 44.00 -9.89
C ILE F 333 -17.89 42.59 -10.42
N LEU F 334 -16.90 42.19 -11.21
CA LEU F 334 -16.83 40.85 -11.77
C LEU F 334 -16.11 39.96 -10.75
N PRO F 335 -16.77 38.95 -10.19
CA PRO F 335 -16.26 38.37 -8.95
C PRO F 335 -15.10 37.40 -9.15
N ASP F 336 -14.30 37.29 -8.09
CA ASP F 336 -13.13 36.42 -8.07
C ASP F 336 -13.45 35.00 -8.50
N VAL F 337 -14.55 34.44 -7.97
CA VAL F 337 -14.93 33.06 -8.24
C VAL F 337 -15.25 32.80 -9.69
N TYR F 338 -15.41 33.85 -10.52
CA TYR F 338 -15.39 33.68 -11.97
C TYR F 338 -14.13 34.24 -12.61
N ALA F 339 -13.80 35.51 -12.33
CA ALA F 339 -12.81 36.23 -13.14
C ALA F 339 -11.42 35.60 -13.04
N ASN F 340 -11.05 35.08 -11.89
CA ASN F 340 -9.69 34.58 -11.75
C ASN F 340 -9.61 33.06 -11.92
N ALA F 341 -10.71 32.42 -12.32
CA ALA F 341 -10.78 30.96 -12.42
C ALA F 341 -9.96 30.38 -13.59
N GLY F 342 -9.35 31.23 -14.44
CA GLY F 342 -8.52 30.69 -15.51
C GLY F 342 -7.34 29.89 -15.01
N GLY F 343 -6.77 30.30 -13.88
CA GLY F 343 -5.66 29.56 -13.35
C GLY F 343 -6.04 28.13 -12.99
N VAL F 344 -7.09 27.97 -12.16
CA VAL F 344 -7.45 26.62 -11.73
C VAL F 344 -8.00 25.83 -12.90
N THR F 345 -8.58 26.50 -13.89
CA THR F 345 -9.08 25.81 -15.09
C THR F 345 -7.94 25.24 -15.92
N VAL F 346 -6.85 26.02 -16.10
CA VAL F 346 -5.75 25.45 -16.86
C VAL F 346 -5.00 24.42 -15.99
N SER F 347 -4.98 24.62 -14.65
CA SER F 347 -4.46 23.56 -13.78
C SER F 347 -5.21 22.25 -14.01
N TYR F 348 -6.54 22.31 -14.15
CA TYR F 348 -7.29 21.11 -14.52
C TYR F 348 -6.74 20.51 -15.81
N PHE F 349 -6.56 21.33 -16.85
CA PHE F 349 -6.02 20.79 -18.09
C PHE F 349 -4.62 20.19 -17.90
N GLU F 350 -3.79 20.78 -17.04
CA GLU F 350 -2.45 20.21 -16.80
C GLU F 350 -2.60 18.82 -16.19
N TRP F 351 -3.51 18.71 -15.22
CA TRP F 351 -3.78 17.45 -14.52
C TRP F 351 -4.25 16.40 -15.50
N VAL F 352 -5.17 16.78 -16.40
CA VAL F 352 -5.66 15.88 -17.43
C VAL F 352 -4.50 15.42 -18.32
N GLN F 353 -3.70 16.36 -18.79
CA GLN F 353 -2.55 16.01 -19.63
C GLN F 353 -1.64 15.02 -18.90
N ASN F 354 -1.38 15.26 -17.62
CA ASN F 354 -0.53 14.35 -16.86
C ASN F 354 -1.15 12.97 -16.73
N ILE F 355 -2.44 12.89 -16.37
CA ILE F 355 -2.97 11.54 -16.17
C ILE F 355 -3.17 10.83 -17.49
N GLN F 356 -3.32 11.59 -18.58
CA GLN F 356 -3.28 11.04 -19.92
C GLN F 356 -1.86 10.79 -20.45
N GLY F 357 -0.83 11.22 -19.74
CA GLY F 357 0.55 10.95 -20.14
C GLY F 357 0.97 11.56 -21.46
N PHE F 358 0.31 12.64 -21.89
CA PHE F 358 0.44 13.13 -23.26
C PHE F 358 0.05 14.60 -23.26
N MET F 359 1.00 15.49 -23.55
CA MET F 359 0.73 16.91 -23.45
C MET F 359 0.05 17.47 -24.71
N TRP F 360 -0.60 18.62 -24.49
CA TRP F 360 -1.29 19.40 -25.50
C TRP F 360 -0.46 20.59 -25.97
N ASP F 361 -0.79 21.08 -27.16
CA ASP F 361 -0.25 22.35 -27.64
C ASP F 361 -0.87 23.53 -26.87
N GLU F 362 -0.14 24.66 -26.85
CA GLU F 362 -0.66 25.82 -26.14
C GLU F 362 -1.96 26.32 -26.79
N GLU F 363 -2.09 26.17 -28.11
CA GLU F 363 -3.33 26.62 -28.77
C GLU F 363 -4.54 25.87 -28.22
N LYS F 364 -4.39 24.57 -27.99
CA LYS F 364 -5.51 23.78 -27.47
C LYS F 364 -5.82 24.14 -26.04
N VAL F 365 -4.78 24.39 -25.23
CA VAL F 365 -5.00 24.81 -23.85
C VAL F 365 -5.81 26.09 -23.82
N ASN F 366 -5.40 27.09 -24.60
CA ASN F 366 -6.10 28.38 -24.55
C ASN F 366 -7.47 28.30 -25.20
N GLN F 367 -7.62 27.46 -26.23
CA GLN F 367 -8.95 27.25 -26.80
C GLN F 367 -9.92 26.65 -25.78
N GLU F 368 -9.46 25.67 -24.99
CA GLU F 368 -10.33 25.11 -23.98
C GLU F 368 -10.54 26.10 -22.84
N LEU F 369 -9.53 26.88 -22.50
CA LEU F 369 -9.75 27.87 -21.46
C LEU F 369 -10.87 28.81 -21.86
N LYS F 370 -10.81 29.31 -23.09
CA LYS F 370 -11.84 30.26 -23.53
C LYS F 370 -13.21 29.59 -23.56
N ARG F 371 -13.26 28.33 -23.97
CA ARG F 371 -14.53 27.59 -23.97
C ARG F 371 -15.13 27.52 -22.57
N TYR F 372 -14.32 27.15 -21.57
CA TYR F 372 -14.83 27.07 -20.20
C TYR F 372 -15.29 28.43 -19.69
N MET F 373 -14.52 29.48 -19.97
CA MET F 373 -14.89 30.80 -19.46
C MET F 373 -16.14 31.34 -20.14
N THR F 374 -16.33 31.04 -21.44
CA THR F 374 -17.55 31.42 -22.14
C THR F 374 -18.80 30.73 -21.57
N LYS F 375 -18.71 29.42 -21.35
CA LYS F 375 -19.87 28.75 -20.78
C LYS F 375 -20.22 29.28 -19.40
N ALA F 376 -19.20 29.47 -18.55
CA ALA F 376 -19.43 30.00 -17.23
C ALA F 376 -20.11 31.38 -17.25
N PHE F 377 -19.62 32.30 -18.08
CA PHE F 377 -20.26 33.62 -18.07
C PHE F 377 -21.72 33.53 -18.48
N ASN F 378 -22.02 32.72 -19.48
CA ASN F 378 -23.41 32.58 -19.89
C ASN F 378 -24.27 32.00 -18.75
N ASP F 379 -23.75 31.00 -18.04
CA ASP F 379 -24.47 30.44 -16.90
C ASP F 379 -24.68 31.48 -15.81
N ILE F 380 -23.66 32.28 -15.53
CA ILE F 380 -23.77 33.34 -14.52
C ILE F 380 -24.84 34.35 -14.92
N LYS F 381 -24.81 34.79 -16.18
CA LYS F 381 -25.79 35.77 -16.66
C LYS F 381 -27.21 35.28 -16.43
N ALA F 382 -27.46 34.02 -16.79
CA ALA F 382 -28.79 33.47 -16.62
C ALA F 382 -29.15 33.38 -15.15
N ASN F 383 -28.17 33.03 -14.31
CA ASN F 383 -28.45 32.95 -12.88
C ASN F 383 -28.82 34.31 -12.32
N CYS F 384 -28.16 35.37 -12.82
CA CYS F 384 -28.48 36.71 -12.33
C CYS F 384 -29.89 37.10 -12.72
N LYS F 385 -30.33 36.68 -13.91
CA LYS F 385 -31.71 36.93 -14.32
C LYS F 385 -32.67 36.12 -13.46
N THR F 386 -32.38 34.84 -13.25
CA THR F 386 -33.27 33.97 -12.49
C THR F 386 -33.49 34.49 -11.08
N HIS F 387 -32.43 34.90 -10.39
CA HIS F 387 -32.52 35.35 -9.01
C HIS F 387 -32.52 36.86 -8.87
N ASN F 388 -32.58 37.62 -9.97
CA ASN F 388 -32.44 39.07 -9.96
C ASN F 388 -31.41 39.53 -8.92
N CYS F 389 -30.16 39.13 -9.14
CA CYS F 389 -29.08 39.37 -8.19
C CYS F 389 -27.88 39.92 -8.95
N ASP F 390 -26.88 40.40 -8.20
CA ASP F 390 -25.66 40.96 -8.77
C ASP F 390 -24.73 39.85 -9.25
N LEU F 391 -23.65 40.25 -9.95
CA LEU F 391 -22.74 39.28 -10.54
C LEU F 391 -22.14 38.37 -9.48
N ARG F 392 -21.74 38.94 -8.34
CA ARG F 392 -21.10 38.09 -7.34
C ARG F 392 -22.05 36.97 -6.92
N MET F 393 -23.29 37.31 -6.65
CA MET F 393 -24.25 36.31 -6.20
C MET F 393 -24.63 35.37 -7.34
N GLY F 394 -24.69 35.87 -8.58
CA GLY F 394 -24.91 35.00 -9.71
C GLY F 394 -23.87 33.90 -9.82
N ALA F 395 -22.60 34.24 -9.62
CA ALA F 395 -21.59 33.20 -9.67
C ALA F 395 -21.60 32.35 -8.39
N PHE F 396 -21.75 32.98 -7.23
CA PHE F 396 -21.69 32.26 -5.96
C PHE F 396 -22.80 31.22 -5.88
N THR F 397 -24.03 31.62 -6.21
CA THR F 397 -25.14 30.67 -6.17
C THR F 397 -24.97 29.58 -7.21
N LEU F 398 -24.44 29.91 -8.39
CA LEU F 398 -24.19 28.89 -9.40
C LEU F 398 -23.30 27.79 -8.85
N GLY F 399 -22.18 28.17 -8.25
CA GLY F 399 -21.26 27.18 -7.72
C GLY F 399 -21.81 26.47 -6.50
N LEU F 400 -22.37 27.23 -5.55
CA LEU F 400 -22.98 26.63 -4.36
C LEU F 400 -24.06 25.62 -4.73
N ASN F 401 -24.90 25.94 -5.70
CA ASN F 401 -25.94 24.99 -6.06
C ASN F 401 -25.34 23.72 -6.66
N ARG F 402 -24.24 23.85 -7.42
CA ARG F 402 -23.63 22.66 -8.02
C ARG F 402 -23.01 21.77 -6.95
N VAL F 403 -22.38 22.38 -5.95
CA VAL F 403 -21.83 21.59 -4.84
C VAL F 403 -22.95 20.95 -4.03
N ALA F 404 -24.00 21.70 -3.73
CA ALA F 404 -25.14 21.14 -3.01
C ALA F 404 -25.69 19.92 -3.73
N ARG F 405 -25.89 20.03 -5.05
CA ARG F 405 -26.47 18.94 -5.81
C ARG F 405 -25.61 17.68 -5.73
N ALA F 406 -24.29 17.85 -5.89
CA ALA F 406 -23.39 16.71 -5.82
C ALA F 406 -23.40 16.12 -4.42
N THR F 407 -23.41 17.00 -3.40
CA THR F 407 -23.47 16.52 -2.02
C THR F 407 -24.72 15.68 -1.76
N LEU F 408 -25.85 16.11 -2.32
CA LEU F 408 -27.09 15.38 -2.01
C LEU F 408 -27.15 14.06 -2.76
N LEU F 409 -26.59 14.01 -3.98
CA LEU F 409 -26.54 12.74 -4.71
C LEU F 409 -25.73 11.70 -3.96
N ARG F 410 -24.58 12.10 -3.40
CA ARG F 410 -23.70 11.15 -2.73
C ARG F 410 -24.29 10.62 -1.43
N GLY F 411 -25.05 11.42 -0.75
CA GLY F 411 -25.74 10.93 0.44
C GLY F 411 -24.90 11.00 1.70
N TRP F 412 -25.52 10.54 2.77
CA TRP F 412 -25.04 10.81 4.11
C TRP F 412 -24.87 9.58 4.98
N GLU F 413 -25.34 8.42 4.55
CA GLU F 413 -25.18 7.24 5.39
C GLU F 413 -23.70 6.81 5.44
N ALA F 414 -23.36 5.99 6.44
CA ALA F 414 -21.93 5.70 6.70
C ALA F 414 -21.34 4.64 5.76
C1 MPD G . -21.56 -14.08 -44.23
C2 MPD G . -22.70 -13.27 -44.84
O2 MPD G . -23.94 -13.42 -44.11
CM MPD G . -22.90 -13.91 -46.23
C3 MPD G . -22.37 -11.78 -44.86
C4 MPD G . -23.25 -10.93 -45.77
O4 MPD G . -24.52 -10.71 -45.18
C5 MPD G . -22.65 -9.56 -46.09
C1 EDO H . -13.54 12.02 -13.88
O1 EDO H . -14.76 11.46 -14.37
C2 EDO H . -13.33 13.29 -14.68
O2 EDO H . -14.57 14.05 -14.67
C1 PEG I . -39.07 5.74 5.46
O1 PEG I . -40.00 4.81 4.92
C2 PEG I . -39.18 5.88 6.94
O2 PEG I . -38.05 6.59 7.44
C3 PEG I . -37.98 6.64 8.87
C4 PEG I . -36.68 7.28 9.32
O4 PEG I . -35.58 6.37 9.36
C1 EDO J . -25.08 -16.74 -6.62
O1 EDO J . -25.59 -16.83 -5.29
C2 EDO J . -23.69 -17.35 -6.69
O2 EDO J . -23.81 -18.76 -6.38
C1 EDO K . -30.27 3.69 -14.98
O1 EDO K . -30.06 4.39 -13.75
C2 EDO K . -30.08 2.19 -14.82
O2 EDO K . -31.37 1.58 -14.61
C1 EDO L . -26.47 11.01 -35.34
O1 EDO L . -27.61 10.26 -34.89
C2 EDO L . -25.29 10.11 -35.65
O2 EDO L . -24.22 10.41 -34.75
C1 EDO M . -2.10 -25.45 -24.39
O1 EDO M . -3.37 -25.93 -23.94
C2 EDO M . -0.98 -26.20 -23.68
O2 EDO M . -0.03 -25.28 -23.09
PA NAD N . -38.15 -1.33 -22.61
O1A NAD N . -38.75 -1.87 -21.35
O2A NAD N . -37.67 0.08 -22.64
O5B NAD N . -39.24 -1.51 -23.76
C5B NAD N . -39.81 -2.80 -24.09
C4B NAD N . -40.80 -2.57 -25.21
O4B NAD N . -41.35 -3.85 -25.63
C3B NAD N . -42.03 -1.71 -24.87
O3B NAD N . -42.38 -0.91 -26.00
C2B NAD N . -43.12 -2.76 -24.60
O2B NAD N . -44.41 -2.23 -24.70
C1B NAD N . -42.76 -3.74 -25.70
N9A NAD N . -43.33 -5.06 -25.54
C8A NAD N . -43.26 -5.87 -24.43
N7A NAD N . -43.87 -7.01 -24.60
C5A NAD N . -44.34 -6.97 -25.90
C6A NAD N . -45.07 -7.89 -26.67
N6A NAD N . -45.46 -9.08 -26.23
N1A NAD N . -45.39 -7.53 -27.94
C2A NAD N . -44.98 -6.33 -28.39
N3A NAD N . -44.29 -5.38 -27.75
C4A NAD N . -44.00 -5.77 -26.49
O3 NAD N . -36.95 -2.27 -23.06
PN NAD N . -35.64 -1.89 -23.92
O1N NAD N . -34.60 -1.26 -23.06
O2N NAD N . -36.12 -1.13 -25.12
O5D NAD N . -35.11 -3.31 -24.34
C5D NAD N . -35.81 -4.22 -25.18
C4D NAD N . -35.01 -5.49 -25.14
O4D NAD N . -33.73 -5.30 -25.78
C3D NAD N . -34.63 -5.97 -23.73
O3D NAD N . -35.71 -6.61 -23.07
C2D NAD N . -33.48 -6.92 -24.07
O2D NAD N . -34.11 -8.09 -24.57
C1D NAD N . -32.76 -6.16 -25.19
N1N NAD N . -31.57 -5.38 -24.73
C2N NAD N . -30.36 -6.03 -24.63
C3N NAD N . -29.19 -5.36 -24.24
C7N NAD N . -27.93 -6.16 -23.95
O7N NAD N . -26.88 -5.56 -23.73
N7N NAD N . -27.99 -7.49 -23.94
C4N NAD N . -29.24 -3.96 -24.17
C5N NAD N . -30.49 -3.33 -24.17
C6N NAD N . -31.63 -4.05 -24.44
NA NA O . -11.39 -19.62 -16.34
NA NA P . -34.94 5.45 12.09
PA NAD Q . -14.21 9.73 39.82
O1A NAD Q . -15.13 10.65 39.07
O2A NAD Q . -14.33 8.26 39.60
O5B NAD Q . -14.33 10.04 41.39
C5B NAD Q . -14.03 11.36 41.90
C4B NAD Q . -14.51 11.44 43.34
O4B NAD Q . -14.33 12.80 43.83
C3B NAD Q . -16.00 11.12 43.55
O3B NAD Q . -16.16 10.34 44.73
C2B NAD Q . -16.62 12.51 43.72
O2B NAD Q . -17.86 12.47 44.36
C1B NAD Q . -15.51 13.18 44.52
N9A NAD Q . -15.57 14.63 44.58
C8A NAD Q . -16.06 15.49 43.62
N7A NAD Q . -15.99 16.74 43.96
C5A NAD Q . -15.43 16.73 45.23
C6A NAD Q . -15.10 17.77 46.14
N6A NAD Q . -15.29 19.06 45.88
N1A NAD Q . -14.54 17.41 47.31
C2A NAD Q . -14.34 16.10 47.56
N3A NAD Q . -14.62 15.06 46.79
C4A NAD Q . -15.17 15.43 45.63
O3 NAD Q . -12.69 10.19 39.54
PN NAD Q . -11.29 9.42 39.68
O1N NAD Q . -10.93 8.95 38.32
O2N NAD Q . -11.38 8.44 40.81
O5D NAD Q . -10.33 10.61 40.12
C5D NAD Q . -10.43 11.75 39.25
C4D NAD Q . -9.47 12.82 39.69
O4D NAD Q . -8.12 12.29 39.63
C3D NAD Q . -9.46 14.05 38.77
O3D NAD Q . -8.94 15.20 39.44
C2D NAD Q . -8.52 13.54 37.67
O2D NAD Q . -7.98 14.58 36.89
C1D NAD Q . -7.45 12.79 38.47
N1N NAD Q . -6.84 11.66 37.71
C2N NAD Q . -5.77 11.90 36.88
C3N NAD Q . -5.25 10.90 36.05
C7N NAD Q . -4.16 11.20 35.04
O7N NAD Q . -3.89 10.35 34.19
N7N NAD Q . -3.54 12.38 35.08
C4N NAD Q . -5.76 9.61 36.19
C5N NAD Q . -6.81 9.37 37.06
C6N NAD Q . -7.33 10.40 37.83
C1 EDO R . -4.77 -10.06 21.20
O1 EDO R . -5.23 -8.70 21.30
C2 EDO R . -5.54 -10.90 22.23
O2 EDO R . -6.94 -10.53 22.23
C1 EDO S . 20.98 21.98 17.32
O1 EDO S . 20.09 22.97 17.84
C2 EDO S . 21.32 22.28 15.87
O2 EDO S . 21.97 21.12 15.29
C1 EDO T . -14.98 2.86 30.59
O1 EDO T . -15.42 1.83 29.68
C2 EDO T . -13.81 3.62 30.02
O2 EDO T . -13.86 4.99 30.49
C1 EDO U . -20.36 15.69 4.35
O1 EDO U . -20.24 15.31 5.72
C2 EDO U . -20.81 14.42 3.66
O2 EDO U . -21.50 14.81 2.50
NA NA V . 7.11 20.19 17.91
PA NAD W . 17.34 -6.12 -39.61
O1A NAD W . 18.02 -7.29 -38.99
O2A NAD W . 15.86 -6.16 -39.78
O5B NAD W . 17.96 -5.84 -41.06
C5B NAD W . 19.39 -5.66 -41.26
C4B NAD W . 19.64 -5.54 -42.75
O4B NAD W . 21.04 -5.20 -42.94
C3B NAD W . 19.43 -6.82 -43.57
O3B NAD W . 19.05 -6.45 -44.90
C2B NAD W . 20.83 -7.42 -43.61
O2B NAD W . 21.02 -8.35 -44.65
C1B NAD W . 21.60 -6.13 -43.85
N9A NAD W . 23.03 -6.19 -43.63
C8A NAD W . 23.69 -6.72 -42.54
N7A NAD W . 25.00 -6.60 -42.62
C5A NAD W . 25.20 -5.95 -43.83
C6A NAD W . 26.37 -5.54 -44.50
N6A NAD W . 27.60 -5.71 -44.01
N1A NAD W . 26.23 -4.92 -45.69
C2A NAD W . 24.99 -4.75 -46.18
N3A NAD W . 23.82 -5.09 -45.65
C4A NAD W . 24.00 -5.70 -44.47
O3 NAD W . 17.80 -4.84 -38.78
PN NAD W . 17.05 -3.44 -38.53
O1N NAD W . 15.97 -3.66 -37.50
O2N NAD W . 16.60 -2.95 -39.87
O5D NAD W . 18.21 -2.53 -37.92
C5D NAD W . 19.28 -2.11 -38.80
C4D NAD W . 20.11 -1.03 -38.14
O4D NAD W . 19.20 -0.06 -37.58
C3D NAD W . 21.02 -1.44 -36.99
O3D NAD W . 22.14 -0.59 -36.83
C2D NAD W . 20.10 -1.21 -35.78
O2D NAD W . 20.79 -1.18 -34.55
C1D NAD W . 19.54 0.15 -36.21
N1N NAD W . 18.32 0.54 -35.46
C2N NAD W . 18.44 1.40 -34.39
C3N NAD W . 17.34 1.69 -33.57
C7N NAD W . 17.52 2.41 -32.25
O7N NAD W . 16.53 2.60 -31.54
N7N NAD W . 18.74 2.76 -31.87
C4N NAD W . 16.08 1.29 -34.02
C5N NAD W . 15.98 0.41 -35.08
C6N NAD W . 17.10 0.02 -35.77
C1 EDO X . 10.92 -15.51 -24.41
O1 EDO X . 12.31 -15.19 -24.37
C2 EDO X . 10.53 -15.68 -25.88
O2 EDO X . 9.16 -16.08 -26.00
C1 EDO Y . 20.85 22.66 -40.91
O1 EDO Y . 20.40 22.04 -42.13
C2 EDO Y . 22.20 22.09 -40.50
O2 EDO Y . 22.75 22.87 -39.42
NA NA Z . 22.75 10.11 -11.86
NA NA AA . 8.74 -31.77 -17.05
PA NAD BA . 38.24 -2.41 20.42
O1A NAD BA . 38.65 -1.43 19.37
O2A NAD BA . 37.18 -1.97 21.37
O5B NAD BA . 39.52 -2.85 21.25
C5B NAD BA . 40.56 -3.62 20.60
C4B NAD BA . 41.72 -3.73 21.52
O4B NAD BA . 42.76 -4.58 20.96
C3B NAD BA . 42.52 -2.45 21.83
O3B NAD BA . 41.83 -1.58 22.71
C2B NAD BA . 43.76 -3.07 22.48
O2B NAD BA . 43.47 -3.40 23.83
C1B NAD BA . 43.96 -4.33 21.64
N9A NAD BA . 45.04 -4.22 20.66
C8A NAD BA . 45.04 -3.44 19.53
N7A NAD BA . 46.14 -3.55 18.83
C5A NAD BA . 46.90 -4.48 19.52
C6A NAD BA . 48.17 -5.03 19.27
N6A NAD BA . 48.93 -4.71 18.23
N1A NAD BA . 48.64 -5.94 20.16
C2A NAD BA . 47.87 -6.26 21.22
N3A NAD BA . 46.67 -5.81 21.54
C4A NAD BA . 46.23 -4.90 20.65
O3 NAD BA . 37.90 -3.80 19.70
PN NAD BA . 36.99 -5.04 20.17
O1N NAD BA . 35.58 -4.56 20.16
O2N NAD BA . 37.57 -5.58 21.45
O5D NAD BA . 37.19 -6.14 19.01
C5D NAD BA . 38.40 -6.93 18.99
C4D NAD BA . 38.27 -8.08 18.02
O4D NAD BA . 36.97 -8.67 18.18
C3D NAD BA . 38.40 -7.76 16.52
O3D NAD BA . 39.13 -8.78 15.84
C2D NAD BA . 36.95 -7.78 16.05
O2D NAD BA . 36.82 -8.03 14.67
C1D NAD BA . 36.39 -8.94 16.89
N1N NAD BA . 34.91 -8.95 16.99
C2N NAD BA . 34.16 -9.77 16.16
C3N NAD BA . 32.76 -9.70 16.17
C7N NAD BA . 31.89 -10.37 15.14
O7N NAD BA . 30.68 -10.19 15.16
N7N NAD BA . 32.48 -11.13 14.21
C4N NAD BA . 32.14 -8.96 17.19
C5N NAD BA . 32.90 -8.16 18.02
C6N NAD BA . 34.27 -8.14 17.87
C1 EDO CA . 24.23 5.18 23.76
O1 EDO CA . 22.95 4.56 24.01
C2 EDO CA . 24.65 4.98 22.31
O2 EDO CA . 24.88 3.58 22.07
C1 EDO DA . 27.62 9.40 13.00
O1 EDO DA . 28.36 10.30 13.84
C2 EDO DA . 28.00 9.65 11.54
O2 EDO DA . 27.30 8.72 10.70
C1 EDO EA . 9.86 -0.20 22.50
O1 EDO EA . 10.07 0.56 23.70
C2 EDO EA . 10.95 0.17 21.50
O2 EDO EA . 10.68 -0.53 20.29
NA NA FA . 21.21 -17.63 -3.61
C1 EDO GA . -30.34 -6.57 17.82
O1 EDO GA . -29.70 -7.86 17.90
C2 EDO GA . -29.32 -5.44 17.92
O2 EDO GA . -29.84 -4.21 17.37
N1 PDC HA . -7.21 -26.37 12.78
C2 PDC HA . -6.01 -26.19 12.22
C3 PDC HA . -5.49 -27.10 11.29
C4 PDC HA . -6.19 -28.19 10.93
C5 PDC HA . -7.40 -28.39 11.50
C6 PDC HA . -7.90 -27.47 12.43
C7 PDC HA . -5.22 -24.96 12.61
O1 PDC HA . -4.08 -25.11 13.17
O2 PDC HA . -5.69 -23.82 12.27
C8 PDC HA . -9.22 -27.73 13.10
O3 PDC HA . -9.39 -27.29 14.27
O4 PDC HA . -10.10 -28.40 12.49
C1 EDO IA . -7.95 -19.13 28.42
O1 EDO IA . -7.52 -17.95 27.73
C2 EDO IA . -6.96 -19.34 29.53
O2 EDO IA . -6.92 -18.02 30.09
C1 EDO JA . 3.68 -32.18 0.77
O1 EDO JA . 4.07 -33.57 0.88
C2 EDO JA . 2.17 -32.15 0.59
O2 EDO JA . 1.73 -30.96 -0.09
C1 PGE KA . -17.90 -46.03 32.68
O1 PGE KA . -17.23 -45.36 33.75
C2 PGE KA . -16.91 -46.34 31.56
O2 PGE KA . -16.42 -47.67 31.56
C3 PGE KA . -15.00 -47.73 31.42
C4 PGE KA . -14.48 -49.15 31.49
O4 PGE KA . -13.00 -49.57 35.80
C6 PGE KA . -12.41 -49.45 34.51
C5 PGE KA . -13.36 -49.97 33.44
O3 PGE KA . -13.26 -49.24 32.21
C1 EDO LA . -21.00 -34.35 32.53
O1 EDO LA . -19.76 -35.00 32.21
C2 EDO LA . -21.92 -34.33 31.30
O2 EDO LA . -21.82 -35.61 30.61
C1 EDO MA . 5.28 -40.24 13.80
O1 EDO MA . 4.01 -39.70 13.42
C2 EDO MA . 5.41 -40.17 15.30
O2 EDO MA . 4.07 -39.96 15.81
PA NAD NA . -4.13 -36.67 7.31
O1A NAD NA . -4.29 -36.38 5.85
O2A NAD NA . -2.81 -36.41 7.94
O5B NAD NA . -4.54 -38.20 7.60
C5B NAD NA . -5.88 -38.68 7.43
C4B NAD NA . -5.89 -40.16 7.71
O4B NAD NA . -7.24 -40.61 7.44
C3B NAD NA . -4.96 -41.06 6.90
O3B NAD NA . -4.46 -42.14 7.68
C2B NAD NA . -5.91 -41.57 5.80
O2B NAD NA . -5.49 -42.77 5.16
C1B NAD NA . -7.15 -41.78 6.64
N9A NAD NA . -8.40 -41.93 5.92
C8A NAD NA . -8.91 -41.19 4.87
N7A NAD NA . -10.07 -41.64 4.45
C5A NAD NA . -10.34 -42.73 5.27
C6A NAD NA . -11.41 -43.64 5.33
N6A NAD NA . -12.47 -43.59 4.51
N1A NAD NA . -11.37 -44.62 6.27
C2A NAD NA . -10.31 -44.67 7.08
N3A NAD NA . -9.24 -43.89 7.11
C4A NAD NA . -9.32 -42.92 6.17
O3 NAD NA . -5.29 -35.87 8.07
PN NAD NA . -5.36 -35.28 9.55
O1N NAD NA . -4.58 -34.04 9.72
O2N NAD NA . -4.94 -36.43 10.45
O5D NAD NA . -6.90 -35.01 9.78
C5D NAD NA . -7.84 -36.07 10.06
C4D NAD NA . -9.06 -35.46 10.71
O4D NAD NA . -8.59 -34.64 11.82
C3D NAD NA . -9.88 -34.52 9.83
O3D NAD NA . -11.27 -34.55 10.17
C2D NAD NA . -9.31 -33.15 10.21
O2D NAD NA . -10.15 -32.09 9.84
C1D NAD NA . -9.20 -33.36 11.72
N1N NAD NA . -8.34 -32.38 12.42
C2N NAD NA . -7.07 -32.14 11.99
C3N NAD NA . -6.23 -31.30 12.71
C7N NAD NA . -4.77 -31.13 12.40
O7N NAD NA . -4.08 -30.40 13.11
N7N NAD NA . -4.28 -31.81 11.37
C4N NAD NA . -6.73 -30.61 13.78
C5N NAD NA . -8.00 -30.86 14.21
C6N NAD NA . -8.80 -31.73 13.51
NA NA OA . -22.27 -13.95 9.76
N1 PDC PA . -5.76 28.24 -7.94
C2 PDC PA . -4.60 27.64 -8.22
C3 PDC PA . -3.38 28.23 -7.94
C4 PDC PA . -3.34 29.45 -7.34
C5 PDC PA . -4.51 30.05 -7.04
C6 PDC PA . -5.70 29.44 -7.35
C7 PDC PA . -4.64 26.29 -8.87
O1 PDC PA . -5.12 25.31 -8.24
O2 PDC PA . -4.07 26.18 -10.01
C8 PDC PA . -7.04 30.11 -7.08
O3 PDC PA . -7.15 30.96 -6.18
O4 PDC PA . -8.01 29.79 -7.83
C1 EDO QA . -17.31 23.69 -20.20
O1 EDO QA . -17.92 23.91 -21.50
C2 EDO QA . -17.82 22.39 -19.63
O2 EDO QA . -19.24 22.34 -19.80
C1 EDO RA . 5.98 38.56 -17.11
O1 EDO RA . 6.25 37.27 -16.51
C2 EDO RA . 4.85 38.43 -18.11
O2 EDO RA . 5.42 38.08 -19.39
C1 EDO SA . 9.79 59.33 -12.98
O1 EDO SA . 9.29 59.28 -11.63
C2 EDO SA . 10.71 58.16 -13.29
O2 EDO SA . 10.08 56.93 -12.89
O1 PG4 TA . -19.85 55.30 -24.29
C1 PG4 TA . -18.70 54.65 -24.79
C2 PG4 TA . -17.45 55.42 -24.54
O2 PG4 TA . -16.33 54.54 -24.64
C3 PG4 TA . -16.18 53.72 -23.47
C4 PG4 TA . -15.50 54.49 -22.39
O3 PG4 TA . -15.56 53.77 -21.17
C5 PG4 TA . -16.84 53.77 -20.58
C6 PG4 TA . -16.94 52.73 -19.50
O4 PG4 TA . -18.17 52.03 -19.64
C7 PG4 TA . -19.06 52.20 -18.54
C8 PG4 TA . -20.48 52.09 -19.00
O5 PG4 TA . -20.63 51.12 -20.03
PA NAD UA . 2.78 36.63 -6.67
O1A NAD UA . 3.45 36.27 -5.37
O2A NAD UA . 3.34 36.11 -7.95
O5B NAD UA . 2.68 38.22 -6.80
C5B NAD UA . 2.12 39.01 -5.75
C4B NAD UA . 2.25 40.44 -6.20
O4B NAD UA . 1.50 41.30 -5.30
C3B NAD UA . 3.67 41.04 -6.20
O3B NAD UA . 3.72 42.01 -7.23
C2B NAD UA . 3.73 41.71 -4.84
O2B NAD UA . 4.73 42.69 -4.73
C1B NAD UA . 2.32 42.33 -4.84
N9A NAD UA . 1.87 42.78 -3.54
C8A NAD UA . 2.00 42.13 -2.35
N7A NAD UA . 1.49 42.79 -1.34
C5A NAD UA . 1.06 43.98 -1.90
C6A NAD UA . 0.46 45.13 -1.33
N6A NAD UA . 0.19 45.24 -0.03
N1A NAD UA . 0.16 46.17 -2.17
C2A NAD UA . 0.44 46.03 -3.47
N3A NAD UA . 1.00 45.00 -4.11
C4A NAD UA . 1.29 44.00 -3.26
O3 NAD UA . 1.22 36.26 -6.47
PN NAD UA . 0.08 35.88 -7.53
O1N NAD UA . 0.21 34.49 -8.03
O2N NAD UA . 0.14 36.94 -8.60
O5D NAD UA . -1.27 36.04 -6.71
C5D NAD UA . -1.86 37.37 -6.56
C4D NAD UA . -3.32 37.22 -6.20
O4D NAD UA . -3.96 36.46 -7.24
C3D NAD UA . -3.62 36.48 -4.91
O3D NAD UA . -4.85 36.87 -4.33
C2D NAD UA . -3.79 35.03 -5.43
O2D NAD UA . -4.46 34.23 -4.49
C1D NAD UA . -4.64 35.34 -6.65
N1N NAD UA . -4.70 34.24 -7.65
C2N NAD UA . -3.56 33.63 -8.11
C3N NAD UA . -3.65 32.63 -9.08
C7N NAD UA . -2.44 31.98 -9.70
O7N NAD UA . -2.60 31.16 -10.59
N7N NAD UA . -1.24 32.33 -9.27
C4N NAD UA . -4.89 32.23 -9.53
C5N NAD UA . -6.02 32.83 -9.03
C6N NAD UA . -5.90 33.84 -8.13
NA NA VA . -18.51 20.26 4.85
#